data_8RVR
#
_entry.id   8RVR
#
_cell.length_a   167.520
_cell.length_b   168.420
_cell.length_c   177.130
_cell.angle_alpha   90.00
_cell.angle_beta   90.00
_cell.angle_gamma   90.00
#
_symmetry.space_group_name_H-M   'P 21 21 2'
#
loop_
_entity.id
_entity.type
_entity.pdbx_description
1 polymer 'Pyruvate kinase'
2 polymer 'Camelid single-domain antibody 42 (sdAb42)'
3 non-polymer 'SULFATE ION'
4 non-polymer GLYCEROL
5 non-polymer 'GLUTAMIC ACID'
6 water water
#
loop_
_entity_poly.entity_id
_entity_poly.type
_entity_poly.pdbx_seq_one_letter_code
_entity_poly.pdbx_strand_id
1 'polypeptide(L)'
;MSQLQHNIGLSIFEPVAKHRANRIICTIGPSTQSVEALKGLMKSGMSVARMNFSHGSYEYHQTTINNVRAAAAELGLHIG
IALDTKGPEIRTGLFKDGEATYAPGDTVLVTTDPAFEKIGTKEKFYVDYPQLPNVVRPGGLIYVDDGVLTLRVLSKEDDC
TLKCHVNNHHRLTDRKGINLPGCEVDLPAVSEKDRKDLQFGVEQGVDMIFASFIRTADQVREVRAALGEKGKDTLIISKI
ENHQGVQNIDAIIEASDGIMVARGDLGVEIPAEKVVVAQMCIISKCNVAGKPVICATQMLESMTTNPRPTRAEVTDVANA
VFNGADCVMLSGETAKGKYPNEVVQYMVRICIEAQSATHDSVMFNSIKNLQKIPMSPEEAVCSSAVSSAFEVQAKAILVL
SNTGRSARLISKYRPNCPIICATTRLLTCRQLNVTRSVESVYYDVDAHGEDNDREKRVQLGVDWAKTKGYVSAGDVMVIV
HADHSVKGYPNQTRLVRVRENLYFQSGGHHHHHH
;
A,B,C,D,E,F
2 'polypeptide(L)'
;QVQLQESGGGLVQSGGSLKLSCAASGSNFSSGRTFSTDAIGWFRQAPGKEREFVGGISWNGGITDYVDSVKGRFTISRDN
AKNTVYLQMNSLQPEDTAVYYCAGRDSWYFSKVPDEYRYWGQGTQVTVSSAAAYPYDVPDYGSHHHHHH
;
G,H,I,J,K,L
#
# COMPACT_ATOMS: atom_id res chain seq x y z
N SER A 2 -7.56 8.72 -2.37
CA SER A 2 -6.59 7.63 -2.45
C SER A 2 -5.50 7.80 -1.44
N GLN A 3 -5.15 6.69 -0.77
CA GLN A 3 -3.99 6.68 0.13
C GLN A 3 -2.80 7.31 -0.55
N LEU A 4 -2.54 6.95 -1.80
CA LEU A 4 -1.42 7.55 -2.54
C LEU A 4 -1.40 9.07 -2.39
N GLN A 5 -2.55 9.74 -2.60
CA GLN A 5 -2.59 11.18 -2.37
C GLN A 5 -2.28 11.51 -0.94
N HIS A 6 -3.05 10.93 -0.03
CA HIS A 6 -2.85 11.19 1.39
C HIS A 6 -1.39 11.04 1.79
N ASN A 7 -0.72 10.00 1.29
CA ASN A 7 0.69 9.76 1.61
C ASN A 7 1.57 10.91 1.15
N ILE A 8 1.33 11.43 -0.05
CA ILE A 8 2.23 12.45 -0.55
C ILE A 8 1.85 13.79 0.09
N GLY A 9 0.87 13.77 0.98
CA GLY A 9 0.43 14.98 1.63
C GLY A 9 0.86 15.07 3.08
N LEU A 10 1.51 14.00 3.56
CA LEU A 10 1.97 13.87 4.94
C LEU A 10 3.20 14.73 5.14
N SER A 11 3.25 15.40 6.29
CA SER A 11 4.50 16.03 6.72
C SER A 11 4.82 15.54 8.12
N ILE A 12 6.09 15.17 8.30
CA ILE A 12 6.52 14.63 9.57
C ILE A 12 6.57 15.73 10.61
N PHE A 13 6.70 16.97 10.15
CA PHE A 13 6.92 18.10 11.01
C PHE A 13 5.63 18.71 11.53
N GLU A 14 4.53 18.55 10.81
CA GLU A 14 3.26 19.13 11.24
C GLU A 14 2.68 18.28 12.36
N PRO A 15 2.27 18.89 13.47
CA PRO A 15 1.58 18.12 14.52
C PRO A 15 0.34 17.44 13.96
N VAL A 16 -0.07 16.36 14.64
CA VAL A 16 -1.24 15.59 14.24
C VAL A 16 -2.39 16.00 15.15
N ALA A 17 -3.60 15.89 14.64
CA ALA A 17 -4.77 16.42 15.33
C ALA A 17 -5.77 15.36 15.76
N LYS A 18 -5.57 14.11 15.36
CA LYS A 18 -6.65 13.14 15.48
C LYS A 18 -6.95 12.85 16.97
N HIS A 19 -8.23 12.71 17.30
CA HIS A 19 -8.63 12.08 18.56
C HIS A 19 -8.51 10.57 18.41
N ARG A 20 -7.73 9.93 19.27
CA ARG A 20 -7.40 8.52 19.11
C ARG A 20 -8.62 7.65 18.92
N ALA A 21 -8.59 6.83 17.86
CA ALA A 21 -9.71 5.97 17.55
C ALA A 21 -9.53 4.55 18.05
N ASN A 22 -8.28 4.09 18.08
CA ASN A 22 -8.01 2.68 18.45
C ASN A 22 -8.00 2.52 19.96
N ARG A 23 -8.02 1.28 20.46
CA ARG A 23 -8.12 1.03 21.89
C ARG A 23 -7.01 0.11 22.33
N ILE A 24 -6.48 0.34 23.52
CA ILE A 24 -5.27 -0.36 23.96
C ILE A 24 -5.66 -1.33 25.07
N ILE A 25 -5.28 -2.60 24.94
CA ILE A 25 -5.61 -3.60 25.94
C ILE A 25 -4.33 -3.95 26.68
N CYS A 26 -4.36 -3.89 28.01
CA CYS A 26 -3.18 -4.11 28.84
C CYS A 26 -3.34 -5.37 29.66
N THR A 27 -2.27 -6.12 29.82
CA THR A 27 -2.32 -7.26 30.71
C THR A 27 -1.84 -6.84 32.09
N ILE A 28 -2.53 -7.26 33.12
CA ILE A 28 -2.07 -6.94 34.46
C ILE A 28 -1.14 -8.03 34.94
N GLY A 29 -0.12 -7.62 35.70
CA GLY A 29 0.80 -8.54 36.32
C GLY A 29 1.72 -7.86 37.31
N PRO A 30 2.78 -8.59 37.70
CA PRO A 30 3.51 -8.26 38.94
C PRO A 30 3.84 -6.79 39.12
N SER A 31 4.09 -6.09 38.01
CA SER A 31 4.53 -4.72 38.10
C SER A 31 3.42 -3.68 37.90
N THR A 32 2.18 -4.10 37.55
CA THR A 32 1.08 -3.15 37.37
C THR A 32 -0.16 -3.48 38.19
N GLN A 33 -0.07 -4.36 39.17
CA GLN A 33 -1.29 -4.77 39.87
C GLN A 33 -1.72 -3.79 40.97
N SER A 34 -0.86 -2.87 41.39
CA SER A 34 -1.24 -1.91 42.40
C SER A 34 -2.28 -0.92 41.88
N VAL A 35 -3.14 -0.42 42.78
CA VAL A 35 -4.13 0.57 42.35
C VAL A 35 -3.45 1.80 41.76
N GLU A 36 -2.36 2.26 42.38
CA GLU A 36 -1.64 3.40 41.82
C GLU A 36 -1.09 3.09 40.44
N ALA A 37 -0.62 1.85 40.22
CA ALA A 37 -0.10 1.49 38.92
C ALA A 37 -1.22 1.41 37.89
N LEU A 38 -2.33 0.76 38.25
CA LEU A 38 -3.47 0.72 37.35
C LEU A 38 -3.90 2.12 36.99
N LYS A 39 -3.97 3.01 37.97
CA LYS A 39 -4.33 4.39 37.69
C LYS A 39 -3.39 5.01 36.66
N GLY A 40 -2.11 4.62 36.67
CA GLY A 40 -1.19 5.11 35.65
C GLY A 40 -1.43 4.47 34.30
N LEU A 41 -1.66 3.16 34.26
CA LEU A 41 -2.16 2.52 33.04
C LEU A 41 -3.40 3.23 32.51
N MET A 42 -4.40 3.48 33.36
CA MET A 42 -5.64 4.09 32.89
C MET A 42 -5.43 5.51 32.36
N LYS A 43 -4.67 6.32 33.10
CA LYS A 43 -4.30 7.65 32.60
C LYS A 43 -3.54 7.56 31.30
N SER A 44 -2.71 6.52 31.14
CA SER A 44 -1.86 6.47 29.93
C SER A 44 -2.48 5.80 28.70
N GLY A 45 -3.66 5.22 28.84
CA GLY A 45 -4.53 4.90 27.74
C GLY A 45 -5.20 3.54 27.81
N MET A 46 -4.98 2.80 28.88
CA MET A 46 -5.62 1.50 28.99
C MET A 46 -7.12 1.33 29.07
N SER A 47 -7.70 0.63 28.10
CA SER A 47 -9.15 0.56 27.94
C SER A 47 -9.74 -0.70 28.51
N VAL A 48 -8.96 -1.78 28.47
CA VAL A 48 -9.30 -3.06 29.10
C VAL A 48 -8.06 -3.60 29.80
N ALA A 49 -8.26 -4.03 31.03
CA ALA A 49 -7.24 -4.75 31.75
C ALA A 49 -7.47 -6.24 31.53
N ARG A 50 -6.40 -6.96 31.23
CA ARG A 50 -6.48 -8.37 30.87
C ARG A 50 -5.94 -9.23 32.00
N MET A 51 -6.76 -10.18 32.44
CA MET A 51 -6.38 -11.19 33.44
C MET A 51 -5.94 -12.50 32.78
N ASN A 52 -4.63 -12.69 32.66
CA ASN A 52 -4.10 -13.90 32.03
C ASN A 52 -4.08 -15.03 33.05
N PHE A 53 -5.01 -15.97 32.86
CA PHE A 53 -5.26 -17.06 33.79
C PHE A 53 -4.41 -18.26 33.49
N SER A 54 -3.47 -18.20 32.54
CA SER A 54 -2.55 -19.32 32.46
C SER A 54 -1.62 -19.33 33.65
N HIS A 55 -1.83 -18.41 34.59
CA HIS A 55 -0.94 -18.12 35.71
C HIS A 55 -1.79 -17.59 36.86
N GLY A 56 -1.21 -17.58 38.05
CA GLY A 56 -1.84 -17.05 39.26
C GLY A 56 -3.05 -17.78 39.82
N SER A 57 -3.33 -17.58 41.10
CA SER A 57 -4.50 -18.14 41.79
C SER A 57 -5.69 -17.21 41.69
N TYR A 58 -6.86 -17.71 42.11
CA TYR A 58 -8.03 -16.85 42.16
C TYR A 58 -7.83 -15.68 43.11
N GLU A 59 -6.84 -15.77 43.98
CA GLU A 59 -6.58 -14.68 44.90
C GLU A 59 -5.80 -13.57 44.21
N TYR A 60 -4.81 -13.95 43.41
CA TYR A 60 -4.13 -12.95 42.61
C TYR A 60 -5.12 -12.26 41.70
N HIS A 61 -6.05 -13.03 41.13
CA HIS A 61 -6.99 -12.45 40.18
C HIS A 61 -8.15 -11.76 40.86
N GLN A 62 -8.43 -12.07 42.11
CA GLN A 62 -9.39 -11.21 42.78
C GLN A 62 -8.76 -9.85 43.06
N THR A 63 -7.46 -9.86 43.44
CA THR A 63 -6.74 -8.60 43.67
C THR A 63 -6.82 -7.69 42.46
N THR A 64 -6.66 -8.25 41.27
CA THR A 64 -6.73 -7.45 40.05
C THR A 64 -8.13 -6.88 39.83
N ILE A 65 -9.16 -7.73 39.87
CA ILE A 65 -10.53 -7.21 39.74
C ILE A 65 -10.75 -6.04 40.69
N ASN A 66 -10.68 -6.33 41.99
CA ASN A 66 -10.87 -5.31 43.03
C ASN A 66 -10.02 -4.07 42.80
N ASN A 67 -8.80 -4.25 42.30
CA ASN A 67 -7.90 -3.11 42.15
C ASN A 67 -8.16 -2.29 40.92
N VAL A 68 -8.57 -2.90 39.81
CA VAL A 68 -8.88 -2.06 38.68
C VAL A 68 -10.21 -1.34 38.92
N ARG A 69 -11.19 -2.04 39.49
CA ARG A 69 -12.46 -1.40 39.78
C ARG A 69 -12.23 -0.17 40.63
N ALA A 70 -11.45 -0.31 41.70
CA ALA A 70 -11.12 0.80 42.59
C ALA A 70 -10.34 1.89 41.84
N ALA A 71 -9.30 1.52 41.10
CA ALA A 71 -8.56 2.51 40.32
C ALA A 71 -9.49 3.19 39.33
N ALA A 72 -10.29 2.38 38.62
CA ALA A 72 -11.28 2.92 37.71
C ALA A 72 -12.16 3.93 38.43
N ALA A 73 -12.93 3.47 39.43
CA ALA A 73 -13.74 4.36 40.25
C ALA A 73 -13.05 5.68 40.52
N GLU A 74 -11.86 5.62 41.10
CA GLU A 74 -11.09 6.81 41.45
C GLU A 74 -10.97 7.73 40.27
N LEU A 75 -10.77 7.17 39.11
CA LEU A 75 -10.63 7.98 37.92
C LEU A 75 -11.98 8.33 37.29
N GLY A 76 -13.06 7.77 37.81
CA GLY A 76 -14.34 7.81 37.13
C GLY A 76 -14.29 7.33 35.69
N LEU A 77 -13.75 6.15 35.46
CA LEU A 77 -13.69 5.61 34.12
C LEU A 77 -14.41 4.27 34.09
N HIS A 78 -14.62 3.78 32.89
CA HIS A 78 -15.19 2.46 32.64
C HIS A 78 -14.09 1.65 31.94
N ILE A 79 -13.44 0.78 32.69
CA ILE A 79 -12.35 -0.03 32.17
C ILE A 79 -12.94 -1.43 32.02
N GLY A 80 -12.65 -2.10 30.93
CA GLY A 80 -13.10 -3.46 30.83
C GLY A 80 -12.23 -4.40 31.65
N ILE A 81 -12.77 -5.56 31.99
CA ILE A 81 -11.96 -6.66 32.52
C ILE A 81 -12.12 -7.89 31.63
N ALA A 82 -10.98 -8.44 31.19
CA ALA A 82 -10.94 -9.59 30.30
C ALA A 82 -10.22 -10.77 30.96
N LEU A 83 -10.91 -11.92 31.03
CA LEU A 83 -10.36 -13.17 31.55
C LEU A 83 -9.85 -14.00 30.39
N ASP A 84 -8.55 -13.97 30.14
CA ASP A 84 -7.90 -14.85 29.17
C ASP A 84 -7.71 -16.25 29.76
N THR A 85 -8.16 -17.26 29.03
CA THR A 85 -8.21 -18.56 29.66
C THR A 85 -6.85 -19.25 29.59
N LYS A 86 -6.69 -20.29 30.43
CA LYS A 86 -5.50 -21.13 30.34
C LYS A 86 -5.45 -21.77 28.98
N GLY A 87 -6.57 -22.31 28.54
CA GLY A 87 -6.65 -22.95 27.26
C GLY A 87 -6.19 -24.37 27.39
N PRO A 88 -6.69 -25.22 26.51
CA PRO A 88 -6.07 -26.53 26.33
C PRO A 88 -4.66 -26.32 25.84
N GLU A 89 -3.70 -26.94 26.53
CA GLU A 89 -2.28 -26.74 26.17
C GLU A 89 -1.36 -27.73 26.90
N ILE A 90 -0.84 -28.74 26.18
CA ILE A 90 0.14 -29.64 26.75
C ILE A 90 0.90 -28.45 27.31
N ARG A 91 1.11 -28.44 28.62
CA ARG A 91 2.01 -27.49 29.29
C ARG A 91 2.85 -28.19 30.33
N THR A 92 4.01 -27.62 30.60
CA THR A 92 4.99 -28.29 31.42
C THR A 92 6.05 -27.31 31.89
N GLY A 93 6.33 -27.35 33.19
CA GLY A 93 7.39 -26.55 33.80
C GLY A 93 7.55 -26.70 35.30
N LEU A 94 7.60 -25.57 36.01
CA LEU A 94 7.91 -25.54 37.45
C LEU A 94 9.27 -26.14 37.76
N PHE A 95 10.21 -26.03 36.82
CA PHE A 95 11.52 -26.66 36.95
C PHE A 95 12.13 -26.43 38.33
N LYS A 96 12.89 -27.44 38.78
CA LYS A 96 13.77 -27.29 39.95
C LYS A 96 14.83 -26.24 39.66
N ASP A 97 14.80 -25.12 40.40
CA ASP A 97 15.56 -23.88 40.15
C ASP A 97 15.02 -23.10 38.96
N GLY A 98 13.76 -23.36 38.57
CA GLY A 98 13.07 -22.61 37.54
C GLY A 98 13.45 -22.94 36.12
N GLU A 99 14.47 -23.76 35.91
CA GLU A 99 15.07 -23.91 34.60
C GLU A 99 15.83 -25.23 34.51
N ALA A 100 16.25 -25.56 33.28
CA ALA A 100 17.19 -26.63 32.98
C ALA A 100 17.61 -26.48 31.53
N THR A 101 18.86 -26.86 31.24
CA THR A 101 19.41 -26.75 29.90
C THR A 101 19.78 -28.12 29.36
N TYR A 102 19.46 -28.35 28.10
CA TYR A 102 19.65 -29.64 27.47
C TYR A 102 20.53 -29.50 26.24
N ALA A 103 21.44 -30.37 26.12
CA ALA A 103 22.33 -30.45 24.97
C ALA A 103 21.84 -31.52 24.01
N PRO A 104 22.11 -31.34 22.71
CA PRO A 104 21.87 -32.43 21.76
C PRO A 104 22.64 -33.68 22.18
N GLY A 105 22.00 -34.84 21.95
CA GLY A 105 22.54 -36.10 22.38
C GLY A 105 22.14 -36.52 23.79
N ASP A 106 21.61 -35.61 24.61
CA ASP A 106 21.25 -35.95 25.98
C ASP A 106 19.99 -36.81 26.02
N THR A 107 19.95 -37.75 26.96
CA THR A 107 18.76 -38.55 27.22
C THR A 107 18.04 -38.00 28.44
N VAL A 108 16.72 -37.85 28.32
CA VAL A 108 15.94 -37.17 29.35
C VAL A 108 14.64 -37.92 29.53
N LEU A 109 14.28 -38.21 30.78
CA LEU A 109 13.00 -38.84 31.07
C LEU A 109 11.88 -37.85 30.77
N VAL A 110 10.70 -38.37 30.42
CA VAL A 110 9.51 -37.57 30.21
C VAL A 110 8.36 -38.31 30.89
N THR A 111 7.91 -37.79 32.04
CA THR A 111 6.99 -38.53 32.90
C THR A 111 5.66 -37.79 33.05
N THR A 112 4.59 -38.57 33.14
CA THR A 112 3.27 -38.07 33.50
C THR A 112 2.92 -38.38 34.95
N ASP A 113 3.95 -38.51 35.82
CA ASP A 113 3.75 -38.76 37.26
C ASP A 113 3.76 -37.46 38.04
N PRO A 114 2.67 -37.11 38.75
CA PRO A 114 2.64 -35.84 39.50
C PRO A 114 3.77 -35.70 40.51
N ALA A 115 4.49 -36.79 40.77
CA ALA A 115 5.57 -36.74 41.76
C ALA A 115 6.70 -35.82 41.35
N PHE A 116 6.95 -35.69 40.05
CA PHE A 116 8.00 -34.83 39.54
C PHE A 116 7.42 -33.59 38.90
N GLU A 117 6.19 -33.22 39.26
CA GLU A 117 5.51 -32.09 38.61
C GLU A 117 6.24 -30.77 38.84
N LYS A 118 7.09 -30.67 39.86
CA LYS A 118 7.84 -29.45 40.04
C LYS A 118 9.32 -29.66 40.37
N ILE A 119 9.69 -30.88 40.76
CA ILE A 119 11.10 -31.21 40.85
C ILE A 119 11.46 -31.73 39.46
N GLY A 120 11.38 -30.84 38.47
CA GLY A 120 11.77 -31.12 37.11
C GLY A 120 13.20 -30.71 36.81
N THR A 121 14.04 -31.68 36.41
CA THR A 121 15.47 -31.49 36.22
C THR A 121 15.86 -31.82 34.79
N LYS A 122 17.13 -31.58 34.48
CA LYS A 122 17.60 -31.92 33.15
C LYS A 122 17.34 -33.38 32.77
N GLU A 123 16.98 -34.23 33.74
CA GLU A 123 17.05 -35.70 33.56
C GLU A 123 15.65 -36.29 33.70
N LYS A 124 14.79 -35.64 34.46
CA LYS A 124 13.43 -36.10 34.70
C LYS A 124 12.53 -34.88 34.90
N PHE A 125 11.57 -34.67 33.99
CA PHE A 125 10.56 -33.61 34.09
C PHE A 125 9.18 -34.17 33.73
N TYR A 126 8.16 -33.32 33.84
CA TYR A 126 6.76 -33.72 33.88
C TYR A 126 5.93 -33.04 32.80
N VAL A 127 5.15 -33.81 32.05
CA VAL A 127 4.33 -33.34 30.93
C VAL A 127 2.85 -33.53 31.28
N ASP A 128 2.06 -32.46 31.12
CA ASP A 128 0.73 -32.42 31.72
C ASP A 128 -0.23 -33.44 31.08
N TYR A 129 -0.05 -33.74 29.80
CA TYR A 129 -0.89 -34.71 29.07
C TYR A 129 -0.71 -36.13 29.63
N PRO A 130 -1.76 -36.75 30.20
CA PRO A 130 -1.62 -38.16 30.62
C PRO A 130 -1.41 -39.15 29.49
N GLN A 131 -2.03 -38.93 28.33
CA GLN A 131 -2.01 -39.89 27.23
C GLN A 131 -0.75 -39.79 26.37
N LEU A 132 0.33 -39.22 26.90
CA LEU A 132 1.53 -39.06 26.08
C LEU A 132 2.14 -40.40 25.72
N PRO A 133 2.40 -41.33 26.66
CA PRO A 133 2.94 -42.64 26.27
C PRO A 133 2.05 -43.41 25.32
N ASN A 134 0.74 -43.14 25.35
CA ASN A 134 -0.23 -43.83 24.52
C ASN A 134 -0.58 -43.06 23.25
N VAL A 135 0.04 -41.91 23.02
CA VAL A 135 -0.27 -41.14 21.81
C VAL A 135 1.01 -40.85 21.03
N VAL A 136 2.16 -40.79 21.71
CA VAL A 136 3.45 -40.64 21.04
C VAL A 136 4.26 -41.91 21.22
N ARG A 137 4.65 -42.52 20.10
CA ARG A 137 5.39 -43.77 19.97
C ARG A 137 6.88 -43.50 19.82
N PRO A 138 7.71 -44.52 20.01
CA PRO A 138 9.16 -44.34 19.80
C PRO A 138 9.48 -43.90 18.37
N GLY A 139 10.19 -42.78 18.25
CA GLY A 139 10.68 -42.33 16.94
C GLY A 139 10.23 -40.94 16.55
N GLY A 140 8.96 -40.65 16.76
CA GLY A 140 8.40 -39.33 16.48
C GLY A 140 8.92 -38.29 17.44
N LEU A 141 8.51 -37.05 17.19
CA LEU A 141 9.10 -35.89 17.86
C LEU A 141 8.10 -35.21 18.80
N ILE A 142 8.65 -34.52 19.80
CA ILE A 142 7.89 -33.81 20.82
C ILE A 142 8.38 -32.37 20.78
N TYR A 143 7.62 -31.48 20.16
CA TYR A 143 8.02 -30.08 20.01
C TYR A 143 7.78 -29.37 21.33
N VAL A 144 8.88 -28.90 21.93
CA VAL A 144 8.86 -28.29 23.25
C VAL A 144 9.29 -26.84 23.11
N ASP A 145 8.45 -25.94 23.64
CA ASP A 145 8.67 -24.50 23.63
C ASP A 145 8.73 -23.97 22.19
N ASP A 146 7.55 -24.01 21.55
CA ASP A 146 7.24 -23.41 20.25
C ASP A 146 8.19 -23.87 19.13
N GLY A 147 8.16 -25.18 18.87
CA GLY A 147 8.93 -25.78 17.78
C GLY A 147 10.42 -25.52 17.82
N VAL A 148 10.97 -25.25 19.00
CA VAL A 148 12.37 -24.85 19.15
C VAL A 148 13.18 -26.06 19.62
N LEU A 149 12.82 -26.59 20.80
CA LEU A 149 13.43 -27.80 21.33
C LEU A 149 12.62 -29.01 20.90
N THR A 150 13.29 -29.97 20.31
CA THR A 150 12.64 -31.15 19.74
C THR A 150 13.28 -32.38 20.36
N LEU A 151 12.46 -33.38 20.68
CA LEU A 151 12.95 -34.61 21.26
C LEU A 151 12.51 -35.79 20.42
N ARG A 152 13.41 -36.74 20.19
CA ARG A 152 13.08 -37.98 19.51
C ARG A 152 12.78 -39.03 20.57
N VAL A 153 11.60 -39.64 20.49
CA VAL A 153 11.25 -40.71 21.41
C VAL A 153 12.05 -41.96 21.08
N LEU A 154 12.58 -42.62 22.11
CA LEU A 154 13.38 -43.83 21.95
C LEU A 154 12.76 -45.07 22.58
N SER A 155 12.04 -44.93 23.69
CA SER A 155 11.35 -46.07 24.26
C SER A 155 10.30 -45.56 25.24
N LYS A 156 9.24 -46.35 25.38
CA LYS A 156 8.31 -46.21 26.50
C LYS A 156 9.01 -46.90 27.68
N GLU A 157 9.83 -46.12 28.39
CA GLU A 157 10.66 -46.70 29.45
C GLU A 157 9.82 -47.29 30.58
N ASP A 158 8.68 -46.69 30.86
CA ASP A 158 7.81 -47.11 31.98
C ASP A 158 6.35 -47.06 31.54
N ASP A 159 5.45 -47.24 32.49
CA ASP A 159 4.02 -47.19 32.22
C ASP A 159 3.60 -45.81 31.75
N CYS A 160 4.17 -44.77 32.35
CA CYS A 160 3.80 -43.39 32.02
C CYS A 160 5.02 -42.50 31.76
N THR A 161 6.22 -43.08 31.61
CA THR A 161 7.45 -42.35 31.33
C THR A 161 8.03 -42.82 30.00
N LEU A 162 8.77 -41.93 29.34
CA LEU A 162 9.42 -42.20 28.06
C LEU A 162 10.86 -41.71 28.14
N LYS A 163 11.74 -42.34 27.37
CA LYS A 163 13.16 -41.98 27.32
C LYS A 163 13.46 -41.39 25.95
N CYS A 164 13.83 -40.10 25.91
CA CYS A 164 13.86 -39.33 24.68
C CYS A 164 15.24 -38.78 24.37
N HIS A 165 15.48 -38.57 23.08
CA HIS A 165 16.76 -38.10 22.54
C HIS A 165 16.64 -36.62 22.20
N VAL A 166 17.54 -35.81 22.76
CA VAL A 166 17.51 -34.37 22.55
C VAL A 166 18.16 -34.03 21.22
N ASN A 167 17.43 -33.32 20.37
CA ASN A 167 17.93 -32.96 19.06
C ASN A 167 18.79 -31.70 19.11
N ASN A 168 18.23 -30.60 19.58
CA ASN A 168 18.89 -29.31 19.59
C ASN A 168 19.05 -28.83 21.02
N HIS A 169 20.07 -28.03 21.27
CA HIS A 169 20.23 -27.44 22.59
C HIS A 169 19.14 -26.40 22.85
N HIS A 170 18.88 -26.13 24.12
CA HIS A 170 17.84 -25.19 24.48
C HIS A 170 17.87 -25.00 26.00
N ARG A 171 17.32 -23.86 26.44
CA ARG A 171 17.14 -23.50 27.85
C ARG A 171 15.65 -23.41 28.14
N LEU A 172 15.14 -24.35 28.92
CA LEU A 172 13.71 -24.45 29.20
C LEU A 172 13.40 -23.79 30.54
N THR A 173 12.54 -22.78 30.52
CA THR A 173 12.02 -22.12 31.71
C THR A 173 10.67 -22.71 32.11
N ASP A 174 10.29 -22.46 33.36
CA ASP A 174 9.08 -23.07 33.91
C ASP A 174 7.87 -22.77 33.03
N ARG A 175 7.05 -23.80 32.82
CA ARG A 175 5.79 -23.73 32.10
C ARG A 175 5.73 -23.65 30.57
N LYS A 176 6.71 -24.24 29.88
CA LYS A 176 6.77 -24.24 28.42
C LYS A 176 5.83 -25.14 27.63
N GLY A 177 5.17 -24.57 26.63
CA GLY A 177 4.14 -25.29 25.91
C GLY A 177 4.70 -26.36 24.98
N ILE A 178 3.92 -27.40 24.78
CA ILE A 178 4.30 -28.51 23.93
C ILE A 178 3.47 -28.43 22.66
N ASN A 179 4.04 -28.88 21.55
CA ASN A 179 3.34 -28.89 20.27
C ASN A 179 3.61 -30.23 19.60
N LEU A 180 3.09 -31.31 20.20
CA LEU A 180 3.09 -32.64 19.59
C LEU A 180 2.70 -32.56 18.11
N PRO A 181 3.62 -32.88 17.19
CA PRO A 181 3.36 -32.65 15.76
C PRO A 181 2.24 -33.47 15.15
N GLY A 182 1.96 -34.65 15.70
CA GLY A 182 0.82 -35.43 15.22
C GLY A 182 -0.45 -34.89 15.85
N CYS A 183 -1.52 -34.81 15.04
CA CYS A 183 -2.82 -34.41 15.57
C CYS A 183 -3.45 -35.75 15.95
N GLU A 184 -4.77 -35.75 16.13
CA GLU A 184 -5.56 -36.75 16.86
C GLU A 184 -5.28 -36.69 18.36
N VAL A 185 -4.76 -35.57 18.85
CA VAL A 185 -4.66 -35.34 20.29
C VAL A 185 -6.04 -35.00 20.88
N ASP A 186 -7.01 -34.67 20.03
CA ASP A 186 -8.43 -34.53 20.40
C ASP A 186 -8.63 -33.55 21.54
N LEU A 187 -7.85 -32.46 21.52
CA LEU A 187 -7.76 -31.59 22.70
C LEU A 187 -9.08 -30.86 22.96
N PRO A 188 -9.50 -30.77 24.21
CA PRO A 188 -10.82 -30.19 24.51
C PRO A 188 -10.88 -28.69 24.24
N ALA A 189 -12.11 -28.15 24.21
CA ALA A 189 -12.26 -26.72 24.02
C ALA A 189 -12.11 -25.97 25.33
N VAL A 190 -12.53 -26.59 26.44
CA VAL A 190 -12.45 -26.01 27.78
C VAL A 190 -11.99 -27.09 28.76
N SER A 191 -10.74 -27.01 29.19
CA SER A 191 -10.27 -27.96 30.18
C SER A 191 -11.12 -27.86 31.45
N GLU A 192 -10.93 -28.80 32.37
CA GLU A 192 -11.69 -28.78 33.61
C GLU A 192 -11.36 -27.54 34.43
N LYS A 193 -10.09 -27.12 34.44
CA LYS A 193 -9.75 -25.83 35.05
C LYS A 193 -10.43 -24.70 34.31
N ASP A 194 -10.27 -24.69 32.98
CA ASP A 194 -10.86 -23.70 32.11
C ASP A 194 -12.31 -23.43 32.47
N ARG A 195 -13.12 -24.48 32.59
CA ARG A 195 -14.48 -24.28 33.08
C ARG A 195 -14.44 -23.51 34.40
N LYS A 196 -13.79 -24.09 35.43
CA LYS A 196 -13.85 -23.56 36.79
C LYS A 196 -13.37 -22.12 36.85
N ASP A 197 -12.37 -21.75 36.04
CA ASP A 197 -12.00 -20.36 35.87
C ASP A 197 -13.08 -19.52 35.19
N LEU A 198 -14.05 -20.13 34.49
CA LEU A 198 -15.04 -19.27 33.89
C LEU A 198 -16.21 -18.96 34.82
N GLN A 199 -16.66 -19.90 35.65
CA GLN A 199 -17.65 -19.52 36.65
C GLN A 199 -17.10 -18.43 37.57
N PHE A 200 -15.83 -18.54 37.95
CA PHE A 200 -15.21 -17.47 38.74
C PHE A 200 -15.23 -16.15 38.00
N GLY A 201 -15.23 -16.17 36.67
CA GLY A 201 -15.29 -14.94 35.92
C GLY A 201 -16.71 -14.42 35.82
N VAL A 202 -17.65 -15.32 35.58
CA VAL A 202 -19.05 -14.91 35.57
C VAL A 202 -19.45 -14.45 36.95
N GLU A 203 -18.91 -15.09 37.97
CA GLU A 203 -19.29 -14.80 39.34
C GLU A 203 -18.77 -13.42 39.78
N GLN A 204 -17.71 -12.94 39.15
CA GLN A 204 -17.12 -11.66 39.50
C GLN A 204 -17.48 -10.57 38.52
N GLY A 205 -18.25 -10.89 37.47
CA GLY A 205 -18.72 -9.92 36.51
C GLY A 205 -17.65 -9.44 35.55
N VAL A 206 -16.93 -10.35 34.89
CA VAL A 206 -16.01 -9.88 33.87
C VAL A 206 -16.80 -9.52 32.61
N ASP A 207 -16.27 -8.58 31.84
CA ASP A 207 -16.94 -8.10 30.65
C ASP A 207 -16.66 -8.95 29.42
N MET A 208 -15.51 -9.61 29.36
CA MET A 208 -15.23 -10.41 28.17
C MET A 208 -14.25 -11.53 28.50
N ILE A 209 -14.39 -12.62 27.77
CA ILE A 209 -13.50 -13.78 27.83
C ILE A 209 -12.63 -13.73 26.60
N PHE A 210 -11.35 -13.92 26.74
CA PHE A 210 -10.55 -14.19 25.56
C PHE A 210 -10.42 -15.70 25.58
N ALA A 211 -11.29 -16.39 24.84
CA ALA A 211 -11.18 -17.84 24.79
C ALA A 211 -9.96 -18.23 23.97
N SER A 212 -9.20 -19.17 24.50
CA SER A 212 -7.86 -19.47 24.01
C SER A 212 -7.88 -20.75 23.19
N PHE A 213 -7.01 -20.79 22.18
CA PHE A 213 -6.85 -21.91 21.28
C PHE A 213 -8.18 -22.39 20.73
N ILE A 214 -8.94 -21.42 20.21
CA ILE A 214 -10.19 -21.67 19.50
C ILE A 214 -9.84 -22.14 18.10
N ARG A 215 -10.28 -23.34 17.76
CA ARG A 215 -10.03 -23.96 16.46
C ARG A 215 -11.24 -23.95 15.54
N THR A 216 -12.41 -24.33 16.05
CA THR A 216 -13.62 -24.46 15.26
C THR A 216 -14.74 -23.66 15.91
N ALA A 217 -15.79 -23.39 15.13
CA ALA A 217 -16.92 -22.64 15.65
C ALA A 217 -17.62 -23.36 16.80
N ASP A 218 -17.69 -24.69 16.75
CA ASP A 218 -18.42 -25.40 17.80
C ASP A 218 -17.78 -25.23 19.17
N GLN A 219 -16.51 -24.87 19.17
CA GLN A 219 -15.80 -24.62 20.44
C GLN A 219 -16.31 -23.28 20.98
N VAL A 220 -16.46 -22.30 20.09
CA VAL A 220 -16.93 -21.00 20.53
C VAL A 220 -18.33 -21.16 21.07
N ARG A 221 -19.05 -22.20 20.63
CA ARG A 221 -20.32 -22.51 21.27
C ARG A 221 -20.11 -23.07 22.66
N GLU A 222 -19.11 -23.94 22.81
CA GLU A 222 -18.80 -24.57 24.10
C GLU A 222 -18.49 -23.52 25.14
N VAL A 223 -17.56 -22.62 24.81
CA VAL A 223 -17.25 -21.49 25.68
C VAL A 223 -18.53 -20.82 26.12
N ARG A 224 -19.39 -20.45 25.16
CA ARG A 224 -20.65 -19.77 25.45
C ARG A 224 -21.43 -20.53 26.51
N ALA A 225 -21.82 -21.76 26.20
CA ALA A 225 -22.65 -22.54 27.12
C ALA A 225 -22.06 -22.54 28.51
N ALA A 226 -20.74 -22.62 28.64
CA ALA A 226 -20.15 -22.62 29.97
C ALA A 226 -20.44 -21.33 30.72
N LEU A 227 -20.24 -20.18 30.05
CA LEU A 227 -20.53 -18.87 30.62
C LEU A 227 -21.89 -18.84 31.31
N GLY A 228 -22.79 -19.72 30.89
CA GLY A 228 -24.07 -19.87 31.52
C GLY A 228 -25.07 -18.79 31.13
N GLU A 229 -26.19 -18.79 31.84
CA GLU A 229 -27.13 -17.71 31.69
C GLU A 229 -26.84 -16.56 32.62
N LYS A 230 -26.21 -16.82 33.76
CA LYS A 230 -25.64 -15.71 34.52
C LYS A 230 -24.66 -14.91 33.68
N GLY A 231 -24.17 -15.47 32.57
CA GLY A 231 -23.22 -14.76 31.76
C GLY A 231 -23.57 -14.80 30.29
N LYS A 232 -24.86 -14.92 30.00
CA LYS A 232 -25.30 -14.87 28.61
C LYS A 232 -24.80 -13.62 27.90
N ASP A 233 -24.62 -12.52 28.63
CA ASP A 233 -24.38 -11.21 28.03
C ASP A 233 -22.91 -10.82 28.02
N THR A 234 -22.00 -11.71 28.39
CA THR A 234 -20.58 -11.39 28.35
C THR A 234 -19.94 -11.76 27.00
N LEU A 235 -19.04 -10.89 26.54
CA LEU A 235 -18.37 -11.09 25.26
C LEU A 235 -17.45 -12.31 25.26
N ILE A 236 -17.43 -13.00 24.13
CA ILE A 236 -16.48 -14.07 23.89
C ILE A 236 -15.58 -13.62 22.75
N ILE A 237 -14.29 -13.52 23.02
CA ILE A 237 -13.33 -13.19 21.97
C ILE A 237 -12.53 -14.44 21.67
N SER A 238 -12.76 -15.01 20.51
CA SER A 238 -12.00 -16.16 20.08
C SER A 238 -10.55 -15.74 19.89
N LYS A 239 -9.62 -16.58 20.36
CA LYS A 239 -8.21 -16.36 20.09
C LYS A 239 -7.83 -17.29 18.97
N ILE A 240 -7.53 -16.71 17.81
CA ILE A 240 -7.08 -17.48 16.65
C ILE A 240 -5.58 -17.67 16.81
N GLU A 241 -5.15 -18.91 17.06
CA GLU A 241 -3.72 -19.11 17.25
C GLU A 241 -3.15 -20.32 16.53
N ASN A 242 -3.92 -21.05 15.74
CA ASN A 242 -3.34 -22.16 14.97
C ASN A 242 -3.96 -22.19 13.59
N HIS A 243 -3.45 -23.10 12.75
CA HIS A 243 -3.90 -23.14 11.36
C HIS A 243 -5.38 -23.48 11.28
N GLN A 244 -5.92 -24.17 12.29
CA GLN A 244 -7.33 -24.53 12.23
C GLN A 244 -8.21 -23.32 12.44
N GLY A 245 -7.80 -22.41 13.32
CA GLY A 245 -8.52 -21.17 13.46
C GLY A 245 -8.54 -20.42 12.16
N VAL A 246 -7.37 -20.05 11.65
CA VAL A 246 -7.29 -19.45 10.33
C VAL A 246 -8.12 -20.21 9.31
N GLN A 247 -8.14 -21.53 9.40
CA GLN A 247 -8.86 -22.33 8.41
C GLN A 247 -10.34 -22.05 8.45
N ASN A 248 -10.93 -22.06 9.64
CA ASN A 248 -12.35 -21.81 9.84
C ASN A 248 -12.65 -20.40 10.32
N ILE A 249 -11.93 -19.39 9.85
CA ILE A 249 -12.09 -18.09 10.44
C ILE A 249 -13.50 -17.55 10.24
N ASP A 250 -14.19 -18.01 9.20
CA ASP A 250 -15.49 -17.46 8.84
C ASP A 250 -16.58 -17.91 9.79
N ALA A 251 -16.66 -19.20 10.07
CA ALA A 251 -17.65 -19.60 11.04
C ALA A 251 -17.21 -19.32 12.48
N ILE A 252 -15.91 -19.12 12.74
CA ILE A 252 -15.53 -18.65 14.06
C ILE A 252 -15.96 -17.20 14.26
N ILE A 253 -15.74 -16.35 13.26
CA ILE A 253 -16.19 -14.96 13.36
C ILE A 253 -17.70 -14.90 13.61
N GLU A 254 -18.45 -15.64 12.81
CA GLU A 254 -19.89 -15.56 12.94
C GLU A 254 -20.35 -15.91 14.36
N ALA A 255 -19.71 -16.89 14.99
CA ALA A 255 -20.20 -17.40 16.26
C ALA A 255 -19.57 -16.73 17.47
N SER A 256 -18.46 -15.99 17.29
CA SER A 256 -17.83 -15.24 18.37
C SER A 256 -18.40 -13.83 18.44
N ASP A 257 -17.83 -13.01 19.34
CA ASP A 257 -18.17 -11.61 19.40
C ASP A 257 -17.05 -10.71 18.92
N GLY A 258 -15.81 -11.16 19.01
CA GLY A 258 -14.65 -10.47 18.45
C GLY A 258 -13.58 -11.50 18.17
N ILE A 259 -12.52 -11.09 17.49
CA ILE A 259 -11.44 -12.00 17.21
C ILE A 259 -10.14 -11.37 17.68
N MET A 260 -9.29 -12.17 18.31
CA MET A 260 -7.91 -11.78 18.62
C MET A 260 -6.97 -12.58 17.75
N VAL A 261 -6.04 -11.90 17.08
CA VAL A 261 -4.99 -12.53 16.30
C VAL A 261 -3.76 -12.79 17.16
N ALA A 262 -3.57 -14.04 17.61
CA ALA A 262 -2.42 -14.40 18.43
C ALA A 262 -1.23 -14.67 17.53
N ARG A 263 -0.57 -13.59 17.11
CA ARG A 263 0.36 -13.67 15.99
C ARG A 263 1.47 -14.65 16.26
N GLY A 264 2.12 -14.54 17.41
CA GLY A 264 3.24 -15.42 17.68
C GLY A 264 2.83 -16.88 17.67
N ASP A 265 1.74 -17.19 18.38
CA ASP A 265 1.25 -18.55 18.44
C ASP A 265 0.98 -19.10 17.05
N LEU A 266 0.45 -18.26 16.16
CA LEU A 266 0.27 -18.67 14.78
C LEU A 266 1.62 -19.06 14.17
N GLY A 267 2.62 -18.20 14.31
CA GLY A 267 3.93 -18.37 13.68
C GLY A 267 4.69 -19.60 14.12
N VAL A 268 4.20 -20.33 15.13
CA VAL A 268 4.81 -21.64 15.37
C VAL A 268 4.50 -22.55 14.18
N GLU A 269 3.26 -22.53 13.71
CA GLU A 269 2.79 -23.46 12.68
C GLU A 269 2.90 -22.93 11.25
N ILE A 270 2.75 -21.61 11.03
CA ILE A 270 2.75 -21.04 9.67
C ILE A 270 3.93 -20.07 9.53
N PRO A 271 4.47 -19.86 8.32
CA PRO A 271 5.61 -18.94 8.16
C PRO A 271 5.26 -17.50 8.49
N ALA A 272 6.32 -16.76 8.84
CA ALA A 272 6.19 -15.34 9.13
C ALA A 272 5.50 -14.65 8.00
N GLU A 273 6.08 -14.73 6.80
CA GLU A 273 5.47 -14.12 5.64
C GLU A 273 4.02 -14.53 5.49
N LYS A 274 3.67 -15.75 5.91
CA LYS A 274 2.24 -16.13 5.86
C LYS A 274 1.50 -15.39 6.98
N VAL A 275 2.02 -15.44 8.20
CA VAL A 275 1.32 -14.79 9.32
C VAL A 275 0.90 -13.37 8.95
N VAL A 276 1.81 -12.63 8.30
CA VAL A 276 1.50 -11.28 7.77
C VAL A 276 0.18 -11.32 7.04
N VAL A 277 0.09 -12.16 6.01
CA VAL A 277 -1.14 -12.29 5.25
C VAL A 277 -2.29 -12.70 6.18
N ALA A 278 -2.09 -13.72 7.01
CA ALA A 278 -3.17 -14.17 7.89
C ALA A 278 -3.78 -13.04 8.70
N GLN A 279 -3.02 -11.97 8.95
CA GLN A 279 -3.54 -10.88 9.77
C GLN A 279 -4.37 -9.91 8.93
N MET A 280 -3.81 -9.44 7.81
CA MET A 280 -4.58 -8.77 6.76
C MET A 280 -5.89 -9.45 6.60
N CYS A 281 -5.83 -10.75 6.35
CA CYS A 281 -7.03 -11.49 6.04
C CYS A 281 -8.01 -11.48 7.22
N ILE A 282 -7.62 -12.03 8.37
CA ILE A 282 -8.52 -12.14 9.52
C ILE A 282 -9.06 -10.77 9.92
N ILE A 283 -8.21 -9.74 9.93
CA ILE A 283 -8.68 -8.44 10.42
C ILE A 283 -9.78 -7.92 9.51
N SER A 284 -9.54 -8.02 8.20
CA SER A 284 -10.45 -7.46 7.20
C SER A 284 -11.80 -8.14 7.24
N LYS A 285 -11.82 -9.48 7.19
CA LYS A 285 -13.06 -10.22 7.47
C LYS A 285 -13.77 -9.73 8.73
N CYS A 286 -13.00 -9.34 9.73
CA CYS A 286 -13.63 -8.84 10.95
C CYS A 286 -14.19 -7.45 10.74
N ASN A 287 -13.48 -6.61 10.01
CA ASN A 287 -14.03 -5.32 9.63
C ASN A 287 -15.39 -5.49 8.96
N VAL A 288 -15.45 -6.33 7.93
CA VAL A 288 -16.65 -6.47 7.14
C VAL A 288 -17.78 -7.01 7.99
N ALA A 289 -17.47 -7.87 8.94
CA ALA A 289 -18.54 -8.36 9.79
C ALA A 289 -18.89 -7.39 10.87
N GLY A 290 -18.19 -6.25 10.89
CA GLY A 290 -18.39 -5.25 11.94
C GLY A 290 -18.21 -5.80 13.34
N LYS A 291 -17.24 -6.74 13.52
CA LYS A 291 -16.87 -7.30 14.80
C LYS A 291 -15.48 -6.83 15.22
N PRO A 292 -15.24 -6.73 16.53
CA PRO A 292 -13.97 -6.19 17.03
C PRO A 292 -12.83 -7.18 16.87
N VAL A 293 -11.71 -6.68 16.36
CA VAL A 293 -10.53 -7.48 16.09
C VAL A 293 -9.34 -6.88 16.84
N ILE A 294 -8.54 -7.75 17.50
CA ILE A 294 -7.43 -7.36 18.38
C ILE A 294 -6.13 -8.00 17.88
N CYS A 295 -5.05 -7.20 17.76
CA CYS A 295 -3.70 -7.73 17.61
C CYS A 295 -2.97 -8.01 18.92
N ALA A 296 -2.34 -9.19 18.99
CA ALA A 296 -1.98 -9.77 20.26
C ALA A 296 -0.74 -10.02 21.10
N THR A 297 0.06 -11.00 20.70
CA THR A 297 1.48 -11.28 20.83
C THR A 297 2.41 -10.28 20.14
N GLN A 298 3.64 -10.18 20.62
CA GLN A 298 4.77 -9.50 19.93
C GLN A 298 4.45 -8.08 19.48
N MET A 299 3.86 -7.29 20.38
CA MET A 299 3.65 -5.90 19.94
C MET A 299 4.68 -4.78 19.93
N LEU A 300 5.10 -4.37 21.12
CA LEU A 300 6.34 -3.65 21.45
C LEU A 300 7.11 -4.45 22.48
N GLU A 301 7.49 -5.64 22.05
CA GLU A 301 8.06 -6.64 22.93
C GLU A 301 9.30 -6.15 23.66
N SER A 302 10.28 -5.62 22.94
CA SER A 302 11.54 -5.24 23.53
C SER A 302 11.44 -4.00 24.38
N MET A 303 10.29 -3.40 24.52
CA MET A 303 10.13 -2.38 25.53
C MET A 303 9.69 -3.00 26.83
N THR A 304 9.85 -4.31 26.97
CA THR A 304 9.69 -4.93 28.27
C THR A 304 10.90 -4.71 29.17
N THR A 305 12.08 -4.60 28.57
CA THR A 305 13.26 -4.28 29.34
C THR A 305 13.95 -3.02 28.86
N ASN A 306 13.60 -2.50 27.69
CA ASN A 306 14.30 -1.33 27.24
C ASN A 306 13.37 -0.13 27.21
N PRO A 307 13.91 1.07 27.42
CA PRO A 307 13.06 2.25 27.49
C PRO A 307 12.46 2.67 26.16
N ARG A 308 12.79 1.98 25.07
CA ARG A 308 12.25 2.30 23.77
C ARG A 308 12.20 1.01 22.97
N PRO A 309 11.20 0.83 22.11
CA PRO A 309 11.19 -0.33 21.23
C PRO A 309 11.94 -0.08 19.92
N THR A 310 12.01 -1.12 19.10
CA THR A 310 12.72 -1.06 17.84
C THR A 310 11.85 -0.46 16.75
N ARG A 311 12.51 0.20 15.79
CA ARG A 311 11.77 0.81 14.68
C ARG A 311 10.91 -0.21 13.96
N ALA A 312 11.43 -1.44 13.81
CA ALA A 312 10.66 -2.48 13.14
C ALA A 312 9.43 -2.86 13.93
N GLU A 313 9.59 -3.06 15.25
CA GLU A 313 8.42 -3.32 16.10
C GLU A 313 7.39 -2.22 16.03
N VAL A 314 7.81 -0.98 15.80
CA VAL A 314 6.85 0.10 15.71
C VAL A 314 6.12 0.06 14.38
N THR A 315 6.84 -0.09 13.25
CA THR A 315 6.08 -0.26 12.02
C THR A 315 5.23 -1.53 12.10
N ASP A 316 5.56 -2.44 13.01
CA ASP A 316 4.70 -3.58 13.23
C ASP A 316 3.35 -3.15 13.82
N VAL A 317 3.35 -2.33 14.89
CA VAL A 317 2.09 -1.93 15.51
C VAL A 317 1.30 -1.06 14.57
N ALA A 318 1.99 -0.13 13.92
CA ALA A 318 1.38 0.73 12.92
C ALA A 318 0.64 -0.10 11.88
N ASN A 319 1.25 -1.19 11.44
CA ASN A 319 0.64 -2.04 10.42
C ASN A 319 -0.66 -2.64 10.94
N ALA A 320 -0.62 -3.24 12.14
CA ALA A 320 -1.84 -3.76 12.73
C ALA A 320 -2.94 -2.70 12.72
N VAL A 321 -2.60 -1.43 12.85
CA VAL A 321 -3.62 -0.38 12.83
C VAL A 321 -4.10 -0.16 11.40
N PHE A 322 -3.19 0.24 10.52
CA PHE A 322 -3.43 0.29 9.08
C PHE A 322 -4.23 -0.93 8.56
N ASN A 323 -3.82 -2.13 8.96
CA ASN A 323 -4.50 -3.36 8.61
C ASN A 323 -5.95 -3.37 9.05
N GLY A 324 -6.35 -2.47 9.92
CA GLY A 324 -7.72 -2.41 10.40
C GLY A 324 -8.02 -2.92 11.80
N ALA A 325 -7.01 -3.07 12.66
CA ALA A 325 -7.27 -3.59 13.99
C ALA A 325 -8.10 -2.59 14.78
N ASP A 326 -8.99 -3.10 15.63
CA ASP A 326 -9.73 -2.18 16.52
C ASP A 326 -8.85 -1.90 17.72
N CYS A 327 -8.17 -2.93 18.24
CA CYS A 327 -7.31 -2.78 19.43
C CYS A 327 -5.95 -3.43 19.25
N VAL A 328 -4.99 -2.93 20.00
CA VAL A 328 -3.70 -3.58 20.21
C VAL A 328 -3.61 -3.95 21.67
N MET A 329 -2.91 -5.06 21.94
CA MET A 329 -2.89 -5.61 23.29
C MET A 329 -1.47 -5.84 23.76
N LEU A 330 -1.14 -5.23 24.89
CA LEU A 330 0.17 -5.44 25.49
C LEU A 330 -0.01 -6.49 26.56
N SER A 331 1.10 -7.09 26.94
CA SER A 331 1.04 -8.33 27.66
C SER A 331 2.52 -8.26 27.98
N GLY A 332 2.85 -8.41 29.25
CA GLY A 332 4.24 -8.61 29.60
C GLY A 332 4.97 -7.30 29.44
N GLU A 333 4.73 -6.57 28.34
CA GLU A 333 5.18 -5.18 28.30
C GLU A 333 4.61 -4.43 29.50
N THR A 334 3.33 -4.67 29.78
CA THR A 334 2.66 -4.08 30.92
C THR A 334 2.61 -4.99 32.12
N ALA A 335 2.82 -6.29 31.96
CA ALA A 335 2.57 -7.19 33.09
C ALA A 335 3.83 -7.51 33.88
N LYS A 336 4.96 -7.68 33.22
CA LYS A 336 6.20 -7.87 33.96
C LYS A 336 7.24 -6.83 33.59
N GLY A 337 6.88 -5.60 33.34
CA GLY A 337 7.88 -4.89 32.60
C GLY A 337 8.35 -3.67 33.30
N LYS A 338 9.46 -3.09 32.86
CA LYS A 338 10.05 -1.98 33.57
C LYS A 338 9.55 -0.61 33.11
N TYR A 339 8.50 -0.52 32.26
CA TYR A 339 8.12 0.76 31.67
C TYR A 339 6.65 0.80 31.28
N PRO A 340 5.72 0.33 32.11
CA PRO A 340 4.38 0.03 31.57
C PRO A 340 3.69 1.28 31.04
N ASN A 341 3.73 2.34 31.85
CA ASN A 341 3.12 3.60 31.44
C ASN A 341 3.78 4.18 30.20
N GLU A 342 5.10 3.95 30.02
CA GLU A 342 5.78 4.44 28.83
C GLU A 342 5.42 3.64 27.60
N VAL A 343 5.28 2.32 27.75
CA VAL A 343 4.88 1.52 26.61
C VAL A 343 3.45 1.89 26.20
N VAL A 344 2.54 2.03 27.17
CA VAL A 344 1.15 2.35 26.86
C VAL A 344 1.05 3.70 26.21
N GLN A 345 1.94 4.63 26.57
CA GLN A 345 1.94 5.92 25.93
C GLN A 345 2.65 5.88 24.59
N TYR A 346 3.45 4.83 24.38
CA TYR A 346 4.03 4.69 23.02
C TYR A 346 2.91 4.15 22.15
N MET A 347 2.03 3.35 22.74
CA MET A 347 1.00 2.77 21.90
C MET A 347 -0.01 3.82 21.48
N VAL A 348 -0.33 4.75 22.38
CA VAL A 348 -1.21 5.84 22.01
C VAL A 348 -0.63 6.62 20.85
N ARG A 349 0.65 6.99 20.96
CA ARG A 349 1.29 7.77 19.92
C ARG A 349 1.37 6.99 18.60
N ILE A 350 1.44 5.66 18.64
CA ILE A 350 1.48 4.92 17.38
C ILE A 350 0.13 4.97 16.72
N CYS A 351 -0.92 4.71 17.49
CA CYS A 351 -2.29 4.73 16.94
C CYS A 351 -2.63 6.08 16.32
N ILE A 352 -2.42 7.16 17.06
CA ILE A 352 -2.76 8.46 16.53
C ILE A 352 -2.00 8.71 15.24
N GLU A 353 -0.70 8.42 15.22
CA GLU A 353 0.06 8.66 13.99
C GLU A 353 -0.44 7.80 12.83
N ALA A 354 -0.83 6.55 13.09
CA ALA A 354 -1.37 5.71 12.03
C ALA A 354 -2.72 6.23 11.58
N GLN A 355 -3.63 6.34 12.54
CA GLN A 355 -4.91 7.01 12.33
C GLN A 355 -4.67 8.25 11.52
N SER A 356 -3.81 9.16 11.99
CA SER A 356 -3.60 10.37 11.22
C SER A 356 -3.16 10.08 9.79
N ALA A 357 -2.50 8.95 9.56
CA ALA A 357 -1.89 8.71 8.27
C ALA A 357 -2.80 7.98 7.29
N THR A 358 -3.94 7.46 7.73
CA THR A 358 -4.86 6.77 6.84
C THR A 358 -5.82 7.79 6.22
N HIS A 359 -6.14 7.64 4.92
CA HIS A 359 -7.25 8.40 4.33
C HIS A 359 -8.51 8.17 5.14
N ASP A 360 -9.30 9.24 5.34
CA ASP A 360 -10.36 9.17 6.34
C ASP A 360 -11.52 8.33 5.87
N SER A 361 -11.68 8.23 4.55
CA SER A 361 -12.90 7.77 3.89
C SER A 361 -12.80 6.35 3.37
N VAL A 362 -11.60 5.91 3.00
CA VAL A 362 -11.44 4.73 2.15
C VAL A 362 -12.07 3.51 2.78
N MET A 363 -11.82 3.29 4.07
CA MET A 363 -12.51 2.21 4.75
C MET A 363 -14.02 2.32 4.63
N PHE A 364 -14.58 3.51 4.89
CA PHE A 364 -16.03 3.68 4.70
C PHE A 364 -16.44 3.20 3.32
N ASN A 365 -15.86 3.82 2.29
CA ASN A 365 -16.26 3.48 0.94
C ASN A 365 -16.18 1.98 0.72
N SER A 366 -15.06 1.37 1.11
CA SER A 366 -14.92 -0.06 0.96
C SER A 366 -16.06 -0.82 1.65
N ILE A 367 -16.22 -0.59 2.96
CA ILE A 367 -17.25 -1.30 3.71
C ILE A 367 -18.65 -0.98 3.16
N LYS A 368 -18.83 0.23 2.64
CA LYS A 368 -20.12 0.55 2.04
C LYS A 368 -20.29 -0.20 0.73
N ASN A 369 -19.31 -0.10 -0.17
CA ASN A 369 -19.46 -0.71 -1.49
C ASN A 369 -19.58 -2.23 -1.42
N LEU A 370 -19.38 -2.86 -0.27
CA LEU A 370 -19.64 -4.28 -0.15
C LEU A 370 -21.04 -4.59 0.33
N GLN A 371 -21.83 -3.60 0.67
CA GLN A 371 -23.10 -3.93 1.25
C GLN A 371 -24.10 -4.24 0.13
N LYS A 372 -24.85 -5.29 0.35
CA LYS A 372 -25.87 -5.71 -0.60
C LYS A 372 -27.11 -4.82 -0.48
N ILE A 373 -27.76 -4.62 -1.61
CA ILE A 373 -28.87 -3.68 -1.73
C ILE A 373 -30.08 -4.45 -2.22
N PRO A 374 -31.25 -4.33 -1.58
CA PRO A 374 -31.60 -3.46 -0.46
C PRO A 374 -30.87 -3.67 0.86
N MET A 375 -30.23 -2.66 1.45
CA MET A 375 -29.77 -2.79 2.83
C MET A 375 -30.98 -2.93 3.76
N SER A 376 -30.71 -3.40 4.96
CA SER A 376 -31.75 -3.40 5.95
C SER A 376 -31.86 -2.00 6.51
N PRO A 377 -32.99 -1.69 7.21
CA PRO A 377 -33.11 -0.36 7.81
C PRO A 377 -31.94 -0.09 8.74
N GLU A 378 -31.76 -0.98 9.73
CA GLU A 378 -30.72 -0.82 10.74
C GLU A 378 -29.37 -0.56 10.12
N GLU A 379 -29.00 -1.36 9.13
CA GLU A 379 -27.71 -1.16 8.48
C GLU A 379 -27.65 0.23 7.84
N ALA A 380 -28.67 0.57 7.05
CA ALA A 380 -28.68 1.86 6.35
C ALA A 380 -28.58 3.00 7.35
N VAL A 381 -29.29 2.93 8.46
CA VAL A 381 -29.31 4.06 9.42
C VAL A 381 -27.87 4.38 9.82
N CYS A 382 -27.13 3.38 10.31
CA CYS A 382 -25.75 3.61 10.80
C CYS A 382 -24.84 3.95 9.62
N SER A 383 -25.05 3.30 8.48
CA SER A 383 -24.26 3.62 7.27
C SER A 383 -24.43 5.10 6.95
N SER A 384 -25.68 5.56 6.80
CA SER A 384 -25.93 6.95 6.40
C SER A 384 -25.42 7.91 7.48
N ALA A 385 -25.38 7.47 8.74
CA ALA A 385 -24.84 8.33 9.80
C ALA A 385 -23.42 8.74 9.44
N VAL A 386 -22.52 7.76 9.44
CA VAL A 386 -21.11 8.04 9.04
C VAL A 386 -21.14 8.84 7.73
N SER A 387 -21.95 8.40 6.78
CA SER A 387 -22.02 9.12 5.52
C SER A 387 -22.37 10.60 5.68
N SER A 388 -23.53 10.90 6.31
CA SER A 388 -23.90 12.29 6.63
C SER A 388 -22.77 13.03 7.31
N ALA A 389 -22.26 12.47 8.42
CA ALA A 389 -21.18 13.05 9.20
C ALA A 389 -20.03 13.51 8.34
N PHE A 390 -19.61 12.64 7.42
CA PHE A 390 -18.61 13.01 6.43
C PHE A 390 -19.04 14.21 5.59
N GLU A 391 -20.32 14.24 5.18
CA GLU A 391 -20.84 15.13 4.15
C GLU A 391 -21.03 16.53 4.69
N VAL A 392 -21.61 16.61 5.91
CA VAL A 392 -21.81 17.84 6.65
C VAL A 392 -20.61 18.23 7.49
N GLN A 393 -19.50 17.48 7.44
CA GLN A 393 -18.35 17.61 8.34
C GLN A 393 -18.51 17.55 9.85
N ALA A 394 -19.21 16.50 10.30
CA ALA A 394 -19.55 16.42 11.71
C ALA A 394 -18.32 16.16 12.59
N LYS A 395 -18.38 16.69 13.81
CA LYS A 395 -17.31 16.46 14.77
C LYS A 395 -17.61 15.37 15.79
N ALA A 396 -18.78 14.76 15.75
CA ALA A 396 -19.01 13.61 16.61
C ALA A 396 -20.33 12.99 16.25
N ILE A 397 -20.37 11.67 16.32
CA ILE A 397 -21.60 10.92 16.22
C ILE A 397 -21.99 10.56 17.63
N LEU A 398 -23.23 10.78 17.98
CA LEU A 398 -23.75 10.49 19.30
C LEU A 398 -24.86 9.48 19.11
N VAL A 399 -24.61 8.22 19.41
CA VAL A 399 -25.66 7.20 19.30
C VAL A 399 -26.17 6.86 20.69
N LEU A 400 -27.47 6.65 20.83
CA LEU A 400 -28.00 6.14 22.09
C LEU A 400 -28.31 4.68 21.88
N SER A 401 -27.51 3.82 22.50
CA SER A 401 -27.69 2.38 22.40
C SER A 401 -27.44 1.77 23.75
N ASN A 402 -28.34 0.88 24.15
CA ASN A 402 -28.20 0.33 25.48
C ASN A 402 -27.44 -1.00 25.52
N THR A 403 -27.48 -1.81 24.48
CA THR A 403 -26.52 -2.89 24.38
C THR A 403 -25.26 -2.47 23.66
N GLY A 404 -25.32 -1.44 22.85
CA GLY A 404 -24.16 -1.04 22.11
C GLY A 404 -24.05 -1.63 20.72
N ARG A 405 -24.90 -2.60 20.35
CA ARG A 405 -24.89 -3.11 18.98
C ARG A 405 -24.81 -1.95 18.00
N SER A 406 -25.51 -0.87 18.29
CA SER A 406 -25.55 0.28 17.40
C SER A 406 -24.16 0.88 17.22
N ALA A 407 -23.40 1.02 18.31
CA ALA A 407 -22.11 1.66 18.17
C ALA A 407 -21.18 0.79 17.34
N ARG A 408 -21.29 -0.53 17.49
CA ARG A 408 -20.44 -1.40 16.70
C ARG A 408 -20.80 -1.33 15.20
N LEU A 409 -22.10 -1.24 14.88
CA LEU A 409 -22.50 -0.90 13.51
C LEU A 409 -21.96 0.45 13.06
N ILE A 410 -22.18 1.51 13.86
CA ILE A 410 -21.71 2.84 13.43
C ILE A 410 -20.20 2.86 13.28
N SER A 411 -19.48 2.09 14.12
CA SER A 411 -18.03 2.12 13.95
C SER A 411 -17.60 1.28 12.77
N LYS A 412 -18.46 0.33 12.35
CA LYS A 412 -18.10 -0.55 11.24
C LYS A 412 -17.94 0.23 9.97
N TYR A 413 -18.49 1.43 9.92
CA TYR A 413 -18.31 2.27 8.77
C TYR A 413 -17.13 3.20 8.98
N ARG A 414 -16.47 3.05 10.12
CA ARG A 414 -15.20 3.79 10.30
C ARG A 414 -15.36 5.27 9.99
N PRO A 415 -16.14 6.01 10.78
CA PRO A 415 -16.21 7.47 10.65
C PRO A 415 -14.89 8.16 10.95
N ASN A 416 -14.86 9.49 10.83
CA ASN A 416 -13.65 10.20 11.13
C ASN A 416 -13.83 11.11 12.33
N CYS A 417 -14.71 10.73 13.25
CA CYS A 417 -15.01 11.53 14.43
C CYS A 417 -15.35 10.59 15.59
N PRO A 418 -15.26 11.07 16.80
CA PRO A 418 -15.62 10.21 17.93
C PRO A 418 -17.03 9.74 17.79
N ILE A 419 -17.26 8.49 18.12
CA ILE A 419 -18.60 8.00 18.44
C ILE A 419 -18.78 8.13 19.93
N ILE A 420 -19.80 8.86 20.35
CA ILE A 420 -20.16 8.96 21.76
C ILE A 420 -21.38 8.09 21.98
N CYS A 421 -21.21 6.96 22.68
CA CYS A 421 -22.34 6.10 22.98
C CYS A 421 -22.93 6.46 24.34
N ALA A 422 -24.21 6.77 24.36
CA ALA A 422 -24.89 7.14 25.60
C ALA A 422 -25.76 5.96 26.01
N THR A 423 -25.27 5.18 26.97
CA THR A 423 -25.95 3.95 27.34
C THR A 423 -26.46 3.98 28.79
N THR A 424 -27.54 3.25 28.99
CA THR A 424 -28.11 3.08 30.31
C THR A 424 -27.61 1.83 30.99
N ARG A 425 -26.63 1.14 30.40
CA ARG A 425 -25.99 -0.04 30.98
C ARG A 425 -24.51 0.21 31.22
N LEU A 426 -24.03 -0.17 32.40
CA LEU A 426 -22.61 -0.03 32.67
C LEU A 426 -21.80 -1.04 31.87
N LEU A 427 -22.21 -2.31 31.91
CA LEU A 427 -21.61 -3.38 31.13
C LEU A 427 -21.30 -2.89 29.72
N THR A 428 -22.25 -2.17 29.14
CA THR A 428 -22.07 -1.66 27.80
C THR A 428 -20.93 -0.67 27.76
N CYS A 429 -20.88 0.25 28.72
CA CYS A 429 -19.73 1.16 28.78
C CYS A 429 -18.46 0.37 28.74
N ARG A 430 -18.37 -0.61 29.64
CA ARG A 430 -17.18 -1.42 29.79
C ARG A 430 -16.88 -2.20 28.51
N GLN A 431 -17.89 -2.90 27.94
CA GLN A 431 -17.63 -3.77 26.78
C GLN A 431 -17.31 -3.00 25.52
N LEU A 432 -17.82 -1.78 25.36
CA LEU A 432 -17.56 -1.00 24.16
C LEU A 432 -16.10 -0.60 24.03
N ASN A 433 -15.33 -0.74 25.10
CA ASN A 433 -13.90 -0.38 25.08
C ASN A 433 -13.10 -1.06 23.98
N VAL A 434 -13.62 -2.12 23.39
CA VAL A 434 -12.85 -2.77 22.36
C VAL A 434 -13.36 -2.43 20.97
N THR A 435 -14.10 -1.32 20.79
CA THR A 435 -14.63 -0.92 19.49
C THR A 435 -14.15 0.48 19.10
N ARG A 436 -13.66 0.60 17.88
CA ARG A 436 -12.94 1.78 17.45
C ARG A 436 -13.81 3.03 17.48
N SER A 437 -13.25 4.11 18.04
CA SER A 437 -13.83 5.47 18.04
C SER A 437 -14.95 5.72 19.06
N VAL A 438 -15.54 4.64 19.60
CA VAL A 438 -16.58 4.77 20.61
C VAL A 438 -16.03 5.25 21.95
N GLU A 439 -16.82 6.08 22.63
CA GLU A 439 -16.58 6.53 24.01
C GLU A 439 -17.90 6.58 24.76
N SER A 440 -18.09 5.70 25.75
CA SER A 440 -19.41 5.60 26.37
C SER A 440 -19.62 6.63 27.46
N VAL A 441 -20.90 6.84 27.77
CA VAL A 441 -21.37 7.82 28.74
C VAL A 441 -22.60 7.22 29.41
N TYR A 442 -22.58 7.12 30.74
CA TYR A 442 -23.57 6.34 31.47
C TYR A 442 -24.74 7.20 31.90
N TYR A 443 -25.96 6.78 31.59
CA TYR A 443 -27.15 7.50 32.01
C TYR A 443 -27.78 6.74 33.17
N ASP A 444 -27.49 7.14 34.39
CA ASP A 444 -28.03 6.38 35.53
C ASP A 444 -29.52 6.67 35.64
N VAL A 445 -30.36 5.76 35.11
CA VAL A 445 -31.81 6.01 35.10
C VAL A 445 -32.32 6.16 36.53
N ASP A 446 -31.96 5.23 37.43
CA ASP A 446 -32.37 5.32 38.83
C ASP A 446 -32.08 6.69 39.41
N ALA A 447 -30.93 7.26 39.06
CA ALA A 447 -30.48 8.55 39.58
C ALA A 447 -31.35 9.64 38.94
N HIS A 448 -31.69 9.52 37.67
CA HIS A 448 -32.29 10.67 36.98
C HIS A 448 -33.65 10.25 36.43
N GLY A 449 -34.14 10.95 35.41
CA GLY A 449 -35.49 10.68 34.94
C GLY A 449 -35.48 9.40 34.11
N GLU A 450 -36.62 9.04 33.53
CA GLU A 450 -36.55 7.86 32.69
C GLU A 450 -36.20 8.23 31.25
N ASP A 451 -36.27 9.52 30.92
CA ASP A 451 -35.72 10.09 29.70
C ASP A 451 -36.34 9.40 28.49
N ASN A 452 -37.65 9.34 28.48
CA ASN A 452 -38.39 8.77 27.36
C ASN A 452 -38.35 9.67 26.14
N ASP A 453 -38.33 10.99 26.40
CA ASP A 453 -38.17 11.97 25.30
C ASP A 453 -36.75 11.86 24.77
N ARG A 454 -35.94 10.99 25.39
CA ARG A 454 -34.55 10.78 24.96
C ARG A 454 -33.80 12.12 24.93
N GLU A 455 -34.24 13.10 25.72
CA GLU A 455 -33.63 14.45 25.63
C GLU A 455 -32.45 14.55 26.62
N LYS A 456 -32.67 14.18 27.87
CA LYS A 456 -31.55 14.19 28.82
C LYS A 456 -30.34 13.46 28.25
N ARG A 457 -30.53 12.21 27.78
CA ARG A 457 -29.44 11.42 27.21
C ARG A 457 -28.72 12.14 26.11
N VAL A 458 -29.44 12.87 25.25
CA VAL A 458 -28.73 13.57 24.18
C VAL A 458 -27.89 14.69 24.76
N GLN A 459 -28.44 15.41 25.74
CA GLN A 459 -27.63 16.42 26.41
C GLN A 459 -26.39 15.79 27.02
N LEU A 460 -26.58 14.72 27.78
CA LEU A 460 -25.46 13.96 28.31
C LEU A 460 -24.38 13.76 27.27
N GLY A 461 -24.73 13.21 26.11
CA GLY A 461 -23.73 12.98 25.09
C GLY A 461 -23.13 14.27 24.57
N VAL A 462 -23.96 15.28 24.36
CA VAL A 462 -23.43 16.52 23.82
C VAL A 462 -22.60 17.27 24.85
N ASP A 463 -23.03 17.26 26.13
CA ASP A 463 -22.21 17.85 27.19
C ASP A 463 -20.81 17.26 27.18
N TRP A 464 -20.72 15.94 27.12
CA TRP A 464 -19.44 15.24 27.06
C TRP A 464 -18.61 15.69 25.86
N ALA A 465 -19.17 15.57 24.67
CA ALA A 465 -18.52 15.92 23.42
C ALA A 465 -17.87 17.28 23.56
N LYS A 466 -18.60 18.19 24.22
CA LYS A 466 -18.13 19.55 24.42
C LYS A 466 -17.01 19.61 25.45
N THR A 467 -17.24 19.03 26.65
CA THR A 467 -16.18 19.00 27.65
C THR A 467 -14.99 18.14 27.20
N LYS A 468 -15.23 17.02 26.52
CA LYS A 468 -14.05 16.28 26.06
C LYS A 468 -13.29 16.99 24.94
N GLY A 469 -13.73 18.16 24.46
CA GLY A 469 -13.01 18.86 23.40
C GLY A 469 -13.34 18.45 21.98
N TYR A 470 -14.36 17.62 21.79
CA TYR A 470 -14.70 17.19 20.44
C TYR A 470 -15.33 18.31 19.65
N VAL A 471 -16.32 18.92 20.25
CA VAL A 471 -17.31 19.71 19.57
C VAL A 471 -17.39 21.05 20.27
N SER A 472 -17.67 22.08 19.50
CA SER A 472 -17.70 23.42 20.06
C SER A 472 -18.70 24.25 19.27
N ALA A 473 -19.22 25.30 19.91
CA ALA A 473 -20.33 26.12 19.43
C ALA A 473 -20.29 26.32 17.92
N GLY A 474 -21.34 25.85 17.22
CA GLY A 474 -21.39 25.95 15.78
C GLY A 474 -20.85 24.75 15.07
N ASP A 475 -20.39 23.75 15.80
CA ASP A 475 -20.10 22.46 15.20
C ASP A 475 -21.39 21.68 14.99
N VAL A 476 -21.43 20.90 13.93
CA VAL A 476 -22.58 20.03 13.68
C VAL A 476 -22.31 18.65 14.23
N MET A 477 -23.31 18.08 14.89
CA MET A 477 -23.19 16.76 15.48
C MET A 477 -24.24 15.86 14.83
N VAL A 478 -24.12 14.55 15.03
CA VAL A 478 -24.97 13.54 14.37
C VAL A 478 -25.52 12.60 15.43
N ILE A 479 -26.80 12.72 15.72
CA ILE A 479 -27.47 11.94 16.76
C ILE A 479 -28.16 10.74 16.11
N VAL A 480 -27.91 9.54 16.64
CA VAL A 480 -28.57 8.33 16.13
C VAL A 480 -29.21 7.63 17.31
N HIS A 481 -30.54 7.69 17.40
CA HIS A 481 -31.21 7.03 18.50
C HIS A 481 -32.29 6.10 17.99
N ALA A 482 -33.26 5.70 18.83
CA ALA A 482 -34.38 4.88 18.38
C ALA A 482 -35.71 5.60 18.58
N ASP A 483 -36.61 5.47 17.60
CA ASP A 483 -37.95 6.06 17.64
C ASP A 483 -38.81 5.37 18.69
N HIS A 484 -39.83 6.09 19.15
CA HIS A 484 -40.67 5.55 20.22
C HIS A 484 -41.52 4.37 19.76
N SER A 485 -41.46 4.00 18.47
CA SER A 485 -42.36 3.02 17.88
C SER A 485 -41.61 1.86 17.23
N VAL A 486 -40.45 1.49 17.75
CA VAL A 486 -39.65 0.41 17.17
C VAL A 486 -39.44 -0.69 18.20
N LYS A 487 -39.36 -1.93 17.71
CA LYS A 487 -39.22 -3.12 18.57
C LYS A 487 -37.95 -3.02 19.40
N GLY A 488 -36.80 -3.09 18.73
CA GLY A 488 -35.53 -2.70 19.31
C GLY A 488 -34.82 -1.85 18.27
N TYR A 489 -33.49 -1.66 18.39
CA TYR A 489 -32.60 -1.03 17.42
C TYR A 489 -32.88 0.47 17.33
N PRO A 490 -31.92 1.25 16.84
CA PRO A 490 -32.15 2.66 16.53
C PRO A 490 -32.52 2.83 15.05
N ASN A 491 -33.57 3.61 14.79
CA ASN A 491 -33.95 3.92 13.43
C ASN A 491 -34.05 5.41 13.19
N GLN A 492 -33.88 6.24 14.20
CA GLN A 492 -33.99 7.67 14.09
C GLN A 492 -32.62 8.31 14.01
N THR A 493 -32.44 9.30 13.14
CA THR A 493 -31.18 10.05 13.17
C THR A 493 -31.48 11.54 13.04
N ARG A 494 -30.63 12.35 13.69
CA ARG A 494 -30.84 13.78 13.84
C ARG A 494 -29.52 14.51 13.64
N LEU A 495 -29.53 15.58 12.87
CA LEU A 495 -28.33 16.39 12.62
C LEU A 495 -28.54 17.69 13.36
N VAL A 496 -27.88 17.85 14.49
CA VAL A 496 -28.03 19.02 15.34
C VAL A 496 -26.81 19.91 15.17
N ARG A 497 -26.94 21.14 15.63
CA ARG A 497 -25.85 22.09 15.76
C ARG A 497 -25.65 22.42 17.23
N VAL A 498 -24.40 22.52 17.69
CA VAL A 498 -24.16 22.75 19.12
C VAL A 498 -24.32 24.24 19.43
N ARG A 499 -25.08 24.52 20.47
CA ARG A 499 -25.50 25.87 20.77
C ARG A 499 -24.74 26.29 22.02
N GLU A 500 -24.24 27.53 22.04
CA GLU A 500 -23.39 28.01 23.14
C GLU A 500 -24.12 28.07 24.50
N SER B 2 -11.22 -3.03 -4.08
CA SER B 2 -10.69 -2.38 -2.90
C SER B 2 -9.81 -3.36 -2.21
N GLN B 3 -8.75 -2.81 -1.60
CA GLN B 3 -7.88 -3.63 -0.78
C GLN B 3 -8.67 -4.44 0.21
N LEU B 4 -9.65 -3.81 0.86
CA LEU B 4 -10.51 -4.51 1.82
C LEU B 4 -11.13 -5.75 1.20
N GLN B 5 -11.71 -5.58 0.02
CA GLN B 5 -12.28 -6.73 -0.68
C GLN B 5 -11.23 -7.76 -1.01
N HIS B 6 -10.05 -7.29 -1.40
CA HIS B 6 -8.99 -8.24 -1.69
C HIS B 6 -8.65 -9.09 -0.46
N ASN B 7 -8.49 -8.44 0.71
CA ASN B 7 -8.11 -9.18 1.90
C ASN B 7 -9.15 -10.25 2.26
N ILE B 8 -10.42 -9.88 2.30
CA ILE B 8 -11.43 -10.85 2.76
C ILE B 8 -11.45 -12.08 1.88
N GLY B 9 -10.76 -12.04 0.76
CA GLY B 9 -10.66 -13.21 -0.06
C GLY B 9 -9.25 -13.69 -0.20
N LEU B 10 -8.38 -13.37 0.75
CA LEU B 10 -7.08 -14.02 0.84
C LEU B 10 -7.27 -15.35 1.54
N SER B 11 -6.43 -16.32 1.16
CA SER B 11 -6.36 -17.56 1.88
C SER B 11 -4.89 -17.94 1.99
N ILE B 12 -4.50 -18.34 3.19
CA ILE B 12 -3.10 -18.60 3.47
C ILE B 12 -2.70 -19.99 2.97
N PHE B 13 -3.68 -20.81 2.61
CA PHE B 13 -3.47 -22.19 2.18
C PHE B 13 -3.36 -22.31 0.66
N GLU B 14 -3.44 -21.21 -0.05
CA GLU B 14 -3.29 -21.38 -1.49
C GLU B 14 -1.85 -21.09 -1.86
N PRO B 15 -1.28 -21.86 -2.78
CA PRO B 15 0.00 -21.45 -3.35
C PRO B 15 -0.20 -20.12 -4.08
N VAL B 16 0.82 -19.27 -4.04
CA VAL B 16 0.77 -17.98 -4.71
C VAL B 16 1.54 -18.04 -6.01
N ALA B 17 0.92 -17.52 -7.07
CA ALA B 17 1.48 -17.49 -8.42
C ALA B 17 1.59 -16.05 -8.90
N LYS B 18 2.73 -15.42 -8.64
CA LYS B 18 3.04 -14.10 -9.17
C LYS B 18 4.54 -14.09 -9.47
N HIS B 19 4.94 -13.51 -10.61
CA HIS B 19 6.38 -13.32 -10.84
C HIS B 19 6.86 -12.07 -10.11
N ARG B 20 7.78 -12.27 -9.17
CA ARG B 20 8.23 -11.23 -8.27
C ARG B 20 8.55 -9.94 -9.01
N ALA B 21 7.92 -8.85 -8.59
CA ALA B 21 8.13 -7.59 -9.29
C ALA B 21 9.05 -6.63 -8.59
N ASN B 22 9.30 -6.82 -7.30
CA ASN B 22 10.25 -6.02 -6.57
C ASN B 22 11.65 -6.58 -6.71
N ARG B 23 12.62 -5.75 -6.38
CA ARG B 23 14.02 -6.02 -6.62
C ARG B 23 14.80 -5.97 -5.31
N ILE B 24 15.77 -6.87 -5.14
CA ILE B 24 16.57 -6.95 -3.92
C ILE B 24 17.99 -6.49 -4.23
N ILE B 25 18.51 -5.56 -3.42
CA ILE B 25 19.91 -5.15 -3.45
C ILE B 25 20.66 -5.85 -2.33
N CYS B 26 21.87 -6.36 -2.62
CA CYS B 26 22.71 -7.01 -1.60
C CYS B 26 24.02 -6.24 -1.48
N THR B 27 24.45 -5.97 -0.25
CA THR B 27 25.75 -5.35 -0.02
C THR B 27 26.82 -6.42 0.10
N ILE B 28 27.94 -6.23 -0.59
CA ILE B 28 28.98 -7.26 -0.66
C ILE B 28 30.04 -7.03 0.42
N GLY B 29 30.37 -8.09 1.14
CA GLY B 29 31.43 -8.07 2.10
C GLY B 29 32.11 -9.43 2.15
N PRO B 30 32.88 -9.67 3.23
CA PRO B 30 33.57 -10.95 3.42
C PRO B 30 32.75 -12.17 3.09
N SER B 31 31.46 -12.17 3.45
CA SER B 31 30.63 -13.36 3.25
C SER B 31 30.29 -13.62 1.80
N THR B 32 30.48 -12.64 0.93
CA THR B 32 29.91 -12.78 -0.39
C THR B 32 30.78 -12.24 -1.52
N GLN B 33 32.05 -11.93 -1.28
CA GLN B 33 32.88 -11.38 -2.35
C GLN B 33 33.35 -12.43 -3.35
N SER B 34 33.46 -13.69 -2.94
CA SER B 34 33.98 -14.71 -3.85
C SER B 34 33.05 -14.89 -5.02
N VAL B 35 33.64 -15.14 -6.20
CA VAL B 35 32.83 -15.30 -7.42
C VAL B 35 31.82 -16.42 -7.25
N GLU B 36 32.18 -17.47 -6.50
CA GLU B 36 31.24 -18.53 -6.22
C GLU B 36 30.04 -18.02 -5.40
N ALA B 37 30.31 -17.27 -4.32
CA ALA B 37 29.24 -16.74 -3.47
C ALA B 37 28.41 -15.69 -4.19
N LEU B 38 29.08 -14.87 -5.00
CA LEU B 38 28.36 -13.92 -5.82
C LEU B 38 27.35 -14.61 -6.69
N LYS B 39 27.79 -15.66 -7.39
CA LYS B 39 26.86 -16.40 -8.23
C LYS B 39 25.67 -16.91 -7.41
N GLY B 40 25.91 -17.31 -6.15
CA GLY B 40 24.81 -17.80 -5.32
C GLY B 40 23.80 -16.75 -4.94
N LEU B 41 24.28 -15.56 -4.54
CA LEU B 41 23.40 -14.41 -4.38
C LEU B 41 22.58 -14.16 -5.63
N MET B 42 23.24 -14.16 -6.79
CA MET B 42 22.53 -13.94 -8.04
C MET B 42 21.44 -14.99 -8.23
N LYS B 43 21.80 -16.27 -8.22
CA LYS B 43 20.75 -17.27 -8.39
C LYS B 43 19.64 -17.09 -7.35
N SER B 44 19.93 -16.53 -6.19
CA SER B 44 18.91 -16.44 -5.14
C SER B 44 18.06 -15.19 -5.23
N GLY B 45 18.33 -14.33 -6.19
CA GLY B 45 17.44 -13.22 -6.41
C GLY B 45 18.07 -11.87 -6.25
N MET B 46 19.36 -11.78 -6.06
CA MET B 46 19.96 -10.44 -6.07
C MET B 46 20.04 -9.84 -7.47
N SER B 47 19.81 -8.52 -7.54
CA SER B 47 19.83 -7.75 -8.77
C SER B 47 20.89 -6.64 -8.82
N VAL B 48 21.40 -6.19 -7.68
CA VAL B 48 22.48 -5.20 -7.65
C VAL B 48 23.47 -5.57 -6.54
N ALA B 49 24.76 -5.33 -6.79
CA ALA B 49 25.77 -5.49 -5.76
C ALA B 49 26.13 -4.11 -5.24
N ARG B 50 26.09 -3.94 -3.93
CA ARG B 50 26.35 -2.65 -3.35
C ARG B 50 27.78 -2.60 -2.86
N MET B 51 28.46 -1.49 -3.14
CA MET B 51 29.81 -1.27 -2.64
C MET B 51 29.82 -0.17 -1.60
N ASN B 52 30.06 -0.55 -0.35
CA ASN B 52 30.06 0.39 0.76
C ASN B 52 31.45 1.00 0.83
N PHE B 53 31.57 2.21 0.31
CA PHE B 53 32.86 2.85 0.22
C PHE B 53 33.26 3.53 1.52
N SER B 54 32.47 3.35 2.58
CA SER B 54 32.93 3.79 3.89
C SER B 54 34.04 2.90 4.44
N HIS B 55 34.14 1.65 3.98
CA HIS B 55 35.21 0.73 4.34
C HIS B 55 35.66 -0.03 3.10
N GLY B 56 36.95 -0.24 2.98
CA GLY B 56 37.47 -1.06 1.91
C GLY B 56 38.40 -0.29 0.99
N SER B 57 39.48 -0.93 0.58
CA SER B 57 40.45 -0.29 -0.27
C SER B 57 39.96 -0.27 -1.71
N TYR B 58 40.55 0.61 -2.52
CA TYR B 58 40.19 0.60 -3.94
C TYR B 58 40.47 -0.76 -4.56
N GLU B 59 41.61 -1.35 -4.24
CA GLU B 59 41.89 -2.71 -4.72
C GLU B 59 40.83 -3.66 -4.20
N TYR B 60 40.34 -3.44 -2.98
CA TYR B 60 39.32 -4.33 -2.44
C TYR B 60 38.04 -4.26 -3.24
N HIS B 61 37.62 -3.06 -3.64
CA HIS B 61 36.35 -3.02 -4.35
C HIS B 61 36.54 -3.39 -5.81
N GLN B 62 37.66 -2.99 -6.41
CA GLN B 62 37.99 -3.47 -7.74
C GLN B 62 37.80 -4.96 -7.81
N THR B 63 38.26 -5.67 -6.77
CA THR B 63 38.03 -7.11 -6.71
C THR B 63 36.55 -7.44 -6.76
N THR B 64 35.74 -6.71 -6.00
CA THR B 64 34.30 -6.97 -6.03
C THR B 64 33.70 -6.65 -7.40
N ILE B 65 34.14 -5.56 -8.05
CA ILE B 65 33.63 -5.25 -9.38
C ILE B 65 33.91 -6.38 -10.37
N ASN B 66 35.19 -6.78 -10.49
CA ASN B 66 35.53 -7.84 -11.43
C ASN B 66 34.81 -9.14 -11.11
N ASN B 67 34.56 -9.38 -9.83
CA ASN B 67 33.90 -10.62 -9.44
C ASN B 67 32.42 -10.61 -9.80
N VAL B 68 31.70 -9.53 -9.50
CA VAL B 68 30.30 -9.50 -9.92
C VAL B 68 30.23 -9.58 -11.44
N ARG B 69 31.12 -8.86 -12.14
CA ARG B 69 31.07 -8.87 -13.60
C ARG B 69 31.29 -10.28 -14.11
N ALA B 70 32.28 -10.96 -13.55
CA ALA B 70 32.57 -12.33 -13.96
C ALA B 70 31.49 -13.29 -13.48
N ALA B 71 31.05 -13.16 -12.24
CA ALA B 71 29.99 -14.06 -11.79
C ALA B 71 28.75 -13.84 -12.60
N ALA B 72 28.40 -12.57 -12.86
CA ALA B 72 27.25 -12.27 -13.72
C ALA B 72 27.41 -12.88 -15.11
N ALA B 73 28.57 -12.70 -15.73
CA ALA B 73 28.79 -13.20 -17.09
C ALA B 73 28.54 -14.70 -17.18
N GLU B 74 29.05 -15.46 -16.22
CA GLU B 74 28.87 -16.90 -16.25
C GLU B 74 27.40 -17.24 -16.27
N LEU B 75 26.61 -16.57 -15.46
CA LEU B 75 25.18 -16.85 -15.41
C LEU B 75 24.40 -16.14 -16.52
N GLY B 76 25.04 -15.24 -17.25
CA GLY B 76 24.34 -14.56 -18.31
C GLY B 76 23.31 -13.58 -17.78
N LEU B 77 23.65 -12.84 -16.74
CA LEU B 77 22.74 -11.87 -16.15
C LEU B 77 23.35 -10.47 -16.20
N HIS B 78 22.47 -9.49 -16.24
CA HIS B 78 22.84 -8.09 -16.07
C HIS B 78 22.61 -7.71 -14.61
N ILE B 79 23.68 -7.66 -13.86
CA ILE B 79 23.64 -7.25 -12.47
C ILE B 79 24.20 -5.85 -12.38
N GLY B 80 23.47 -4.97 -11.70
CA GLY B 80 23.98 -3.63 -11.51
C GLY B 80 25.02 -3.57 -10.42
N ILE B 81 25.84 -2.53 -10.48
CA ILE B 81 26.82 -2.25 -9.45
C ILE B 81 26.55 -0.86 -8.94
N ALA B 82 26.46 -0.71 -7.61
CA ALA B 82 26.22 0.57 -6.98
C ALA B 82 27.38 0.88 -6.03
N LEU B 83 27.79 2.15 -6.04
CA LEU B 83 28.89 2.65 -5.23
C LEU B 83 28.25 3.54 -4.17
N ASP B 84 28.26 3.10 -2.92
CA ASP B 84 27.72 3.85 -1.79
C ASP B 84 28.82 4.77 -1.25
N THR B 85 28.64 6.08 -1.37
CA THR B 85 29.70 6.97 -0.92
C THR B 85 29.88 6.90 0.59
N LYS B 86 31.04 7.35 1.05
CA LYS B 86 31.30 7.44 2.47
C LYS B 86 30.51 8.55 3.13
N GLY B 87 30.45 9.70 2.49
CA GLY B 87 29.75 10.85 3.01
C GLY B 87 30.53 11.46 4.16
N PRO B 88 30.27 12.70 4.44
CA PRO B 88 30.95 13.35 5.56
C PRO B 88 30.34 12.52 6.68
N GLU B 89 31.15 11.63 7.26
CA GLU B 89 30.74 10.87 8.43
C GLU B 89 31.60 11.27 9.62
N ILE B 90 31.35 10.65 10.77
CA ILE B 90 32.04 11.07 12.00
C ILE B 90 33.53 10.77 11.84
N LEU B 187 29.22 21.78 6.85
CA LEU B 187 29.67 20.48 6.36
C LEU B 187 29.50 20.31 4.86
N PRO B 188 30.56 19.88 4.19
CA PRO B 188 30.52 19.73 2.73
C PRO B 188 29.65 18.55 2.31
N ALA B 189 29.35 18.49 1.01
CA ALA B 189 28.53 17.41 0.46
C ALA B 189 29.36 16.35 -0.25
N VAL B 190 30.36 16.77 -1.01
CA VAL B 190 31.23 15.87 -1.74
C VAL B 190 32.59 15.93 -1.04
N SER B 191 32.84 15.01 -0.13
CA SER B 191 34.15 15.06 0.49
C SER B 191 35.19 14.72 -0.58
N GLU B 192 36.40 15.20 -0.36
CA GLU B 192 37.52 14.92 -1.25
C GLU B 192 37.66 13.42 -1.52
N LYS B 193 37.53 12.59 -0.48
CA LYS B 193 37.54 11.15 -0.68
C LYS B 193 36.44 10.75 -1.65
N ASP B 194 35.23 11.25 -1.40
CA ASP B 194 34.09 11.01 -2.29
C ASP B 194 34.43 11.42 -3.72
N ARG B 195 35.02 12.60 -3.91
CA ARG B 195 35.38 13.01 -5.26
C ARG B 195 36.24 11.95 -5.94
N LYS B 196 37.30 11.51 -5.25
CA LYS B 196 38.18 10.50 -5.84
C LYS B 196 37.48 9.16 -5.93
N ASP B 197 36.62 8.84 -4.95
CA ASP B 197 35.78 7.65 -5.05
C ASP B 197 34.78 7.75 -6.20
N LEU B 198 34.18 8.91 -6.42
CA LEU B 198 33.23 9.00 -7.52
C LEU B 198 33.93 8.77 -8.86
N GLN B 199 35.05 9.46 -9.11
CA GLN B 199 35.75 9.29 -10.38
C GLN B 199 36.20 7.85 -10.60
N PHE B 200 36.64 7.18 -9.54
CA PHE B 200 36.97 5.76 -9.66
C PHE B 200 35.76 4.99 -10.15
N GLY B 201 34.59 5.31 -9.59
CA GLY B 201 33.39 4.58 -9.97
C GLY B 201 33.05 4.81 -11.41
N VAL B 202 33.21 6.05 -11.88
CA VAL B 202 32.98 6.32 -13.28
C VAL B 202 34.00 5.61 -14.15
N GLU B 203 35.27 5.57 -13.73
CA GLU B 203 36.27 4.92 -14.57
C GLU B 203 36.04 3.42 -14.64
N GLN B 204 35.48 2.84 -13.60
CA GLN B 204 35.17 1.43 -13.61
C GLN B 204 33.76 1.15 -14.11
N GLY B 205 32.98 2.19 -14.40
CA GLY B 205 31.71 1.96 -15.07
C GLY B 205 30.59 1.52 -14.15
N VAL B 206 30.63 1.95 -12.89
CA VAL B 206 29.53 1.58 -12.00
C VAL B 206 28.26 2.21 -12.53
N ASP B 207 27.15 1.60 -12.20
CA ASP B 207 25.89 2.02 -12.79
C ASP B 207 25.21 3.13 -12.00
N MET B 208 25.52 3.28 -10.71
CA MET B 208 24.79 4.23 -9.88
C MET B 208 25.59 4.61 -8.66
N ILE B 209 25.30 5.81 -8.17
CA ILE B 209 25.87 6.31 -6.94
C ILE B 209 24.80 6.20 -5.87
N PHE B 210 25.18 5.80 -4.67
CA PHE B 210 24.30 5.91 -3.52
C PHE B 210 24.87 7.07 -2.70
N ALA B 211 24.55 8.29 -3.14
CA ALA B 211 25.10 9.48 -2.50
C ALA B 211 24.56 9.57 -1.09
N SER B 212 25.47 9.59 -0.12
CA SER B 212 25.13 9.52 1.29
C SER B 212 24.85 10.90 1.84
N PHE B 213 24.05 10.97 2.91
CA PHE B 213 23.74 12.26 3.58
C PHE B 213 23.38 13.33 2.57
N ILE B 214 22.27 13.13 1.86
CA ILE B 214 21.78 14.16 0.97
C ILE B 214 20.81 14.99 1.79
N ARG B 215 21.05 16.29 1.84
CA ARG B 215 20.21 17.18 2.67
C ARG B 215 19.46 18.16 1.78
N THR B 216 20.13 18.72 0.78
CA THR B 216 19.48 19.63 -0.14
C THR B 216 19.62 19.11 -1.56
N ALA B 217 18.80 19.64 -2.47
CA ALA B 217 19.00 19.29 -3.87
C ALA B 217 20.25 19.93 -4.44
N ASP B 218 20.72 21.02 -3.87
CA ASP B 218 22.02 21.55 -4.31
C ASP B 218 23.13 20.51 -4.13
N GLN B 219 23.04 19.67 -3.09
CA GLN B 219 24.07 18.64 -2.88
C GLN B 219 24.00 17.55 -3.94
N VAL B 220 22.79 17.06 -4.26
CA VAL B 220 22.72 16.01 -5.26
C VAL B 220 23.22 16.54 -6.61
N ARG B 221 23.05 17.84 -6.86
CA ARG B 221 23.63 18.40 -8.07
C ARG B 221 25.15 18.54 -7.99
N GLU B 222 25.74 18.67 -6.79
CA GLU B 222 27.19 18.63 -6.67
C GLU B 222 27.74 17.25 -7.03
N VAL B 223 27.04 16.19 -6.65
CA VAL B 223 27.49 14.86 -7.02
C VAL B 223 27.46 14.71 -8.54
N ARG B 224 26.34 15.14 -9.17
CA ARG B 224 26.20 15.04 -10.63
C ARG B 224 27.29 15.82 -11.36
N ALA B 225 27.66 16.99 -10.82
CA ALA B 225 28.79 17.69 -11.40
C ALA B 225 30.06 16.89 -11.18
N ALA B 226 30.21 16.34 -9.98
CA ALA B 226 31.39 15.55 -9.66
C ALA B 226 31.52 14.34 -10.57
N LEU B 227 30.40 13.68 -10.88
CA LEU B 227 30.46 12.54 -11.79
C LEU B 227 31.02 12.89 -13.15
N GLY B 228 30.96 14.16 -13.54
CA GLY B 228 31.51 14.60 -14.81
C GLY B 228 30.87 14.01 -16.04
N GLU B 229 31.36 14.42 -17.21
CA GLU B 229 30.78 13.95 -18.46
C GLU B 229 31.03 12.48 -18.71
N LYS B 230 32.06 11.87 -18.13
CA LYS B 230 32.22 10.44 -18.27
C LYS B 230 31.20 9.69 -17.42
N GLY B 231 30.62 10.35 -16.43
CA GLY B 231 29.60 9.75 -15.61
C GLY B 231 28.31 10.51 -15.79
N LYS B 232 28.10 11.04 -17.00
CA LYS B 232 26.90 11.81 -17.28
C LYS B 232 25.64 10.98 -17.11
N ASP B 233 25.68 9.72 -17.50
CA ASP B 233 24.49 8.88 -17.56
C ASP B 233 24.42 7.84 -16.44
N THR B 234 25.12 8.06 -15.33
CA THR B 234 25.01 7.17 -14.19
C THR B 234 24.00 7.72 -13.20
N LEU B 235 23.18 6.83 -12.64
CA LEU B 235 22.12 7.24 -11.72
C LEU B 235 22.68 7.79 -10.41
N ILE B 236 22.19 8.95 -10.00
CA ILE B 236 22.41 9.46 -8.66
C ILE B 236 21.21 9.11 -7.81
N ILE B 237 21.41 8.23 -6.85
CA ILE B 237 20.37 7.89 -5.88
C ILE B 237 20.72 8.61 -4.58
N SER B 238 19.82 9.47 -4.13
CA SER B 238 20.07 10.25 -2.93
C SER B 238 19.62 9.45 -1.73
N LYS B 239 20.55 9.26 -0.79
CA LYS B 239 20.31 8.61 0.50
C LYS B 239 19.74 9.64 1.49
N ILE B 240 18.46 9.47 1.84
CA ILE B 240 17.78 10.34 2.79
C ILE B 240 17.99 9.73 4.16
N GLU B 241 18.76 10.42 5.03
CA GLU B 241 19.07 9.82 6.34
C GLU B 241 19.07 10.82 7.51
N ASN B 242 18.46 11.99 7.38
CA ASN B 242 18.37 12.95 8.47
C ASN B 242 17.23 13.91 8.17
N HIS B 243 17.02 14.88 9.05
CA HIS B 243 15.78 15.64 8.94
C HIS B 243 15.82 16.60 7.76
N GLN B 244 16.97 17.22 7.45
CA GLN B 244 16.97 18.10 6.28
C GLN B 244 16.62 17.34 5.01
N GLY B 245 17.03 16.09 4.91
CA GLY B 245 16.72 15.27 3.74
C GLY B 245 15.23 15.04 3.55
N VAL B 246 14.49 14.80 4.65
CA VAL B 246 13.05 14.71 4.57
C VAL B 246 12.43 16.07 4.29
N GLN B 247 12.89 17.11 4.98
CA GLN B 247 12.34 18.44 4.78
C GLN B 247 12.41 18.84 3.32
N ASN B 248 13.50 18.51 2.65
CA ASN B 248 13.66 18.85 1.25
C ASN B 248 13.38 17.69 0.32
N ILE B 249 12.56 16.72 0.76
CA ILE B 249 12.36 15.52 -0.06
C ILE B 249 11.88 15.89 -1.46
N ASP B 250 11.16 17.00 -1.59
CA ASP B 250 10.56 17.37 -2.86
C ASP B 250 11.60 17.91 -3.84
N ALA B 251 12.47 18.80 -3.40
CA ALA B 251 13.58 19.25 -4.25
C ALA B 251 14.58 18.12 -4.55
N ILE B 252 14.87 17.28 -3.54
CA ILE B 252 15.83 16.19 -3.71
C ILE B 252 15.34 15.20 -4.78
N ILE B 253 14.03 14.94 -4.82
CA ILE B 253 13.49 13.98 -5.79
C ILE B 253 13.59 14.55 -7.21
N GLU B 254 13.38 15.87 -7.36
CA GLU B 254 13.51 16.46 -8.69
C GLU B 254 14.90 16.28 -9.25
N ALA B 255 15.93 16.51 -8.43
CA ALA B 255 17.32 16.45 -8.88
C ALA B 255 17.95 15.07 -8.77
N SER B 256 17.36 14.18 -8.01
CA SER B 256 17.94 12.87 -7.94
C SER B 256 17.37 12.04 -9.07
N ASP B 257 17.91 10.84 -9.21
CA ASP B 257 17.32 9.82 -10.06
C ASP B 257 16.52 8.84 -9.24
N GLY B 258 16.92 8.64 -8.00
CA GLY B 258 16.18 7.79 -7.10
C GLY B 258 16.45 8.21 -5.67
N ILE B 259 15.70 7.61 -4.78
CA ILE B 259 15.69 8.00 -3.37
C ILE B 259 15.80 6.73 -2.56
N MET B 260 16.66 6.74 -1.56
CA MET B 260 16.82 5.62 -0.63
C MET B 260 16.52 6.05 0.79
N VAL B 261 15.68 5.28 1.45
CA VAL B 261 15.29 5.50 2.84
C VAL B 261 16.23 4.79 3.82
N ALA B 262 17.09 5.56 4.48
CA ALA B 262 17.95 5.03 5.53
C ALA B 262 17.18 5.06 6.85
N ARG B 263 16.36 4.05 7.05
CA ARG B 263 15.34 4.19 8.07
C ARG B 263 15.96 4.21 9.45
N GLY B 264 17.05 3.46 9.62
CA GLY B 264 17.83 3.48 10.87
C GLY B 264 18.53 4.79 11.11
N ASP B 265 19.31 5.25 10.12
CA ASP B 265 19.89 6.58 10.15
C ASP B 265 18.81 7.66 10.39
N LEU B 266 17.59 7.45 9.85
CA LEU B 266 16.54 8.41 10.14
C LEU B 266 16.13 8.31 11.61
N GLY B 267 16.04 7.10 12.12
CA GLY B 267 15.59 6.96 13.48
C GLY B 267 16.50 7.56 14.52
N VAL B 268 17.67 8.09 14.15
CA VAL B 268 18.52 8.64 15.20
C VAL B 268 18.07 10.04 15.57
N GLU B 269 17.51 10.79 14.62
CA GLU B 269 17.00 12.13 14.87
C GLU B 269 15.50 12.17 15.15
N ILE B 270 14.72 11.26 14.57
CA ILE B 270 13.26 11.37 14.64
C ILE B 270 12.58 10.12 15.19
N PRO B 271 11.51 10.28 15.95
CA PRO B 271 10.87 9.13 16.61
C PRO B 271 10.43 8.05 15.65
N ALA B 272 10.35 6.83 16.17
CA ALA B 272 10.03 5.65 15.38
C ALA B 272 8.73 5.82 14.61
N GLU B 273 7.68 6.25 15.31
CA GLU B 273 6.40 6.52 14.67
C GLU B 273 6.57 7.45 13.47
N LYS B 274 7.38 8.50 13.63
CA LYS B 274 7.63 9.40 12.52
C LYS B 274 8.44 8.74 11.41
N VAL B 275 9.29 7.77 11.73
CA VAL B 275 10.01 7.13 10.65
C VAL B 275 9.01 6.42 9.75
N VAL B 276 8.06 5.70 10.37
CA VAL B 276 7.02 5.00 9.63
C VAL B 276 6.41 5.95 8.62
N VAL B 277 6.01 7.14 9.09
CA VAL B 277 5.31 8.12 8.25
C VAL B 277 6.25 8.71 7.20
N ALA B 278 7.44 9.10 7.59
CA ALA B 278 8.40 9.59 6.59
C ALA B 278 8.61 8.56 5.48
N GLN B 279 8.72 7.27 5.81
CA GLN B 279 8.85 6.25 4.76
C GLN B 279 7.66 6.30 3.79
N MET B 280 6.42 6.27 4.33
CA MET B 280 5.24 6.31 3.45
C MET B 280 5.26 7.55 2.59
N CYS B 281 5.49 8.71 3.20
CA CYS B 281 5.55 9.95 2.46
C CYS B 281 6.56 9.87 1.33
N ILE B 282 7.77 9.39 1.63
CA ILE B 282 8.88 9.47 0.68
C ILE B 282 8.70 8.48 -0.46
N ILE B 283 8.41 7.22 -0.11
CA ILE B 283 8.10 6.23 -1.11
C ILE B 283 7.01 6.72 -2.06
N SER B 284 5.87 7.11 -1.51
CA SER B 284 4.75 7.47 -2.38
C SER B 284 5.07 8.70 -3.20
N LYS B 285 5.76 9.67 -2.61
CA LYS B 285 6.19 10.81 -3.42
C LYS B 285 7.01 10.34 -4.60
N CYS B 286 7.82 9.29 -4.40
CA CYS B 286 8.60 8.72 -5.49
C CYS B 286 7.71 7.96 -6.48
N ASN B 287 6.73 7.23 -5.95
CA ASN B 287 5.78 6.53 -6.80
C ASN B 287 5.15 7.49 -7.80
N VAL B 288 4.72 8.65 -7.30
CA VAL B 288 4.14 9.65 -8.16
C VAL B 288 5.19 10.17 -9.13
N ALA B 289 6.40 10.38 -8.65
CA ALA B 289 7.46 10.83 -9.54
C ALA B 289 7.81 9.81 -10.60
N GLY B 290 7.34 8.57 -10.47
CA GLY B 290 7.83 7.57 -11.40
C GLY B 290 9.32 7.28 -11.29
N LYS B 291 9.93 7.54 -10.12
CA LYS B 291 11.32 7.33 -9.85
C LYS B 291 11.49 6.23 -8.81
N PRO B 292 12.55 5.41 -8.93
CA PRO B 292 12.66 4.24 -8.03
C PRO B 292 12.99 4.67 -6.61
N VAL B 293 12.46 3.94 -5.65
CA VAL B 293 12.72 4.22 -4.25
C VAL B 293 13.12 2.92 -3.57
N ILE B 294 14.15 3.00 -2.72
CA ILE B 294 14.73 1.83 -2.04
C ILE B 294 14.61 1.98 -0.53
N CYS B 295 14.20 0.90 0.15
CA CYS B 295 14.32 0.79 1.60
C CYS B 295 15.61 0.04 2.02
N ALA B 296 16.28 0.56 3.05
CA ALA B 296 17.72 0.39 3.18
C ALA B 296 18.16 -0.32 4.45
N THR B 297 17.88 0.22 5.62
CA THR B 297 18.53 -0.32 6.79
C THR B 297 17.52 -1.15 7.57
N GLN B 298 17.96 -1.75 8.68
CA GLN B 298 17.11 -2.58 9.51
C GLN B 298 16.23 -3.55 8.73
N MET B 299 16.85 -4.36 7.87
CA MET B 299 15.97 -5.20 7.06
C MET B 299 15.61 -6.61 7.49
N LEU B 300 16.58 -7.52 7.48
CA LEU B 300 16.46 -8.76 8.20
C LEU B 300 17.70 -8.92 9.05
N GLU B 301 18.02 -7.89 9.83
CA GLU B 301 19.29 -7.83 10.58
C GLU B 301 19.46 -9.04 11.50
N SER B 302 18.39 -9.56 12.10
CA SER B 302 18.57 -10.69 12.98
C SER B 302 19.08 -11.93 12.25
N MET B 303 18.72 -12.07 10.98
CA MET B 303 19.25 -13.16 10.18
C MET B 303 20.72 -13.02 9.90
N THR B 304 21.40 -11.97 10.38
CA THR B 304 22.86 -11.94 10.22
C THR B 304 23.53 -13.09 10.96
N THR B 305 22.92 -13.55 12.05
CA THR B 305 23.52 -14.56 12.90
C THR B 305 22.63 -15.78 13.13
N ASN B 306 21.33 -15.68 12.91
CA ASN B 306 20.34 -16.75 13.11
C ASN B 306 19.76 -17.25 11.78
N PRO B 307 19.22 -18.49 11.74
CA PRO B 307 18.71 -19.03 10.46
C PRO B 307 17.37 -18.45 10.00
N ARG B 308 16.61 -17.79 10.87
CA ARG B 308 15.30 -17.30 10.53
C ARG B 308 15.20 -15.97 11.24
N PRO B 309 14.61 -14.96 10.61
CA PRO B 309 14.44 -13.65 11.24
C PRO B 309 13.23 -13.64 12.16
N THR B 310 13.04 -12.52 12.82
CA THR B 310 11.90 -12.33 13.71
C THR B 310 10.65 -11.90 12.95
N ARG B 311 9.50 -12.26 13.50
CA ARG B 311 8.26 -12.03 12.77
C ARG B 311 8.01 -10.53 12.53
N ALA B 312 8.32 -9.67 13.50
CA ALA B 312 8.17 -8.23 13.28
C ALA B 312 9.10 -7.70 12.20
N GLU B 313 10.33 -8.21 12.14
CA GLU B 313 11.24 -7.83 11.05
C GLU B 313 10.66 -8.21 9.72
N VAL B 314 10.03 -9.39 9.63
CA VAL B 314 9.45 -9.84 8.37
C VAL B 314 8.32 -8.93 7.91
N THR B 315 7.39 -8.63 8.82
CA THR B 315 6.34 -7.69 8.47
C THR B 315 6.96 -6.37 8.03
N ASP B 316 8.05 -5.95 8.68
CA ASP B 316 8.67 -4.69 8.28
C ASP B 316 9.06 -4.70 6.80
N VAL B 317 9.61 -5.80 6.27
CA VAL B 317 9.96 -5.83 4.84
C VAL B 317 8.68 -5.82 3.97
N ALA B 318 7.70 -6.67 4.33
CA ALA B 318 6.46 -6.71 3.58
C ALA B 318 5.86 -5.32 3.53
N ASN B 319 5.93 -4.61 4.64
CA ASN B 319 5.39 -3.27 4.73
C ASN B 319 6.18 -2.28 3.90
N ALA B 320 7.43 -2.56 3.57
CA ALA B 320 8.11 -1.70 2.61
C ALA B 320 7.52 -1.89 1.23
N VAL B 321 7.21 -3.15 0.87
CA VAL B 321 6.60 -3.46 -0.42
C VAL B 321 5.21 -2.83 -0.51
N PHE B 322 4.36 -3.08 0.50
CA PHE B 322 3.02 -2.51 0.48
C PHE B 322 3.09 -0.99 0.38
N ASN B 323 4.07 -0.37 1.06
CA ASN B 323 4.23 1.07 1.04
C ASN B 323 4.51 1.59 -0.37
N GLY B 324 5.00 0.73 -1.25
CA GLY B 324 5.23 1.14 -2.63
C GLY B 324 6.67 1.08 -3.06
N ALA B 325 7.53 0.49 -2.26
CA ALA B 325 8.94 0.58 -2.56
C ALA B 325 9.26 -0.26 -3.78
N ASP B 326 10.16 0.24 -4.61
CA ASP B 326 10.57 -0.56 -5.75
C ASP B 326 11.43 -1.70 -5.24
N CYS B 327 12.43 -1.35 -4.42
CA CYS B 327 13.46 -2.26 -3.92
C CYS B 327 13.61 -2.24 -2.41
N VAL B 328 14.01 -3.38 -1.90
CA VAL B 328 14.55 -3.59 -0.58
C VAL B 328 16.04 -3.88 -0.73
N MET B 329 16.82 -3.49 0.29
CA MET B 329 18.27 -3.63 0.27
C MET B 329 18.77 -4.35 1.51
N LEU B 330 19.60 -5.36 1.32
CA LEU B 330 20.30 -6.05 2.38
C LEU B 330 21.68 -5.42 2.59
N SER B 331 22.11 -5.39 3.85
CA SER B 331 23.30 -4.63 4.19
C SER B 331 24.34 -5.55 4.83
N GLY B 332 24.35 -5.62 6.17
CA GLY B 332 25.20 -6.62 6.79
C GLY B 332 24.72 -8.03 6.58
N GLU B 333 23.43 -8.22 6.28
CA GLU B 333 22.88 -9.56 6.11
C GLU B 333 23.63 -10.32 5.03
N THR B 334 24.11 -9.62 4.00
CA THR B 334 24.85 -10.24 2.92
C THR B 334 26.34 -9.93 2.91
N ALA B 335 26.81 -8.88 3.62
CA ALA B 335 28.25 -8.60 3.63
C ALA B 335 29.01 -9.41 4.69
N LYS B 336 28.54 -9.39 5.94
CA LYS B 336 29.15 -10.14 7.04
C LYS B 336 28.33 -11.34 7.46
N GLY B 337 27.17 -11.57 6.88
CA GLY B 337 26.22 -12.45 7.51
C GLY B 337 26.56 -13.91 7.35
N LYS B 338 25.94 -14.71 8.21
CA LYS B 338 26.19 -16.14 8.22
C LYS B 338 25.27 -16.90 7.28
N TYR B 339 24.29 -16.24 6.66
CA TYR B 339 23.36 -16.92 5.77
C TYR B 339 23.01 -16.06 4.58
N PRO B 340 24.00 -15.67 3.77
CA PRO B 340 23.69 -14.69 2.73
C PRO B 340 22.68 -15.19 1.74
N ASN B 341 22.80 -16.46 1.32
CA ASN B 341 21.88 -16.98 0.33
C ASN B 341 20.47 -17.15 0.88
N GLU B 342 20.31 -17.54 2.14
CA GLU B 342 18.96 -17.81 2.63
C GLU B 342 18.22 -16.52 2.94
N VAL B 343 18.96 -15.47 3.31
CA VAL B 343 18.30 -14.21 3.63
C VAL B 343 17.80 -13.54 2.35
N VAL B 344 18.54 -13.72 1.26
CA VAL B 344 18.07 -13.27 -0.04
C VAL B 344 16.86 -14.07 -0.46
N GLN B 345 16.91 -15.40 -0.31
CA GLN B 345 15.73 -16.19 -0.60
C GLN B 345 14.56 -15.74 0.27
N TYR B 346 14.81 -15.46 1.54
CA TYR B 346 13.74 -14.98 2.39
C TYR B 346 13.14 -13.68 1.86
N MET B 347 13.97 -12.77 1.33
CA MET B 347 13.42 -11.55 0.74
C MET B 347 12.48 -11.86 -0.42
N VAL B 348 12.89 -12.78 -1.29
CA VAL B 348 12.08 -13.16 -2.45
C VAL B 348 10.76 -13.77 -2.00
N ARG B 349 10.78 -14.64 -1.00
CA ARG B 349 9.51 -15.19 -0.55
C ARG B 349 8.59 -14.07 -0.05
N ILE B 350 9.14 -13.09 0.68
CA ILE B 350 8.35 -11.97 1.20
C ILE B 350 7.82 -11.08 0.08
N CYS B 351 8.68 -10.66 -0.84
CA CYS B 351 8.23 -9.81 -1.93
C CYS B 351 7.07 -10.43 -2.68
N ILE B 352 7.14 -11.74 -2.91
CA ILE B 352 6.09 -12.43 -3.64
C ILE B 352 4.81 -12.44 -2.83
N GLU B 353 4.92 -12.69 -1.53
CA GLU B 353 3.73 -12.78 -0.71
C GLU B 353 3.04 -11.42 -0.60
N ALA B 354 3.82 -10.38 -0.35
CA ALA B 354 3.29 -9.02 -0.35
C ALA B 354 2.72 -8.67 -1.71
N GLN B 355 3.46 -9.01 -2.78
CA GLN B 355 2.97 -8.70 -4.12
C GLN B 355 1.62 -9.34 -4.33
N SER B 356 1.47 -10.58 -3.94
CA SER B 356 0.15 -11.16 -4.09
C SER B 356 -0.90 -10.60 -3.13
N ALA B 357 -0.51 -10.03 -1.99
CA ALA B 357 -1.56 -9.56 -1.08
C ALA B 357 -2.03 -8.17 -1.43
N THR B 358 -1.24 -7.42 -2.16
CA THR B 358 -1.64 -6.09 -2.59
C THR B 358 -2.66 -6.21 -3.73
N HIS B 359 -3.60 -5.28 -3.79
CA HIS B 359 -4.61 -5.29 -4.85
C HIS B 359 -3.98 -4.83 -6.14
N ASP B 360 -4.31 -5.54 -7.23
CA ASP B 360 -3.52 -5.45 -8.45
C ASP B 360 -3.54 -4.08 -9.11
N SER B 361 -4.57 -3.28 -8.85
CA SER B 361 -4.88 -2.14 -9.70
C SER B 361 -4.96 -0.81 -8.98
N VAL B 362 -5.15 -0.80 -7.65
CA VAL B 362 -5.32 0.44 -6.90
C VAL B 362 -4.20 1.41 -7.18
N MET B 363 -2.97 0.89 -7.18
CA MET B 363 -1.81 1.71 -7.53
C MET B 363 -1.98 2.36 -8.88
N PHE B 364 -2.37 1.56 -9.89
CA PHE B 364 -2.61 2.14 -11.21
C PHE B 364 -3.61 3.28 -11.12
N ASN B 365 -4.78 2.99 -10.57
CA ASN B 365 -5.86 3.98 -10.48
C ASN B 365 -5.43 5.23 -9.72
N SER B 366 -4.77 5.01 -8.57
CA SER B 366 -4.27 6.10 -7.76
C SER B 366 -3.31 6.97 -8.55
N ILE B 367 -2.40 6.34 -9.29
CA ILE B 367 -1.43 7.11 -10.05
C ILE B 367 -2.12 7.81 -11.21
N LYS B 368 -3.00 7.10 -11.91
CA LYS B 368 -3.70 7.68 -13.07
C LYS B 368 -4.56 8.86 -12.68
N ASN B 369 -5.44 8.67 -11.69
CA ASN B 369 -6.39 9.71 -11.31
C ASN B 369 -5.72 10.99 -10.89
N LEU B 370 -4.43 10.98 -10.66
CA LEU B 370 -3.68 12.16 -10.31
C LEU B 370 -3.19 12.90 -11.54
N GLN B 371 -3.49 12.40 -12.73
CA GLN B 371 -2.88 12.92 -13.93
C GLN B 371 -3.78 14.02 -14.50
N LYS B 372 -3.17 14.93 -15.25
CA LYS B 372 -3.86 16.15 -15.66
C LYS B 372 -4.65 15.94 -16.96
N ILE B 373 -5.74 16.70 -17.09
CA ILE B 373 -6.80 16.32 -18.02
C ILE B 373 -6.32 16.24 -19.46
N PRO B 374 -5.54 17.19 -20.01
CA PRO B 374 -4.77 16.85 -21.21
C PRO B 374 -3.43 16.24 -20.86
N MET B 375 -3.28 14.95 -21.16
CA MET B 375 -2.08 14.23 -20.86
C MET B 375 -1.04 14.48 -21.93
N SER B 376 0.22 14.23 -21.60
CA SER B 376 1.16 14.32 -22.71
C SER B 376 1.03 13.07 -23.56
N PRO B 377 1.32 13.14 -24.88
CA PRO B 377 1.22 11.92 -25.68
C PRO B 377 2.04 10.80 -25.08
N GLU B 378 3.26 11.10 -24.61
CA GLU B 378 4.08 10.13 -23.90
C GLU B 378 3.36 9.52 -22.71
N GLU B 379 3.09 10.31 -21.67
CA GLU B 379 2.38 9.80 -20.50
C GLU B 379 1.11 9.05 -20.88
N ALA B 380 0.50 9.37 -22.00
CA ALA B 380 -0.71 8.67 -22.40
C ALA B 380 -0.39 7.23 -22.80
N VAL B 381 0.63 7.05 -23.64
CA VAL B 381 0.92 5.73 -24.20
C VAL B 381 1.27 4.75 -23.10
N CYS B 382 2.09 5.20 -22.15
CA CYS B 382 2.56 4.32 -21.10
C CYS B 382 1.43 3.89 -20.20
N SER B 383 0.67 4.86 -19.71
CA SER B 383 -0.42 4.57 -18.81
C SER B 383 -1.46 3.69 -19.45
N SER B 384 -1.79 3.96 -20.72
CA SER B 384 -2.79 3.16 -21.40
C SER B 384 -2.28 1.76 -21.74
N ALA B 385 -0.97 1.58 -21.86
CA ALA B 385 -0.42 0.22 -22.02
C ALA B 385 -0.71 -0.61 -20.79
N VAL B 386 -0.38 -0.09 -19.60
CA VAL B 386 -0.69 -0.81 -18.38
C VAL B 386 -2.20 -1.00 -18.28
N SER B 387 -2.94 0.07 -18.56
CA SER B 387 -4.39 -0.02 -18.70
C SER B 387 -4.78 -1.13 -19.66
N SER B 388 -4.32 -1.07 -20.92
CA SER B 388 -4.70 -2.05 -21.93
C SER B 388 -4.34 -3.46 -21.47
N ALA B 389 -3.17 -3.60 -20.84
CA ALA B 389 -2.75 -4.87 -20.26
C ALA B 389 -3.74 -5.37 -19.24
N PHE B 390 -4.23 -4.50 -18.37
CA PHE B 390 -5.26 -4.92 -17.43
C PHE B 390 -6.51 -5.41 -18.14
N GLU B 391 -7.04 -4.59 -19.06
CA GLU B 391 -8.34 -4.85 -19.72
C GLU B 391 -8.34 -6.16 -20.49
N VAL B 392 -7.20 -6.53 -21.06
CA VAL B 392 -7.10 -7.71 -21.88
C VAL B 392 -6.34 -8.83 -21.17
N GLN B 393 -5.96 -8.63 -19.89
CA GLN B 393 -5.27 -9.64 -19.09
C GLN B 393 -3.97 -10.09 -19.73
N ALA B 394 -3.23 -9.13 -20.27
CA ALA B 394 -1.92 -9.44 -20.82
C ALA B 394 -1.02 -10.05 -19.74
N LYS B 395 -0.12 -10.91 -20.16
CA LYS B 395 0.81 -11.53 -19.24
C LYS B 395 2.19 -10.96 -19.41
N ALA B 396 2.34 -9.94 -20.24
CA ALA B 396 3.64 -9.30 -20.32
C ALA B 396 3.50 -8.00 -21.09
N ILE B 397 4.30 -7.01 -20.69
CA ILE B 397 4.42 -5.75 -21.39
C ILE B 397 5.85 -5.68 -21.90
N LEU B 398 6.02 -5.77 -23.21
CA LEU B 398 7.34 -5.67 -23.82
C LEU B 398 7.53 -4.25 -24.29
N VAL B 399 8.54 -3.56 -23.76
CA VAL B 399 8.81 -2.20 -24.16
C VAL B 399 10.23 -2.12 -24.75
N LEU B 400 10.36 -1.39 -25.85
CA LEU B 400 11.65 -1.20 -26.54
C LEU B 400 12.21 0.18 -26.20
N SER B 401 12.83 0.30 -25.03
CA SER B 401 13.47 1.54 -24.62
C SER B 401 14.98 1.45 -24.74
N ASN B 402 15.60 2.52 -25.22
CA ASN B 402 17.06 2.52 -25.28
C ASN B 402 17.70 3.09 -24.02
N THR B 403 17.07 4.04 -23.36
CA THR B 403 17.54 4.52 -22.07
C THR B 403 16.77 3.92 -20.91
N GLY B 404 15.71 3.19 -21.18
CA GLY B 404 14.86 2.73 -20.11
C GLY B 404 13.88 3.77 -19.58
N ARG B 405 13.96 5.01 -20.07
CA ARG B 405 12.99 6.04 -19.70
C ARG B 405 11.56 5.55 -19.71
N SER B 406 11.14 5.02 -20.85
CA SER B 406 9.76 4.57 -21.00
C SER B 406 9.47 3.42 -20.04
N ALA B 407 10.42 2.51 -19.86
CA ALA B 407 10.19 1.39 -18.95
C ALA B 407 9.89 1.89 -17.54
N ARG B 408 10.61 2.92 -17.11
CA ARG B 408 10.30 3.51 -15.81
C ARG B 408 8.89 4.08 -15.79
N LEU B 409 8.48 4.73 -16.89
CA LEU B 409 7.11 5.21 -17.02
C LEU B 409 6.10 4.09 -17.06
N ILE B 410 6.35 3.01 -17.80
CA ILE B 410 5.42 1.89 -17.72
C ILE B 410 5.40 1.34 -16.31
N SER B 411 6.58 1.21 -15.71
CA SER B 411 6.58 0.75 -14.33
C SER B 411 5.80 1.70 -13.46
N LYS B 412 5.94 3.00 -13.69
CA LYS B 412 5.36 3.98 -12.77
C LYS B 412 3.90 3.67 -12.47
N TYR B 413 3.18 3.18 -13.48
CA TYR B 413 1.76 2.81 -13.42
C TYR B 413 1.51 1.43 -12.88
N ARG B 414 2.51 0.76 -12.29
CA ARG B 414 2.37 -0.47 -11.51
C ARG B 414 1.50 -1.55 -12.16
N PRO B 415 1.96 -2.12 -13.26
CA PRO B 415 1.17 -3.13 -13.96
C PRO B 415 1.17 -4.47 -13.24
N ASN B 416 0.33 -5.35 -13.77
CA ASN B 416 0.03 -6.64 -13.18
C ASN B 416 1.03 -7.72 -13.52
N CYS B 417 1.84 -7.51 -14.54
CA CYS B 417 2.63 -8.54 -15.19
C CYS B 417 4.04 -8.03 -15.38
N PRO B 418 4.96 -8.89 -15.81
CA PRO B 418 6.33 -8.43 -16.01
C PRO B 418 6.40 -7.34 -17.07
N ILE B 419 7.41 -6.49 -16.95
CA ILE B 419 7.81 -5.57 -18.01
C ILE B 419 9.16 -6.08 -18.53
N ILE B 420 9.20 -6.52 -19.78
CA ILE B 420 10.44 -6.89 -20.45
C ILE B 420 10.90 -5.73 -21.30
N CYS B 421 12.05 -5.17 -20.98
CA CYS B 421 12.62 -4.09 -21.75
C CYS B 421 13.63 -4.65 -22.74
N ALA B 422 13.35 -4.52 -24.03
CA ALA B 422 14.32 -4.88 -25.04
C ALA B 422 15.12 -3.63 -25.35
N THR B 423 16.35 -3.57 -24.84
CA THR B 423 17.16 -2.40 -25.08
C THR B 423 18.42 -2.73 -25.86
N THR B 424 19.01 -1.68 -26.43
CA THR B 424 20.24 -1.81 -27.19
C THR B 424 21.44 -1.29 -26.43
N ARG B 425 21.25 -0.64 -25.28
CA ARG B 425 22.36 -0.18 -24.44
C ARG B 425 22.48 -1.14 -23.26
N LEU B 426 23.70 -1.60 -22.99
CA LEU B 426 23.88 -2.56 -21.91
C LEU B 426 23.71 -1.93 -20.54
N LEU B 427 24.15 -0.67 -20.37
CA LEU B 427 23.97 0.05 -19.11
C LEU B 427 22.51 0.16 -18.73
N THR B 428 21.63 0.26 -19.72
CA THR B 428 20.19 0.24 -19.45
C THR B 428 19.78 -1.08 -18.82
N CYS B 429 20.34 -2.18 -19.31
CA CYS B 429 20.04 -3.46 -18.71
C CYS B 429 20.35 -3.42 -17.23
N ARG B 430 21.52 -2.86 -16.88
CA ARG B 430 21.95 -2.91 -15.50
C ARG B 430 21.15 -1.93 -14.63
N GLN B 431 20.89 -0.71 -15.13
CA GLN B 431 20.19 0.27 -14.32
C GLN B 431 18.72 -0.08 -14.12
N LEU B 432 18.12 -0.87 -14.99
CA LEU B 432 16.72 -1.20 -14.82
C LEU B 432 16.51 -2.23 -13.73
N ASN B 433 17.59 -2.78 -13.18
CA ASN B 433 17.47 -3.75 -12.09
C ASN B 433 16.90 -3.14 -10.82
N VAL B 434 16.73 -1.83 -10.77
CA VAL B 434 16.27 -1.17 -9.57
C VAL B 434 14.88 -0.56 -9.78
N THR B 435 14.24 -0.86 -10.90
CA THR B 435 12.89 -0.41 -11.21
C THR B 435 11.90 -1.57 -11.16
N ARG B 436 10.72 -1.36 -10.59
CA ARG B 436 9.86 -2.48 -10.26
C ARG B 436 9.28 -3.12 -11.52
N SER B 437 9.29 -4.45 -11.55
CA SER B 437 8.70 -5.34 -12.53
C SER B 437 9.59 -5.52 -13.77
N VAL B 438 10.67 -4.78 -13.92
CA VAL B 438 11.38 -4.77 -15.21
C VAL B 438 12.38 -5.90 -15.25
N GLU B 439 12.63 -6.40 -16.45
CA GLU B 439 13.60 -7.46 -16.74
C GLU B 439 14.20 -7.10 -18.07
N SER B 440 15.46 -6.74 -18.14
CA SER B 440 15.96 -6.15 -19.37
C SER B 440 16.57 -7.24 -20.25
N VAL B 441 16.20 -7.23 -21.54
CA VAL B 441 16.73 -8.15 -22.54
C VAL B 441 17.60 -7.33 -23.48
N TYR B 442 18.78 -7.85 -23.79
CA TYR B 442 19.77 -7.12 -24.60
C TYR B 442 19.75 -7.54 -26.06
N TYR B 443 19.74 -6.55 -26.94
CA TYR B 443 19.84 -6.77 -28.37
C TYR B 443 21.16 -6.17 -28.82
N ASP B 444 22.10 -7.02 -29.21
CA ASP B 444 23.42 -6.57 -29.64
C ASP B 444 23.29 -5.97 -31.03
N VAL B 445 23.40 -4.64 -31.12
CA VAL B 445 23.18 -3.98 -32.40
C VAL B 445 24.33 -4.22 -33.37
N ASP B 446 25.53 -4.50 -32.84
CA ASP B 446 26.66 -4.78 -33.73
C ASP B 446 26.66 -6.24 -34.22
N ALA B 447 26.41 -7.18 -33.31
CA ALA B 447 26.51 -8.60 -33.64
C ALA B 447 25.36 -9.09 -34.51
N HIS B 448 24.20 -8.44 -34.49
CA HIS B 448 23.09 -8.80 -35.36
C HIS B 448 22.69 -7.55 -36.12
N GLY B 449 21.89 -7.71 -37.16
CA GLY B 449 21.60 -6.59 -38.04
C GLY B 449 20.92 -5.46 -37.31
N GLU B 450 21.14 -4.23 -37.77
CA GLU B 450 20.46 -3.06 -37.22
C GLU B 450 19.01 -3.51 -37.35
N ASP B 451 18.29 -3.55 -36.22
CA ASP B 451 16.85 -3.77 -36.16
C ASP B 451 16.14 -2.45 -36.38
N ASN B 452 16.39 -1.88 -37.55
CA ASN B 452 15.70 -0.69 -38.03
C ASN B 452 14.17 -0.87 -38.06
N ASP B 453 13.68 -2.02 -38.60
CA ASP B 453 12.22 -2.22 -38.56
C ASP B 453 11.68 -2.52 -37.16
N ARG B 454 12.49 -2.52 -36.10
CA ARG B 454 12.04 -2.77 -34.72
C ARG B 454 11.27 -4.06 -34.57
N GLU B 455 11.51 -5.03 -35.44
CA GLU B 455 10.76 -6.27 -35.36
C GLU B 455 11.60 -7.43 -34.84
N LYS B 456 12.92 -7.38 -34.98
CA LYS B 456 13.73 -8.45 -34.41
C LYS B 456 13.85 -8.28 -32.90
N ARG B 457 13.96 -7.03 -32.42
CA ARG B 457 13.85 -6.78 -30.98
C ARG B 457 12.51 -7.24 -30.44
N VAL B 458 11.43 -6.96 -31.14
CA VAL B 458 10.13 -7.41 -30.67
C VAL B 458 10.16 -8.92 -30.48
N GLN B 459 10.56 -9.64 -31.53
CA GLN B 459 10.64 -11.09 -31.42
C GLN B 459 11.60 -11.49 -30.31
N LEU B 460 12.73 -10.81 -30.18
CA LEU B 460 13.65 -11.06 -29.08
C LEU B 460 12.93 -11.09 -27.75
N GLY B 461 12.16 -10.04 -27.46
CA GLY B 461 11.46 -9.96 -26.20
C GLY B 461 10.46 -11.09 -26.00
N VAL B 462 9.65 -11.38 -27.03
CA VAL B 462 8.63 -12.41 -26.90
C VAL B 462 9.26 -13.79 -26.70
N ASP B 463 10.38 -14.05 -27.36
CA ASP B 463 11.07 -15.31 -27.07
C ASP B 463 11.55 -15.33 -25.62
N TRP B 464 12.07 -14.21 -25.11
CA TRP B 464 12.45 -14.16 -23.70
C TRP B 464 11.26 -14.48 -22.79
N ALA B 465 10.16 -13.75 -22.97
CA ALA B 465 8.97 -14.00 -22.18
C ALA B 465 8.55 -15.47 -22.23
N LYS B 466 8.76 -16.10 -23.39
CA LYS B 466 8.39 -17.50 -23.56
C LYS B 466 9.25 -18.40 -22.69
N THR B 467 10.57 -18.17 -22.69
CA THR B 467 11.49 -19.01 -21.91
C THR B 467 11.38 -18.73 -20.39
N LYS B 468 11.31 -17.46 -20.00
CA LYS B 468 11.17 -17.12 -18.58
C LYS B 468 9.92 -17.73 -17.95
N GLY B 469 9.01 -18.30 -18.74
CA GLY B 469 7.79 -18.87 -18.21
C GLY B 469 6.61 -17.92 -18.21
N TYR B 470 6.80 -16.68 -18.67
CA TYR B 470 5.77 -15.68 -18.46
C TYR B 470 4.57 -15.92 -19.37
N VAL B 471 4.81 -16.21 -20.63
CA VAL B 471 3.77 -16.23 -21.63
C VAL B 471 3.80 -17.57 -22.33
N SER B 472 2.63 -18.12 -22.59
CA SER B 472 2.49 -19.37 -23.31
C SER B 472 1.56 -19.13 -24.49
N ALA B 473 1.75 -19.91 -25.55
CA ALA B 473 1.06 -19.66 -26.81
C ALA B 473 -0.43 -19.41 -26.60
N GLY B 474 -0.89 -18.28 -27.13
CA GLY B 474 -2.26 -17.84 -26.96
C GLY B 474 -2.42 -16.70 -25.99
N ASP B 475 -1.48 -16.53 -25.08
CA ASP B 475 -1.57 -15.42 -24.16
C ASP B 475 -1.28 -14.13 -24.91
N VAL B 476 -1.80 -13.01 -24.39
CA VAL B 476 -1.59 -11.72 -25.04
C VAL B 476 -0.47 -10.95 -24.34
N MET B 477 0.15 -10.06 -25.10
CA MET B 477 1.24 -9.22 -24.64
C MET B 477 1.00 -7.83 -25.16
N VAL B 478 1.55 -6.83 -24.49
CA VAL B 478 1.39 -5.44 -24.88
C VAL B 478 2.78 -4.95 -25.27
N ILE B 479 2.90 -4.41 -26.48
CA ILE B 479 4.19 -4.06 -27.05
C ILE B 479 4.19 -2.54 -27.11
N VAL B 480 5.30 -1.92 -26.76
CA VAL B 480 5.34 -0.46 -26.72
C VAL B 480 6.70 -0.02 -27.23
N HIS B 481 6.73 0.51 -28.45
CA HIS B 481 7.98 1.04 -29.00
C HIS B 481 7.59 2.22 -29.87
N ALA B 482 8.59 2.82 -30.53
CA ALA B 482 8.53 4.09 -31.24
C ALA B 482 8.49 3.82 -32.75
N ASP B 483 8.14 4.87 -33.53
CA ASP B 483 7.86 4.78 -34.96
C ASP B 483 9.17 4.95 -35.72
N HIS B 484 9.15 4.60 -37.02
CA HIS B 484 10.09 4.99 -38.07
C HIS B 484 10.46 6.47 -38.13
N SER B 485 9.48 7.33 -37.86
CA SER B 485 9.67 8.78 -37.76
C SER B 485 8.94 9.29 -36.51
N VAL B 486 9.68 9.41 -35.40
CA VAL B 486 9.27 10.13 -34.20
C VAL B 486 10.54 10.83 -33.71
N LYS B 487 10.53 11.43 -32.51
CA LYS B 487 11.63 12.31 -32.08
C LYS B 487 12.44 11.75 -30.90
N GLY B 488 12.41 10.42 -30.70
CA GLY B 488 13.20 9.77 -29.66
C GLY B 488 12.47 9.53 -28.35
N TYR B 489 11.35 8.82 -28.42
CA TYR B 489 10.49 8.44 -27.30
C TYR B 489 9.37 7.55 -27.83
N PRO B 490 8.74 6.70 -27.03
CA PRO B 490 7.73 5.81 -27.60
C PRO B 490 6.45 6.57 -27.90
N ASN B 491 5.74 6.11 -28.95
CA ASN B 491 4.49 6.74 -29.35
C ASN B 491 3.50 5.75 -29.91
N GLN B 492 3.86 4.49 -30.07
CA GLN B 492 2.94 3.51 -30.60
C GLN B 492 2.90 2.27 -29.73
N THR B 493 1.78 1.58 -29.80
CA THR B 493 1.61 0.39 -29.00
C THR B 493 0.80 -0.66 -29.76
N ARG B 494 1.20 -1.92 -29.60
CA ARG B 494 0.66 -3.06 -30.32
C ARG B 494 0.17 -4.09 -29.31
N LEU B 495 -0.94 -4.75 -29.62
CA LEU B 495 -1.45 -5.86 -28.81
C LEU B 495 -1.33 -7.14 -29.62
N VAL B 496 -0.57 -8.12 -29.08
CA VAL B 496 -0.10 -9.30 -29.78
C VAL B 496 -0.56 -10.55 -29.07
N ARG B 497 -1.11 -11.48 -29.82
CA ARG B 497 -1.39 -12.81 -29.31
C ARG B 497 -0.21 -13.73 -29.65
N VAL B 498 0.35 -14.40 -28.65
CA VAL B 498 1.55 -15.19 -28.88
C VAL B 498 1.15 -16.50 -29.55
N ARG B 499 1.92 -16.91 -30.54
CA ARG B 499 1.62 -18.12 -31.28
C ARG B 499 2.78 -19.09 -31.12
N GLU B 500 2.54 -20.34 -31.50
CA GLU B 500 3.56 -21.39 -31.43
C GLU B 500 4.62 -21.14 -32.51
N ASN B 501 5.83 -20.78 -32.08
CA ASN B 501 6.94 -20.61 -33.01
C ASN B 501 8.24 -21.09 -32.39
N SER C 2 -26.14 3.38 -15.70
CA SER C 2 -26.10 4.26 -16.87
C SER C 2 -27.42 4.12 -17.59
N GLN C 3 -27.83 5.21 -18.25
CA GLN C 3 -29.02 5.11 -19.07
C GLN C 3 -28.84 4.04 -20.14
N LEU C 4 -27.77 4.14 -20.94
CA LEU C 4 -27.49 3.11 -21.95
C LEU C 4 -27.81 1.71 -21.45
N GLN C 5 -27.37 1.42 -20.23
CA GLN C 5 -27.60 0.10 -19.67
C GLN C 5 -29.07 -0.13 -19.38
N HIS C 6 -29.74 0.91 -18.88
CA HIS C 6 -31.17 0.80 -18.65
C HIS C 6 -31.92 0.54 -19.94
N ASN C 7 -31.62 1.33 -20.97
CA ASN C 7 -32.34 1.27 -22.25
C ASN C 7 -32.39 -0.14 -22.81
N ILE C 8 -31.24 -0.82 -22.83
CA ILE C 8 -31.18 -2.16 -23.41
C ILE C 8 -31.95 -3.16 -22.57
N GLY C 9 -32.38 -2.78 -21.38
CA GLY C 9 -33.26 -3.61 -20.61
C GLY C 9 -34.73 -3.36 -20.79
N LEU C 10 -35.13 -2.41 -21.63
CA LEU C 10 -36.54 -2.06 -21.74
C LEU C 10 -37.33 -3.04 -22.61
N SER C 11 -38.55 -3.35 -22.17
CA SER C 11 -39.45 -4.18 -22.95
C SER C 11 -40.81 -3.50 -23.08
N ILE C 12 -41.31 -3.39 -24.33
CA ILE C 12 -42.61 -2.80 -24.61
C ILE C 12 -43.75 -3.65 -24.06
N PHE C 13 -43.54 -4.95 -23.94
CA PHE C 13 -44.51 -5.93 -23.49
C PHE C 13 -44.58 -6.03 -21.98
N GLU C 14 -43.72 -5.33 -21.30
CA GLU C 14 -43.91 -5.46 -19.88
C GLU C 14 -44.81 -4.33 -19.38
N PRO C 15 -45.80 -4.59 -18.52
CA PRO C 15 -46.57 -3.47 -17.96
C PRO C 15 -45.72 -2.65 -17.04
N VAL C 16 -45.90 -1.34 -17.11
CA VAL C 16 -45.14 -0.44 -16.24
C VAL C 16 -45.85 -0.38 -14.90
N ALA C 17 -45.04 -0.22 -13.86
CA ALA C 17 -45.54 -0.25 -12.50
C ALA C 17 -44.95 0.90 -11.74
N LYS C 18 -44.82 2.03 -12.42
CA LYS C 18 -44.42 3.26 -11.75
C LYS C 18 -45.67 3.91 -11.15
N HIS C 19 -45.46 4.78 -10.17
CA HIS C 19 -46.47 5.77 -9.80
C HIS C 19 -46.16 7.09 -10.51
N ARG C 20 -47.18 7.69 -11.12
CA ARG C 20 -46.95 8.89 -11.91
C ARG C 20 -46.23 9.95 -11.07
N ALA C 21 -45.09 10.41 -11.55
CA ALA C 21 -44.36 11.35 -10.72
C ALA C 21 -44.49 12.80 -11.16
N ASN C 22 -44.60 13.06 -12.46
CA ASN C 22 -44.79 14.43 -12.88
C ASN C 22 -46.23 14.84 -12.70
N ARG C 23 -46.47 16.14 -12.88
CA ARG C 23 -47.78 16.72 -12.63
C ARG C 23 -48.30 17.40 -13.89
N ILE C 24 -49.63 17.51 -13.96
CA ILE C 24 -50.28 18.02 -15.16
C ILE C 24 -51.07 19.29 -14.81
N ILE C 25 -50.82 20.37 -15.56
CA ILE C 25 -51.56 21.62 -15.44
C ILE C 25 -52.49 21.77 -16.65
N CYS C 26 -53.77 22.05 -16.37
CA CYS C 26 -54.83 22.18 -17.36
C CYS C 26 -55.39 23.61 -17.36
N THR C 27 -55.61 24.17 -18.55
CA THR C 27 -56.28 25.47 -18.67
C THR C 27 -57.78 25.26 -18.79
N ILE C 28 -58.54 26.10 -18.12
CA ILE C 28 -59.97 25.89 -18.11
C ILE C 28 -60.59 26.83 -19.12
N GLY C 29 -61.56 26.33 -19.85
CA GLY C 29 -62.26 27.12 -20.85
C GLY C 29 -63.61 26.53 -21.19
N PRO C 30 -64.15 26.90 -22.36
CA PRO C 30 -65.50 26.45 -22.72
C PRO C 30 -65.70 24.95 -22.61
N SER C 31 -64.69 24.11 -22.87
CA SER C 31 -64.92 22.67 -22.82
C SER C 31 -65.00 22.12 -21.41
N THR C 32 -64.53 22.85 -20.39
CA THR C 32 -64.23 22.21 -19.11
C THR C 32 -64.62 22.99 -17.88
N GLN C 33 -65.15 24.20 -18.01
CA GLN C 33 -65.40 25.02 -16.84
C GLN C 33 -66.51 24.49 -15.96
N SER C 34 -67.37 23.63 -16.48
CA SER C 34 -68.45 23.11 -15.65
C SER C 34 -67.91 22.27 -14.50
N VAL C 35 -68.62 22.30 -13.37
CA VAL C 35 -68.20 21.51 -12.22
C VAL C 35 -68.04 20.03 -12.58
N GLU C 36 -69.00 19.47 -13.33
CA GLU C 36 -68.89 18.08 -13.74
C GLU C 36 -67.76 17.86 -14.73
N ALA C 37 -67.50 18.84 -15.59
CA ALA C 37 -66.37 18.71 -16.50
C ALA C 37 -65.06 18.79 -15.73
N LEU C 38 -65.00 19.69 -14.74
CA LEU C 38 -63.81 19.77 -13.91
C LEU C 38 -63.53 18.47 -13.19
N LYS C 39 -64.52 17.95 -12.46
CA LYS C 39 -64.31 16.70 -11.76
C LYS C 39 -63.65 15.66 -12.64
N GLY C 40 -64.10 15.56 -13.88
CA GLY C 40 -63.51 14.60 -14.81
C GLY C 40 -62.07 14.90 -15.17
N LEU C 41 -61.73 16.18 -15.32
CA LEU C 41 -60.34 16.53 -15.55
C LEU C 41 -59.52 16.20 -14.34
N MET C 42 -60.12 16.28 -13.15
CA MET C 42 -59.40 15.91 -11.95
C MET C 42 -59.18 14.41 -11.92
N LYS C 43 -60.26 13.61 -11.88
CA LYS C 43 -60.07 12.16 -11.95
C LYS C 43 -59.10 11.78 -13.06
N SER C 44 -59.03 12.57 -14.11
CA SER C 44 -58.14 12.26 -15.22
C SER C 44 -56.70 12.59 -14.92
N GLY C 45 -56.43 13.42 -13.93
CA GLY C 45 -55.07 13.73 -13.55
C GLY C 45 -54.67 15.19 -13.50
N MET C 46 -55.63 16.11 -13.32
CA MET C 46 -55.28 17.51 -13.23
C MET C 46 -54.78 17.84 -11.82
N SER C 47 -53.75 18.66 -11.76
CA SER C 47 -53.24 19.09 -10.48
C SER C 47 -53.34 20.57 -10.31
N VAL C 48 -53.22 21.31 -11.36
CA VAL C 48 -53.35 22.75 -11.30
C VAL C 48 -54.29 23.16 -12.41
N ALA C 49 -55.19 24.10 -12.09
CA ALA C 49 -56.15 24.66 -13.02
C ALA C 49 -55.67 26.06 -13.41
N ARG C 50 -55.34 26.25 -14.68
CA ARG C 50 -54.82 27.53 -15.14
C ARG C 50 -55.99 28.36 -15.65
N MET C 51 -55.98 29.66 -15.32
CA MET C 51 -56.93 30.63 -15.86
C MET C 51 -56.11 31.56 -16.74
N ASN C 52 -56.30 31.48 -18.06
CA ASN C 52 -55.65 32.46 -18.92
C ASN C 52 -56.49 33.72 -18.79
N PHE C 53 -55.94 34.70 -18.08
CA PHE C 53 -56.58 35.99 -17.94
C PHE C 53 -56.38 36.84 -19.17
N SER C 54 -55.68 36.33 -20.18
CA SER C 54 -55.58 37.04 -21.44
C SER C 54 -56.97 37.23 -22.07
N HIS C 55 -57.93 36.41 -21.65
CA HIS C 55 -59.32 36.42 -22.08
C HIS C 55 -60.16 36.13 -20.85
N GLY C 56 -61.31 36.77 -20.72
CA GLY C 56 -62.23 36.41 -19.65
C GLY C 56 -62.48 37.52 -18.66
N SER C 57 -63.70 37.58 -18.11
CA SER C 57 -64.06 38.55 -17.10
C SER C 57 -63.90 37.97 -15.70
N TYR C 58 -63.85 38.88 -14.71
CA TYR C 58 -63.84 38.44 -13.31
C TYR C 58 -65.02 37.53 -13.05
N GLU C 59 -66.16 37.85 -13.64
CA GLU C 59 -67.30 36.97 -13.47
C GLU C 59 -67.02 35.57 -14.08
N TYR C 60 -66.27 35.51 -15.18
CA TYR C 60 -65.91 34.22 -15.75
C TYR C 60 -64.93 33.49 -14.87
N HIS C 61 -63.88 34.18 -14.45
CA HIS C 61 -62.85 33.50 -13.69
C HIS C 61 -63.34 33.17 -12.29
N GLN C 62 -64.08 34.07 -11.67
CA GLN C 62 -64.74 33.72 -10.43
C GLN C 62 -65.48 32.40 -10.56
N THR C 63 -66.12 32.18 -11.72
CA THR C 63 -66.85 30.94 -11.93
C THR C 63 -65.89 29.73 -11.99
N THR C 64 -64.77 29.83 -12.72
CA THR C 64 -63.83 28.71 -12.73
C THR C 64 -63.31 28.47 -11.31
N ILE C 65 -63.01 29.55 -10.58
CA ILE C 65 -62.52 29.45 -9.20
C ILE C 65 -63.51 28.70 -8.34
N ASN C 66 -64.77 29.16 -8.32
CA ASN C 66 -65.73 28.54 -7.42
C ASN C 66 -66.07 27.14 -7.86
N ASN C 67 -65.94 26.86 -9.16
CA ASN C 67 -66.20 25.52 -9.66
C ASN C 67 -65.09 24.54 -9.37
N VAL C 68 -63.83 24.93 -9.62
CA VAL C 68 -62.76 23.96 -9.36
C VAL C 68 -62.74 23.63 -7.88
N ARG C 69 -63.11 24.60 -7.04
CA ARG C 69 -63.23 24.33 -5.61
C ARG C 69 -64.33 23.33 -5.32
N ALA C 70 -65.54 23.57 -5.85
CA ALA C 70 -66.64 22.67 -5.54
C ALA C 70 -66.36 21.26 -6.05
N ALA C 71 -65.68 21.17 -7.20
CA ALA C 71 -65.32 19.87 -7.74
C ALA C 71 -64.33 19.16 -6.84
N ALA C 72 -63.24 19.85 -6.47
CA ALA C 72 -62.24 19.24 -5.62
C ALA C 72 -62.82 18.83 -4.27
N ALA C 73 -63.55 19.74 -3.63
CA ALA C 73 -64.12 19.39 -2.34
C ALA C 73 -64.97 18.15 -2.44
N GLU C 74 -65.69 18.00 -3.56
CA GLU C 74 -66.42 16.76 -3.83
C GLU C 74 -65.47 15.57 -3.92
N LEU C 75 -64.36 15.74 -4.62
CA LEU C 75 -63.45 14.63 -4.72
C LEU C 75 -62.45 14.57 -3.56
N GLY C 76 -62.55 15.47 -2.59
CA GLY C 76 -61.57 15.44 -1.52
C GLY C 76 -60.15 15.65 -2.01
N LEU C 77 -59.98 16.56 -2.95
CA LEU C 77 -58.69 16.77 -3.54
C LEU C 77 -58.15 18.14 -3.13
N HIS C 78 -56.86 18.30 -3.26
CA HIS C 78 -56.24 19.62 -3.23
C HIS C 78 -55.76 19.93 -4.64
N ILE C 79 -56.52 20.79 -5.32
CA ILE C 79 -56.14 21.24 -6.65
C ILE C 79 -55.72 22.69 -6.51
N GLY C 80 -54.55 23.01 -7.04
CA GLY C 80 -54.12 24.38 -7.07
C GLY C 80 -54.78 25.14 -8.21
N ILE C 81 -54.97 26.44 -8.00
CA ILE C 81 -55.43 27.35 -9.04
C ILE C 81 -54.29 28.29 -9.40
N ALA C 82 -54.01 28.41 -10.69
CA ALA C 82 -52.99 29.32 -11.17
C ALA C 82 -53.64 30.44 -11.95
N LEU C 83 -53.05 31.62 -11.88
CA LEU C 83 -53.55 32.78 -12.59
C LEU C 83 -52.47 33.22 -13.56
N ASP C 84 -52.75 33.05 -14.85
CA ASP C 84 -51.83 33.40 -15.92
C ASP C 84 -52.11 34.82 -16.40
N THR C 85 -51.16 35.73 -16.18
CA THR C 85 -51.41 37.14 -16.47
C THR C 85 -51.62 37.38 -17.98
N LYS C 86 -52.41 38.42 -18.29
CA LYS C 86 -52.52 38.83 -19.69
C LYS C 86 -51.17 39.29 -20.21
N GLY C 87 -50.45 40.07 -19.44
CA GLY C 87 -49.11 40.40 -19.83
C GLY C 87 -49.08 41.56 -20.79
N PRO C 88 -47.88 42.02 -21.11
CA PRO C 88 -47.71 43.17 -21.98
C PRO C 88 -47.72 42.63 -23.40
N GLU C 89 -48.93 42.41 -23.92
CA GLU C 89 -49.14 41.72 -25.18
C GLU C 89 -50.08 42.52 -26.08
N ILE C 90 -49.55 42.97 -27.22
CA ILE C 90 -50.33 43.69 -28.23
C ILE C 90 -51.39 42.78 -28.82
N ARG C 91 -52.64 43.22 -28.74
CA ARG C 91 -53.78 42.40 -29.15
C ARG C 91 -54.54 43.13 -30.25
N THR C 92 -55.19 42.36 -31.14
CA THR C 92 -55.75 42.86 -32.40
C THR C 92 -57.21 43.26 -32.33
N GLY C 93 -57.69 43.78 -31.19
CA GLY C 93 -59.11 44.03 -31.09
C GLY C 93 -59.92 42.79 -31.39
N LEU C 94 -61.14 42.99 -31.92
CA LEU C 94 -62.04 41.89 -32.20
C LEU C 94 -62.52 42.03 -33.63
N PHE C 95 -62.68 40.91 -34.30
CA PHE C 95 -62.98 40.91 -35.73
C PHE C 95 -64.44 40.54 -35.94
N LYS C 96 -65.19 41.41 -36.62
CA LYS C 96 -66.60 41.17 -36.83
C LYS C 96 -66.84 40.03 -37.81
N ASP C 97 -68.01 39.40 -37.70
CA ASP C 97 -68.32 38.10 -38.29
C ASP C 97 -67.27 37.05 -37.92
N GLY C 98 -66.45 37.32 -36.91
CA GLY C 98 -65.41 36.46 -36.35
C GLY C 98 -64.07 36.45 -37.08
N GLU C 99 -64.12 36.55 -38.41
CA GLU C 99 -62.93 36.40 -39.24
C GLU C 99 -62.98 37.36 -40.44
N ALA C 100 -61.81 37.55 -41.04
CA ALA C 100 -61.63 38.33 -42.25
C ALA C 100 -60.26 37.98 -42.81
N THR C 101 -60.18 37.84 -44.13
CA THR C 101 -58.96 37.38 -44.77
C THR C 101 -58.45 38.41 -45.77
N TYR C 102 -57.13 38.39 -45.96
CA TYR C 102 -56.37 39.35 -46.75
C TYR C 102 -55.48 38.63 -47.76
N ALA C 103 -55.27 39.27 -48.91
CA ALA C 103 -54.41 38.80 -50.00
C ALA C 103 -53.31 39.82 -50.29
N PRO C 104 -52.12 39.40 -50.73
CA PRO C 104 -51.03 40.37 -50.88
C PRO C 104 -51.37 41.45 -51.89
N GLY C 105 -50.91 42.67 -51.61
CA GLY C 105 -51.28 43.82 -52.40
C GLY C 105 -52.51 44.55 -51.91
N ASP C 106 -53.22 44.04 -50.92
CA ASP C 106 -54.33 44.79 -50.35
C ASP C 106 -53.84 45.93 -49.47
N THR C 107 -54.72 46.90 -49.25
CA THR C 107 -54.45 48.01 -48.35
C THR C 107 -55.38 47.87 -47.16
N VAL C 108 -54.80 47.87 -45.97
CA VAL C 108 -55.56 47.75 -44.73
C VAL C 108 -55.09 48.82 -43.77
N LEU C 109 -56.05 49.54 -43.18
CA LEU C 109 -55.73 50.51 -42.15
C LEU C 109 -55.62 49.80 -40.81
N VAL C 110 -54.73 50.30 -39.98
CA VAL C 110 -54.50 49.77 -38.67
C VAL C 110 -54.67 50.94 -37.73
N THR C 111 -55.79 50.98 -37.03
CA THR C 111 -56.08 52.14 -36.22
C THR C 111 -55.92 51.83 -34.74
N THR C 112 -55.62 52.88 -34.01
CA THR C 112 -55.56 52.87 -32.56
C THR C 112 -56.71 53.66 -31.94
N ASP C 113 -57.61 54.22 -32.78
CA ASP C 113 -58.84 54.94 -32.39
C ASP C 113 -59.77 53.98 -31.65
N PRO C 114 -60.09 54.23 -30.37
CA PRO C 114 -60.71 53.18 -29.55
C PRO C 114 -61.97 52.60 -30.15
N ALA C 115 -62.57 53.29 -31.11
CA ALA C 115 -63.67 52.72 -31.87
C ALA C 115 -63.17 51.49 -32.62
N PHE C 116 -64.10 50.82 -33.28
CA PHE C 116 -63.82 49.68 -34.15
C PHE C 116 -63.30 48.48 -33.36
N GLU C 117 -63.30 48.56 -32.02
CA GLU C 117 -62.72 47.50 -31.21
C GLU C 117 -63.42 46.16 -31.45
N LYS C 118 -64.73 46.21 -31.73
CA LYS C 118 -65.53 45.01 -31.98
C LYS C 118 -65.91 44.86 -33.43
N ILE C 119 -65.83 45.93 -34.21
CA ILE C 119 -66.22 45.90 -35.61
C ILE C 119 -65.16 45.27 -36.51
N GLY C 120 -64.02 45.93 -36.62
CA GLY C 120 -62.85 45.45 -37.33
C GLY C 120 -62.33 44.85 -38.62
N THR C 121 -62.93 45.25 -39.73
CA THR C 121 -63.18 44.64 -41.02
C THR C 121 -61.86 44.31 -41.68
N LYS C 122 -61.94 43.55 -42.76
CA LYS C 122 -60.77 43.38 -43.62
C LYS C 122 -60.14 44.71 -44.01
N GLU C 123 -60.85 45.83 -43.85
CA GLU C 123 -60.42 47.13 -44.34
C GLU C 123 -59.71 47.97 -43.28
N LYS C 124 -60.23 48.00 -42.06
CA LYS C 124 -59.63 48.77 -40.97
C LYS C 124 -59.92 48.06 -39.66
N PHE C 125 -58.89 47.84 -38.85
CA PHE C 125 -59.04 47.15 -37.57
C PHE C 125 -58.17 47.80 -36.50
N TYR C 126 -58.41 47.39 -35.27
CA TYR C 126 -57.91 48.06 -34.07
C TYR C 126 -56.76 47.25 -33.48
N VAL C 127 -55.89 47.96 -32.77
CA VAL C 127 -54.72 47.37 -32.12
C VAL C 127 -54.53 47.97 -30.73
N ASP C 128 -53.89 47.19 -29.86
CA ASP C 128 -53.82 47.55 -28.45
C ASP C 128 -52.89 48.74 -28.20
N TYR C 129 -51.72 48.79 -28.86
CA TYR C 129 -50.73 49.85 -28.60
C TYR C 129 -51.20 51.23 -29.03
N PRO C 130 -51.34 52.17 -28.11
CA PRO C 130 -51.90 53.48 -28.50
C PRO C 130 -50.91 54.32 -29.29
N GLN C 131 -49.62 54.27 -28.97
CA GLN C 131 -48.64 55.09 -29.64
C GLN C 131 -48.07 54.40 -30.87
N LEU C 132 -48.77 53.37 -31.38
CA LEU C 132 -48.38 52.71 -32.63
C LEU C 132 -48.20 53.66 -33.82
N PRO C 133 -49.06 54.66 -34.06
CA PRO C 133 -48.79 55.59 -35.18
C PRO C 133 -47.49 56.36 -35.03
N ASN C 134 -47.11 56.75 -33.80
CA ASN C 134 -45.91 57.56 -33.61
C ASN C 134 -44.62 56.74 -33.60
N VAL C 135 -44.66 55.43 -33.42
CA VAL C 135 -43.45 54.62 -33.28
C VAL C 135 -43.06 53.92 -34.57
N VAL C 136 -43.96 53.15 -35.17
CA VAL C 136 -43.65 52.49 -36.43
C VAL C 136 -43.80 53.51 -37.55
N ARG C 137 -42.69 53.84 -38.19
CA ARG C 137 -42.60 54.82 -39.28
C ARG C 137 -42.76 54.10 -40.61
N PRO C 138 -42.99 54.84 -41.71
CA PRO C 138 -43.13 54.21 -43.04
C PRO C 138 -42.08 53.14 -43.33
N GLY C 139 -42.49 52.06 -43.99
CA GLY C 139 -41.59 50.97 -44.29
C GLY C 139 -41.37 49.98 -43.17
N GLY C 140 -41.71 50.34 -41.93
CA GLY C 140 -41.53 49.42 -40.83
C GLY C 140 -42.35 48.15 -41.01
N LEU C 141 -41.90 47.07 -40.37
CA LEU C 141 -42.49 45.75 -40.54
C LEU C 141 -43.30 45.41 -39.30
N ILE C 142 -44.57 45.06 -39.50
CA ILE C 142 -45.50 44.73 -38.43
C ILE C 142 -45.96 43.29 -38.59
N TYR C 143 -45.60 42.45 -37.64
CA TYR C 143 -45.90 41.02 -37.68
C TYR C 143 -47.14 40.76 -36.86
N VAL C 144 -48.12 40.12 -37.48
CA VAL C 144 -49.41 39.87 -36.87
C VAL C 144 -49.48 38.37 -36.56
N ASP C 145 -50.44 37.99 -35.73
CA ASP C 145 -50.56 36.63 -35.17
C ASP C 145 -49.30 36.28 -34.38
N ASP C 146 -48.53 35.27 -34.79
CA ASP C 146 -47.27 34.88 -34.14
C ASP C 146 -46.16 34.88 -35.19
N GLY C 147 -45.90 36.07 -35.74
CA GLY C 147 -44.97 36.24 -36.84
C GLY C 147 -45.49 35.79 -38.18
N VAL C 148 -46.76 35.39 -38.26
CA VAL C 148 -47.30 34.77 -39.46
C VAL C 148 -47.57 35.79 -40.56
N LEU C 149 -48.30 36.86 -40.24
CA LEU C 149 -48.57 37.96 -41.17
C LEU C 149 -47.52 39.03 -41.06
N THR C 150 -47.06 39.52 -42.20
CA THR C 150 -46.23 40.70 -42.19
C THR C 150 -46.95 41.79 -42.98
N LEU C 151 -46.80 43.02 -42.50
CA LEU C 151 -47.37 44.21 -43.11
C LEU C 151 -46.23 45.21 -43.23
N ARG C 152 -46.31 46.10 -44.21
CA ARG C 152 -45.36 47.20 -44.32
C ARG C 152 -46.05 48.54 -44.14
N VAL C 153 -45.55 49.34 -43.20
CA VAL C 153 -46.14 50.65 -42.96
C VAL C 153 -45.87 51.53 -44.17
N LEU C 154 -46.94 52.04 -44.78
CA LEU C 154 -46.87 52.95 -45.91
C LEU C 154 -47.31 54.37 -45.60
N SER C 155 -48.40 54.56 -44.86
CA SER C 155 -49.04 55.87 -44.75
C SER C 155 -49.18 56.33 -43.31
N LYS C 156 -49.11 57.66 -43.14
CA LYS C 156 -49.33 58.31 -41.84
C LYS C 156 -50.81 58.42 -41.50
N GLU C 157 -51.64 58.74 -42.49
CA GLU C 157 -53.09 58.96 -42.31
C GLU C 157 -53.34 60.05 -41.27
N ASP C 158 -54.10 59.79 -40.22
CA ASP C 158 -54.41 60.73 -39.17
C ASP C 158 -53.53 60.45 -37.95
N ASP C 159 -53.84 61.11 -36.84
CA ASP C 159 -53.15 60.86 -35.59
C ASP C 159 -53.42 59.45 -35.04
N CYS C 160 -54.41 58.72 -35.58
CA CYS C 160 -54.78 57.43 -35.03
C CYS C 160 -54.92 56.31 -36.05
N THR C 161 -54.45 56.50 -37.28
CA THR C 161 -54.56 55.42 -38.25
C THR C 161 -53.32 55.37 -39.12
N LEU C 162 -53.01 54.16 -39.59
CA LEU C 162 -51.87 53.89 -40.45
C LEU C 162 -52.35 53.02 -41.59
N LYS C 163 -51.99 53.37 -42.83
CA LYS C 163 -52.33 52.57 -44.00
C LYS C 163 -51.16 51.65 -44.32
N CYS C 164 -51.43 50.34 -44.41
CA CYS C 164 -50.39 49.34 -44.51
C CYS C 164 -50.63 48.37 -45.65
N HIS C 165 -49.55 47.99 -46.32
CA HIS C 165 -49.58 47.01 -47.41
C HIS C 165 -49.44 45.62 -46.81
N VAL C 166 -50.30 44.71 -47.23
CA VAL C 166 -50.29 43.33 -46.73
C VAL C 166 -49.39 42.45 -47.61
N ASN C 167 -48.39 41.81 -46.98
CA ASN C 167 -47.43 40.92 -47.64
C ASN C 167 -47.67 39.47 -47.23
N ASN C 168 -48.86 38.94 -47.49
CA ASN C 168 -49.27 37.68 -46.87
C ASN C 168 -49.90 36.70 -47.83
N HIS C 169 -50.31 35.55 -47.25
CA HIS C 169 -51.55 34.84 -47.57
C HIS C 169 -51.98 34.11 -46.31
N HIS C 170 -52.99 34.62 -45.60
CA HIS C 170 -53.27 34.08 -44.28
C HIS C 170 -54.58 34.69 -43.79
N ARG C 171 -55.39 33.89 -43.11
CA ARG C 171 -56.63 34.35 -42.52
C ARG C 171 -56.42 34.54 -41.03
N LEU C 172 -56.95 35.64 -40.50
CA LEU C 172 -56.66 36.04 -39.13
C LEU C 172 -57.84 35.73 -38.22
N THR C 173 -57.55 35.48 -36.95
CA THR C 173 -58.57 35.21 -35.95
C THR C 173 -58.68 36.40 -35.00
N ASP C 174 -59.76 36.43 -34.24
CA ASP C 174 -60.04 37.62 -33.44
C ASP C 174 -59.05 37.72 -32.28
N ARG C 175 -58.73 38.96 -31.89
CA ARG C 175 -57.87 39.25 -30.74
C ARG C 175 -56.59 38.42 -30.74
N LYS C 176 -55.91 38.44 -31.88
CA LYS C 176 -54.57 37.85 -31.98
C LYS C 176 -53.50 38.81 -31.50
N GLY C 177 -52.26 38.36 -31.57
CA GLY C 177 -51.15 39.13 -31.09
C GLY C 177 -50.37 39.79 -32.21
N ILE C 178 -49.72 40.89 -31.88
CA ILE C 178 -48.72 41.50 -32.74
C ILE C 178 -47.41 41.42 -31.99
N ASN C 179 -46.35 41.09 -32.71
CA ASN C 179 -45.02 41.22 -32.15
C ASN C 179 -44.17 41.83 -33.27
N LEU C 180 -44.04 43.11 -33.20
CA LEU C 180 -43.30 43.96 -34.13
C LEU C 180 -41.85 44.06 -33.66
N PRO C 181 -40.88 43.74 -34.53
CA PRO C 181 -39.48 43.73 -34.10
C PRO C 181 -38.88 45.11 -33.81
N GLY C 182 -39.48 46.21 -34.26
CA GLY C 182 -38.91 47.50 -33.96
C GLY C 182 -38.80 47.75 -32.47
N CYS C 183 -37.86 48.60 -32.09
CA CYS C 183 -37.54 48.82 -30.69
C CYS C 183 -38.04 50.22 -30.38
N GLU C 184 -37.76 50.72 -29.16
CA GLU C 184 -38.42 51.86 -28.54
C GLU C 184 -39.89 51.54 -28.29
N VAL C 185 -40.12 50.39 -27.67
CA VAL C 185 -41.46 49.87 -27.51
C VAL C 185 -41.90 50.18 -26.10
N ASP C 186 -40.93 50.24 -25.20
CA ASP C 186 -41.16 50.56 -23.80
C ASP C 186 -42.16 49.68 -23.04
N LEU C 187 -41.89 48.38 -23.16
CA LEU C 187 -42.77 47.35 -22.63
C LEU C 187 -42.95 47.57 -21.14
N PRO C 188 -44.18 47.51 -20.64
CA PRO C 188 -44.37 47.42 -19.20
C PRO C 188 -44.03 46.03 -18.70
N ALA C 189 -43.85 45.94 -17.39
CA ALA C 189 -43.70 44.66 -16.72
C ALA C 189 -45.02 44.14 -16.18
N VAL C 190 -45.80 45.03 -15.56
CA VAL C 190 -47.14 44.75 -15.07
C VAL C 190 -48.00 45.94 -15.43
N SER C 191 -48.93 45.75 -16.37
CA SER C 191 -49.88 46.74 -16.82
C SER C 191 -50.91 47.01 -15.72
N GLU C 192 -51.63 48.11 -15.87
CA GLU C 192 -52.76 48.38 -14.98
C GLU C 192 -53.78 47.23 -14.98
N LYS C 193 -54.11 46.69 -16.16
CA LYS C 193 -54.98 45.52 -16.19
C LYS C 193 -54.37 44.41 -15.36
N ASP C 194 -53.09 44.12 -15.60
CA ASP C 194 -52.40 43.07 -14.87
C ASP C 194 -52.54 43.23 -13.35
N ARG C 195 -52.20 44.42 -12.85
CA ARG C 195 -52.25 44.68 -11.41
C ARG C 195 -53.63 44.38 -10.84
N LYS C 196 -54.68 44.91 -11.48
CA LYS C 196 -56.01 44.66 -10.94
C LYS C 196 -56.36 43.19 -11.06
N ASP C 197 -55.86 42.57 -12.12
CA ASP C 197 -56.07 41.11 -12.25
C ASP C 197 -55.36 40.44 -11.09
N LEU C 198 -54.11 40.82 -10.85
CA LEU C 198 -53.36 40.15 -9.78
C LEU C 198 -54.05 40.27 -8.42
N GLN C 199 -54.56 41.47 -8.07
CA GLN C 199 -55.29 41.65 -6.80
C GLN C 199 -56.50 40.73 -6.73
N PHE C 200 -57.29 40.71 -7.81
CA PHE C 200 -58.42 39.79 -7.87
C PHE C 200 -57.98 38.38 -7.53
N GLY C 201 -56.79 38.00 -8.01
CA GLY C 201 -56.24 36.71 -7.66
C GLY C 201 -55.97 36.57 -6.18
N VAL C 202 -55.22 37.52 -5.62
CA VAL C 202 -54.88 37.49 -4.20
C VAL C 202 -56.10 37.57 -3.34
N GLU C 203 -57.04 38.43 -3.72
CA GLU C 203 -58.27 38.60 -2.97
C GLU C 203 -59.08 37.31 -3.04
N GLN C 204 -58.98 36.57 -4.12
CA GLN C 204 -59.75 35.34 -4.22
C GLN C 204 -58.93 34.12 -3.79
N GLY C 205 -57.65 34.28 -3.51
CA GLY C 205 -56.86 33.20 -2.95
C GLY C 205 -56.26 32.24 -3.95
N VAL C 206 -55.79 32.75 -5.09
CA VAL C 206 -55.13 31.84 -6.00
C VAL C 206 -53.78 31.40 -5.41
N ASP C 207 -53.31 30.23 -5.86
CA ASP C 207 -52.07 29.66 -5.35
C ASP C 207 -50.83 30.08 -6.12
N MET C 208 -50.94 30.39 -7.40
CA MET C 208 -49.73 30.72 -8.13
C MET C 208 -50.06 31.67 -9.26
N ILE C 209 -49.04 32.43 -9.63
CA ILE C 209 -49.08 33.36 -10.74
C ILE C 209 -48.20 32.77 -11.83
N PHE C 210 -48.74 32.61 -13.02
CA PHE C 210 -47.88 32.37 -14.16
C PHE C 210 -47.58 33.75 -14.72
N ALA C 211 -46.47 34.33 -14.30
CA ALA C 211 -46.14 35.70 -14.72
C ALA C 211 -45.67 35.68 -16.17
N SER C 212 -46.38 36.45 -17.01
CA SER C 212 -46.20 36.41 -18.45
C SER C 212 -45.03 37.27 -18.89
N PHE C 213 -44.33 36.81 -19.91
CA PHE C 213 -43.31 37.60 -20.59
C PHE C 213 -42.33 38.23 -19.61
N ILE C 214 -41.70 37.38 -18.81
CA ILE C 214 -40.65 37.83 -17.87
C ILE C 214 -39.31 37.85 -18.60
N ARG C 215 -38.67 39.02 -18.55
CA ARG C 215 -37.37 39.21 -19.24
C ARG C 215 -36.27 39.38 -18.20
N THR C 216 -36.52 40.16 -17.15
CA THR C 216 -35.47 40.39 -16.19
C THR C 216 -35.93 39.97 -14.81
N ALA C 217 -34.94 39.89 -13.90
CA ALA C 217 -35.23 39.59 -12.50
C ALA C 217 -36.07 40.68 -11.88
N ASP C 218 -35.76 41.95 -12.21
CA ASP C 218 -36.56 43.04 -11.68
C ASP C 218 -38.03 42.82 -11.99
N GLN C 219 -38.34 42.28 -13.17
CA GLN C 219 -39.75 42.08 -13.46
C GLN C 219 -40.38 41.12 -12.48
N VAL C 220 -39.65 40.08 -12.10
CA VAL C 220 -40.19 39.17 -11.12
C VAL C 220 -40.43 39.89 -9.81
N ARG C 221 -39.55 40.83 -9.45
CA ARG C 221 -39.79 41.60 -8.24
C ARG C 221 -41.05 42.45 -8.34
N GLU C 222 -41.26 43.12 -9.49
CA GLU C 222 -42.47 43.92 -9.67
C GLU C 222 -43.72 43.07 -9.48
N VAL C 223 -43.77 41.92 -10.13
CA VAL C 223 -44.90 41.02 -9.94
C VAL C 223 -45.05 40.71 -8.46
N ARG C 224 -43.94 40.33 -7.81
CA ARG C 224 -43.93 40.07 -6.37
C ARG C 224 -44.43 41.26 -5.60
N ALA C 225 -43.87 42.42 -5.89
CA ALA C 225 -44.34 43.62 -5.23
C ALA C 225 -45.86 43.74 -5.39
N ALA C 226 -46.35 43.58 -6.63
CA ALA C 226 -47.76 43.84 -6.88
C ALA C 226 -48.66 42.97 -6.01
N LEU C 227 -48.25 41.75 -5.72
CA LEU C 227 -49.02 40.94 -4.79
C LEU C 227 -48.73 41.49 -3.42
N GLY C 228 -49.75 41.94 -2.70
CA GLY C 228 -49.52 42.58 -1.43
C GLY C 228 -48.98 41.66 -0.33
N GLU C 229 -49.05 42.15 0.90
CA GLU C 229 -48.68 41.28 2.01
C GLU C 229 -49.61 40.08 2.09
N LYS C 230 -50.88 40.25 1.69
CA LYS C 230 -51.76 39.10 1.60
C LYS C 230 -51.27 38.09 0.56
N GLY C 231 -50.53 38.54 -0.44
CA GLY C 231 -50.09 37.60 -1.45
C GLY C 231 -48.61 37.30 -1.41
N LYS C 232 -48.03 37.41 -0.22
CA LYS C 232 -46.60 37.12 -0.05
C LYS C 232 -46.31 35.63 -0.04
N ASP C 233 -47.34 34.81 0.20
CA ASP C 233 -47.23 33.36 0.21
C ASP C 233 -47.50 32.72 -1.13
N THR C 234 -48.05 33.47 -2.09
CA THR C 234 -48.42 32.87 -3.36
C THR C 234 -47.18 32.76 -4.22
N LEU C 235 -47.12 31.70 -5.04
CA LEU C 235 -45.95 31.48 -5.89
C LEU C 235 -46.01 32.36 -7.11
N ILE C 236 -44.84 32.77 -7.58
CA ILE C 236 -44.65 33.34 -8.90
C ILE C 236 -43.85 32.37 -9.75
N ILE C 237 -44.37 32.07 -10.92
CA ILE C 237 -43.67 31.25 -11.86
C ILE C 237 -43.47 32.14 -13.07
N SER C 238 -42.21 32.49 -13.32
CA SER C 238 -41.93 33.40 -14.41
C SER C 238 -41.97 32.59 -15.69
N LYS C 239 -42.82 33.03 -16.63
CA LYS C 239 -42.98 32.45 -17.95
C LYS C 239 -41.88 33.01 -18.83
N ILE C 240 -40.92 32.17 -19.18
CA ILE C 240 -39.83 32.56 -20.07
C ILE C 240 -40.30 32.33 -21.49
N GLU C 241 -40.42 33.40 -22.27
CA GLU C 241 -40.97 33.25 -23.61
C GLU C 241 -40.33 34.21 -24.61
N ASN C 242 -39.10 34.62 -24.38
CA ASN C 242 -38.44 35.39 -25.41
C ASN C 242 -36.95 35.25 -25.16
N HIS C 243 -36.15 35.79 -26.07
CA HIS C 243 -34.72 35.56 -25.96
C HIS C 243 -34.16 36.18 -24.68
N GLN C 244 -34.72 37.34 -24.27
CA GLN C 244 -34.28 37.97 -23.03
C GLN C 244 -34.53 37.07 -21.82
N GLY C 245 -35.66 36.36 -21.83
CA GLY C 245 -35.91 35.40 -20.77
C GLY C 245 -34.79 34.38 -20.62
N VAL C 246 -34.22 33.93 -21.74
CA VAL C 246 -33.15 32.96 -21.62
C VAL C 246 -31.85 33.67 -21.33
N GLN C 247 -31.67 34.88 -21.86
CA GLN C 247 -30.45 35.64 -21.57
C GLN C 247 -30.21 35.74 -20.07
N ASN C 248 -31.27 36.04 -19.32
CA ASN C 248 -31.20 36.35 -17.91
C ASN C 248 -31.66 35.19 -17.04
N ILE C 249 -31.62 33.97 -17.56
CA ILE C 249 -32.36 32.89 -16.92
C ILE C 249 -31.90 32.69 -15.50
N ASP C 250 -30.63 32.98 -15.24
CA ASP C 250 -30.09 32.73 -13.92
C ASP C 250 -30.66 33.70 -12.90
N ALA C 251 -30.63 35.00 -13.20
CA ALA C 251 -31.27 35.97 -12.32
C ALA C 251 -32.74 35.65 -12.10
N ILE C 252 -33.45 35.27 -13.17
CA ILE C 252 -34.89 35.05 -13.05
C ILE C 252 -35.19 33.83 -12.21
N ILE C 253 -34.39 32.76 -12.35
CA ILE C 253 -34.61 31.61 -11.48
C ILE C 253 -34.37 31.97 -10.01
N GLU C 254 -33.38 32.83 -9.75
CA GLU C 254 -33.13 33.29 -8.39
C GLU C 254 -34.32 34.03 -7.83
N ALA C 255 -34.90 34.91 -8.64
CA ALA C 255 -35.97 35.77 -8.15
C ALA C 255 -37.33 35.09 -8.18
N SER C 256 -37.47 34.00 -8.95
CA SER C 256 -38.75 33.34 -9.14
C SER C 256 -38.93 32.22 -8.15
N ASP C 257 -40.15 31.76 -8.04
CA ASP C 257 -40.39 30.51 -7.33
C ASP C 257 -40.29 29.33 -8.25
N GLY C 258 -40.46 29.56 -9.54
CA GLY C 258 -40.44 28.55 -10.57
C GLY C 258 -40.35 29.23 -11.93
N ILE C 259 -40.16 28.40 -12.96
CA ILE C 259 -40.02 28.86 -14.33
C ILE C 259 -41.03 28.08 -15.16
N MET C 260 -41.66 28.71 -16.14
CA MET C 260 -42.47 27.98 -17.12
C MET C 260 -41.88 28.22 -18.50
N VAL C 261 -41.57 27.14 -19.23
CA VAL C 261 -41.05 27.23 -20.59
C VAL C 261 -42.21 27.20 -21.57
N ALA C 262 -42.45 28.33 -22.20
CA ALA C 262 -43.44 28.45 -23.27
C ALA C 262 -42.69 28.25 -24.56
N ARG C 263 -42.72 27.05 -25.11
CA ARG C 263 -41.83 26.77 -26.23
C ARG C 263 -42.28 27.45 -27.51
N GLY C 264 -43.59 27.46 -27.77
CA GLY C 264 -44.16 28.17 -28.90
C GLY C 264 -43.81 29.65 -28.88
N ASP C 265 -44.25 30.38 -27.84
CA ASP C 265 -43.94 31.79 -27.77
C ASP C 265 -42.43 32.00 -27.97
N LEU C 266 -41.64 31.03 -27.55
CA LEU C 266 -40.19 31.14 -27.70
C LEU C 266 -39.79 30.93 -29.15
N GLY C 267 -40.51 30.09 -29.86
CA GLY C 267 -40.08 29.78 -31.21
C GLY C 267 -40.13 30.95 -32.14
N VAL C 268 -40.87 32.01 -31.78
CA VAL C 268 -41.04 33.12 -32.72
C VAL C 268 -39.74 33.89 -32.88
N GLU C 269 -38.87 33.88 -31.87
CA GLU C 269 -37.67 34.70 -31.91
C GLU C 269 -36.40 33.92 -32.23
N ILE C 270 -36.34 32.64 -31.83
CA ILE C 270 -35.12 31.83 -31.90
C ILE C 270 -35.41 30.56 -32.72
N PRO C 271 -34.41 29.99 -33.38
CA PRO C 271 -34.67 28.87 -34.27
C PRO C 271 -35.16 27.67 -33.49
N ALA C 272 -35.77 26.73 -34.21
CA ALA C 272 -36.32 25.54 -33.57
C ALA C 272 -35.24 24.71 -32.89
N GLU C 273 -34.09 24.51 -33.56
CA GLU C 273 -33.00 23.75 -32.94
C GLU C 273 -32.60 24.36 -31.59
N LYS C 274 -32.64 25.68 -31.48
CA LYS C 274 -32.17 26.31 -30.26
C LYS C 274 -33.22 26.19 -29.15
N VAL C 275 -34.50 26.25 -29.51
CA VAL C 275 -35.56 25.99 -28.54
C VAL C 275 -35.34 24.64 -27.89
N VAL C 276 -34.86 23.66 -28.65
CA VAL C 276 -34.66 22.31 -28.13
C VAL C 276 -33.63 22.33 -27.02
N VAL C 277 -32.49 22.97 -27.30
CA VAL C 277 -31.40 23.12 -26.35
C VAL C 277 -31.84 23.98 -25.16
N ALA C 278 -32.32 25.19 -25.46
CA ALA C 278 -32.75 26.14 -24.46
C ALA C 278 -33.69 25.53 -23.41
N GLN C 279 -34.53 24.57 -23.80
CA GLN C 279 -35.43 23.92 -22.84
C GLN C 279 -34.64 23.06 -21.88
N MET C 280 -33.72 22.24 -22.42
CA MET C 280 -32.76 21.46 -21.64
C MET C 280 -32.00 22.33 -20.67
N CYS C 281 -31.53 23.48 -21.16
CA CYS C 281 -30.79 24.40 -20.31
C CYS C 281 -31.68 24.96 -19.20
N ILE C 282 -32.83 25.54 -19.55
CA ILE C 282 -33.74 26.08 -18.54
C ILE C 282 -34.19 24.98 -17.57
N ILE C 283 -34.65 23.84 -18.08
CA ILE C 283 -35.20 22.83 -17.18
C ILE C 283 -34.13 22.34 -16.22
N SER C 284 -32.89 22.20 -16.69
CA SER C 284 -31.89 21.63 -15.82
C SER C 284 -31.38 22.66 -14.79
N LYS C 285 -31.17 23.91 -15.22
CA LYS C 285 -30.93 24.99 -14.26
C LYS C 285 -31.97 25.04 -13.17
N CYS C 286 -33.22 24.68 -13.46
CA CYS C 286 -34.23 24.67 -12.41
C CYS C 286 -34.05 23.48 -11.48
N ASN C 287 -33.84 22.27 -12.03
CA ASN C 287 -33.59 21.08 -11.19
C ASN C 287 -32.47 21.34 -10.20
N VAL C 288 -31.37 21.91 -10.70
CA VAL C 288 -30.21 22.22 -9.87
C VAL C 288 -30.59 23.21 -8.80
N ALA C 289 -31.36 24.21 -9.15
CA ALA C 289 -31.83 25.12 -8.13
C ALA C 289 -32.98 24.56 -7.35
N GLY C 290 -33.43 23.36 -7.62
CA GLY C 290 -34.47 22.80 -6.78
C GLY C 290 -35.77 23.57 -6.72
N LYS C 291 -36.16 24.24 -7.83
CA LYS C 291 -37.38 24.98 -8.13
C LYS C 291 -38.16 24.31 -9.26
N PRO C 292 -39.49 24.32 -9.23
CA PRO C 292 -40.26 23.62 -10.28
C PRO C 292 -40.13 24.32 -11.63
N VAL C 293 -40.14 23.53 -12.68
CA VAL C 293 -40.14 24.06 -14.04
C VAL C 293 -41.25 23.35 -14.79
N ILE C 294 -41.90 24.07 -15.72
CA ILE C 294 -43.10 23.61 -16.43
C ILE C 294 -42.92 23.75 -17.93
N CYS C 295 -43.42 22.79 -18.71
CA CYS C 295 -43.49 22.91 -20.16
C CYS C 295 -44.90 23.17 -20.66
N ALA C 296 -45.04 24.13 -21.57
CA ALA C 296 -46.33 24.81 -21.66
C ALA C 296 -46.99 24.70 -23.02
N THR C 297 -46.30 25.08 -24.07
CA THR C 297 -47.00 25.23 -25.32
C THR C 297 -46.83 23.97 -26.14
N GLN C 298 -47.53 23.93 -27.27
CA GLN C 298 -47.33 22.92 -28.29
C GLN C 298 -47.36 21.47 -27.77
N MET C 299 -48.22 21.18 -26.80
CA MET C 299 -48.16 19.83 -26.25
C MET C 299 -48.81 18.62 -26.88
N LEU C 300 -50.13 18.53 -26.87
CA LEU C 300 -50.77 17.54 -27.73
C LEU C 300 -51.77 18.27 -28.57
N GLU C 301 -51.25 19.24 -29.31
CA GLU C 301 -52.08 20.29 -29.86
C GLU C 301 -53.09 19.73 -30.85
N SER C 302 -52.63 18.85 -31.75
CA SER C 302 -53.50 18.23 -32.74
C SER C 302 -54.64 17.47 -32.09
N MET C 303 -54.52 17.16 -30.82
CA MET C 303 -55.56 16.47 -30.09
C MET C 303 -56.59 17.44 -29.50
N THR C 304 -56.52 18.73 -29.88
CA THR C 304 -57.66 19.60 -29.58
C THR C 304 -58.90 19.16 -30.34
N THR C 305 -58.70 18.73 -31.58
CA THR C 305 -59.76 18.38 -32.51
C THR C 305 -59.73 16.93 -33.00
N ASN C 306 -58.63 16.22 -32.86
CA ASN C 306 -58.53 14.84 -33.27
C ASN C 306 -58.39 13.96 -32.05
N PRO C 307 -58.80 12.69 -32.10
CA PRO C 307 -58.75 11.85 -30.89
C PRO C 307 -57.39 11.18 -30.63
N ARG C 308 -56.38 11.45 -31.44
CA ARG C 308 -55.09 10.83 -31.35
C ARG C 308 -54.04 11.89 -31.68
N PRO C 309 -52.95 11.97 -30.93
CA PRO C 309 -51.96 13.00 -31.20
C PRO C 309 -50.95 12.42 -32.19
N THR C 310 -50.16 13.30 -32.81
CA THR C 310 -49.17 12.77 -33.72
C THR C 310 -48.01 12.21 -32.94
N ARG C 311 -47.32 11.23 -33.53
CA ARG C 311 -46.24 10.56 -32.78
C ARG C 311 -45.17 11.56 -32.36
N ALA C 312 -44.75 12.46 -33.25
CA ALA C 312 -43.79 13.49 -32.85
C ALA C 312 -44.33 14.39 -31.75
N GLU C 313 -45.64 14.50 -31.58
CA GLU C 313 -46.15 15.23 -30.43
C GLU C 313 -45.93 14.45 -29.14
N VAL C 314 -46.16 13.12 -29.18
CA VAL C 314 -45.94 12.28 -28.00
C VAL C 314 -44.49 12.31 -27.60
N THR C 315 -43.59 12.17 -28.56
CA THR C 315 -42.19 12.26 -28.18
C THR C 315 -41.87 13.65 -27.68
N ASP C 316 -42.53 14.69 -28.20
CA ASP C 316 -42.31 16.04 -27.65
C ASP C 316 -42.56 16.05 -26.13
N VAL C 317 -43.65 15.45 -25.69
CA VAL C 317 -43.95 15.37 -24.28
C VAL C 317 -42.90 14.53 -23.58
N ALA C 318 -42.64 13.34 -24.11
CA ALA C 318 -41.67 12.46 -23.47
C ALA C 318 -40.32 13.16 -23.30
N ASN C 319 -39.79 13.78 -24.37
CA ASN C 319 -38.58 14.58 -24.25
C ASN C 319 -38.66 15.61 -23.13
N ALA C 320 -39.79 16.29 -23.00
CA ALA C 320 -39.92 17.22 -21.88
C ALA C 320 -39.70 16.54 -20.53
N VAL C 321 -40.21 15.31 -20.34
CA VAL C 321 -40.01 14.68 -19.05
C VAL C 321 -38.57 14.19 -18.91
N PHE C 322 -38.04 13.55 -19.95
CA PHE C 322 -36.63 13.13 -19.93
C PHE C 322 -35.73 14.31 -19.64
N ASN C 323 -36.05 15.47 -20.22
CA ASN C 323 -35.33 16.71 -19.98
C ASN C 323 -35.26 17.04 -18.50
N GLY C 324 -36.20 16.49 -17.71
CA GLY C 324 -36.27 16.71 -16.30
C GLY C 324 -37.43 17.56 -15.80
N ALA C 325 -38.39 17.89 -16.63
CA ALA C 325 -39.43 18.84 -16.28
C ALA C 325 -40.33 18.32 -15.16
N ASP C 326 -40.69 19.21 -14.24
CA ASP C 326 -41.61 18.86 -13.16
C ASP C 326 -43.00 18.59 -13.71
N CYS C 327 -43.54 19.55 -14.46
CA CYS C 327 -44.90 19.52 -14.96
C CYS C 327 -44.93 19.79 -16.46
N VAL C 328 -45.99 19.30 -17.07
CA VAL C 328 -46.35 19.65 -18.43
C VAL C 328 -47.78 20.19 -18.39
N MET C 329 -48.07 21.14 -19.29
CA MET C 329 -49.26 21.99 -19.18
C MET C 329 -50.11 22.00 -20.45
N LEU C 330 -51.35 21.53 -20.35
CA LEU C 330 -52.27 21.54 -21.47
C LEU C 330 -53.01 22.88 -21.60
N SER C 331 -53.16 23.35 -22.85
CA SER C 331 -53.74 24.67 -23.09
C SER C 331 -55.05 24.74 -23.81
N GLY C 332 -55.08 24.72 -25.15
CA GLY C 332 -56.36 24.61 -25.87
C GLY C 332 -56.97 23.23 -25.82
N GLU C 333 -56.14 22.18 -25.75
CA GLU C 333 -56.60 20.80 -25.65
C GLU C 333 -57.65 20.63 -24.56
N THR C 334 -57.42 21.26 -23.43
CA THR C 334 -58.31 21.14 -22.31
C THR C 334 -59.28 22.33 -22.19
N ALA C 335 -58.89 23.51 -22.66
CA ALA C 335 -59.76 24.68 -22.53
C ALA C 335 -60.88 24.68 -23.56
N LYS C 336 -60.55 24.53 -24.83
CA LYS C 336 -61.55 24.62 -25.88
C LYS C 336 -61.47 23.41 -26.82
N GLY C 337 -61.35 22.21 -26.25
CA GLY C 337 -61.02 21.01 -27.02
C GLY C 337 -62.10 19.97 -27.03
N LYS C 338 -62.10 19.12 -28.06
CA LYS C 338 -63.14 18.11 -28.16
C LYS C 338 -62.90 16.93 -27.24
N TYR C 339 -61.69 16.81 -26.69
CA TYR C 339 -61.29 15.61 -25.97
C TYR C 339 -60.52 16.02 -24.73
N PRO C 340 -61.21 16.67 -23.77
CA PRO C 340 -60.49 17.22 -22.62
C PRO C 340 -59.96 16.11 -21.72
N ASN C 341 -60.85 15.18 -21.35
CA ASN C 341 -60.43 14.05 -20.54
C ASN C 341 -59.38 13.22 -21.26
N GLU C 342 -59.62 12.92 -22.54
CA GLU C 342 -58.76 12.02 -23.29
C GLU C 342 -57.33 12.55 -23.41
N VAL C 343 -57.16 13.87 -23.53
CA VAL C 343 -55.81 14.37 -23.72
C VAL C 343 -55.04 14.35 -22.40
N VAL C 344 -55.73 14.55 -21.27
CA VAL C 344 -55.10 14.44 -19.95
C VAL C 344 -54.70 13.01 -19.67
N GLN C 345 -55.63 12.08 -19.89
CA GLN C 345 -55.30 10.66 -19.71
C GLN C 345 -54.08 10.28 -20.54
N TYR C 346 -54.03 10.79 -21.77
CA TYR C 346 -52.86 10.63 -22.62
C TYR C 346 -51.62 11.20 -21.96
N MET C 347 -51.76 12.36 -21.33
CA MET C 347 -50.62 12.95 -20.63
C MET C 347 -50.17 12.08 -19.48
N VAL C 348 -51.12 11.54 -18.71
CA VAL C 348 -50.75 10.63 -17.65
C VAL C 348 -49.90 9.52 -18.23
N ARG C 349 -50.36 8.94 -19.35
CA ARG C 349 -49.73 7.74 -19.91
C ARG C 349 -48.35 8.05 -20.46
N ILE C 350 -48.17 9.18 -21.15
CA ILE C 350 -46.83 9.51 -21.61
C ILE C 350 -45.90 9.70 -20.42
N CYS C 351 -46.38 10.42 -19.42
CA CYS C 351 -45.54 10.67 -18.25
C CYS C 351 -45.03 9.37 -17.64
N ILE C 352 -45.93 8.44 -17.32
CA ILE C 352 -45.55 7.23 -16.61
C ILE C 352 -44.55 6.43 -17.43
N GLU C 353 -44.76 6.40 -18.74
CA GLU C 353 -43.84 5.69 -19.63
C GLU C 353 -42.44 6.29 -19.60
N ALA C 354 -42.33 7.60 -19.79
CA ALA C 354 -41.00 8.20 -19.81
C ALA C 354 -40.38 8.19 -18.43
N GLN C 355 -41.20 8.38 -17.39
CA GLN C 355 -40.68 8.18 -16.06
C GLN C 355 -40.11 6.79 -15.96
N SER C 356 -40.91 5.80 -16.33
CA SER C 356 -40.47 4.42 -16.18
C SER C 356 -39.28 4.08 -17.09
N ALA C 357 -39.14 4.75 -18.23
CA ALA C 357 -38.02 4.47 -19.11
C ALA C 357 -36.74 5.13 -18.66
N THR C 358 -36.82 6.04 -17.73
CA THR C 358 -35.63 6.76 -17.29
C THR C 358 -34.94 6.02 -16.15
N HIS C 359 -33.62 6.12 -16.10
CA HIS C 359 -32.86 5.50 -15.01
C HIS C 359 -33.15 6.21 -13.69
N ASP C 360 -33.55 5.43 -12.68
CA ASP C 360 -34.06 6.00 -11.43
C ASP C 360 -33.08 6.97 -10.79
N SER C 361 -31.78 6.73 -10.96
CA SER C 361 -30.80 7.34 -10.07
C SER C 361 -29.81 8.27 -10.74
N VAL C 362 -29.81 8.40 -12.06
CA VAL C 362 -28.83 9.30 -12.66
C VAL C 362 -29.06 10.73 -12.16
N MET C 363 -30.32 11.17 -12.07
CA MET C 363 -30.59 12.53 -11.57
C MET C 363 -30.07 12.71 -10.15
N PHE C 364 -30.49 11.85 -9.23
CA PHE C 364 -30.00 11.96 -7.86
C PHE C 364 -28.48 12.13 -7.82
N ASN C 365 -27.78 11.26 -8.54
CA ASN C 365 -26.33 11.31 -8.52
C ASN C 365 -25.83 12.61 -9.13
N SER C 366 -26.35 12.99 -10.28
CA SER C 366 -25.85 14.18 -10.96
C SER C 366 -26.06 15.42 -10.12
N ILE C 367 -27.22 15.52 -9.45
CA ILE C 367 -27.42 16.63 -8.54
C ILE C 367 -26.51 16.52 -7.33
N LYS C 368 -26.45 15.36 -6.68
CA LYS C 368 -25.61 15.24 -5.48
C LYS C 368 -24.17 15.63 -5.76
N ASN C 369 -23.60 15.14 -6.87
CA ASN C 369 -22.23 15.50 -7.18
C ASN C 369 -22.03 16.95 -7.55
N LEU C 370 -23.09 17.73 -7.66
CA LEU C 370 -22.88 19.16 -7.83
C LEU C 370 -22.68 19.88 -6.50
N GLN C 371 -23.00 19.22 -5.38
CA GLN C 371 -23.13 19.84 -4.07
C GLN C 371 -21.76 20.02 -3.44
N LYS C 372 -21.45 21.25 -3.04
CA LYS C 372 -20.13 21.49 -2.46
C LYS C 372 -20.05 20.93 -1.04
N ILE C 373 -18.86 20.49 -0.65
CA ILE C 373 -18.78 19.63 0.53
C ILE C 373 -17.99 20.22 1.69
N PRO C 374 -18.58 21.14 2.41
CA PRO C 374 -19.35 20.71 3.58
C PRO C 374 -20.72 20.88 2.93
N MET C 375 -21.68 20.09 3.35
CA MET C 375 -23.07 20.41 3.13
C MET C 375 -23.67 20.98 4.40
N SER C 376 -24.62 21.87 4.20
CA SER C 376 -25.50 22.33 5.25
C SER C 376 -26.32 21.18 5.77
N PRO C 377 -26.68 21.19 7.04
CA PRO C 377 -27.52 20.11 7.55
C PRO C 377 -28.79 19.92 6.75
N GLU C 378 -29.48 21.03 6.45
CA GLU C 378 -30.73 20.98 5.68
C GLU C 378 -30.55 20.26 4.34
N GLU C 379 -29.57 20.68 3.56
CA GLU C 379 -29.35 20.05 2.27
C GLU C 379 -29.03 18.57 2.44
N ALA C 380 -28.14 18.25 3.38
CA ALA C 380 -27.67 16.88 3.59
C ALA C 380 -28.74 15.98 4.19
N VAL C 381 -29.61 16.54 5.04
CA VAL C 381 -30.71 15.74 5.56
C VAL C 381 -31.60 15.26 4.44
N CYS C 382 -31.83 16.13 3.45
CA CYS C 382 -32.71 15.82 2.33
C CYS C 382 -32.06 14.93 1.30
N SER C 383 -30.83 15.25 0.91
CA SER C 383 -30.08 14.36 0.03
C SER C 383 -29.99 12.97 0.64
N SER C 384 -29.46 12.86 1.85
CA SER C 384 -29.33 11.55 2.47
CA SER C 384 -29.31 11.56 2.48
C SER C 384 -30.65 10.85 2.63
N ALA C 385 -31.77 11.58 2.59
CA ALA C 385 -33.06 10.94 2.73
C ALA C 385 -33.47 10.22 1.47
N VAL C 386 -33.10 10.79 0.32
CA VAL C 386 -33.34 10.12 -0.97
C VAL C 386 -32.45 8.90 -1.11
N SER C 387 -31.14 9.05 -0.83
CA SER C 387 -30.24 7.90 -0.97
C SER C 387 -30.54 6.83 0.07
N SER C 388 -30.85 7.21 1.32
CA SER C 388 -31.36 6.19 2.24
C SER C 388 -32.58 5.51 1.64
N ALA C 389 -33.43 6.27 0.95
CA ALA C 389 -34.64 5.70 0.33
C ALA C 389 -34.29 4.72 -0.77
N PHE C 390 -33.30 5.06 -1.61
CA PHE C 390 -32.85 4.14 -2.65
C PHE C 390 -32.29 2.86 -2.03
N GLU C 391 -31.44 3.01 -1.00
CA GLU C 391 -30.62 1.91 -0.52
C GLU C 391 -31.43 0.87 0.21
N VAL C 392 -32.38 1.32 1.05
CA VAL C 392 -33.23 0.37 1.74
C VAL C 392 -34.36 -0.08 0.85
N GLN C 393 -34.42 0.43 -0.39
CA GLN C 393 -35.54 0.25 -1.31
C GLN C 393 -36.83 0.68 -0.63
N ALA C 394 -36.87 1.97 -0.35
CA ALA C 394 -38.07 2.56 0.23
C ALA C 394 -39.12 2.75 -0.85
N LYS C 395 -40.38 2.61 -0.44
CA LYS C 395 -41.49 2.83 -1.39
C LYS C 395 -42.17 4.14 -1.05
N ALA C 396 -41.65 4.88 -0.07
CA ALA C 396 -42.26 6.17 0.23
C ALA C 396 -41.29 6.98 1.05
N ILE C 397 -41.14 8.25 0.69
CA ILE C 397 -40.61 9.23 1.61
C ILE C 397 -41.79 10.05 2.12
N LEU C 398 -41.93 10.20 3.42
CA LEU C 398 -42.97 11.00 4.06
C LEU C 398 -42.31 12.19 4.74
N VAL C 399 -42.57 13.40 4.25
CA VAL C 399 -42.00 14.58 4.88
C VAL C 399 -43.10 15.31 5.63
N LEU C 400 -42.74 15.89 6.78
CA LEU C 400 -43.63 16.76 7.55
C LEU C 400 -43.10 18.17 7.38
N SER C 401 -43.68 18.91 6.45
CA SER C 401 -43.23 20.25 6.10
C SER C 401 -44.42 21.19 6.04
N ASN C 402 -44.31 22.32 6.73
CA ASN C 402 -45.43 23.25 6.80
C ASN C 402 -45.53 24.16 5.58
N THR C 403 -44.42 24.68 5.09
CA THR C 403 -44.50 25.47 3.87
C THR C 403 -44.22 24.66 2.61
N GLY C 404 -43.57 23.50 2.75
CA GLY C 404 -43.20 22.66 1.63
C GLY C 404 -41.80 22.88 1.10
N ARG C 405 -41.07 23.90 1.56
CA ARG C 405 -39.66 24.17 1.27
C ARG C 405 -38.90 22.87 1.29
N SER C 406 -39.22 22.13 2.34
CA SER C 406 -38.61 20.86 2.61
C SER C 406 -38.94 19.86 1.51
N ALA C 407 -40.22 19.75 1.14
CA ALA C 407 -40.61 18.76 0.16
C ALA C 407 -40.00 19.06 -1.20
N ARG C 408 -39.84 20.34 -1.52
CA ARG C 408 -39.19 20.68 -2.78
C ARG C 408 -37.73 20.30 -2.78
N LEU C 409 -37.05 20.45 -1.62
CA LEU C 409 -35.65 20.08 -1.49
C LEU C 409 -35.47 18.57 -1.57
N ILE C 410 -36.39 17.81 -1.00
CA ILE C 410 -36.36 16.36 -1.15
C ILE C 410 -36.59 15.98 -2.60
N SER C 411 -37.60 16.62 -3.23
CA SER C 411 -37.91 16.35 -4.64
C SER C 411 -36.73 16.70 -5.55
N LYS C 412 -36.02 17.78 -5.25
CA LYS C 412 -34.86 18.16 -6.05
C LYS C 412 -33.90 17.01 -6.24
N TYR C 413 -33.73 16.18 -5.22
CA TYR C 413 -32.83 15.04 -5.30
C TYR C 413 -33.47 13.85 -5.99
N ARG C 414 -34.65 14.06 -6.55
CA ARG C 414 -35.42 13.20 -7.44
C ARG C 414 -35.47 11.74 -7.05
N PRO C 415 -36.08 11.40 -5.93
CA PRO C 415 -36.22 10.00 -5.55
C PRO C 415 -37.03 9.25 -6.59
N ASN C 416 -37.10 7.94 -6.38
CA ASN C 416 -37.78 7.08 -7.32
C ASN C 416 -39.17 6.65 -6.86
N CYS C 417 -39.63 7.13 -5.70
CA CYS C 417 -40.85 6.65 -5.06
C CYS C 417 -41.74 7.86 -4.80
N PRO C 418 -42.93 7.72 -4.24
CA PRO C 418 -43.72 8.91 -3.96
C PRO C 418 -43.17 9.66 -2.78
N ILE C 419 -43.22 10.98 -2.85
CA ILE C 419 -43.01 11.86 -1.70
C ILE C 419 -44.38 12.26 -1.13
N ILE C 420 -44.61 11.99 0.15
CA ILE C 420 -45.84 12.39 0.83
C ILE C 420 -45.55 13.52 1.79
N CYS C 421 -46.17 14.67 1.58
CA CYS C 421 -45.98 15.81 2.47
C CYS C 421 -47.23 16.05 3.31
N ALA C 422 -47.07 15.89 4.62
CA ALA C 422 -48.12 16.16 5.59
C ALA C 422 -47.97 17.61 6.04
N THR C 423 -48.99 18.41 5.78
CA THR C 423 -48.96 19.83 6.04
C THR C 423 -50.10 20.21 6.96
N THR C 424 -49.89 21.29 7.69
CA THR C 424 -50.94 21.97 8.39
C THR C 424 -51.51 23.16 7.59
N ARG C 425 -50.96 23.38 6.40
CA ARG C 425 -51.39 24.54 5.57
C ARG C 425 -52.03 24.05 4.27
N LEU C 426 -53.34 24.27 4.11
CA LEU C 426 -54.05 23.93 2.87
C LEU C 426 -53.42 24.64 1.68
N LEU C 427 -52.92 25.86 1.88
CA LEU C 427 -52.14 26.50 0.84
C LEU C 427 -50.99 25.61 0.41
N THR C 428 -50.35 24.94 1.37
CA THR C 428 -49.21 24.13 0.98
C THR C 428 -49.65 22.89 0.22
N CYS C 429 -50.72 22.24 0.66
CA CYS C 429 -51.31 21.17 -0.13
C CYS C 429 -51.39 21.57 -1.58
N ARG C 430 -52.01 22.72 -1.82
CA ARG C 430 -52.26 23.12 -3.19
C ARG C 430 -50.97 23.54 -3.89
N GLN C 431 -50.11 24.32 -3.25
CA GLN C 431 -48.95 24.78 -4.00
C GLN C 431 -47.98 23.63 -4.33
N LEU C 432 -48.06 22.52 -3.62
CA LEU C 432 -47.12 21.45 -3.90
C LEU C 432 -47.52 20.62 -5.12
N ASN C 433 -48.75 20.82 -5.63
CA ASN C 433 -49.17 20.14 -6.84
C ASN C 433 -48.15 20.28 -7.96
N VAL C 434 -47.26 21.24 -7.90
CA VAL C 434 -46.42 21.58 -9.03
C VAL C 434 -44.96 21.15 -8.83
N THR C 435 -44.67 20.35 -7.81
CA THR C 435 -43.35 19.75 -7.68
C THR C 435 -43.48 18.25 -7.88
N ARG C 436 -42.46 17.68 -8.53
CA ARG C 436 -42.50 16.30 -8.95
C ARG C 436 -42.50 15.37 -7.73
N SER C 437 -43.24 14.27 -7.83
CA SER C 437 -43.31 13.17 -6.87
C SER C 437 -44.16 13.50 -5.64
N VAL C 438 -44.48 14.79 -5.37
CA VAL C 438 -45.04 15.21 -4.09
C VAL C 438 -46.53 14.89 -4.04
N GLU C 439 -47.01 14.60 -2.85
CA GLU C 439 -48.43 14.31 -2.65
C GLU C 439 -48.83 14.77 -1.26
N SER C 440 -49.83 15.62 -1.20
CA SER C 440 -50.10 16.35 0.03
C SER C 440 -51.20 15.72 0.85
N VAL C 441 -50.97 15.71 2.16
CA VAL C 441 -51.92 15.29 3.18
C VAL C 441 -52.05 16.45 4.15
N TYR C 442 -53.28 16.83 4.49
CA TYR C 442 -53.52 17.99 5.32
C TYR C 442 -53.79 17.53 6.75
N TYR C 443 -53.13 18.17 7.73
CA TYR C 443 -53.36 17.89 9.16
C TYR C 443 -54.14 19.07 9.74
N ASP C 444 -55.40 18.83 10.11
CA ASP C 444 -56.25 19.90 10.64
C ASP C 444 -55.94 20.11 12.11
N VAL C 445 -55.13 21.14 12.40
CA VAL C 445 -54.81 21.47 13.79
C VAL C 445 -56.09 21.68 14.58
N ASP C 446 -56.98 22.53 14.08
CA ASP C 446 -58.23 22.81 14.77
C ASP C 446 -58.99 21.52 15.05
N ALA C 447 -59.05 20.61 14.06
CA ALA C 447 -59.92 19.45 14.20
C ALA C 447 -59.37 18.44 15.19
N HIS C 448 -58.08 18.14 15.09
CA HIS C 448 -57.46 17.14 15.92
C HIS C 448 -56.40 17.86 16.76
N GLY C 449 -55.40 17.14 17.23
CA GLY C 449 -54.56 17.63 18.30
C GLY C 449 -53.56 18.68 17.86
N GLU C 450 -52.58 18.91 18.74
CA GLU C 450 -51.46 19.81 18.49
C GLU C 450 -50.29 19.10 17.84
N ASP C 451 -50.37 17.76 17.75
CA ASP C 451 -49.28 16.91 17.15
C ASP C 451 -47.90 17.44 17.50
N ASN C 452 -47.66 17.70 18.78
CA ASN C 452 -46.35 18.12 19.25
C ASN C 452 -45.28 17.06 18.97
N ASP C 453 -45.57 15.81 19.30
CA ASP C 453 -44.66 14.71 18.97
C ASP C 453 -44.65 14.36 17.48
N ARG C 454 -45.36 15.13 16.66
CA ARG C 454 -45.54 14.89 15.23
C ARG C 454 -46.06 13.48 14.93
N GLU C 455 -46.61 12.78 15.94
CA GLU C 455 -46.96 11.37 15.70
C GLU C 455 -48.22 11.22 14.85
N LYS C 456 -49.22 12.08 15.06
CA LYS C 456 -50.44 11.99 14.28
C LYS C 456 -50.17 12.31 12.81
N ARG C 457 -49.36 13.35 12.54
CA ARG C 457 -48.99 13.65 11.16
C ARG C 457 -48.38 12.43 10.47
N VAL C 458 -47.42 11.79 11.12
CA VAL C 458 -46.82 10.59 10.56
C VAL C 458 -47.88 9.51 10.33
N GLN C 459 -48.68 9.21 11.35
CA GLN C 459 -49.72 8.20 11.16
C GLN C 459 -50.57 8.59 9.98
N LEU C 460 -50.95 9.86 9.91
CA LEU C 460 -51.69 10.37 8.77
C LEU C 460 -50.97 10.09 7.45
N GLY C 461 -49.66 10.30 7.41
CA GLY C 461 -48.92 10.07 6.18
C GLY C 461 -48.84 8.60 5.83
N VAL C 462 -48.56 7.77 6.83
CA VAL C 462 -48.54 6.32 6.64
C VAL C 462 -49.90 5.81 6.19
N ASP C 463 -50.95 6.17 6.93
CA ASP C 463 -52.29 5.74 6.58
C ASP C 463 -52.66 6.12 5.16
N TRP C 464 -52.36 7.36 4.77
CA TRP C 464 -52.59 7.78 3.39
C TRP C 464 -51.82 6.89 2.43
N ALA C 465 -50.52 6.71 2.67
CA ALA C 465 -49.70 5.89 1.78
C ALA C 465 -50.21 4.47 1.69
N LYS C 466 -50.74 3.93 2.79
CA LYS C 466 -51.32 2.59 2.76
C LYS C 466 -52.53 2.56 1.83
N THR C 467 -53.49 3.47 2.03
CA THR C 467 -54.69 3.53 1.18
C THR C 467 -54.37 3.88 -0.28
N LYS C 468 -53.42 4.78 -0.51
CA LYS C 468 -53.05 5.11 -1.88
C LYS C 468 -52.40 3.96 -2.65
N GLY C 469 -52.20 2.78 -2.04
CA GLY C 469 -51.56 1.65 -2.70
C GLY C 469 -50.04 1.74 -2.76
N TYR C 470 -49.45 2.74 -2.09
CA TYR C 470 -48.01 2.97 -2.19
C TYR C 470 -47.20 1.94 -1.44
N VAL C 471 -47.65 1.62 -0.24
CA VAL C 471 -46.92 0.84 0.74
C VAL C 471 -47.83 -0.25 1.24
N SER C 472 -47.23 -1.37 1.64
CA SER C 472 -47.95 -2.43 2.34
C SER C 472 -47.10 -2.86 3.52
N ALA C 473 -47.76 -3.49 4.48
CA ALA C 473 -47.12 -4.02 5.68
C ALA C 473 -45.81 -4.71 5.32
N GLY C 474 -44.72 -4.31 5.95
CA GLY C 474 -43.43 -4.88 5.69
C GLY C 474 -42.53 -3.99 4.89
N ASP C 475 -43.11 -3.08 4.12
CA ASP C 475 -42.33 -2.16 3.31
C ASP C 475 -41.72 -1.08 4.18
N VAL C 476 -40.64 -0.48 3.70
CA VAL C 476 -39.90 0.51 4.46
C VAL C 476 -40.14 1.88 3.84
N MET C 477 -40.35 2.85 4.71
CA MET C 477 -40.63 4.23 4.37
C MET C 477 -39.57 5.10 5.04
N VAL C 478 -39.26 6.23 4.43
CA VAL C 478 -38.32 7.19 4.98
C VAL C 478 -39.19 8.35 5.44
N ILE C 479 -38.97 8.80 6.67
CA ILE C 479 -39.75 9.88 7.27
C ILE C 479 -38.80 10.99 7.68
N VAL C 480 -39.08 12.20 7.27
CA VAL C 480 -38.23 13.34 7.56
C VAL C 480 -39.13 14.37 8.21
N HIS C 481 -38.67 15.04 9.25
CA HIS C 481 -39.51 15.99 9.96
C HIS C 481 -38.59 16.96 10.69
N ALA C 482 -39.17 17.82 11.51
CA ALA C 482 -38.40 18.72 12.35
C ALA C 482 -38.45 18.29 13.80
N ASP C 483 -37.34 18.46 14.50
CA ASP C 483 -37.28 18.07 15.89
C ASP C 483 -37.93 19.13 16.77
N HIS C 484 -38.24 18.73 18.00
CA HIS C 484 -39.03 19.53 18.92
C HIS C 484 -38.21 20.49 19.77
N SER C 485 -36.92 20.68 19.44
CA SER C 485 -36.09 21.70 20.07
C SER C 485 -35.78 22.89 19.17
N VAL C 486 -36.08 22.81 17.87
CA VAL C 486 -35.82 23.89 16.92
C VAL C 486 -37.07 24.14 16.10
N LYS C 487 -37.07 25.25 15.37
CA LYS C 487 -38.08 25.52 14.36
C LYS C 487 -37.41 26.01 13.08
N GLY C 488 -38.20 26.07 12.01
CA GLY C 488 -37.71 26.49 10.72
C GLY C 488 -37.14 25.60 9.62
N TYR C 489 -36.81 24.33 9.91
CA TYR C 489 -36.49 23.36 8.84
C TYR C 489 -36.25 21.95 9.35
N PRO C 490 -36.75 20.92 8.66
CA PRO C 490 -36.53 19.53 9.10
C PRO C 490 -35.08 19.08 9.02
N ASN C 491 -34.63 18.42 10.11
CA ASN C 491 -33.25 18.05 10.37
C ASN C 491 -33.18 16.66 10.98
N GLN C 492 -34.21 15.83 10.81
CA GLN C 492 -34.29 14.56 11.53
C GLN C 492 -34.97 13.52 10.67
N THR C 493 -34.41 12.32 10.51
CA THR C 493 -35.04 11.35 9.61
C THR C 493 -35.17 10.00 10.29
N ARG C 494 -36.19 9.23 9.89
CA ARG C 494 -36.31 7.87 10.40
C ARG C 494 -36.68 6.90 9.29
N LEU C 495 -36.26 5.66 9.47
CA LEU C 495 -36.54 4.59 8.53
C LEU C 495 -37.47 3.64 9.22
N VAL C 496 -38.63 3.44 8.64
CA VAL C 496 -39.71 2.75 9.33
C VAL C 496 -40.32 1.70 8.42
N ARG C 497 -40.53 0.51 8.98
CA ARG C 497 -41.20 -0.59 8.31
C ARG C 497 -42.69 -0.55 8.65
N VAL C 498 -43.55 -0.64 7.64
CA VAL C 498 -44.97 -0.36 7.85
C VAL C 498 -45.63 -1.52 8.57
N ARG C 499 -46.27 -1.23 9.68
CA ARG C 499 -46.91 -2.25 10.45
C ARG C 499 -48.40 -1.97 10.44
N SER D 2 -21.25 14.59 -16.54
CA SER D 2 -22.69 14.55 -16.32
C SER D 2 -23.40 15.25 -17.43
N GLN D 3 -24.56 14.72 -17.86
CA GLN D 3 -25.39 15.53 -18.73
C GLN D 3 -25.97 16.72 -17.98
N LEU D 4 -26.67 16.48 -16.87
CA LEU D 4 -27.19 17.55 -16.02
C LEU D 4 -26.21 18.70 -15.97
N GLN D 5 -24.95 18.36 -15.77
CA GLN D 5 -23.91 19.38 -15.73
C GLN D 5 -23.72 20.03 -17.09
N HIS D 6 -23.71 19.23 -18.15
CA HIS D 6 -23.61 19.83 -19.48
C HIS D 6 -24.76 20.82 -19.71
N ASN D 7 -26.00 20.40 -19.42
CA ASN D 7 -27.20 21.20 -19.67
C ASN D 7 -27.07 22.58 -19.06
N ILE D 8 -26.72 22.64 -17.77
CA ILE D 8 -26.68 23.95 -17.11
C ILE D 8 -25.53 24.77 -17.64
N GLY D 9 -24.62 24.16 -18.36
CA GLY D 9 -23.64 25.03 -18.93
C GLY D 9 -23.97 25.52 -20.31
N LEU D 10 -25.10 25.11 -20.90
CA LEU D 10 -25.41 25.40 -22.29
C LEU D 10 -25.89 26.82 -22.50
N SER D 11 -25.45 27.46 -23.58
CA SER D 11 -25.96 28.76 -23.98
C SER D 11 -26.34 28.73 -25.46
N ILE D 12 -27.59 29.06 -25.77
CA ILE D 12 -27.98 29.04 -27.17
C ILE D 12 -27.29 30.16 -27.92
N PHE D 13 -26.74 31.14 -27.23
CA PHE D 13 -26.15 32.28 -27.93
C PHE D 13 -24.76 31.99 -28.43
N GLU D 14 -24.21 30.84 -28.07
CA GLU D 14 -22.87 30.66 -28.57
C GLU D 14 -22.91 29.92 -29.89
N PRO D 15 -22.08 30.30 -30.86
CA PRO D 15 -21.98 29.48 -32.06
C PRO D 15 -21.43 28.11 -31.71
N VAL D 16 -21.97 27.10 -32.38
CA VAL D 16 -21.61 25.71 -32.13
C VAL D 16 -20.33 25.37 -32.85
N ALA D 17 -19.59 24.42 -32.29
CA ALA D 17 -18.26 24.16 -32.79
C ALA D 17 -17.99 22.70 -33.11
N LYS D 18 -18.92 21.79 -32.87
CA LYS D 18 -18.64 20.41 -33.21
C LYS D 18 -18.69 20.22 -34.74
N HIS D 19 -18.01 19.16 -35.22
CA HIS D 19 -18.19 18.69 -36.59
C HIS D 19 -19.25 17.62 -36.66
N ARG D 20 -20.16 17.76 -37.62
CA ARG D 20 -21.27 16.82 -37.74
C ARG D 20 -20.80 15.39 -37.79
N ALA D 21 -21.29 14.60 -36.84
CA ALA D 21 -20.93 13.20 -36.72
C ALA D 21 -22.04 12.26 -37.18
N ASN D 22 -23.31 12.65 -37.03
CA ASN D 22 -24.34 11.76 -37.52
C ASN D 22 -24.42 11.85 -39.02
N ARG D 23 -25.17 10.91 -39.60
CA ARG D 23 -25.27 10.79 -41.04
C ARG D 23 -26.72 10.87 -41.54
N ILE D 24 -26.86 11.30 -42.80
CA ILE D 24 -28.18 11.58 -43.36
C ILE D 24 -28.44 10.71 -44.58
N ILE D 25 -29.58 10.03 -44.60
CA ILE D 25 -30.03 9.22 -45.72
C ILE D 25 -31.19 9.92 -46.43
N CYS D 26 -31.06 10.08 -47.75
CA CYS D 26 -32.10 10.68 -48.59
C CYS D 26 -32.65 9.68 -49.58
N THR D 27 -33.97 9.54 -49.61
CA THR D 27 -34.60 8.70 -50.61
C THR D 27 -34.86 9.56 -51.83
N ILE D 28 -34.58 9.02 -53.02
CA ILE D 28 -34.60 9.81 -54.23
C ILE D 28 -35.87 9.52 -55.00
N GLY D 29 -36.44 10.55 -55.59
CA GLY D 29 -37.67 10.40 -56.31
C GLY D 29 -37.77 11.50 -57.32
N PRO D 30 -38.98 11.78 -57.78
CA PRO D 30 -39.16 12.76 -58.86
C PRO D 30 -38.47 14.10 -58.62
N SER D 31 -38.45 14.56 -57.39
CA SER D 31 -37.89 15.87 -57.10
C SER D 31 -36.38 15.90 -57.19
N THR D 32 -35.72 14.73 -57.15
CA THR D 32 -34.30 14.67 -56.84
C THR D 32 -33.48 13.70 -57.70
N GLN D 33 -34.09 12.99 -58.65
CA GLN D 33 -33.35 12.04 -59.47
C GLN D 33 -32.42 12.70 -60.45
N SER D 34 -32.63 13.98 -60.79
CA SER D 34 -31.69 14.63 -61.70
C SER D 34 -30.32 14.79 -61.06
N VAL D 35 -29.28 14.67 -61.90
CA VAL D 35 -27.89 14.76 -61.47
C VAL D 35 -27.60 16.09 -60.79
N GLU D 36 -28.09 17.19 -61.35
CA GLU D 36 -27.90 18.48 -60.72
C GLU D 36 -28.60 18.55 -59.36
N ALA D 37 -29.73 17.83 -59.22
CA ALA D 37 -30.42 17.77 -57.94
C ALA D 37 -29.65 16.96 -56.93
N LEU D 38 -29.11 15.81 -57.36
CA LEU D 38 -28.28 15.01 -56.47
C LEU D 38 -27.10 15.82 -55.98
N LYS D 39 -26.29 16.34 -56.92
CA LYS D 39 -25.20 17.22 -56.55
C LYS D 39 -25.69 18.30 -55.57
N GLY D 40 -26.93 18.77 -55.75
CA GLY D 40 -27.52 19.67 -54.78
C GLY D 40 -27.84 19.00 -53.45
N LEU D 41 -28.36 17.76 -53.48
CA LEU D 41 -28.59 17.03 -52.22
C LEU D 41 -27.28 16.64 -51.55
N MET D 42 -26.25 16.33 -52.33
CA MET D 42 -24.98 15.95 -51.73
C MET D 42 -24.37 17.14 -51.01
N LYS D 43 -24.04 18.21 -51.74
CA LYS D 43 -23.50 19.38 -51.07
C LYS D 43 -24.29 19.75 -49.83
N SER D 44 -25.60 19.49 -49.85
CA SER D 44 -26.44 19.85 -48.70
C SER D 44 -26.22 18.92 -47.51
N GLY D 45 -25.69 17.71 -47.75
CA GLY D 45 -25.42 16.79 -46.67
C GLY D 45 -25.75 15.31 -46.81
N MET D 46 -26.23 14.87 -47.97
CA MET D 46 -26.61 13.47 -48.09
C MET D 46 -25.38 12.60 -48.08
N SER D 47 -25.46 11.46 -47.37
CA SER D 47 -24.40 10.45 -47.35
C SER D 47 -24.80 9.13 -47.99
N VAL D 48 -26.08 8.75 -47.96
CA VAL D 48 -26.58 7.57 -48.65
C VAL D 48 -27.87 7.92 -49.40
N ALA D 49 -28.00 7.42 -50.63
CA ALA D 49 -29.19 7.63 -51.45
C ALA D 49 -30.02 6.35 -51.52
N ARG D 50 -31.24 6.42 -50.99
CA ARG D 50 -32.12 5.28 -50.88
C ARG D 50 -33.06 5.23 -52.08
N MET D 51 -33.28 4.01 -52.62
CA MET D 51 -34.23 3.72 -53.69
C MET D 51 -35.38 2.89 -53.12
N ASN D 52 -36.55 3.50 -52.99
CA ASN D 52 -37.71 2.75 -52.52
C ASN D 52 -38.21 1.92 -53.71
N PHE D 53 -37.95 0.63 -53.65
CA PHE D 53 -38.36 -0.33 -54.68
C PHE D 53 -39.82 -0.72 -54.57
N SER D 54 -40.57 -0.18 -53.61
CA SER D 54 -42.00 -0.38 -53.56
C SER D 54 -42.67 0.16 -54.83
N HIS D 55 -41.98 1.08 -55.52
CA HIS D 55 -42.48 1.74 -56.71
C HIS D 55 -41.32 1.95 -57.66
N GLY D 56 -41.55 1.80 -58.95
CA GLY D 56 -40.52 2.15 -59.90
C GLY D 56 -40.10 0.99 -60.78
N SER D 57 -39.67 1.28 -62.00
CA SER D 57 -39.17 0.24 -62.87
C SER D 57 -37.67 0.07 -62.67
N TYR D 58 -37.18 -1.09 -63.10
CA TYR D 58 -35.72 -1.25 -63.12
C TYR D 58 -35.08 -0.13 -63.92
N GLU D 59 -35.70 0.23 -65.06
CA GLU D 59 -35.18 1.33 -65.87
C GLU D 59 -35.20 2.64 -65.11
N TYR D 60 -36.18 2.81 -64.22
CA TYR D 60 -36.23 4.01 -63.41
C TYR D 60 -35.08 4.04 -62.40
N HIS D 61 -34.89 2.95 -61.66
CA HIS D 61 -33.88 2.94 -60.60
C HIS D 61 -32.48 2.92 -61.16
N GLN D 62 -32.27 2.17 -62.23
CA GLN D 62 -31.01 2.26 -62.96
C GLN D 62 -30.63 3.72 -63.19
N THR D 63 -31.61 4.56 -63.49
CA THR D 63 -31.34 5.98 -63.65
C THR D 63 -30.91 6.61 -62.31
N THR D 64 -31.61 6.31 -61.22
CA THR D 64 -31.16 6.86 -59.95
C THR D 64 -29.74 6.39 -59.67
N ILE D 65 -29.46 5.11 -59.91
CA ILE D 65 -28.12 4.59 -59.64
C ILE D 65 -27.07 5.34 -60.43
N ASN D 66 -27.27 5.48 -61.77
CA ASN D 66 -26.28 6.15 -62.62
C ASN D 66 -26.22 7.65 -62.43
N ASN D 67 -27.31 8.27 -62.01
CA ASN D 67 -27.26 9.71 -61.75
C ASN D 67 -26.52 10.02 -60.46
N VAL D 68 -26.82 9.30 -59.39
CA VAL D 68 -26.10 9.59 -58.14
C VAL D 68 -24.63 9.28 -58.31
N ARG D 69 -24.31 8.28 -59.14
CA ARG D 69 -22.91 7.98 -59.37
C ARG D 69 -22.20 9.16 -60.04
N ALA D 70 -22.72 9.63 -61.19
CA ALA D 70 -22.07 10.72 -61.89
C ALA D 70 -22.10 12.01 -61.08
N ALA D 71 -23.14 12.22 -60.28
CA ALA D 71 -23.16 13.39 -59.42
C ALA D 71 -22.05 13.32 -58.39
N ALA D 72 -21.99 12.20 -57.65
CA ALA D 72 -20.96 12.05 -56.64
C ALA D 72 -19.59 12.18 -57.27
N ALA D 73 -19.41 11.56 -58.43
CA ALA D 73 -18.12 11.63 -59.12
C ALA D 73 -17.71 13.07 -59.44
N GLU D 74 -18.68 13.91 -59.85
CA GLU D 74 -18.37 15.33 -60.08
C GLU D 74 -17.86 16.00 -58.81
N LEU D 75 -18.46 15.68 -57.67
CA LEU D 75 -18.09 16.30 -56.41
C LEU D 75 -16.95 15.61 -55.67
N GLY D 76 -16.37 14.56 -56.23
CA GLY D 76 -15.35 13.83 -55.49
C GLY D 76 -15.88 13.23 -54.20
N LEU D 77 -17.09 12.66 -54.21
CA LEU D 77 -17.66 12.07 -53.01
C LEU D 77 -17.85 10.57 -53.17
N HIS D 78 -17.92 9.87 -52.02
CA HIS D 78 -18.33 8.46 -51.94
C HIS D 78 -19.70 8.43 -51.27
N ILE D 79 -20.74 8.25 -52.07
CA ILE D 79 -22.10 8.21 -51.56
C ILE D 79 -22.58 6.77 -51.62
N GLY D 80 -23.15 6.27 -50.53
CA GLY D 80 -23.71 4.94 -50.53
C GLY D 80 -25.08 4.93 -51.18
N ILE D 81 -25.37 3.84 -51.90
CA ILE D 81 -26.67 3.59 -52.50
C ILE D 81 -27.34 2.45 -51.75
N ALA D 82 -28.57 2.66 -51.33
CA ALA D 82 -29.33 1.64 -50.63
C ALA D 82 -30.51 1.20 -51.47
N LEU D 83 -30.88 -0.08 -51.34
CA LEU D 83 -32.03 -0.66 -52.04
C LEU D 83 -33.02 -1.13 -50.98
N ASP D 84 -34.13 -0.42 -50.88
CA ASP D 84 -35.17 -0.69 -49.89
C ASP D 84 -36.24 -1.55 -50.53
N THR D 85 -36.31 -2.82 -50.15
CA THR D 85 -37.19 -3.75 -50.83
C THR D 85 -38.66 -3.37 -50.67
N LYS D 86 -39.46 -3.80 -51.65
CA LYS D 86 -40.91 -3.65 -51.55
C LYS D 86 -41.43 -4.45 -50.36
N GLY D 87 -40.93 -5.66 -50.21
CA GLY D 87 -41.24 -6.47 -49.05
C GLY D 87 -42.54 -7.17 -49.25
N PRO D 88 -42.78 -8.18 -48.45
CA PRO D 88 -43.99 -8.98 -48.61
C PRO D 88 -45.12 -8.39 -47.78
N GLU D 89 -45.75 -7.35 -48.29
CA GLU D 89 -46.78 -6.64 -47.56
C GLU D 89 -48.00 -6.56 -48.47
N ILE D 90 -49.10 -7.19 -48.04
CA ILE D 90 -50.31 -7.24 -48.86
C ILE D 90 -50.76 -5.81 -49.11
N ARG D 91 -50.80 -5.43 -50.38
CA ARG D 91 -51.13 -4.08 -50.80
C ARG D 91 -52.31 -4.14 -51.76
N THR D 92 -53.03 -3.03 -51.93
CA THR D 92 -54.32 -3.12 -52.60
C THR D 92 -54.16 -3.08 -54.11
N GLY D 93 -53.58 -2.01 -54.62
CA GLY D 93 -53.54 -1.87 -56.07
C GLY D 93 -53.87 -0.47 -56.55
N LEU D 94 -54.53 -0.37 -57.68
CA LEU D 94 -54.76 0.92 -58.32
C LEU D 94 -56.25 1.17 -58.50
N PHE D 95 -56.65 2.42 -58.31
CA PHE D 95 -58.04 2.83 -58.35
C PHE D 95 -58.29 3.62 -59.61
N LYS D 96 -59.46 3.39 -60.23
CA LYS D 96 -59.98 4.32 -61.22
C LYS D 96 -59.88 5.74 -60.70
N ASP D 97 -59.15 6.59 -61.42
CA ASP D 97 -58.96 8.00 -61.09
C ASP D 97 -58.15 8.21 -59.82
N GLY D 98 -57.44 7.19 -59.35
CA GLY D 98 -56.55 7.39 -58.22
C GLY D 98 -57.23 7.31 -56.87
N GLU D 99 -58.51 7.66 -56.82
CA GLU D 99 -59.23 7.77 -55.56
C GLU D 99 -60.63 7.19 -55.65
N ALA D 100 -61.12 6.86 -54.46
CA ALA D 100 -62.47 6.37 -54.18
C ALA D 100 -62.64 6.48 -52.68
N THR D 101 -63.82 6.90 -52.25
CA THR D 101 -64.10 7.11 -50.83
C THR D 101 -65.26 6.21 -50.40
N TYR D 102 -65.22 5.81 -49.12
CA TYR D 102 -66.16 4.85 -48.56
C TYR D 102 -66.80 5.41 -47.29
N ALA D 103 -68.04 5.02 -47.05
CA ALA D 103 -68.78 5.48 -45.90
C ALA D 103 -69.20 4.30 -45.03
N PRO D 104 -69.31 4.50 -43.71
CA PRO D 104 -69.74 3.41 -42.85
C PRO D 104 -71.13 2.95 -43.26
N GLY D 105 -71.38 1.66 -43.18
CA GLY D 105 -72.65 1.13 -43.64
C GLY D 105 -72.71 0.87 -45.13
N ASP D 106 -71.72 1.32 -45.90
CA ASP D 106 -71.61 0.92 -47.29
C ASP D 106 -71.06 -0.49 -47.36
N THR D 107 -71.31 -1.13 -48.49
CA THR D 107 -70.79 -2.47 -48.75
C THR D 107 -69.80 -2.37 -49.89
N VAL D 108 -68.65 -2.99 -49.71
CA VAL D 108 -67.61 -2.97 -50.71
C VAL D 108 -67.14 -4.39 -50.99
N LEU D 109 -66.95 -4.68 -52.27
CA LEU D 109 -66.38 -5.93 -52.71
C LEU D 109 -64.86 -5.85 -52.65
N VAL D 110 -64.23 -6.98 -52.34
CA VAL D 110 -62.78 -7.08 -52.31
C VAL D 110 -62.42 -8.30 -53.13
N THR D 111 -61.89 -8.10 -54.33
CA THR D 111 -61.56 -9.21 -55.21
C THR D 111 -60.05 -9.41 -55.28
N THR D 112 -59.66 -10.65 -55.63
CA THR D 112 -58.28 -11.01 -55.91
C THR D 112 -58.06 -11.32 -57.39
N ASP D 113 -59.10 -11.26 -58.22
CA ASP D 113 -59.05 -11.45 -59.68
C ASP D 113 -58.22 -10.33 -60.34
N PRO D 114 -57.04 -10.65 -60.90
CA PRO D 114 -56.13 -9.59 -61.41
C PRO D 114 -56.74 -8.69 -62.48
N ALA D 115 -57.94 -8.98 -62.98
CA ALA D 115 -58.59 -8.05 -63.89
C ALA D 115 -58.97 -6.67 -63.38
N PHE D 116 -59.58 -6.62 -62.19
CA PHE D 116 -59.82 -5.41 -61.41
C PHE D 116 -58.54 -4.73 -60.91
N GLU D 117 -57.36 -5.30 -61.20
CA GLU D 117 -56.12 -4.86 -60.55
C GLU D 117 -55.84 -3.37 -60.69
N LYS D 118 -56.27 -2.74 -61.80
CA LYS D 118 -56.02 -1.32 -61.98
C LYS D 118 -57.28 -0.46 -61.95
N ILE D 119 -58.45 -1.01 -62.27
CA ILE D 119 -59.72 -0.27 -62.23
C ILE D 119 -60.32 -0.44 -60.84
N GLY D 120 -60.03 0.51 -59.95
CA GLY D 120 -60.54 0.43 -58.61
C GLY D 120 -61.64 1.43 -58.32
N THR D 121 -62.85 0.95 -58.06
CA THR D 121 -63.96 1.82 -57.75
C THR D 121 -64.36 1.66 -56.28
N LYS D 122 -65.16 2.62 -55.80
CA LYS D 122 -65.72 2.53 -54.46
C LYS D 122 -66.50 1.24 -54.24
N GLU D 123 -66.80 0.47 -55.28
CA GLU D 123 -67.66 -0.71 -55.20
C GLU D 123 -66.91 -2.04 -55.14
N LYS D 124 -65.88 -2.24 -55.97
CA LYS D 124 -65.12 -3.49 -55.96
C LYS D 124 -63.70 -3.17 -56.41
N PHE D 125 -62.72 -3.64 -55.63
CA PHE D 125 -61.31 -3.40 -55.89
C PHE D 125 -60.48 -4.63 -55.50
N TYR D 126 -59.22 -4.61 -55.91
CA TYR D 126 -58.32 -5.75 -55.94
C TYR D 126 -57.34 -5.74 -54.78
N VAL D 127 -56.87 -6.94 -54.42
CA VAL D 127 -55.82 -7.14 -53.42
C VAL D 127 -54.88 -8.21 -53.98
N ASP D 128 -53.56 -8.08 -53.73
CA ASP D 128 -52.63 -8.95 -54.41
C ASP D 128 -52.63 -10.36 -53.83
N TYR D 129 -52.75 -10.49 -52.50
CA TYR D 129 -52.71 -11.83 -51.89
C TYR D 129 -53.93 -12.61 -52.37
N PRO D 130 -53.72 -13.63 -53.19
CA PRO D 130 -54.88 -14.26 -53.85
C PRO D 130 -55.77 -15.08 -52.93
N GLN D 131 -55.24 -15.72 -51.89
CA GLN D 131 -56.09 -16.61 -51.11
C GLN D 131 -56.79 -15.87 -49.96
N LEU D 132 -56.85 -14.54 -50.03
CA LEU D 132 -57.63 -13.80 -49.04
C LEU D 132 -59.04 -14.37 -48.85
N PRO D 133 -59.78 -14.82 -49.89
CA PRO D 133 -61.09 -15.45 -49.65
C PRO D 133 -61.07 -16.72 -48.80
N ASN D 134 -60.06 -17.57 -48.93
CA ASN D 134 -60.05 -18.77 -48.13
C ASN D 134 -59.49 -18.55 -46.72
N VAL D 135 -58.84 -17.41 -46.48
CA VAL D 135 -58.17 -17.12 -45.20
C VAL D 135 -59.04 -16.31 -44.26
N VAL D 136 -59.56 -15.17 -44.73
CA VAL D 136 -60.53 -14.36 -44.01
C VAL D 136 -61.92 -14.98 -44.20
N ARG D 137 -62.47 -15.51 -43.14
CA ARG D 137 -63.81 -16.07 -43.17
C ARG D 137 -64.80 -15.00 -42.74
N PRO D 138 -66.10 -15.15 -43.06
CA PRO D 138 -67.10 -14.14 -42.66
C PRO D 138 -66.95 -13.65 -41.21
N GLY D 139 -67.12 -12.33 -41.03
CA GLY D 139 -66.91 -11.68 -39.74
C GLY D 139 -65.50 -11.27 -39.40
N GLY D 140 -64.48 -11.83 -40.06
CA GLY D 140 -63.12 -11.39 -39.82
C GLY D 140 -62.90 -9.94 -40.23
N LEU D 141 -61.89 -9.30 -39.65
CA LEU D 141 -61.61 -7.89 -39.90
C LEU D 141 -60.38 -7.72 -40.79
N ILE D 142 -60.50 -6.85 -41.80
CA ILE D 142 -59.42 -6.54 -42.74
C ILE D 142 -59.08 -5.06 -42.59
N TYR D 143 -57.85 -4.76 -42.19
CA TYR D 143 -57.40 -3.40 -41.89
C TYR D 143 -56.69 -2.83 -43.12
N VAL D 144 -57.15 -1.67 -43.59
CA VAL D 144 -56.58 -1.05 -44.78
C VAL D 144 -55.85 0.24 -44.40
N ASP D 145 -55.01 0.70 -45.33
CA ASP D 145 -54.06 1.78 -45.10
C ASP D 145 -53.16 1.45 -43.91
N ASP D 146 -53.30 2.24 -42.85
CA ASP D 146 -52.52 2.01 -41.64
C ASP D 146 -53.48 1.77 -40.49
N GLY D 147 -54.33 0.75 -40.63
CA GLY D 147 -55.36 0.49 -39.64
C GLY D 147 -56.48 1.49 -39.63
N VAL D 148 -56.51 2.43 -40.57
CA VAL D 148 -57.46 3.52 -40.50
C VAL D 148 -58.84 3.06 -40.97
N LEU D 149 -58.91 2.46 -42.16
CA LEU D 149 -60.12 1.83 -42.69
C LEU D 149 -60.13 0.37 -42.28
N THR D 150 -61.25 -0.09 -41.74
CA THR D 150 -61.44 -1.50 -41.43
C THR D 150 -62.66 -2.05 -42.14
N LEU D 151 -62.63 -3.35 -42.42
CA LEU D 151 -63.78 -4.03 -43.00
C LEU D 151 -64.12 -5.26 -42.17
N ARG D 152 -65.41 -5.63 -42.26
CA ARG D 152 -65.89 -6.87 -41.61
C ARG D 152 -66.52 -7.69 -42.73
N VAL D 153 -65.88 -8.79 -43.12
CA VAL D 153 -66.34 -9.60 -44.24
C VAL D 153 -67.72 -10.13 -43.92
N LEU D 154 -68.63 -10.00 -44.88
CA LEU D 154 -70.01 -10.44 -44.70
C LEU D 154 -70.27 -11.76 -45.43
N SER D 155 -69.91 -11.85 -46.71
CA SER D 155 -70.12 -13.09 -47.44
C SER D 155 -68.89 -13.37 -48.29
N LYS D 156 -68.48 -14.64 -48.35
CA LYS D 156 -67.47 -15.05 -49.32
C LYS D 156 -68.27 -15.29 -50.58
N GLU D 157 -68.40 -14.24 -51.40
CA GLU D 157 -69.39 -14.24 -52.46
C GLU D 157 -68.97 -15.09 -53.67
N ASP D 158 -67.85 -14.77 -54.31
CA ASP D 158 -67.42 -15.51 -55.49
C ASP D 158 -66.34 -16.52 -55.14
N ASP D 159 -65.75 -17.16 -56.14
CA ASP D 159 -64.63 -18.05 -55.83
C ASP D 159 -63.41 -17.28 -55.36
N CYS D 160 -63.32 -15.98 -55.67
CA CYS D 160 -62.17 -15.20 -55.22
C CYS D 160 -62.53 -13.71 -55.00
N THR D 161 -63.73 -13.41 -54.45
CA THR D 161 -64.06 -12.06 -53.98
C THR D 161 -64.87 -12.11 -52.67
N LEU D 162 -64.76 -11.06 -51.85
CA LEU D 162 -65.43 -11.03 -50.54
C LEU D 162 -66.22 -9.74 -50.39
N LYS D 163 -67.48 -9.86 -49.97
CA LYS D 163 -68.35 -8.71 -49.75
C LYS D 163 -68.27 -8.32 -48.29
N CYS D 164 -67.86 -7.08 -48.01
CA CYS D 164 -67.56 -6.63 -46.66
C CYS D 164 -68.28 -5.35 -46.32
N HIS D 165 -68.63 -5.23 -45.05
CA HIS D 165 -69.25 -4.04 -44.52
C HIS D 165 -68.12 -3.10 -44.11
N VAL D 166 -68.23 -1.84 -44.52
CA VAL D 166 -67.25 -0.81 -44.18
C VAL D 166 -67.69 -0.21 -42.85
N ASN D 167 -66.77 -0.14 -41.87
CA ASN D 167 -67.14 0.28 -40.52
C ASN D 167 -66.76 1.72 -40.18
N ASN D 168 -65.94 2.37 -40.99
CA ASN D 168 -65.54 3.75 -40.79
C ASN D 168 -65.60 4.46 -42.15
N HIS D 169 -65.05 5.66 -42.23
CA HIS D 169 -65.25 6.53 -43.40
C HIS D 169 -63.89 7.13 -43.72
N HIS D 170 -63.44 6.94 -44.95
CA HIS D 170 -62.04 7.13 -45.31
C HIS D 170 -61.94 7.19 -46.83
N ARG D 171 -61.10 8.07 -47.36
CA ARG D 171 -60.80 8.11 -48.79
C ARG D 171 -59.42 7.52 -49.00
N LEU D 172 -59.29 6.60 -49.96
CA LEU D 172 -58.09 5.80 -50.16
C LEU D 172 -57.43 6.13 -51.49
N THR D 173 -56.10 6.06 -51.52
CA THR D 173 -55.27 6.29 -52.69
C THR D 173 -54.59 4.99 -53.11
N ASP D 174 -53.87 5.01 -54.23
CA ASP D 174 -53.43 3.77 -54.85
C ASP D 174 -52.44 2.99 -53.97
N ARG D 175 -52.53 1.66 -54.08
CA ARG D 175 -51.60 0.69 -53.50
C ARG D 175 -51.28 0.98 -52.03
N LYS D 176 -52.33 1.06 -51.20
CA LYS D 176 -52.17 1.12 -49.76
C LYS D 176 -51.97 -0.29 -49.20
N GLY D 177 -51.73 -0.38 -47.89
CA GLY D 177 -51.35 -1.65 -47.27
C GLY D 177 -52.50 -2.34 -46.56
N ILE D 178 -52.43 -3.68 -46.56
CA ILE D 178 -53.43 -4.53 -45.92
C ILE D 178 -52.80 -5.18 -44.71
N ASN D 179 -53.54 -5.14 -43.60
CA ASN D 179 -53.06 -5.81 -42.37
C ASN D 179 -54.21 -6.75 -41.95
N LEU D 180 -53.89 -8.01 -41.68
CA LEU D 180 -54.95 -8.99 -41.34
C LEU D 180 -54.82 -9.34 -39.85
N PRO D 181 -55.55 -8.64 -38.95
CA PRO D 181 -55.48 -8.90 -37.53
C PRO D 181 -55.52 -10.37 -37.18
N GLY D 182 -56.14 -11.19 -38.03
CA GLY D 182 -56.21 -12.65 -37.78
C GLY D 182 -54.88 -13.16 -37.28
N CYS D 183 -53.76 -12.60 -37.78
CA CYS D 183 -52.42 -13.08 -37.36
C CYS D 183 -51.95 -14.45 -37.87
N GLU D 184 -52.54 -14.93 -38.98
CA GLU D 184 -52.40 -16.32 -39.44
C GLU D 184 -52.15 -16.28 -40.95
N VAL D 185 -51.35 -15.31 -41.40
CA VAL D 185 -51.13 -15.14 -42.88
C VAL D 185 -49.75 -15.68 -43.26
N ASP D 186 -48.80 -15.70 -42.32
CA ASP D 186 -47.45 -16.26 -42.59
C ASP D 186 -46.78 -15.73 -43.86
N LEU D 187 -46.46 -14.44 -43.88
CA LEU D 187 -45.87 -13.83 -45.10
C LEU D 187 -44.45 -14.38 -45.29
N PRO D 188 -43.91 -14.37 -46.52
CA PRO D 188 -42.54 -14.83 -46.74
C PRO D 188 -41.54 -13.81 -46.25
N ALA D 189 -40.25 -14.13 -46.36
CA ALA D 189 -39.28 -13.11 -46.00
C ALA D 189 -38.96 -12.21 -47.18
N VAL D 190 -38.92 -12.77 -48.39
CA VAL D 190 -38.73 -11.99 -49.60
C VAL D 190 -39.71 -12.51 -50.64
N SER D 191 -40.54 -11.61 -51.15
CA SER D 191 -41.51 -12.00 -52.17
C SER D 191 -40.82 -12.42 -53.46
N GLU D 192 -41.60 -13.03 -54.35
CA GLU D 192 -41.06 -13.37 -55.66
C GLU D 192 -40.44 -12.14 -56.31
N LYS D 193 -41.14 -11.01 -56.25
CA LYS D 193 -40.54 -9.77 -56.73
C LYS D 193 -39.23 -9.50 -56.02
N ASP D 194 -39.27 -9.57 -54.69
CA ASP D 194 -38.14 -9.22 -53.83
C ASP D 194 -36.86 -9.92 -54.26
N ARG D 195 -36.92 -11.24 -54.41
CA ARG D 195 -35.75 -12.01 -54.80
C ARG D 195 -35.12 -11.49 -56.08
N LYS D 196 -35.95 -11.14 -57.08
CA LYS D 196 -35.44 -10.64 -58.37
C LYS D 196 -34.88 -9.22 -58.25
N ASP D 197 -35.49 -8.38 -57.41
CA ASP D 197 -34.92 -7.06 -57.14
C ASP D 197 -33.58 -7.16 -56.42
N LEU D 198 -33.46 -8.09 -55.47
CA LEU D 198 -32.17 -8.28 -54.81
C LEU D 198 -31.11 -8.66 -55.84
N GLN D 199 -31.47 -9.51 -56.81
CA GLN D 199 -30.57 -9.83 -57.90
C GLN D 199 -30.19 -8.57 -58.69
N PHE D 200 -31.20 -7.78 -59.07
CA PHE D 200 -30.90 -6.50 -59.72
C PHE D 200 -29.96 -5.67 -58.87
N GLY D 201 -30.17 -5.68 -57.55
CA GLY D 201 -29.33 -4.91 -56.66
C GLY D 201 -27.88 -5.35 -56.70
N VAL D 202 -27.63 -6.66 -56.52
CA VAL D 202 -26.25 -7.14 -56.56
C VAL D 202 -25.66 -6.92 -57.95
N GLU D 203 -26.47 -7.10 -59.00
CA GLU D 203 -25.96 -6.94 -60.36
C GLU D 203 -25.47 -5.52 -60.60
N GLN D 204 -26.12 -4.55 -59.99
CA GLN D 204 -25.73 -3.15 -60.17
C GLN D 204 -24.78 -2.64 -59.10
N GLY D 205 -24.50 -3.40 -58.05
CA GLY D 205 -23.50 -2.94 -57.11
C GLY D 205 -24.03 -2.04 -56.04
N VAL D 206 -25.21 -2.36 -55.52
CA VAL D 206 -25.73 -1.57 -54.43
C VAL D 206 -24.85 -1.78 -53.19
N ASP D 207 -24.84 -0.79 -52.32
CA ASP D 207 -24.01 -0.94 -51.12
C ASP D 207 -24.73 -1.59 -49.95
N MET D 208 -26.03 -1.40 -49.81
CA MET D 208 -26.72 -1.89 -48.64
C MET D 208 -28.15 -2.23 -48.99
N ILE D 209 -28.72 -3.19 -48.26
CA ILE D 209 -30.11 -3.58 -48.43
C ILE D 209 -30.87 -3.14 -47.20
N PHE D 210 -31.94 -2.36 -47.41
CA PHE D 210 -32.91 -2.10 -46.37
C PHE D 210 -33.99 -3.16 -46.51
N ALA D 211 -33.84 -4.26 -45.77
CA ALA D 211 -34.76 -5.39 -45.84
C ALA D 211 -36.06 -5.06 -45.13
N SER D 212 -37.17 -5.18 -45.85
CA SER D 212 -38.47 -4.76 -45.34
C SER D 212 -39.10 -5.82 -44.46
N PHE D 213 -39.82 -5.35 -43.45
CA PHE D 213 -40.71 -6.16 -42.61
C PHE D 213 -39.99 -7.40 -42.11
N ILE D 214 -38.85 -7.18 -41.47
CA ILE D 214 -38.06 -8.24 -40.87
C ILE D 214 -38.63 -8.48 -39.48
N ARG D 215 -39.11 -9.69 -39.26
CA ARG D 215 -39.76 -10.09 -38.02
C ARG D 215 -38.92 -11.04 -37.18
N THR D 216 -38.24 -11.99 -37.80
CA THR D 216 -37.44 -12.97 -37.07
C THR D 216 -36.02 -12.97 -37.59
N ALA D 217 -35.15 -13.66 -36.87
CA ALA D 217 -33.76 -13.79 -37.30
C ALA D 217 -33.62 -14.55 -38.61
N ASP D 218 -34.36 -15.65 -38.76
CA ASP D 218 -34.23 -16.44 -39.98
C ASP D 218 -34.55 -15.65 -41.23
N GLN D 219 -35.43 -14.66 -41.15
CA GLN D 219 -35.78 -13.88 -42.33
C GLN D 219 -34.59 -13.07 -42.84
N VAL D 220 -33.84 -12.45 -41.93
CA VAL D 220 -32.61 -11.81 -42.36
C VAL D 220 -31.58 -12.85 -42.82
N ARG D 221 -31.62 -14.06 -42.26
CA ARG D 221 -30.79 -15.12 -42.81
C ARG D 221 -31.21 -15.45 -44.23
N GLU D 222 -32.53 -15.57 -44.44
CA GLU D 222 -33.08 -15.82 -45.75
C GLU D 222 -32.61 -14.76 -46.74
N VAL D 223 -32.74 -13.49 -46.35
CA VAL D 223 -32.35 -12.39 -47.22
C VAL D 223 -30.90 -12.52 -47.62
N ARG D 224 -30.03 -12.83 -46.66
CA ARG D 224 -28.62 -13.03 -46.99
C ARG D 224 -28.48 -14.10 -48.06
N ALA D 225 -29.21 -15.19 -47.92
CA ALA D 225 -29.18 -16.24 -48.90
C ALA D 225 -29.39 -15.66 -50.30
N ALA D 226 -30.38 -14.77 -50.44
CA ALA D 226 -30.70 -14.24 -51.75
C ALA D 226 -29.49 -13.59 -52.40
N LEU D 227 -28.63 -12.95 -51.63
CA LEU D 227 -27.41 -12.38 -52.17
C LEU D 227 -26.38 -13.48 -52.31
N GLY D 228 -25.96 -13.75 -53.54
CA GLY D 228 -24.96 -14.77 -53.78
C GLY D 228 -23.60 -14.27 -53.33
N GLU D 229 -22.57 -15.06 -53.66
CA GLU D 229 -21.23 -14.62 -53.31
C GLU D 229 -20.86 -13.31 -54.00
N LYS D 230 -21.45 -13.01 -55.16
CA LYS D 230 -21.18 -11.71 -55.75
C LYS D 230 -21.62 -10.60 -54.81
N GLY D 231 -22.70 -10.83 -54.06
CA GLY D 231 -23.20 -9.79 -53.18
C GLY D 231 -23.18 -10.04 -51.68
N LYS D 232 -22.27 -10.88 -51.20
CA LYS D 232 -22.23 -11.09 -49.76
C LYS D 232 -21.52 -9.97 -49.03
N ASP D 233 -20.76 -9.13 -49.73
CA ASP D 233 -20.11 -8.04 -49.02
C ASP D 233 -21.04 -6.89 -48.74
N THR D 234 -22.23 -6.91 -49.32
CA THR D 234 -23.16 -5.81 -49.14
C THR D 234 -23.81 -5.95 -47.77
N LEU D 235 -24.10 -4.81 -47.13
CA LEU D 235 -24.67 -4.81 -45.79
C LEU D 235 -26.15 -5.14 -45.84
N ILE D 236 -26.65 -5.79 -44.80
CA ILE D 236 -28.08 -5.98 -44.61
C ILE D 236 -28.55 -5.11 -43.45
N ILE D 237 -29.59 -4.33 -43.69
CA ILE D 237 -30.15 -3.49 -42.65
C ILE D 237 -31.61 -3.89 -42.51
N SER D 238 -31.94 -4.49 -41.37
CA SER D 238 -33.30 -4.97 -41.12
C SER D 238 -34.17 -3.81 -40.67
N LYS D 239 -35.29 -3.63 -41.37
CA LYS D 239 -36.29 -2.61 -41.04
C LYS D 239 -37.21 -3.19 -39.97
N ILE D 240 -37.14 -2.67 -38.75
CA ILE D 240 -38.03 -3.15 -37.71
C ILE D 240 -39.31 -2.36 -37.77
N GLU D 241 -40.41 -3.06 -38.07
CA GLU D 241 -41.66 -2.36 -38.30
C GLU D 241 -42.89 -3.19 -37.91
N ASN D 242 -42.79 -4.07 -36.94
CA ASN D 242 -44.01 -4.68 -36.42
C ASN D 242 -43.68 -5.12 -35.01
N HIS D 243 -44.66 -5.68 -34.30
CA HIS D 243 -44.39 -6.00 -32.91
C HIS D 243 -43.36 -7.13 -32.79
N GLN D 244 -43.42 -8.09 -33.71
CA GLN D 244 -42.46 -9.20 -33.72
C GLN D 244 -41.04 -8.72 -33.95
N GLY D 245 -40.89 -7.73 -34.83
CA GLY D 245 -39.59 -7.16 -35.05
C GLY D 245 -38.94 -6.67 -33.78
N VAL D 246 -39.75 -6.13 -32.86
CA VAL D 246 -39.23 -5.66 -31.59
C VAL D 246 -39.07 -6.81 -30.59
N GLN D 247 -40.00 -7.77 -30.59
CA GLN D 247 -39.83 -8.92 -29.72
C GLN D 247 -38.51 -9.63 -29.99
N ASN D 248 -38.19 -9.85 -31.26
CA ASN D 248 -37.04 -10.65 -31.66
C ASN D 248 -35.85 -9.79 -32.01
N ILE D 249 -35.80 -8.58 -31.45
CA ILE D 249 -34.80 -7.62 -31.91
C ILE D 249 -33.40 -8.15 -31.62
N ASP D 250 -33.20 -8.87 -30.51
CA ASP D 250 -31.87 -9.34 -30.14
C ASP D 250 -31.33 -10.30 -31.18
N ALA D 251 -32.16 -11.26 -31.58
CA ALA D 251 -31.81 -12.13 -32.70
C ALA D 251 -31.50 -11.34 -33.95
N ILE D 252 -32.32 -10.33 -34.26
CA ILE D 252 -32.16 -9.62 -35.51
C ILE D 252 -30.89 -8.78 -35.52
N ILE D 253 -30.54 -8.11 -34.40
CA ILE D 253 -29.24 -7.45 -34.43
C ILE D 253 -28.12 -8.48 -34.59
N GLU D 254 -28.30 -9.68 -34.03
CA GLU D 254 -27.24 -10.67 -34.20
C GLU D 254 -26.98 -10.95 -35.67
N ALA D 255 -28.04 -11.16 -36.44
CA ALA D 255 -27.85 -11.59 -37.83
C ALA D 255 -27.69 -10.43 -38.79
N SER D 256 -28.18 -9.23 -38.45
CA SER D 256 -28.14 -8.15 -39.42
C SER D 256 -26.82 -7.42 -39.32
N ASP D 257 -26.56 -6.57 -40.29
CA ASP D 257 -25.45 -5.64 -40.17
C ASP D 257 -25.89 -4.32 -39.55
N GLY D 258 -27.17 -4.01 -39.60
CA GLY D 258 -27.66 -2.77 -39.05
C GLY D 258 -29.15 -2.88 -38.91
N ILE D 259 -29.72 -1.92 -38.21
CA ILE D 259 -31.14 -1.91 -37.94
C ILE D 259 -31.70 -0.56 -38.34
N MET D 260 -32.88 -0.58 -38.95
CA MET D 260 -33.64 0.63 -39.23
C MET D 260 -34.94 0.58 -38.44
N VAL D 261 -35.18 1.62 -37.63
CA VAL D 261 -36.41 1.76 -36.85
C VAL D 261 -37.39 2.57 -37.71
N ALA D 262 -38.40 1.88 -38.24
CA ALA D 262 -39.45 2.53 -39.00
C ALA D 262 -40.56 2.86 -38.02
N ARG D 263 -40.52 4.08 -37.49
CA ARG D 263 -41.40 4.44 -36.39
C ARG D 263 -42.83 4.52 -36.86
N GLY D 264 -43.04 4.97 -38.09
CA GLY D 264 -44.35 4.95 -38.66
C GLY D 264 -44.94 3.56 -38.67
N ASP D 265 -44.34 2.60 -39.36
CA ASP D 265 -44.94 1.27 -39.34
C ASP D 265 -45.07 0.73 -37.94
N LEU D 266 -44.19 1.12 -37.03
CA LEU D 266 -44.31 0.65 -35.66
C LEU D 266 -45.58 1.19 -35.03
N GLY D 267 -46.00 2.38 -35.44
CA GLY D 267 -47.21 2.95 -34.89
C GLY D 267 -48.47 2.20 -35.25
N VAL D 268 -48.42 1.38 -36.29
CA VAL D 268 -49.70 0.78 -36.67
C VAL D 268 -50.12 -0.18 -35.57
N GLU D 269 -49.18 -0.85 -34.93
CA GLU D 269 -49.58 -1.87 -33.99
C GLU D 269 -49.43 -1.47 -32.54
N ILE D 270 -48.50 -0.59 -32.18
CA ILE D 270 -48.23 -0.35 -30.76
C ILE D 270 -48.38 1.16 -30.47
N PRO D 271 -48.80 1.55 -29.25
CA PRO D 271 -49.14 2.95 -29.00
C PRO D 271 -47.95 3.89 -29.16
N ALA D 272 -48.26 5.17 -29.31
CA ALA D 272 -47.22 6.17 -29.51
C ALA D 272 -46.27 6.26 -28.34
N GLU D 273 -46.79 6.21 -27.11
CA GLU D 273 -45.91 6.26 -25.94
C GLU D 273 -44.87 5.14 -26.00
N LYS D 274 -45.29 3.94 -26.47
CA LYS D 274 -44.43 2.76 -26.56
C LYS D 274 -43.49 2.82 -27.75
N VAL D 275 -43.88 3.45 -28.85
CA VAL D 275 -42.92 3.70 -29.92
C VAL D 275 -41.74 4.48 -29.35
N VAL D 276 -42.01 5.42 -28.45
CA VAL D 276 -40.94 6.24 -27.92
C VAL D 276 -39.95 5.36 -27.16
N VAL D 277 -40.48 4.49 -26.30
CA VAL D 277 -39.64 3.58 -25.53
C VAL D 277 -38.94 2.62 -26.48
N ALA D 278 -39.72 1.88 -27.26
CA ALA D 278 -39.15 0.90 -28.17
C ALA D 278 -38.01 1.47 -29.00
N GLN D 279 -38.06 2.76 -29.35
CA GLN D 279 -36.97 3.32 -30.12
C GLN D 279 -35.70 3.43 -29.28
N MET D 280 -35.80 4.00 -28.07
CA MET D 280 -34.66 4.04 -27.15
C MET D 280 -34.04 2.66 -26.99
N CYS D 281 -34.90 1.65 -26.85
CA CYS D 281 -34.45 0.28 -26.66
C CYS D 281 -33.69 -0.23 -27.88
N ILE D 282 -34.31 -0.16 -29.07
CA ILE D 282 -33.63 -0.64 -30.28
C ILE D 282 -32.36 0.14 -30.51
N ILE D 283 -32.39 1.48 -30.42
CA ILE D 283 -31.22 2.28 -30.77
C ILE D 283 -30.05 1.95 -29.86
N SER D 284 -30.33 1.73 -28.58
CA SER D 284 -29.23 1.47 -27.65
C SER D 284 -28.75 0.05 -27.79
N LYS D 285 -29.67 -0.91 -27.90
CA LYS D 285 -29.21 -2.27 -28.19
C LYS D 285 -28.28 -2.29 -29.39
N CYS D 286 -28.50 -1.43 -30.37
CA CYS D 286 -27.61 -1.37 -31.52
C CYS D 286 -26.27 -0.72 -31.15
N ASN D 287 -26.31 0.40 -30.43
CA ASN D 287 -25.07 1.03 -29.98
C ASN D 287 -24.18 0.03 -29.26
N VAL D 288 -24.78 -0.73 -28.35
CA VAL D 288 -24.05 -1.71 -27.56
C VAL D 288 -23.43 -2.76 -28.47
N ALA D 289 -24.18 -3.23 -29.47
CA ALA D 289 -23.61 -4.14 -30.42
C ALA D 289 -22.72 -3.45 -31.44
N GLY D 290 -22.60 -2.14 -31.37
CA GLY D 290 -21.72 -1.42 -32.28
C GLY D 290 -22.07 -1.55 -33.75
N LYS D 291 -23.36 -1.68 -34.06
CA LYS D 291 -23.88 -1.78 -35.40
C LYS D 291 -24.72 -0.54 -35.72
N PRO D 292 -24.73 -0.08 -36.98
CA PRO D 292 -25.44 1.16 -37.30
C PRO D 292 -26.95 1.03 -37.18
N VAL D 293 -27.56 2.05 -36.61
CA VAL D 293 -28.99 2.08 -36.43
C VAL D 293 -29.52 3.38 -37.02
N ILE D 294 -30.69 3.29 -37.67
CA ILE D 294 -31.25 4.37 -38.46
C ILE D 294 -32.68 4.68 -38.04
N CYS D 295 -33.00 5.98 -37.96
CA CYS D 295 -34.36 6.46 -37.73
C CYS D 295 -34.99 6.94 -39.02
N ALA D 296 -36.23 6.49 -39.26
CA ALA D 296 -36.73 6.33 -40.62
C ALA D 296 -37.98 7.14 -40.94
N THR D 297 -39.01 7.08 -40.10
CA THR D 297 -40.30 7.58 -40.52
C THR D 297 -40.49 9.00 -39.99
N GLN D 298 -41.55 9.65 -40.44
CA GLN D 298 -42.05 10.87 -39.79
C GLN D 298 -40.96 11.83 -39.36
N MET D 299 -39.98 12.07 -40.24
CA MET D 299 -38.87 12.93 -39.84
C MET D 299 -38.92 14.44 -39.77
N LEU D 300 -39.02 15.08 -40.93
CA LEU D 300 -39.39 16.48 -41.01
C LEU D 300 -40.51 16.56 -42.01
N GLU D 301 -41.55 15.79 -41.76
CA GLU D 301 -42.45 15.45 -42.85
C GLU D 301 -43.19 16.68 -43.36
N SER D 302 -43.64 17.57 -42.45
CA SER D 302 -44.35 18.77 -42.90
C SER D 302 -43.51 19.61 -43.84
N MET D 303 -42.21 19.40 -43.87
CA MET D 303 -41.41 20.24 -44.72
C MET D 303 -41.36 19.69 -46.14
N THR D 304 -42.17 18.65 -46.40
CA THR D 304 -42.42 18.25 -47.76
C THR D 304 -43.10 19.35 -48.54
N THR D 305 -44.03 20.07 -47.89
CA THR D 305 -44.76 21.15 -48.54
C THR D 305 -44.59 22.52 -47.89
N ASN D 306 -44.22 22.59 -46.65
CA ASN D 306 -44.04 23.90 -46.09
C ASN D 306 -42.55 24.16 -45.96
N PRO D 307 -42.13 25.42 -45.98
CA PRO D 307 -40.69 25.72 -45.94
C PRO D 307 -40.08 25.71 -44.55
N ARG D 308 -40.87 25.37 -43.52
CA ARG D 308 -40.47 25.36 -42.13
C ARG D 308 -41.08 24.14 -41.46
N PRO D 309 -40.32 23.44 -40.63
CA PRO D 309 -40.88 22.30 -39.89
C PRO D 309 -41.48 22.77 -38.58
N THR D 310 -42.30 21.90 -37.98
CA THR D 310 -42.86 22.18 -36.66
C THR D 310 -41.82 21.90 -35.60
N ARG D 311 -41.89 22.65 -34.50
CA ARG D 311 -40.86 22.46 -33.47
C ARG D 311 -40.92 21.03 -32.92
N ALA D 312 -42.13 20.52 -32.70
CA ALA D 312 -42.26 19.14 -32.25
C ALA D 312 -41.66 18.16 -33.25
N GLU D 313 -41.59 18.53 -34.53
CA GLU D 313 -40.86 17.70 -35.49
C GLU D 313 -39.37 17.76 -35.26
N VAL D 314 -38.87 18.97 -34.97
CA VAL D 314 -37.45 19.16 -34.71
C VAL D 314 -37.02 18.38 -33.46
N THR D 315 -37.75 18.51 -32.34
CA THR D 315 -37.30 17.76 -31.17
C THR D 315 -37.35 16.27 -31.47
N ASP D 316 -38.36 15.82 -32.21
CA ASP D 316 -38.41 14.41 -32.58
C ASP D 316 -37.10 13.98 -33.25
N VAL D 317 -36.59 14.80 -34.16
CA VAL D 317 -35.33 14.48 -34.84
C VAL D 317 -34.18 14.51 -33.87
N ALA D 318 -34.06 15.62 -33.12
CA ALA D 318 -32.99 15.76 -32.14
C ALA D 318 -32.99 14.61 -31.13
N ASN D 319 -34.17 14.34 -30.56
CA ASN D 319 -34.33 13.21 -29.67
C ASN D 319 -33.83 11.91 -30.29
N ALA D 320 -34.13 11.69 -31.57
CA ALA D 320 -33.57 10.51 -32.22
C ALA D 320 -32.05 10.50 -32.14
N VAL D 321 -31.42 11.67 -32.26
CA VAL D 321 -29.97 11.75 -32.17
C VAL D 321 -29.51 11.53 -30.73
N PHE D 322 -30.18 12.19 -29.77
CA PHE D 322 -29.87 11.96 -28.35
C PHE D 322 -30.02 10.48 -28.01
N ASN D 323 -31.06 9.85 -28.55
CA ASN D 323 -31.35 8.44 -28.38
C ASN D 323 -30.18 7.55 -28.75
N GLY D 324 -29.21 8.08 -29.52
CA GLY D 324 -28.02 7.35 -29.95
C GLY D 324 -27.99 6.95 -31.42
N ALA D 325 -28.94 7.40 -32.23
CA ALA D 325 -29.05 6.92 -33.60
C ALA D 325 -27.88 7.37 -34.45
N ASP D 326 -27.38 6.45 -35.29
CA ASP D 326 -26.32 6.83 -36.20
C ASP D 326 -26.84 7.71 -37.32
N CYS D 327 -27.91 7.28 -37.97
CA CYS D 327 -28.44 7.93 -39.15
C CYS D 327 -29.89 8.32 -38.96
N VAL D 328 -30.29 9.32 -39.75
CA VAL D 328 -31.68 9.74 -39.90
C VAL D 328 -32.03 9.79 -41.39
N MET D 329 -33.27 9.41 -41.74
CA MET D 329 -33.63 9.14 -43.12
C MET D 329 -34.85 9.93 -43.59
N LEU D 330 -34.64 10.82 -44.56
CA LEU D 330 -35.75 11.57 -45.14
C LEU D 330 -36.41 10.77 -46.27
N SER D 331 -37.75 10.79 -46.32
CA SER D 331 -38.49 9.98 -47.27
C SER D 331 -39.23 10.73 -48.36
N GLY D 332 -40.45 11.23 -48.11
CA GLY D 332 -41.12 12.14 -49.04
C GLY D 332 -40.51 13.53 -49.06
N GLU D 333 -39.85 13.94 -47.98
CA GLU D 333 -39.19 15.24 -47.89
C GLU D 333 -38.26 15.50 -49.07
N THR D 334 -37.43 14.54 -49.44
CA THR D 334 -36.54 14.73 -50.57
C THR D 334 -37.00 13.99 -51.81
N ALA D 335 -37.80 12.95 -51.66
CA ALA D 335 -38.20 12.17 -52.82
C ALA D 335 -39.16 12.95 -53.69
N LYS D 336 -40.25 13.43 -53.11
CA LYS D 336 -41.27 14.18 -53.82
C LYS D 336 -41.57 15.48 -53.09
N GLY D 337 -40.55 16.24 -52.72
CA GLY D 337 -40.72 17.35 -51.80
C GLY D 337 -40.41 18.69 -52.43
N LYS D 338 -41.09 19.73 -51.95
CA LYS D 338 -40.91 21.04 -52.54
C LYS D 338 -39.63 21.70 -52.07
N TYR D 339 -39.02 21.16 -50.99
CA TYR D 339 -37.91 21.84 -50.31
C TYR D 339 -36.85 20.81 -49.93
N PRO D 340 -36.25 20.15 -50.93
CA PRO D 340 -35.35 19.03 -50.63
C PRO D 340 -34.01 19.51 -50.11
N ASN D 341 -33.37 20.49 -50.77
CA ASN D 341 -32.11 20.99 -50.26
C ASN D 341 -32.27 21.59 -48.88
N GLU D 342 -33.27 22.43 -48.68
CA GLU D 342 -33.44 23.03 -47.36
C GLU D 342 -33.74 21.99 -46.30
N VAL D 343 -34.45 20.91 -46.64
CA VAL D 343 -34.82 19.98 -45.58
C VAL D 343 -33.62 19.15 -45.16
N VAL D 344 -32.69 18.90 -46.07
CA VAL D 344 -31.46 18.22 -45.70
C VAL D 344 -30.61 19.13 -44.81
N GLN D 345 -30.36 20.34 -45.29
CA GLN D 345 -29.55 21.29 -44.49
C GLN D 345 -30.22 21.46 -43.12
N TYR D 346 -31.54 21.64 -43.12
CA TYR D 346 -32.20 21.75 -41.83
C TYR D 346 -31.81 20.59 -40.94
N MET D 347 -31.84 19.40 -41.50
CA MET D 347 -31.47 18.26 -40.69
C MET D 347 -29.98 18.31 -40.33
N VAL D 348 -29.14 18.82 -41.23
CA VAL D 348 -27.75 19.05 -40.86
C VAL D 348 -27.67 19.86 -39.58
N ARG D 349 -28.44 20.96 -39.53
CA ARG D 349 -28.36 21.89 -38.42
C ARG D 349 -28.89 21.28 -37.14
N ILE D 350 -29.93 20.44 -37.24
CA ILE D 350 -30.39 19.73 -36.05
C ILE D 350 -29.32 18.78 -35.55
N CYS D 351 -28.70 18.03 -36.46
CA CYS D 351 -27.64 17.10 -36.08
C CYS D 351 -26.54 17.80 -35.29
N ILE D 352 -26.01 18.89 -35.84
CA ILE D 352 -24.92 19.61 -35.20
C ILE D 352 -25.36 20.17 -33.84
N GLU D 353 -26.57 20.70 -33.74
CA GLU D 353 -27.06 21.19 -32.45
C GLU D 353 -27.17 20.09 -31.42
N ALA D 354 -27.73 18.95 -31.82
CA ALA D 354 -27.90 17.86 -30.86
C ALA D 354 -26.56 17.25 -30.47
N GLN D 355 -25.58 17.31 -31.35
CA GLN D 355 -24.25 16.79 -30.97
C GLN D 355 -23.73 17.61 -29.81
N SER D 356 -23.61 18.92 -29.98
CA SER D 356 -23.00 19.77 -28.97
C SER D 356 -23.86 19.87 -27.73
N ALA D 357 -25.12 19.50 -27.79
CA ALA D 357 -25.88 19.50 -26.56
C ALA D 357 -25.57 18.29 -25.72
N THR D 358 -24.94 17.25 -26.31
CA THR D 358 -24.67 16.01 -25.60
C THR D 358 -23.31 16.03 -24.91
N HIS D 359 -23.26 15.38 -23.76
CA HIS D 359 -21.99 15.26 -23.07
C HIS D 359 -21.07 14.33 -23.87
N ASP D 360 -19.84 14.79 -24.11
CA ASP D 360 -18.94 14.10 -25.04
C ASP D 360 -18.72 12.64 -24.65
N SER D 361 -18.64 12.36 -23.35
CA SER D 361 -18.05 11.13 -22.86
C SER D 361 -19.01 10.25 -22.08
N VAL D 362 -20.24 10.68 -21.85
CA VAL D 362 -21.18 9.78 -21.17
C VAL D 362 -21.37 8.52 -21.99
N MET D 363 -21.51 8.66 -23.31
CA MET D 363 -21.64 7.46 -24.12
C MET D 363 -20.42 6.57 -23.99
N PHE D 364 -19.24 7.11 -24.28
CA PHE D 364 -18.03 6.30 -24.19
C PHE D 364 -17.98 5.47 -22.90
N ASN D 365 -18.22 6.12 -21.77
CA ASN D 365 -18.12 5.44 -20.48
C ASN D 365 -19.21 4.38 -20.34
N SER D 366 -20.43 4.71 -20.70
CA SER D 366 -21.50 3.74 -20.52
C SER D 366 -21.19 2.52 -21.35
N ILE D 367 -20.68 2.72 -22.56
CA ILE D 367 -20.32 1.59 -23.40
C ILE D 367 -19.15 0.84 -22.81
N LYS D 368 -18.08 1.55 -22.41
CA LYS D 368 -16.93 0.82 -21.86
C LYS D 368 -17.32 0.05 -20.61
N ASN D 369 -18.11 0.65 -19.72
CA ASN D 369 -18.45 -0.12 -18.55
C ASN D 369 -19.38 -1.28 -18.86
N LEU D 370 -19.85 -1.44 -20.08
CA LEU D 370 -20.58 -2.67 -20.33
C LEU D 370 -19.67 -3.86 -20.62
N GLN D 371 -18.41 -3.63 -21.02
CA GLN D 371 -17.62 -4.72 -21.57
C GLN D 371 -16.99 -5.52 -20.44
N LYS D 372 -17.19 -6.84 -20.44
CA LYS D 372 -16.64 -7.72 -19.43
C LYS D 372 -15.15 -8.00 -19.68
N ILE D 373 -14.42 -8.32 -18.63
CA ILE D 373 -12.96 -8.39 -18.68
C ILE D 373 -12.57 -9.85 -18.48
N PRO D 374 -11.77 -10.44 -19.36
CA PRO D 374 -10.97 -9.80 -20.42
C PRO D 374 -11.69 -9.46 -21.72
N MET D 375 -11.26 -8.35 -22.26
CA MET D 375 -11.70 -7.86 -23.56
C MET D 375 -10.93 -8.61 -24.63
N SER D 376 -11.56 -8.80 -25.78
CA SER D 376 -10.82 -9.30 -26.93
C SER D 376 -9.74 -8.28 -27.30
N PRO D 377 -8.58 -8.71 -27.75
CA PRO D 377 -7.56 -7.73 -28.16
C PRO D 377 -8.11 -6.75 -29.19
N GLU D 378 -8.86 -7.25 -30.17
CA GLU D 378 -9.44 -6.38 -31.20
C GLU D 378 -10.23 -5.24 -30.56
N GLU D 379 -11.18 -5.58 -29.68
CA GLU D 379 -11.96 -4.56 -29.01
C GLU D 379 -11.10 -3.67 -28.11
N ALA D 380 -10.19 -4.24 -27.33
CA ALA D 380 -9.46 -3.39 -26.38
C ALA D 380 -8.61 -2.34 -27.09
N VAL D 381 -8.06 -2.68 -28.25
CA VAL D 381 -7.33 -1.66 -29.04
C VAL D 381 -8.25 -0.52 -29.44
N CYS D 382 -9.50 -0.84 -29.76
CA CYS D 382 -10.41 0.18 -30.24
C CYS D 382 -10.89 1.08 -29.09
N SER D 383 -11.32 0.47 -27.98
CA SER D 383 -11.70 1.22 -26.79
C SER D 383 -10.54 2.03 -26.24
N SER D 384 -9.36 1.44 -26.14
CA SER D 384 -8.22 2.19 -25.62
CA SER D 384 -8.24 2.21 -25.61
C SER D 384 -7.88 3.36 -26.53
N ALA D 385 -8.06 3.20 -27.84
CA ALA D 385 -7.77 4.28 -28.78
C ALA D 385 -8.77 5.42 -28.65
N VAL D 386 -10.02 5.11 -28.34
CA VAL D 386 -10.99 6.16 -28.07
C VAL D 386 -10.62 6.91 -26.79
N SER D 387 -10.37 6.16 -25.70
CA SER D 387 -10.08 6.82 -24.43
C SER D 387 -8.74 7.55 -24.48
N SER D 388 -7.74 6.97 -25.14
CA SER D 388 -6.52 7.74 -25.38
C SER D 388 -6.87 9.05 -26.02
N ALA D 389 -7.79 9.02 -26.97
CA ALA D 389 -8.17 10.23 -27.70
C ALA D 389 -8.77 11.26 -26.77
N PHE D 390 -9.63 10.82 -25.85
CA PHE D 390 -10.12 11.73 -24.82
C PHE D 390 -8.96 12.24 -23.96
N GLU D 391 -8.03 11.35 -23.63
CA GLU D 391 -7.04 11.67 -22.62
C GLU D 391 -6.05 12.69 -23.15
N VAL D 392 -5.60 12.53 -24.39
CA VAL D 392 -4.70 13.53 -24.95
C VAL D 392 -5.43 14.70 -25.59
N GLN D 393 -6.76 14.71 -25.60
CA GLN D 393 -7.56 15.68 -26.37
C GLN D 393 -7.11 15.69 -27.83
N ALA D 394 -7.37 14.57 -28.47
CA ALA D 394 -7.09 14.43 -29.89
C ALA D 394 -8.15 15.14 -30.70
N LYS D 395 -7.73 15.68 -31.84
CA LYS D 395 -8.65 16.32 -32.78
C LYS D 395 -9.12 15.38 -33.88
N ALA D 396 -8.59 14.15 -33.93
CA ALA D 396 -8.97 13.18 -34.95
C ALA D 396 -8.52 11.78 -34.56
N ILE D 397 -9.35 10.79 -34.84
CA ILE D 397 -8.91 9.39 -34.95
C ILE D 397 -8.81 9.02 -36.43
N LEU D 398 -7.70 8.38 -36.80
CA LEU D 398 -7.40 7.89 -38.14
C LEU D 398 -7.26 6.37 -38.09
N VAL D 399 -8.19 5.63 -38.64
CA VAL D 399 -8.06 4.18 -38.67
C VAL D 399 -7.78 3.75 -40.11
N LEU D 400 -6.98 2.68 -40.23
CA LEU D 400 -6.64 2.07 -41.54
C LEU D 400 -7.35 0.72 -41.57
N SER D 401 -8.51 0.65 -42.20
CA SER D 401 -9.35 -0.53 -42.22
C SER D 401 -9.79 -0.83 -43.65
N ASN D 402 -9.59 -2.07 -44.08
CA ASN D 402 -10.00 -2.47 -45.42
C ASN D 402 -11.46 -2.87 -45.49
N THR D 403 -11.98 -3.63 -44.56
CA THR D 403 -13.41 -3.89 -44.67
C THR D 403 -14.23 -2.89 -43.88
N GLY D 404 -13.60 -2.17 -42.98
CA GLY D 404 -14.31 -1.24 -42.14
C GLY D 404 -14.71 -1.79 -40.80
N ARG D 405 -14.45 -3.08 -40.52
CA ARG D 405 -14.71 -3.63 -39.20
C ARG D 405 -14.27 -2.66 -38.11
N SER D 406 -13.03 -2.15 -38.23
CA SER D 406 -12.42 -1.33 -37.21
C SER D 406 -13.15 -0.02 -37.00
N ALA D 407 -13.46 0.67 -38.11
CA ALA D 407 -14.08 1.98 -38.02
C ALA D 407 -15.46 1.87 -37.40
N ARG D 408 -16.10 0.73 -37.58
CA ARG D 408 -17.35 0.53 -36.87
C ARG D 408 -17.11 0.37 -35.37
N LEU D 409 -16.01 -0.32 -35.00
CA LEU D 409 -15.66 -0.52 -33.59
C LEU D 409 -15.17 0.75 -32.91
N ILE D 410 -14.38 1.59 -33.59
CA ILE D 410 -14.03 2.86 -32.98
C ILE D 410 -15.27 3.72 -32.80
N SER D 411 -16.12 3.77 -33.83
CA SER D 411 -17.38 4.49 -33.71
C SER D 411 -18.24 3.93 -32.60
N LYS D 412 -18.16 2.62 -32.37
CA LYS D 412 -18.97 2.04 -31.31
C LYS D 412 -18.74 2.77 -29.99
N TYR D 413 -17.49 3.14 -29.73
CA TYR D 413 -17.11 3.81 -28.48
C TYR D 413 -17.26 5.32 -28.54
N ARG D 414 -17.95 5.84 -29.54
CA ARG D 414 -18.36 7.24 -29.61
C ARG D 414 -17.31 8.29 -29.25
N PRO D 415 -16.25 8.42 -30.04
CA PRO D 415 -15.26 9.44 -29.76
C PRO D 415 -15.78 10.86 -29.81
N ASN D 416 -14.83 11.74 -29.60
CA ASN D 416 -14.96 13.17 -29.42
C ASN D 416 -14.71 13.97 -30.68
N CYS D 417 -14.31 13.32 -31.75
CA CYS D 417 -13.80 13.99 -32.95
C CYS D 417 -14.13 13.14 -34.17
N PRO D 418 -13.70 13.51 -35.37
CA PRO D 418 -13.97 12.64 -36.51
C PRO D 418 -13.15 11.37 -36.41
N ILE D 419 -13.74 10.31 -36.92
CA ILE D 419 -13.02 9.09 -37.25
C ILE D 419 -12.76 9.18 -38.75
N ILE D 420 -11.50 9.13 -39.18
CA ILE D 420 -11.16 9.11 -40.59
C ILE D 420 -10.65 7.75 -40.99
N CYS D 421 -11.35 7.10 -41.90
CA CYS D 421 -10.99 5.76 -42.36
C CYS D 421 -10.23 5.84 -43.68
N ALA D 422 -8.99 5.42 -43.65
CA ALA D 422 -8.24 5.23 -44.88
C ALA D 422 -8.48 3.79 -45.30
N THR D 423 -9.15 3.61 -46.44
CA THR D 423 -9.48 2.27 -46.93
C THR D 423 -9.00 2.07 -48.37
N THR D 424 -8.63 0.82 -48.66
CA THR D 424 -8.27 0.36 -50.00
C THR D 424 -9.42 -0.32 -50.73
N ARG D 425 -10.61 -0.34 -50.14
CA ARG D 425 -11.82 -0.86 -50.77
C ARG D 425 -12.80 0.27 -51.00
N LEU D 426 -13.13 0.51 -52.27
CA LEU D 426 -14.12 1.53 -52.60
C LEU D 426 -15.49 1.20 -52.02
N LEU D 427 -15.85 -0.09 -51.97
CA LEU D 427 -17.11 -0.50 -51.36
C LEU D 427 -17.22 -0.07 -49.92
N THR D 428 -16.15 -0.19 -49.15
CA THR D 428 -16.25 0.14 -47.74
C THR D 428 -16.32 1.66 -47.54
N CYS D 429 -15.63 2.45 -48.37
CA CYS D 429 -15.87 3.89 -48.35
C CYS D 429 -17.36 4.16 -48.27
N ARG D 430 -18.10 3.61 -49.24
CA ARG D 430 -19.51 3.93 -49.32
C ARG D 430 -20.26 3.36 -48.13
N GLN D 431 -19.95 2.14 -47.71
CA GLN D 431 -20.74 1.55 -46.65
C GLN D 431 -20.55 2.26 -45.33
N LEU D 432 -19.46 3.00 -45.16
CA LEU D 432 -19.19 3.67 -43.90
C LEU D 432 -20.04 4.92 -43.71
N ASN D 433 -20.75 5.36 -44.75
CA ASN D 433 -21.65 6.51 -44.69
C ASN D 433 -22.72 6.38 -43.63
N VAL D 434 -22.90 5.20 -43.07
CA VAL D 434 -23.97 5.00 -42.12
C VAL D 434 -23.47 4.70 -40.71
N THR D 435 -22.18 4.89 -40.42
CA THR D 435 -21.74 4.81 -39.04
C THR D 435 -21.25 6.18 -38.59
N ARG D 436 -21.57 6.52 -37.35
CA ARG D 436 -21.37 7.87 -36.84
C ARG D 436 -19.89 8.24 -36.79
N SER D 437 -19.58 9.49 -37.09
CA SER D 437 -18.28 10.14 -36.94
C SER D 437 -17.30 9.78 -38.06
N VAL D 438 -17.55 8.75 -38.85
CA VAL D 438 -16.55 8.25 -39.79
C VAL D 438 -16.60 9.04 -41.09
N GLU D 439 -15.45 9.20 -41.74
CA GLU D 439 -15.34 9.88 -43.02
C GLU D 439 -14.21 9.16 -43.74
N SER D 440 -14.45 8.58 -44.90
CA SER D 440 -13.45 7.68 -45.49
C SER D 440 -12.56 8.40 -46.49
N VAL D 441 -11.31 7.96 -46.59
CA VAL D 441 -10.43 8.43 -47.65
C VAL D 441 -9.90 7.19 -48.36
N TYR D 442 -9.88 7.23 -49.70
CA TYR D 442 -9.58 6.04 -50.49
C TYR D 442 -8.12 6.06 -50.95
N TYR D 443 -7.44 4.92 -50.76
CA TYR D 443 -6.06 4.72 -51.21
C TYR D 443 -6.07 3.70 -52.34
N ASP D 444 -5.79 4.15 -53.57
CA ASP D 444 -5.87 3.29 -54.74
C ASP D 444 -4.59 2.47 -54.83
N VAL D 445 -4.66 1.23 -54.32
CA VAL D 445 -3.54 0.31 -54.42
C VAL D 445 -3.11 0.12 -55.88
N ASP D 446 -4.08 -0.07 -56.78
CA ASP D 446 -3.79 -0.21 -58.21
C ASP D 446 -2.97 0.96 -58.74
N ALA D 447 -3.33 2.17 -58.33
CA ALA D 447 -2.66 3.36 -58.82
C ALA D 447 -1.31 3.55 -58.14
N HIS D 448 -1.24 3.31 -56.84
CA HIS D 448 -0.04 3.63 -56.09
C HIS D 448 0.65 2.34 -55.64
N GLY D 449 1.38 2.40 -54.54
CA GLY D 449 2.21 1.29 -54.12
C GLY D 449 1.41 0.19 -53.44
N GLU D 450 2.12 -0.62 -52.65
CA GLU D 450 1.49 -1.60 -51.77
C GLU D 450 1.32 -1.05 -50.37
N ASP D 451 1.96 0.09 -50.11
CA ASP D 451 1.99 0.78 -48.83
C ASP D 451 2.15 -0.22 -47.68
N ASN D 452 3.12 -1.11 -47.80
CA ASN D 452 3.38 -2.04 -46.66
C ASN D 452 3.70 -1.17 -45.44
N ASP D 453 4.82 -0.45 -45.45
CA ASP D 453 5.06 0.49 -44.36
C ASP D 453 3.88 1.36 -44.78
N ARG D 454 2.96 1.60 -43.85
CA ARG D 454 1.79 2.41 -44.14
C ARG D 454 2.04 3.90 -43.94
N GLU D 455 3.15 4.43 -44.42
CA GLU D 455 3.35 5.87 -44.31
C GLU D 455 2.55 6.65 -45.36
N LYS D 456 2.34 6.11 -46.55
CA LYS D 456 1.57 6.86 -47.55
C LYS D 456 0.10 7.01 -47.16
N ARG D 457 -0.59 5.93 -46.77
CA ARG D 457 -1.98 6.09 -46.29
C ARG D 457 -2.04 7.03 -45.08
N VAL D 458 -1.14 6.82 -44.12
CA VAL D 458 -1.14 7.65 -42.92
C VAL D 458 -1.04 9.13 -43.29
N GLN D 459 -0.09 9.47 -44.15
CA GLN D 459 0.02 10.85 -44.63
C GLN D 459 -1.25 11.32 -45.33
N LEU D 460 -1.83 10.49 -46.21
CA LEU D 460 -3.09 10.85 -46.86
C LEU D 460 -4.18 11.23 -45.88
N GLY D 461 -4.33 10.43 -44.82
CA GLY D 461 -5.36 10.72 -43.82
C GLY D 461 -5.04 11.96 -43.00
N VAL D 462 -3.79 12.09 -42.58
CA VAL D 462 -3.38 13.33 -41.94
C VAL D 462 -3.60 14.49 -42.90
N ASP D 463 -3.12 14.34 -44.14
CA ASP D 463 -3.39 15.35 -45.17
C ASP D 463 -4.87 15.63 -45.27
N TRP D 464 -5.67 14.58 -45.33
CA TRP D 464 -7.14 14.77 -45.35
C TRP D 464 -7.55 15.55 -44.11
N ALA D 465 -7.26 15.03 -42.91
CA ALA D 465 -7.73 15.73 -41.71
C ALA D 465 -7.26 17.17 -41.71
N LYS D 466 -6.04 17.40 -42.19
CA LYS D 466 -5.50 18.76 -42.22
C LYS D 466 -6.34 19.66 -43.12
N THR D 467 -6.55 19.25 -44.38
CA THR D 467 -7.30 20.09 -45.33
C THR D 467 -8.75 20.28 -44.90
N LYS D 468 -9.42 19.22 -44.45
CA LYS D 468 -10.79 19.40 -44.00
C LYS D 468 -10.90 20.25 -42.73
N GLY D 469 -9.77 20.78 -42.21
CA GLY D 469 -9.80 21.65 -41.05
C GLY D 469 -9.89 20.97 -39.71
N TYR D 470 -9.79 19.65 -39.68
CA TYR D 470 -9.97 18.94 -38.42
C TYR D 470 -8.80 19.19 -37.48
N VAL D 471 -7.59 19.22 -38.04
CA VAL D 471 -6.39 19.23 -37.25
C VAL D 471 -5.45 20.26 -37.84
N SER D 472 -4.65 20.89 -37.00
CA SER D 472 -3.55 21.71 -37.48
C SER D 472 -2.30 21.40 -36.65
N ALA D 473 -1.14 21.74 -37.22
CA ALA D 473 0.17 21.49 -36.63
C ALA D 473 0.17 21.79 -35.14
N GLY D 474 0.58 20.78 -34.35
CA GLY D 474 0.58 20.86 -32.92
C GLY D 474 -0.51 20.02 -32.29
N ASP D 475 -1.59 19.76 -33.02
CA ASP D 475 -2.63 18.89 -32.50
C ASP D 475 -2.16 17.44 -32.51
N VAL D 476 -2.83 16.62 -31.71
CA VAL D 476 -2.53 15.20 -31.58
C VAL D 476 -3.63 14.40 -32.25
N MET D 477 -3.23 13.36 -32.98
CA MET D 477 -4.15 12.43 -33.61
C MET D 477 -3.84 11.03 -33.10
N VAL D 478 -4.86 10.19 -33.14
CA VAL D 478 -4.73 8.79 -32.80
C VAL D 478 -4.88 8.01 -34.09
N ILE D 479 -3.94 7.09 -34.34
CA ILE D 479 -3.87 6.28 -35.55
C ILE D 479 -3.90 4.81 -35.19
N VAL D 480 -4.74 4.05 -35.87
CA VAL D 480 -4.89 2.63 -35.66
C VAL D 480 -4.69 1.92 -36.97
N HIS D 481 -3.96 0.81 -36.94
CA HIS D 481 -3.78 -0.02 -38.14
C HIS D 481 -3.39 -1.42 -37.67
N ALA D 482 -3.02 -2.27 -38.62
CA ALA D 482 -2.53 -3.60 -38.32
C ALA D 482 -1.01 -3.62 -38.49
N ASP D 483 -0.33 -4.42 -37.67
CA ASP D 483 1.13 -4.45 -37.65
C ASP D 483 1.67 -5.22 -38.87
N HIS D 484 2.98 -5.10 -39.09
CA HIS D 484 3.59 -5.69 -40.27
C HIS D 484 3.94 -7.15 -40.07
N SER D 485 3.54 -7.74 -38.93
CA SER D 485 3.69 -9.16 -38.68
C SER D 485 2.39 -9.94 -38.78
N VAL D 486 1.25 -9.25 -38.83
CA VAL D 486 -0.04 -9.90 -38.89
C VAL D 486 -0.87 -9.22 -39.98
N LYS D 487 -1.95 -9.88 -40.40
CA LYS D 487 -2.96 -9.27 -41.24
C LYS D 487 -4.34 -9.66 -40.73
N GLY D 488 -5.38 -9.02 -41.27
CA GLY D 488 -6.73 -9.29 -40.81
C GLY D 488 -7.44 -8.28 -39.95
N TYR D 489 -6.78 -7.71 -38.92
CA TYR D 489 -7.45 -6.79 -38.00
C TYR D 489 -6.44 -5.85 -37.36
N PRO D 490 -6.74 -4.57 -37.20
CA PRO D 490 -5.79 -3.67 -36.53
C PRO D 490 -5.63 -4.01 -35.06
N ASN D 491 -4.37 -4.00 -34.62
CA ASN D 491 -3.97 -4.38 -33.26
C ASN D 491 -2.89 -3.44 -32.77
N GLN D 492 -2.76 -2.28 -33.37
CA GLN D 492 -1.63 -1.40 -33.13
C GLN D 492 -2.07 0.06 -33.22
N THR D 493 -1.65 0.89 -32.28
CA THR D 493 -2.08 2.27 -32.27
C THR D 493 -0.87 3.20 -32.17
N ARG D 494 -1.03 4.38 -32.71
CA ARG D 494 -0.03 5.44 -32.68
C ARG D 494 -0.68 6.70 -32.14
N LEU D 495 0.08 7.52 -31.40
CA LEU D 495 -0.38 8.84 -30.97
C LEU D 495 0.58 9.85 -31.57
N VAL D 496 0.05 10.69 -32.45
CA VAL D 496 0.88 11.46 -33.36
C VAL D 496 0.56 12.94 -33.25
N ARG D 497 1.60 13.75 -33.16
CA ARG D 497 1.45 15.20 -33.22
C ARG D 497 1.67 15.60 -34.67
N VAL D 498 0.75 16.37 -35.23
CA VAL D 498 0.73 16.58 -36.67
C VAL D 498 1.78 17.60 -37.09
N ARG D 499 2.58 17.24 -38.08
CA ARG D 499 3.61 18.15 -38.54
C ARG D 499 3.27 18.61 -39.94
N SER E 2 9.60 -22.63 87.57
CA SER E 2 10.69 -21.72 87.22
C SER E 2 11.29 -22.14 85.89
N GLN E 3 12.14 -21.29 85.29
CA GLN E 3 12.83 -21.71 84.08
C GLN E 3 13.50 -23.07 84.27
N LEU E 4 14.23 -23.21 85.39
CA LEU E 4 14.87 -24.49 85.72
C LEU E 4 13.85 -25.63 85.74
N GLN E 5 12.70 -25.43 86.40
CA GLN E 5 11.71 -26.50 86.49
C GLN E 5 11.33 -26.95 85.10
N HIS E 6 11.24 -26.00 84.17
CA HIS E 6 10.95 -26.31 82.79
C HIS E 6 12.05 -27.17 82.14
N ASN E 7 13.32 -26.73 82.19
CA ASN E 7 14.36 -27.54 81.55
C ASN E 7 14.42 -28.92 82.17
N ILE E 8 14.31 -29.02 83.49
CA ILE E 8 14.44 -30.32 84.12
C ILE E 8 13.38 -31.29 83.63
N GLY E 9 12.36 -30.81 82.95
CA GLY E 9 11.36 -31.67 82.35
C GLY E 9 11.18 -31.58 80.84
N LEU E 10 12.18 -31.09 80.10
CA LEU E 10 12.08 -31.14 78.65
C LEU E 10 12.38 -32.55 78.17
N SER E 11 11.90 -32.85 76.96
CA SER E 11 12.20 -34.13 76.31
C SER E 11 12.56 -33.90 74.86
N ILE E 12 13.59 -34.61 74.40
CA ILE E 12 14.04 -34.49 73.02
C ILE E 12 13.13 -35.29 72.09
N PHE E 13 12.37 -36.23 72.65
CA PHE E 13 11.58 -37.21 71.91
C PHE E 13 10.11 -36.89 71.84
N GLU E 14 9.69 -35.79 72.42
CA GLU E 14 8.28 -35.58 72.24
C GLU E 14 8.04 -34.58 71.13
N PRO E 15 6.98 -34.76 70.33
CA PRO E 15 6.58 -33.72 69.38
C PRO E 15 6.21 -32.43 70.10
N VAL E 16 6.48 -31.31 69.45
CA VAL E 16 6.21 -29.99 70.02
C VAL E 16 4.94 -29.41 69.43
N ALA E 17 4.12 -28.81 70.29
CA ALA E 17 2.87 -28.17 69.91
C ALA E 17 3.00 -26.70 70.29
N LYS E 18 3.60 -25.92 69.39
CA LYS E 18 3.77 -24.48 69.61
C LYS E 18 3.60 -23.77 68.28
N HIS E 19 2.48 -23.02 68.10
CA HIS E 19 2.35 -22.22 66.88
C HIS E 19 3.40 -21.11 66.88
N ARG E 20 4.28 -21.15 65.88
CA ARG E 20 5.44 -20.26 65.82
C ARG E 20 5.03 -18.83 66.10
N ALA E 21 5.74 -18.19 67.01
CA ALA E 21 5.50 -16.80 67.36
C ALA E 21 6.67 -15.88 67.04
N ASN E 22 7.84 -16.41 66.76
CA ASN E 22 8.90 -15.49 66.40
C ASN E 22 8.76 -15.20 64.91
N ARG E 23 9.42 -14.14 64.47
CA ARG E 23 9.24 -13.68 63.10
C ARG E 23 10.59 -13.66 62.40
N ILE E 24 10.62 -14.07 61.13
CA ILE E 24 11.86 -14.17 60.35
C ILE E 24 11.87 -13.10 59.24
N ILE E 25 12.91 -12.27 59.24
CA ILE E 25 13.17 -11.30 58.19
C ILE E 25 14.21 -11.90 57.27
N CYS E 26 13.99 -11.84 55.95
CA CYS E 26 14.98 -12.29 54.95
C CYS E 26 15.35 -11.13 54.05
N THR E 27 16.65 -10.96 53.81
CA THR E 27 17.09 -9.91 52.92
C THR E 27 17.11 -10.46 51.51
N ILE E 28 16.53 -9.71 50.57
CA ILE E 28 16.25 -10.20 49.23
C ILE E 28 17.44 -9.86 48.35
N GLY E 29 17.92 -10.84 47.59
CA GLY E 29 18.99 -10.62 46.65
C GLY E 29 18.89 -11.53 45.45
N PRO E 30 19.97 -11.61 44.66
CA PRO E 30 19.97 -12.42 43.41
C PRO E 30 19.37 -13.81 43.51
N SER E 31 19.64 -14.58 44.56
CA SER E 31 19.04 -15.91 44.60
C SER E 31 17.56 -15.88 45.00
N THR E 32 16.98 -14.71 45.28
CA THR E 32 15.57 -14.67 45.70
C THR E 32 14.75 -13.50 45.14
N GLN E 33 15.21 -12.79 44.12
CA GLN E 33 14.37 -11.69 43.65
C GLN E 33 13.17 -12.17 42.85
N SER E 34 13.26 -13.37 42.27
CA SER E 34 12.21 -13.94 41.45
C SER E 34 10.90 -14.05 42.20
N VAL E 35 9.78 -13.92 41.48
CA VAL E 35 8.48 -14.13 42.12
C VAL E 35 8.37 -15.56 42.61
N GLU E 36 8.87 -16.51 41.82
CA GLU E 36 8.80 -17.89 42.26
C GLU E 36 9.60 -18.06 43.55
N ALA E 37 10.82 -17.50 43.58
CA ALA E 37 11.66 -17.58 44.76
C ALA E 37 11.04 -16.86 45.95
N LEU E 38 10.50 -15.68 45.71
CA LEU E 38 9.77 -14.94 46.74
C LEU E 38 8.59 -15.73 47.23
N LYS E 39 7.84 -16.37 46.33
CA LYS E 39 6.75 -17.22 46.78
C LYS E 39 7.24 -18.30 47.72
N GLY E 40 8.41 -18.89 47.42
CA GLY E 40 8.94 -19.95 48.27
C GLY E 40 9.47 -19.44 49.60
N LEU E 41 10.21 -18.34 49.54
CA LEU E 41 10.65 -17.67 50.75
C LEU E 41 9.49 -17.36 51.67
N MET E 42 8.47 -16.70 51.14
CA MET E 42 7.32 -16.37 51.98
C MET E 42 6.66 -17.64 52.47
N LYS E 43 6.42 -18.59 51.56
CA LYS E 43 5.76 -19.82 51.94
C LYS E 43 6.49 -20.50 53.07
N SER E 44 7.81 -20.31 53.14
CA SER E 44 8.69 -20.94 54.11
C SER E 44 8.90 -20.15 55.40
N GLY E 45 8.16 -19.07 55.62
CA GLY E 45 8.20 -18.43 56.92
C GLY E 45 8.72 -17.01 56.95
N MET E 46 8.93 -16.42 55.77
CA MET E 46 9.29 -15.01 55.68
C MET E 46 8.11 -14.13 56.05
N SER E 47 8.38 -13.09 56.83
CA SER E 47 7.36 -12.11 57.15
C SER E 47 7.76 -10.70 56.75
N VAL E 48 9.05 -10.44 56.55
CA VAL E 48 9.50 -9.16 56.04
C VAL E 48 10.63 -9.45 55.06
N ALA E 49 10.71 -8.67 53.99
CA ALA E 49 11.84 -8.70 53.08
C ALA E 49 12.66 -7.42 53.24
N ARG E 50 13.97 -7.57 53.35
CA ARG E 50 14.88 -6.43 53.50
C ARG E 50 15.52 -6.06 52.18
N MET E 51 15.62 -4.76 51.91
CA MET E 51 16.36 -4.23 50.78
C MET E 51 17.57 -3.46 51.29
N ASN E 52 18.77 -3.93 50.95
CA ASN E 52 19.99 -3.28 51.40
C ASN E 52 20.40 -2.28 50.34
N PHE E 53 20.19 -1.02 50.62
CA PHE E 53 20.47 0.05 49.67
C PHE E 53 21.94 0.44 49.63
N SER E 54 22.83 -0.32 50.28
CA SER E 54 24.23 -0.07 50.03
C SER E 54 24.65 -0.51 48.63
N HIS E 55 23.94 -1.47 48.04
CA HIS E 55 24.20 -1.95 46.69
C HIS E 55 22.89 -2.03 45.95
N GLY E 56 22.89 -1.62 44.68
CA GLY E 56 21.70 -1.78 43.87
C GLY E 56 21.05 -0.49 43.39
N SER E 57 20.53 -0.48 42.17
CA SER E 57 19.87 0.71 41.65
C SER E 57 18.43 0.80 42.15
N TYR E 58 17.88 2.02 42.11
CA TYR E 58 16.46 2.18 42.43
C TYR E 58 15.61 1.30 41.52
N GLU E 59 16.00 1.17 40.25
CA GLU E 59 15.33 0.22 39.37
C GLU E 59 15.46 -1.20 39.91
N TYR E 60 16.60 -1.53 40.53
CA TYR E 60 16.79 -2.88 41.05
C TYR E 60 15.86 -3.15 42.23
N HIS E 61 15.69 -2.16 43.10
CA HIS E 61 14.91 -2.39 44.30
C HIS E 61 13.44 -2.25 44.03
N GLN E 62 13.10 -1.41 43.05
CA GLN E 62 11.75 -1.35 42.54
C GLN E 62 11.26 -2.74 42.13
N THR E 63 12.11 -3.49 41.44
CA THR E 63 11.76 -4.85 41.06
C THR E 63 11.43 -5.69 42.28
N THR E 64 12.24 -5.59 43.33
CA THR E 64 11.95 -6.36 44.53
C THR E 64 10.62 -5.94 45.13
N ILE E 65 10.38 -4.64 45.21
CA ILE E 65 9.15 -4.14 45.80
C ILE E 65 7.96 -4.74 45.05
N ASN E 66 7.98 -4.62 43.72
CA ASN E 66 6.92 -5.21 42.90
C ASN E 66 6.80 -6.71 43.15
N ASN E 67 7.95 -7.39 43.23
CA ASN E 67 7.92 -8.85 43.26
C ASN E 67 7.46 -9.39 44.60
N VAL E 68 7.88 -8.77 45.70
CA VAL E 68 7.32 -9.23 46.96
C VAL E 68 5.81 -9.00 46.97
N ARG E 69 5.37 -7.87 46.42
CA ARG E 69 3.93 -7.61 46.42
C ARG E 69 3.19 -8.61 45.57
N ALA E 70 3.75 -8.98 44.42
CA ALA E 70 3.04 -9.89 43.54
C ALA E 70 2.90 -11.26 44.17
N ALA E 71 4.00 -11.80 44.69
CA ALA E 71 3.94 -13.10 45.31
C ALA E 71 3.06 -13.09 46.55
N ALA E 72 3.19 -12.04 47.36
CA ALA E 72 2.34 -11.92 48.55
C ALA E 72 0.88 -11.93 48.16
N ALA E 73 0.54 -11.17 47.11
CA ALA E 73 -0.83 -11.12 46.60
C ALA E 73 -1.30 -12.49 46.14
N GLU E 74 -0.43 -13.21 45.42
CA GLU E 74 -0.79 -14.54 44.92
C GLU E 74 -1.11 -15.49 46.06
N LEU E 75 -0.24 -15.53 47.06
CA LEU E 75 -0.49 -16.44 48.16
C LEU E 75 -1.46 -15.84 49.17
N GLY E 76 -1.73 -14.54 49.05
CA GLY E 76 -2.66 -13.91 49.96
C GLY E 76 -2.02 -13.60 51.29
N LEU E 77 -0.80 -13.07 51.30
CA LEU E 77 -0.15 -12.79 52.56
C LEU E 77 0.18 -11.31 52.70
N HIS E 78 0.25 -10.88 53.97
CA HIS E 78 0.73 -9.56 54.38
C HIS E 78 2.21 -9.69 54.68
N ILE E 79 3.05 -9.27 53.74
CA ILE E 79 4.49 -9.28 53.94
C ILE E 79 4.97 -7.84 54.03
N GLY E 80 5.72 -7.53 55.08
CA GLY E 80 6.28 -6.19 55.18
C GLY E 80 7.48 -6.01 54.27
N ILE E 81 7.80 -4.75 53.99
CA ILE E 81 8.96 -4.40 53.18
C ILE E 81 9.77 -3.38 53.97
N ALA E 82 11.08 -3.63 54.10
CA ALA E 82 11.97 -2.75 54.86
C ALA E 82 13.10 -2.23 53.99
N LEU E 83 13.46 -0.97 54.20
CA LEU E 83 14.50 -0.28 53.46
C LEU E 83 15.68 -0.03 54.38
N ASP E 84 16.79 -0.75 54.15
CA ASP E 84 18.01 -0.58 54.94
C ASP E 84 18.88 0.49 54.26
N THR E 85 19.09 1.61 54.95
CA THR E 85 19.89 2.68 54.38
C THR E 85 21.37 2.33 54.35
N LYS E 86 22.09 3.01 53.46
CA LYS E 86 23.55 2.88 53.41
C LYS E 86 24.20 3.62 54.57
N GLY E 87 23.66 4.78 54.92
CA GLY E 87 24.17 5.51 56.05
C GLY E 87 25.50 6.13 55.71
N PRO E 88 25.98 7.03 56.55
CA PRO E 88 27.33 7.54 56.35
C PRO E 88 28.03 6.21 56.56
N GLU E 89 28.56 5.60 55.50
CA GLU E 89 29.39 4.40 55.62
C GLU E 89 30.83 4.71 55.24
N ALA E 189 25.14 11.88 59.94
CA ALA E 189 24.25 10.73 60.09
C ALA E 189 23.29 10.58 58.90
N VAL E 190 22.73 11.68 58.40
CA VAL E 190 21.80 11.58 57.27
C VAL E 190 22.47 12.11 56.01
N SER E 191 23.13 11.22 55.27
CA SER E 191 23.80 11.60 54.05
C SER E 191 22.80 11.93 52.94
N GLU E 192 23.27 12.73 51.97
CA GLU E 192 22.45 13.06 50.81
C GLU E 192 21.95 11.81 50.10
N LYS E 193 22.85 10.83 49.88
CA LYS E 193 22.44 9.57 49.25
C LYS E 193 21.37 8.84 50.04
N ASP E 194 21.57 8.67 51.36
CA ASP E 194 20.52 8.08 52.19
C ASP E 194 19.21 8.89 52.07
N ARG E 195 19.31 10.21 52.14
CA ARG E 195 18.12 11.06 52.08
C ARG E 195 17.28 10.76 50.85
N LYS E 196 17.90 10.74 49.66
CA LYS E 196 17.13 10.44 48.47
C LYS E 196 16.64 9.01 48.49
N ASP E 197 17.41 8.07 49.08
CA ASP E 197 16.90 6.71 49.25
C ASP E 197 15.64 6.72 50.08
N LEU E 198 15.62 7.54 51.12
CA LEU E 198 14.42 7.61 51.94
C LEU E 198 13.25 8.19 51.15
N GLN E 199 13.51 9.24 50.37
CA GLN E 199 12.42 9.80 49.58
C GLN E 199 11.77 8.71 48.74
N PHE E 200 12.60 7.87 48.12
CA PHE E 200 12.11 6.75 47.32
C PHE E 200 11.32 5.75 48.16
N GLY E 201 11.81 5.44 49.35
CA GLY E 201 11.19 4.39 50.14
C GLY E 201 9.80 4.77 50.64
N VAL E 202 9.67 5.97 51.17
CA VAL E 202 8.36 6.42 51.62
C VAL E 202 7.42 6.59 50.45
N GLU E 203 7.94 7.10 49.35
CA GLU E 203 7.18 7.39 48.15
C GLU E 203 6.67 6.12 47.48
N GLN E 204 7.42 5.02 47.62
CA GLN E 204 7.07 3.70 47.14
C GLN E 204 6.32 2.85 48.17
N GLY E 205 6.23 3.32 49.41
CA GLY E 205 5.43 2.68 50.44
C GLY E 205 6.07 1.57 51.25
N VAL E 206 7.39 1.59 51.43
CA VAL E 206 8.01 0.57 52.28
C VAL E 206 7.50 0.76 53.71
N ASP E 207 7.49 -0.32 54.46
CA ASP E 207 6.85 -0.27 55.77
C ASP E 207 7.74 0.26 56.89
N MET E 208 9.06 0.21 56.75
CA MET E 208 9.95 0.61 57.83
C MET E 208 11.35 0.84 57.30
N ILE E 209 12.08 1.69 57.96
CA ILE E 209 13.46 1.98 57.61
C ILE E 209 14.36 1.27 58.62
N PHE E 210 15.48 0.73 58.14
CA PHE E 210 16.54 0.19 58.98
C PHE E 210 17.66 1.22 59.03
N ALA E 211 17.47 2.23 59.86
CA ALA E 211 18.34 3.39 59.87
C ALA E 211 19.73 3.00 60.36
N SER E 212 20.73 3.18 59.52
CA SER E 212 22.06 2.67 59.81
C SER E 212 22.84 3.62 60.70
N PHE E 213 23.75 3.04 61.49
CA PHE E 213 24.71 3.78 62.31
C PHE E 213 24.05 4.85 63.15
N ILE E 214 23.22 4.41 64.08
CA ILE E 214 22.55 5.35 64.96
C ILE E 214 23.38 5.51 66.22
N ARG E 215 23.77 6.75 66.49
CA ARG E 215 24.63 7.11 67.61
C ARG E 215 23.90 7.90 68.66
N THR E 216 23.11 8.89 68.26
CA THR E 216 22.39 9.76 69.17
C THR E 216 20.90 9.69 68.88
N ALA E 217 20.09 10.08 69.87
CA ALA E 217 18.65 10.17 69.62
C ALA E 217 18.33 11.35 68.72
N ASP E 218 19.19 12.37 68.72
CA ASP E 218 19.06 13.46 67.75
C ASP E 218 19.24 12.96 66.33
N GLN E 219 20.08 11.96 66.12
CA GLN E 219 20.26 11.47 64.76
C GLN E 219 19.03 10.71 64.28
N VAL E 220 18.42 9.91 65.15
CA VAL E 220 17.23 9.18 64.72
C VAL E 220 16.09 10.14 64.38
N ARG E 221 15.99 11.28 65.06
CA ARG E 221 14.94 12.25 64.72
C ARG E 221 15.25 12.97 63.42
N GLU E 222 16.52 13.11 63.05
CA GLU E 222 16.85 13.58 61.70
C GLU E 222 16.33 12.62 60.64
N VAL E 223 16.32 11.33 60.93
CA VAL E 223 15.75 10.34 60.02
C VAL E 223 14.26 10.57 59.85
N ARG E 224 13.54 10.73 60.97
CA ARG E 224 12.11 10.98 60.87
C ARG E 224 11.83 12.24 60.07
N ALA E 225 12.66 13.27 60.24
CA ALA E 225 12.48 14.49 59.45
C ALA E 225 12.66 14.20 57.96
N ALA E 226 13.64 13.38 57.60
CA ALA E 226 13.83 13.07 56.20
C ALA E 226 12.58 12.40 55.62
N LEU E 227 11.98 11.48 56.36
CA LEU E 227 10.68 10.98 55.93
C LEU E 227 9.70 12.13 56.02
N GLY E 228 9.32 12.70 54.88
CA GLY E 228 8.39 13.82 54.88
C GLY E 228 7.07 13.47 55.52
N GLU E 229 6.19 14.45 55.72
CA GLU E 229 4.98 14.10 56.45
C GLU E 229 4.22 12.99 55.75
N LYS E 230 4.57 12.67 54.50
CA LYS E 230 4.05 11.47 53.85
C LYS E 230 4.66 10.20 54.41
N GLY E 231 5.80 10.27 55.09
CA GLY E 231 6.38 9.08 55.68
C GLY E 231 6.32 9.17 57.19
N LYS E 232 5.29 9.88 57.67
CA LYS E 232 5.14 10.11 59.09
C LYS E 232 4.96 8.81 59.86
N ASP E 233 4.19 7.87 59.32
CA ASP E 233 3.84 6.65 60.05
C ASP E 233 4.64 5.47 59.56
N THR E 234 5.89 5.70 59.27
CA THR E 234 6.82 4.65 58.96
C THR E 234 7.56 4.27 60.21
N LEU E 235 7.81 2.97 60.36
CA LEU E 235 8.64 2.49 61.45
C LEU E 235 10.08 2.91 61.22
N ILE E 236 10.67 3.63 62.18
CA ILE E 236 12.13 3.79 62.23
C ILE E 236 12.68 2.77 63.21
N ILE E 237 13.39 1.81 62.64
CA ILE E 237 14.10 0.78 63.37
C ILE E 237 15.56 1.19 63.40
N SER E 238 16.11 1.33 64.61
CA SER E 238 17.46 1.84 64.78
C SER E 238 18.48 0.71 64.74
N LYS E 239 19.48 0.86 63.89
CA LYS E 239 20.62 -0.06 63.83
C LYS E 239 21.71 0.45 64.79
N ILE E 240 21.91 -0.27 65.89
CA ILE E 240 23.00 0.03 66.80
C ILE E 240 24.19 -0.82 66.35
N GLU E 241 25.24 -0.16 65.85
CA GLU E 241 26.37 -0.86 65.26
C GLU E 241 27.72 -0.28 65.66
N ASN E 242 27.78 0.46 66.75
CA ASN E 242 29.04 1.02 67.24
C ASN E 242 28.85 1.32 68.72
N HIS E 243 29.88 1.88 69.35
CA HIS E 243 29.84 2.00 70.80
C HIS E 243 28.90 3.12 71.24
N GLN E 244 28.91 4.26 70.53
CA GLN E 244 28.02 5.36 70.91
C GLN E 244 26.57 4.91 70.89
N GLY E 245 26.19 4.11 69.90
CA GLY E 245 24.83 3.61 69.85
C GLY E 245 24.49 2.82 71.10
N VAL E 246 25.45 2.03 71.58
CA VAL E 246 25.27 1.33 72.85
C VAL E 246 25.29 2.31 74.01
N GLN E 247 26.21 3.29 73.96
CA GLN E 247 26.34 4.28 75.03
C GLN E 247 25.05 5.06 75.27
N ASN E 248 24.41 5.49 74.18
CA ASN E 248 23.21 6.31 74.27
C ASN E 248 21.95 5.48 74.06
N ILE E 249 22.01 4.17 74.30
CA ILE E 249 20.91 3.29 73.92
C ILE E 249 19.59 3.72 74.55
N ASP E 250 19.63 4.38 75.70
CA ASP E 250 18.38 4.69 76.39
C ASP E 250 17.59 5.76 75.65
N ALA E 251 18.28 6.83 75.25
CA ALA E 251 17.65 7.86 74.42
C ALA E 251 17.24 7.31 73.05
N ILE E 252 18.08 6.47 72.46
CA ILE E 252 17.80 5.91 71.13
C ILE E 252 16.51 5.09 71.15
N ILE E 253 16.28 4.31 72.21
CA ILE E 253 15.08 3.48 72.23
C ILE E 253 13.84 4.34 72.40
N GLU E 254 13.92 5.39 73.22
CA GLU E 254 12.76 6.27 73.41
C GLU E 254 12.38 6.95 72.09
N ALA E 255 13.36 7.40 71.33
CA ALA E 255 13.10 8.10 70.07
C ALA E 255 12.90 7.16 68.90
N SER E 256 13.30 5.89 69.01
CA SER E 256 13.08 4.93 67.93
C SER E 256 11.79 4.15 68.18
N ASP E 257 11.41 3.38 67.16
CA ASP E 257 10.26 2.47 67.21
C ASP E 257 10.65 1.04 67.49
N GLY E 258 11.80 0.62 66.97
CA GLY E 258 12.33 -0.71 67.20
C GLY E 258 13.84 -0.61 67.09
N ILE E 259 14.50 -1.71 67.43
CA ILE E 259 15.95 -1.76 67.58
C ILE E 259 16.51 -2.96 66.85
N MET E 260 17.63 -2.79 66.16
CA MET E 260 18.32 -3.89 65.53
C MET E 260 19.74 -3.96 66.10
N VAL E 261 20.12 -5.14 66.58
CA VAL E 261 21.47 -5.36 67.11
C VAL E 261 22.35 -5.76 65.93
N ALA E 262 23.10 -4.79 65.42
CA ALA E 262 23.98 -5.07 64.28
C ALA E 262 25.26 -5.64 64.85
N ARG E 263 25.12 -6.88 65.34
CA ARG E 263 26.23 -7.55 66.04
C ARG E 263 27.54 -7.47 65.28
N GLY E 264 27.61 -8.04 64.10
CA GLY E 264 28.92 -8.04 63.45
C GLY E 264 29.56 -6.66 63.46
N ASP E 265 28.80 -5.65 63.02
CA ASP E 265 29.32 -4.26 62.99
C ASP E 265 29.62 -3.80 64.41
N LEU E 266 28.98 -4.42 65.39
CA LEU E 266 29.27 -4.13 66.80
C LEU E 266 30.55 -4.80 67.27
N GLY E 267 30.77 -6.06 66.87
CA GLY E 267 31.93 -6.81 67.29
C GLY E 267 33.25 -6.29 66.75
N VAL E 268 33.21 -5.28 65.88
CA VAL E 268 34.43 -4.65 65.38
C VAL E 268 34.88 -3.47 66.24
N GLU E 269 33.96 -2.77 66.92
CA GLU E 269 34.41 -1.66 67.76
C GLU E 269 34.64 -2.03 69.21
N ILE E 270 33.88 -3.01 69.72
CA ILE E 270 33.86 -3.37 71.13
C ILE E 270 34.19 -4.86 71.14
N PRO E 271 34.80 -5.42 72.23
CA PRO E 271 35.29 -6.80 72.16
C PRO E 271 34.23 -7.77 71.70
N ALA E 272 34.49 -8.44 70.59
CA ALA E 272 33.53 -9.38 70.05
C ALA E 272 33.11 -10.36 71.14
N GLU E 273 34.05 -10.79 71.96
CA GLU E 273 33.68 -11.60 73.10
C GLU E 273 32.59 -10.94 73.93
N LYS E 274 32.72 -9.64 74.20
CA LYS E 274 31.79 -8.93 75.08
C LYS E 274 30.46 -8.54 74.41
N VAL E 275 30.35 -8.58 73.08
CA VAL E 275 29.08 -8.23 72.43
C VAL E 275 27.94 -9.03 73.02
N VAL E 276 28.22 -10.25 73.46
CA VAL E 276 27.24 -11.09 74.14
C VAL E 276 26.46 -10.29 75.17
N VAL E 277 27.14 -9.44 75.95
CA VAL E 277 26.49 -8.73 77.04
C VAL E 277 25.56 -7.64 76.51
N ALA E 278 26.01 -6.91 75.49
CA ALA E 278 25.16 -5.89 74.89
C ALA E 278 23.84 -6.49 74.38
N GLN E 279 23.90 -7.63 73.69
CA GLN E 279 22.69 -8.18 73.10
C GLN E 279 21.62 -8.46 74.15
N MET E 280 21.90 -9.32 75.12
CA MET E 280 20.89 -9.59 76.15
C MET E 280 20.48 -8.31 76.85
N CYS E 281 21.43 -7.39 77.05
CA CYS E 281 21.11 -6.08 77.61
C CYS E 281 19.98 -5.38 76.83
N ILE E 282 20.16 -5.28 75.50
CA ILE E 282 19.34 -4.41 74.66
C ILE E 282 18.00 -5.06 74.37
N ILE E 283 18.03 -6.32 73.92
CA ILE E 283 16.81 -7.09 73.71
C ILE E 283 15.89 -6.93 74.90
N SER E 284 16.38 -7.27 76.10
CA SER E 284 15.53 -7.18 77.27
C SER E 284 15.19 -5.73 77.60
N LYS E 285 16.14 -4.83 77.37
CA LYS E 285 15.86 -3.41 77.58
C LYS E 285 14.67 -2.96 76.71
N CYS E 286 14.59 -3.44 75.46
CA CYS E 286 13.43 -3.17 74.60
C CYS E 286 12.22 -3.99 75.02
N ASN E 287 12.42 -5.24 75.45
CA ASN E 287 11.30 -6.05 75.91
C ASN E 287 10.44 -5.26 76.86
N VAL E 288 11.08 -4.53 77.79
CA VAL E 288 10.34 -3.69 78.72
C VAL E 288 9.72 -2.49 78.02
N ALA E 289 10.48 -1.85 77.10
CA ALA E 289 9.98 -0.69 76.35
C ALA E 289 8.80 -1.01 75.43
N GLY E 290 8.39 -2.28 75.33
CA GLY E 290 7.35 -2.74 74.42
C GLY E 290 7.66 -2.61 72.95
N LYS E 291 8.93 -2.46 72.58
CA LYS E 291 9.27 -2.22 71.17
C LYS E 291 10.01 -3.42 70.56
N PRO E 292 9.71 -3.78 69.31
CA PRO E 292 10.27 -5.00 68.74
C PRO E 292 11.75 -4.87 68.51
N VAL E 293 12.46 -5.97 68.68
CA VAL E 293 13.91 -5.96 68.53
C VAL E 293 14.33 -7.12 67.65
N ILE E 294 15.24 -6.84 66.71
CA ILE E 294 15.66 -7.79 65.70
C ILE E 294 17.14 -8.06 65.87
N CYS E 295 17.50 -9.36 65.89
CA CYS E 295 18.89 -9.81 65.89
C CYS E 295 19.36 -9.98 64.46
N ALA E 296 20.59 -9.57 64.19
CA ALA E 296 20.87 -9.10 62.84
C ALA E 296 21.85 -9.96 62.07
N THR E 297 23.10 -10.04 62.47
CA THR E 297 24.10 -10.55 61.54
C THR E 297 24.55 -11.95 61.93
N GLN E 298 25.34 -12.54 61.04
CA GLN E 298 25.99 -13.84 61.26
C GLN E 298 25.06 -14.84 61.95
N MET E 299 23.95 -15.12 61.26
CA MET E 299 22.94 -16.01 61.81
C MET E 299 23.06 -17.49 61.45
N LEU E 300 22.85 -17.85 60.22
CA LEU E 300 23.16 -19.21 59.82
C LEU E 300 24.12 -19.11 58.64
N GLU E 301 25.11 -18.23 58.79
CA GLU E 301 25.97 -17.84 57.68
C GLU E 301 26.65 -19.02 56.99
N SER E 302 26.96 -20.10 57.69
CA SER E 302 27.54 -21.23 56.96
C SER E 302 26.52 -21.80 55.99
N MET E 303 25.23 -21.66 56.28
CA MET E 303 24.26 -22.17 55.33
C MET E 303 24.22 -21.38 54.03
N THR E 304 24.98 -20.29 53.89
CA THR E 304 25.05 -19.61 52.60
C THR E 304 25.62 -20.51 51.50
N THR E 305 26.53 -21.40 51.84
CA THR E 305 27.14 -22.27 50.83
C THR E 305 27.04 -23.75 51.16
N ASN E 306 26.81 -24.12 52.41
CA ASN E 306 26.60 -25.53 52.72
C ASN E 306 25.16 -25.77 53.11
N PRO E 307 24.62 -26.97 52.89
CA PRO E 307 23.18 -27.20 53.14
C PRO E 307 22.80 -27.23 54.61
N ARG E 308 23.77 -27.27 55.52
CA ARG E 308 23.48 -27.42 56.93
C ARG E 308 24.36 -26.45 57.70
N PRO E 309 23.80 -25.77 58.69
CA PRO E 309 24.60 -24.85 59.50
C PRO E 309 25.42 -25.58 60.56
N THR E 310 26.26 -24.83 61.24
CA THR E 310 27.03 -25.41 62.31
C THR E 310 26.19 -25.42 63.57
N ARG E 311 26.49 -26.36 64.47
CA ARG E 311 25.71 -26.47 65.68
C ARG E 311 25.84 -25.19 66.51
N ALA E 312 27.03 -24.59 66.53
CA ALA E 312 27.23 -23.32 67.25
C ALA E 312 26.39 -22.19 66.68
N GLU E 313 26.30 -22.09 65.35
CA GLU E 313 25.44 -21.09 64.73
C GLU E 313 24.01 -21.27 65.16
N VAL E 314 23.57 -22.52 65.31
CA VAL E 314 22.17 -22.80 65.67
C VAL E 314 21.84 -22.23 67.04
N THR E 315 22.72 -22.48 68.03
CA THR E 315 22.52 -21.93 69.38
C THR E 315 22.56 -20.41 69.38
N ASP E 316 23.41 -19.81 68.55
CA ASP E 316 23.45 -18.36 68.46
C ASP E 316 22.07 -17.79 68.19
N VAL E 317 21.37 -18.37 67.20
CA VAL E 317 19.99 -17.97 66.90
C VAL E 317 19.07 -18.31 68.06
N ALA E 318 19.20 -19.52 68.59
CA ALA E 318 18.38 -19.89 69.74
C ALA E 318 18.64 -18.97 70.92
N ASN E 319 19.92 -18.64 71.21
CA ASN E 319 20.19 -17.73 72.32
C ASN E 319 19.68 -16.32 72.01
N ALA E 320 19.48 -15.99 70.72
CA ALA E 320 18.83 -14.74 70.37
C ALA E 320 17.33 -14.75 70.68
N VAL E 321 16.64 -15.86 70.35
CA VAL E 321 15.22 -15.99 70.70
C VAL E 321 15.05 -16.01 72.20
N PHE E 322 15.85 -16.82 72.88
CA PHE E 322 15.79 -16.94 74.34
C PHE E 322 16.03 -15.59 75.00
N ASN E 323 16.99 -14.81 74.47
CA ASN E 323 17.24 -13.48 75.00
C ASN E 323 16.02 -12.56 74.86
N GLY E 324 15.06 -12.92 74.01
CA GLY E 324 13.80 -12.20 73.98
C GLY E 324 13.50 -11.51 72.68
N ALA E 325 14.35 -11.73 71.68
CA ALA E 325 14.28 -10.97 70.44
C ALA E 325 13.02 -11.36 69.69
N ASP E 326 12.42 -10.36 69.06
CA ASP E 326 11.21 -10.60 68.30
C ASP E 326 11.53 -11.31 67.00
N CYS E 327 12.51 -10.80 66.26
CA CYS E 327 12.83 -11.35 64.96
C CYS E 327 14.32 -11.66 64.87
N VAL E 328 14.60 -12.68 64.07
CA VAL E 328 15.93 -12.98 63.61
C VAL E 328 15.96 -12.71 62.12
N MET E 329 17.11 -12.25 61.61
CA MET E 329 17.18 -11.77 60.22
C MET E 329 18.34 -12.40 59.46
N LEU E 330 18.03 -12.96 58.29
CA LEU E 330 19.02 -13.55 57.41
C LEU E 330 19.58 -12.51 56.47
N SER E 331 20.85 -12.67 56.09
CA SER E 331 21.53 -11.62 55.34
C SER E 331 22.00 -12.20 54.01
N GLY E 332 23.26 -12.60 53.87
CA GLY E 332 23.60 -13.30 52.64
C GLY E 332 22.92 -14.64 52.54
N GLU E 333 22.38 -15.11 53.67
CA GLU E 333 21.82 -16.45 53.73
C GLU E 333 20.78 -16.64 52.65
N THR E 334 19.96 -15.60 52.44
CA THR E 334 18.91 -15.55 51.41
C THR E 334 19.23 -14.65 50.23
N ALA E 335 20.10 -13.64 50.38
CA ALA E 335 20.42 -12.71 49.30
C ALA E 335 21.41 -13.30 48.30
N LYS E 336 22.52 -13.83 48.79
CA LYS E 336 23.55 -14.44 47.96
C LYS E 336 23.54 -15.97 47.99
N GLY E 337 22.71 -16.58 48.86
CA GLY E 337 22.92 -17.96 49.25
C GLY E 337 22.43 -18.98 48.24
N LYS E 338 22.93 -20.20 48.41
CA LYS E 338 22.58 -21.32 47.57
C LYS E 338 21.44 -22.16 48.11
N TYR E 339 20.99 -21.88 49.34
CA TYR E 339 19.92 -22.65 49.97
C TYR E 339 18.97 -21.70 50.72
N PRO E 340 18.34 -20.76 49.99
CA PRO E 340 17.53 -19.73 50.67
C PRO E 340 16.25 -20.26 51.27
N ASN E 341 15.58 -21.20 50.62
CA ASN E 341 14.33 -21.72 51.19
C ASN E 341 14.58 -22.54 52.46
N GLU E 342 15.64 -23.36 52.47
CA GLU E 342 15.90 -24.27 53.58
C GLU E 342 16.57 -23.58 54.76
N VAL E 343 17.33 -22.51 54.51
CA VAL E 343 17.90 -21.79 55.65
C VAL E 343 16.80 -20.99 56.34
N VAL E 344 15.82 -20.49 55.59
CA VAL E 344 14.65 -19.83 56.17
C VAL E 344 13.76 -20.85 56.87
N GLN E 345 13.55 -21.99 56.22
CA GLN E 345 12.86 -23.11 56.85
C GLN E 345 13.60 -23.64 58.08
N TYR E 346 14.94 -23.74 58.02
CA TYR E 346 15.68 -24.14 59.21
C TYR E 346 15.43 -23.17 60.35
N MET E 347 15.50 -21.88 60.06
CA MET E 347 15.24 -20.83 61.04
C MET E 347 13.88 -21.00 61.70
N VAL E 348 12.92 -21.55 60.96
CA VAL E 348 11.58 -21.76 61.50
C VAL E 348 11.62 -22.78 62.64
N ARG E 349 12.26 -23.93 62.40
CA ARG E 349 12.32 -24.98 63.41
C ARG E 349 13.04 -24.50 64.65
N ILE E 350 14.11 -23.70 64.47
CA ILE E 350 14.87 -23.17 65.60
C ILE E 350 13.96 -22.32 66.49
N CYS E 351 13.21 -21.40 65.89
CA CYS E 351 12.32 -20.55 66.67
C CYS E 351 11.32 -21.39 67.45
N ILE E 352 10.78 -22.45 66.83
CA ILE E 352 9.75 -23.27 67.49
C ILE E 352 10.32 -24.03 68.68
N GLU E 353 11.53 -24.61 68.55
CA GLU E 353 12.16 -25.28 69.70
C GLU E 353 12.51 -24.28 70.80
N ALA E 354 13.13 -23.16 70.40
CA ALA E 354 13.43 -22.10 71.35
C ALA E 354 12.15 -21.63 72.05
N GLN E 355 11.13 -21.36 71.25
CA GLN E 355 9.84 -20.97 71.82
C GLN E 355 9.31 -22.04 72.75
N SER E 356 9.38 -23.29 72.31
CA SER E 356 8.84 -24.38 73.14
C SER E 356 9.73 -24.67 74.34
N ALA E 357 11.02 -24.35 74.28
CA ALA E 357 11.90 -24.61 75.42
C ALA E 357 11.80 -23.51 76.45
N THR E 358 11.30 -22.33 76.08
CA THR E 358 11.10 -21.27 77.04
C THR E 358 9.87 -21.50 77.90
N HIS E 359 9.97 -21.05 79.14
CA HIS E 359 8.85 -21.12 80.06
C HIS E 359 7.85 -20.04 79.69
N ASP E 360 6.62 -20.45 79.40
CA ASP E 360 5.61 -19.59 78.79
C ASP E 360 5.25 -18.38 79.64
N SER E 361 5.67 -18.33 80.90
CA SER E 361 5.15 -17.31 81.82
C SER E 361 6.20 -16.44 82.51
N VAL E 362 7.49 -16.74 82.39
CA VAL E 362 8.51 -15.90 83.05
C VAL E 362 8.47 -14.46 82.55
N MET E 363 8.42 -14.26 81.22
CA MET E 363 8.41 -12.91 80.66
C MET E 363 7.29 -12.06 81.21
N PHE E 364 6.07 -12.60 81.25
CA PHE E 364 4.95 -11.84 81.81
C PHE E 364 5.26 -11.27 83.17
N ASN E 365 5.50 -12.16 84.13
CA ASN E 365 5.72 -11.72 85.50
C ASN E 365 6.90 -10.77 85.58
N SER E 366 7.93 -11.00 84.77
CA SER E 366 9.05 -10.06 84.75
C SER E 366 8.55 -8.65 84.43
N ILE E 367 7.78 -8.52 83.33
CA ILE E 367 7.39 -7.19 82.85
C ILE E 367 6.31 -6.57 83.73
N LYS E 368 5.30 -7.36 84.11
CA LYS E 368 4.26 -6.82 84.98
C LYS E 368 4.91 -6.22 86.22
N ASN E 369 5.90 -6.94 86.79
CA ASN E 369 6.65 -6.48 87.96
C ASN E 369 7.52 -5.25 87.71
N LEU E 370 7.90 -4.96 86.47
CA LEU E 370 8.70 -3.75 86.28
C LEU E 370 7.86 -2.48 86.26
N GLN E 371 6.53 -2.60 86.40
CA GLN E 371 5.58 -1.52 86.18
C GLN E 371 5.29 -0.75 87.46
N LYS E 372 4.82 0.48 87.29
CA LYS E 372 4.70 1.41 88.42
C LYS E 372 3.46 1.12 89.25
N ILE E 373 3.54 1.47 90.54
CA ILE E 373 2.60 0.95 91.53
C ILE E 373 1.14 1.06 91.10
N PRO E 374 0.62 2.26 90.64
CA PRO E 374 -0.59 2.26 89.77
C PRO E 374 -0.25 2.39 88.30
N MET E 375 -0.45 1.36 87.50
CA MET E 375 -0.07 1.56 86.13
C MET E 375 -1.20 2.31 85.43
N SER E 376 -0.87 2.87 84.25
CA SER E 376 -1.88 3.58 83.47
C SER E 376 -2.92 2.62 82.91
N PRO E 377 -4.15 3.10 82.68
CA PRO E 377 -5.24 2.23 82.22
C PRO E 377 -4.92 1.51 80.93
N GLU E 378 -4.21 2.17 80.02
CA GLU E 378 -3.66 1.49 78.85
C GLU E 378 -2.89 0.24 79.26
N GLU E 379 -1.82 0.45 80.02
CA GLU E 379 -0.96 -0.65 80.47
C GLU E 379 -1.73 -1.77 81.16
N ALA E 380 -2.75 -1.43 81.94
CA ALA E 380 -3.44 -2.46 82.72
C ALA E 380 -4.23 -3.41 81.85
N VAL E 381 -4.97 -2.87 80.89
CA VAL E 381 -5.90 -3.68 80.10
C VAL E 381 -5.16 -4.72 79.29
N CYS E 382 -3.96 -4.39 78.82
CA CYS E 382 -3.13 -5.37 78.11
C CYS E 382 -2.68 -6.49 79.03
N SER E 383 -1.99 -6.14 80.13
CA SER E 383 -1.39 -7.17 80.98
C SER E 383 -2.45 -8.08 81.56
N SER E 384 -3.54 -7.52 82.09
CA SER E 384 -4.59 -8.35 82.64
C SER E 384 -5.31 -9.12 81.55
N ALA E 385 -5.18 -8.69 80.30
CA ALA E 385 -5.64 -9.54 79.21
C ALA E 385 -4.82 -10.82 79.17
N VAL E 386 -3.50 -10.68 79.08
CA VAL E 386 -2.59 -11.83 79.04
C VAL E 386 -2.70 -12.64 80.33
N SER E 387 -2.83 -11.97 81.48
CA SER E 387 -3.19 -12.68 82.71
C SER E 387 -4.37 -13.61 82.49
N SER E 388 -5.51 -13.02 82.09
CA SER E 388 -6.73 -13.80 81.85
C SER E 388 -6.53 -14.83 80.76
N ALA E 389 -5.75 -14.51 79.74
CA ALA E 389 -5.42 -15.50 78.74
C ALA E 389 -4.81 -16.73 79.39
N PHE E 390 -3.85 -16.50 80.30
CA PHE E 390 -3.26 -17.57 81.09
C PHE E 390 -4.27 -18.19 82.05
N GLU E 391 -5.00 -17.32 82.75
CA GLU E 391 -5.90 -17.75 83.82
C GLU E 391 -6.94 -18.72 83.29
N VAL E 392 -7.37 -18.54 82.04
CA VAL E 392 -8.38 -19.40 81.42
C VAL E 392 -7.83 -20.23 80.29
N GLN E 393 -6.51 -20.18 80.06
CA GLN E 393 -5.83 -21.03 79.07
C GLN E 393 -6.42 -20.82 77.67
N ALA E 394 -6.72 -19.56 77.36
CA ALA E 394 -7.25 -19.19 76.04
C ALA E 394 -6.25 -19.54 74.96
N LYS E 395 -6.74 -19.86 73.77
CA LYS E 395 -5.86 -20.27 72.69
C LYS E 395 -5.60 -19.18 71.65
N ALA E 396 -6.13 -17.98 71.85
CA ALA E 396 -5.86 -16.88 70.93
C ALA E 396 -6.30 -15.56 71.55
N ILE E 397 -5.55 -14.50 71.31
CA ILE E 397 -5.89 -13.16 71.77
C ILE E 397 -6.08 -12.29 70.55
N LEU E 398 -7.31 -11.81 70.36
CA LEU E 398 -7.72 -10.97 69.24
C LEU E 398 -7.70 -9.52 69.69
N VAL E 399 -6.96 -8.68 68.98
CA VAL E 399 -6.93 -7.26 69.30
C VAL E 399 -7.44 -6.45 68.09
N LEU E 400 -8.33 -5.49 68.36
CA LEU E 400 -8.87 -4.60 67.34
C LEU E 400 -8.17 -3.25 67.52
N SER E 401 -6.95 -3.21 67.04
CA SER E 401 -6.18 -1.99 66.98
C SER E 401 -6.13 -1.54 65.54
N ASN E 402 -6.23 -0.24 65.32
CA ASN E 402 -6.09 0.30 63.98
C ASN E 402 -4.66 0.71 63.69
N THR E 403 -3.86 1.07 64.69
CA THR E 403 -2.44 1.31 64.47
C THR E 403 -1.58 0.11 64.88
N GLY E 404 -2.16 -0.92 65.51
CA GLY E 404 -1.40 -2.06 65.97
C GLY E 404 -0.63 -1.80 67.25
N ARG E 405 -0.57 -0.54 67.68
CA ARG E 405 -0.01 -0.15 68.95
C ARG E 405 -0.45 -1.09 70.05
N SER E 406 -1.75 -1.40 70.08
CA SER E 406 -2.30 -2.29 71.09
C SER E 406 -1.66 -3.68 71.01
N ALA E 407 -1.49 -4.19 69.79
CA ALA E 407 -0.89 -5.50 69.61
C ALA E 407 0.54 -5.53 70.11
N ARG E 408 1.26 -4.41 69.95
CA ARG E 408 2.62 -4.34 70.49
C ARG E 408 2.62 -4.45 72.01
N LEU E 409 1.65 -3.82 72.69
CA LEU E 409 1.52 -4.00 74.14
C LEU E 409 1.03 -5.38 74.52
N ILE E 410 0.09 -5.96 73.79
CA ILE E 410 -0.29 -7.33 74.10
C ILE E 410 0.92 -8.23 73.93
N SER E 411 1.68 -8.05 72.84
CA SER E 411 2.89 -8.84 72.64
C SER E 411 3.91 -8.60 73.73
N LYS E 412 4.10 -7.34 74.14
CA LYS E 412 5.14 -7.03 75.11
C LYS E 412 5.00 -7.92 76.33
N TYR E 413 3.77 -8.22 76.72
CA TYR E 413 3.57 -9.08 77.89
C TYR E 413 3.68 -10.57 77.56
N ARG E 414 4.13 -10.90 76.34
CA ARG E 414 4.52 -12.23 75.90
C ARG E 414 3.52 -13.33 76.24
N PRO E 415 2.40 -13.43 75.52
CA PRO E 415 1.40 -14.46 75.82
C PRO E 415 1.80 -15.84 75.31
N ASN E 416 1.02 -16.82 75.74
CA ASN E 416 1.22 -18.23 75.45
C ASN E 416 0.54 -18.69 74.15
N CYS E 417 -0.31 -17.85 73.55
CA CYS E 417 -1.17 -18.22 72.43
C CYS E 417 -0.95 -17.21 71.32
N PRO E 418 -1.53 -17.44 70.12
CA PRO E 418 -1.38 -16.46 69.03
C PRO E 418 -2.03 -15.14 69.39
N ILE E 419 -1.49 -14.06 68.83
CA ILE E 419 -2.11 -12.75 68.89
C ILE E 419 -2.62 -12.37 67.51
N ILE E 420 -3.94 -12.35 67.33
CA ILE E 420 -4.56 -11.93 66.07
C ILE E 420 -5.00 -10.48 66.13
N CYS E 421 -4.40 -9.65 65.28
CA CYS E 421 -4.74 -8.25 65.14
C CYS E 421 -5.69 -8.10 63.96
N ALA E 422 -6.93 -7.70 64.23
CA ALA E 422 -7.87 -7.30 63.19
C ALA E 422 -7.76 -5.79 63.11
N THR E 423 -7.10 -5.30 62.06
CA THR E 423 -6.90 -3.87 61.89
C THR E 423 -7.57 -3.41 60.60
N THR E 424 -7.74 -2.11 60.50
CA THR E 424 -8.29 -1.53 59.29
C THR E 424 -7.25 -0.85 58.41
N ARG E 425 -6.02 -0.74 58.91
CA ARG E 425 -4.94 -0.16 58.07
C ARG E 425 -4.09 -1.29 57.50
N LEU E 426 -3.88 -1.30 56.18
CA LEU E 426 -3.06 -2.34 55.59
C LEU E 426 -1.62 -2.14 56.04
N LEU E 427 -1.21 -0.88 56.20
CA LEU E 427 0.13 -0.64 56.71
C LEU E 427 0.29 -1.28 58.08
N THR E 428 -0.76 -1.25 58.89
CA THR E 428 -0.70 -1.93 60.17
C THR E 428 -0.55 -3.43 59.99
N CYS E 429 -1.30 -4.01 59.06
CA CYS E 429 -1.22 -5.45 58.79
C CYS E 429 0.20 -5.87 58.44
N ARG E 430 0.90 -5.07 57.65
CA ARG E 430 2.26 -5.44 57.28
C ARG E 430 3.22 -5.17 58.44
N GLN E 431 3.07 -4.04 59.14
CA GLN E 431 4.06 -3.62 60.13
C GLN E 431 4.12 -4.51 61.37
N LEU E 432 3.05 -5.25 61.68
CA LEU E 432 3.03 -6.12 62.85
C LEU E 432 3.82 -7.40 62.65
N ASN E 433 4.37 -7.61 61.47
CA ASN E 433 5.14 -8.81 61.22
C ASN E 433 6.47 -8.83 61.97
N VAL E 434 6.82 -7.77 62.72
CA VAL E 434 8.07 -7.76 63.46
C VAL E 434 7.84 -7.79 64.95
N THR E 435 6.59 -7.93 65.41
CA THR E 435 6.31 -8.05 66.82
C THR E 435 5.88 -9.48 67.09
N ARG E 436 6.24 -9.99 68.26
CA ARG E 436 6.16 -11.41 68.51
C ARG E 436 4.71 -11.85 68.54
N SER E 437 4.43 -13.04 68.02
CA SER E 437 3.17 -13.77 68.23
C SER E 437 1.99 -13.22 67.44
N VAL E 438 2.17 -12.11 66.68
CA VAL E 438 1.08 -11.36 66.04
C VAL E 438 0.78 -11.88 64.66
N GLU E 439 -0.51 -11.83 64.30
CA GLU E 439 -0.98 -12.27 62.99
C GLU E 439 -2.16 -11.37 62.62
N SER E 440 -2.01 -10.65 61.52
CA SER E 440 -2.95 -9.60 61.16
C SER E 440 -4.01 -10.09 60.19
N VAL E 441 -5.26 -9.72 60.47
CA VAL E 441 -6.41 -9.87 59.58
C VAL E 441 -6.88 -8.49 59.19
N TYR E 442 -7.17 -8.30 57.92
CA TYR E 442 -7.56 -6.98 57.41
C TYR E 442 -9.09 -6.83 57.32
N TYR E 443 -9.61 -5.68 57.78
CA TYR E 443 -11.03 -5.33 57.66
C TYR E 443 -11.20 -4.15 56.71
N ASP E 444 -11.78 -4.42 55.55
CA ASP E 444 -12.01 -3.36 54.58
C ASP E 444 -13.24 -2.56 54.97
N VAL E 445 -13.03 -1.31 55.40
CA VAL E 445 -14.17 -0.50 55.77
C VAL E 445 -14.92 -0.02 54.54
N ASP E 446 -14.26 0.05 53.38
CA ASP E 446 -14.96 0.53 52.20
C ASP E 446 -15.87 -0.55 51.62
N ALA E 447 -15.37 -1.77 51.48
CA ALA E 447 -16.15 -2.87 50.91
C ALA E 447 -17.16 -3.46 51.89
N HIS E 448 -16.96 -3.24 53.18
CA HIS E 448 -17.81 -3.82 54.20
C HIS E 448 -18.29 -2.70 55.10
N GLY E 449 -19.16 -3.03 56.04
CA GLY E 449 -19.82 -2.01 56.83
C GLY E 449 -18.86 -1.09 57.54
N GLU E 450 -19.30 0.16 57.77
CA GLU E 450 -18.51 1.09 58.55
C GLU E 450 -18.17 0.49 59.89
N ASP E 451 -18.96 -0.49 60.33
CA ASP E 451 -18.70 -1.24 61.57
C ASP E 451 -18.44 -0.30 62.74
N ASN E 452 -19.50 0.45 63.10
CA ASN E 452 -19.44 1.27 64.30
C ASN E 452 -19.26 0.41 65.56
N ASP E 453 -20.14 -0.57 65.79
CA ASP E 453 -19.92 -1.47 66.93
C ASP E 453 -18.81 -2.41 66.50
N ARG E 454 -18.08 -2.89 67.47
CA ARG E 454 -16.92 -3.64 67.07
C ARG E 454 -17.35 -5.08 66.79
N GLU E 455 -18.42 -5.30 66.03
CA GLU E 455 -18.86 -6.68 65.91
C GLU E 455 -18.49 -7.38 64.61
N LYS E 456 -18.27 -6.68 63.49
CA LYS E 456 -17.86 -7.38 62.26
C LYS E 456 -16.37 -7.71 62.25
N ARG E 457 -15.53 -6.80 62.78
CA ARG E 457 -14.12 -7.10 63.04
C ARG E 457 -13.93 -8.29 63.98
N VAL E 458 -14.71 -8.37 65.05
CA VAL E 458 -14.56 -9.49 65.98
C VAL E 458 -14.77 -10.81 65.25
N GLN E 459 -15.89 -10.98 64.55
CA GLN E 459 -16.14 -12.22 63.83
C GLN E 459 -15.03 -12.54 62.82
N LEU E 460 -14.50 -11.53 62.15
CA LEU E 460 -13.34 -11.73 61.29
C LEU E 460 -12.22 -12.47 62.01
N GLY E 461 -11.85 -11.99 63.19
CA GLY E 461 -10.77 -12.61 63.96
C GLY E 461 -11.07 -14.04 64.36
N VAL E 462 -12.25 -14.29 64.94
CA VAL E 462 -12.58 -15.63 65.43
C VAL E 462 -12.64 -16.64 64.28
N ASP E 463 -13.15 -16.26 63.10
CA ASP E 463 -13.09 -17.22 61.99
C ASP E 463 -11.67 -17.48 61.55
N TRP E 464 -10.84 -16.44 61.48
CA TRP E 464 -9.44 -16.68 61.14
C TRP E 464 -8.82 -17.62 62.18
N ALA E 465 -8.92 -17.24 63.46
CA ALA E 465 -8.43 -18.10 64.54
C ALA E 465 -9.04 -19.49 64.45
N LYS E 466 -10.30 -19.60 64.03
CA LYS E 466 -10.88 -20.91 63.84
C LYS E 466 -10.27 -21.60 62.63
N THR E 467 -10.18 -20.89 61.50
CA THR E 467 -9.72 -21.51 60.25
C THR E 467 -8.21 -21.74 60.24
N LYS E 468 -7.41 -20.83 60.83
CA LYS E 468 -5.98 -21.07 60.95
C LYS E 468 -5.66 -22.31 61.78
N GLY E 469 -6.63 -22.86 62.51
CA GLY E 469 -6.40 -24.02 63.34
C GLY E 469 -6.15 -23.72 64.81
N TYR E 470 -6.23 -22.45 65.21
CA TYR E 470 -5.88 -22.06 66.57
C TYR E 470 -6.96 -22.48 67.57
N VAL E 471 -8.23 -22.29 67.20
CA VAL E 471 -9.34 -22.41 68.12
C VAL E 471 -10.37 -23.36 67.57
N SER E 472 -10.88 -24.22 68.44
CA SER E 472 -11.87 -25.22 68.08
C SER E 472 -13.07 -25.04 68.99
N ALA E 473 -14.24 -25.45 68.48
CA ALA E 473 -15.51 -25.21 69.16
C ALA E 473 -15.43 -25.60 70.63
N GLY E 474 -15.76 -24.65 71.49
CA GLY E 474 -15.66 -24.80 72.93
C GLY E 474 -14.51 -24.07 73.58
N ASP E 475 -13.46 -23.76 72.80
CA ASP E 475 -12.30 -23.05 73.34
C ASP E 475 -12.63 -21.61 73.64
N VAL E 476 -11.89 -21.05 74.58
CA VAL E 476 -12.09 -19.66 74.95
C VAL E 476 -11.05 -18.82 74.24
N MET E 477 -11.37 -17.54 74.08
CA MET E 477 -10.54 -16.60 73.39
C MET E 477 -10.62 -15.26 74.12
N VAL E 478 -9.59 -14.43 73.96
CA VAL E 478 -9.57 -13.13 74.61
C VAL E 478 -9.54 -12.05 73.54
N ILE E 479 -10.45 -11.09 73.67
CA ILE E 479 -10.71 -10.03 72.71
C ILE E 479 -10.44 -8.69 73.38
N VAL E 480 -9.81 -7.77 72.65
CA VAL E 480 -9.50 -6.45 73.19
C VAL E 480 -9.82 -5.38 72.13
N HIS E 481 -10.96 -4.71 72.28
CA HIS E 481 -11.32 -3.68 71.32
C HIS E 481 -11.32 -2.34 72.03
N ALA E 482 -11.96 -1.35 71.40
CA ALA E 482 -11.94 0.01 71.88
C ALA E 482 -13.34 0.58 72.02
N ASP E 483 -13.44 1.66 72.80
CA ASP E 483 -14.71 2.33 73.09
C ASP E 483 -14.51 3.84 73.11
N HIS E 484 -15.38 4.58 72.39
CA HIS E 484 -15.33 6.05 72.33
C HIS E 484 -13.93 6.63 72.04
N GLY E 488 -9.62 6.77 70.06
CA GLY E 488 -8.39 7.15 70.75
C GLY E 488 -7.40 6.04 71.10
N TYR E 489 -7.89 4.96 71.74
CA TYR E 489 -7.12 3.77 72.13
C TYR E 489 -8.04 2.73 72.75
N PRO E 490 -7.70 1.43 72.73
CA PRO E 490 -8.58 0.44 73.35
C PRO E 490 -8.35 0.35 74.84
N ASN E 491 -9.45 0.08 75.54
CA ASN E 491 -9.41 -0.18 76.97
C ASN E 491 -10.66 -0.95 77.36
N GLN E 492 -10.95 -2.01 76.62
CA GLN E 492 -12.11 -2.84 76.89
C GLN E 492 -11.74 -4.27 76.50
N THR E 493 -12.25 -5.26 77.23
CA THR E 493 -11.88 -6.64 76.97
C THR E 493 -13.04 -7.59 77.22
N ARG E 494 -13.14 -8.61 76.36
CA ARG E 494 -14.21 -9.58 76.36
C ARG E 494 -13.63 -10.98 76.33
N LEU E 495 -14.24 -11.91 77.07
CA LEU E 495 -13.86 -13.33 77.07
C LEU E 495 -14.97 -14.19 76.47
N VAL E 496 -14.69 -14.86 75.34
CA VAL E 496 -15.70 -15.52 74.52
C VAL E 496 -15.37 -16.99 74.25
N ARG E 497 -16.37 -17.86 74.45
CA ARG E 497 -16.30 -19.28 74.09
C ARG E 497 -16.83 -19.49 72.67
N VAL E 498 -16.06 -20.19 71.86
CA VAL E 498 -16.34 -20.30 70.44
C VAL E 498 -17.49 -21.26 70.18
N ARG E 499 -18.33 -20.85 69.24
CA ARG E 499 -19.48 -21.70 68.83
C ARG E 499 -19.14 -22.27 67.46
N GLU E 500 -19.68 -23.42 67.14
CA GLU E 500 -19.37 -24.09 65.88
C GLU E 500 -19.97 -23.45 64.64
N SER F 2 83.34 -27.53 -0.94
CA SER F 2 84.56 -27.78 -1.69
C SER F 2 85.07 -26.47 -2.25
N GLN F 3 84.72 -25.39 -1.56
CA GLN F 3 85.30 -24.10 -1.89
C GLN F 3 86.82 -24.23 -1.94
N LEU F 4 87.38 -24.96 -0.97
CA LEU F 4 88.82 -25.24 -0.94
C LEU F 4 89.31 -25.81 -2.27
N GLN F 5 88.65 -26.86 -2.75
CA GLN F 5 89.08 -27.49 -4.00
C GLN F 5 89.02 -26.50 -5.14
N HIS F 6 88.03 -25.62 -5.11
CA HIS F 6 87.93 -24.54 -6.08
C HIS F 6 89.21 -23.71 -6.08
N ASN F 7 89.66 -23.31 -4.88
CA ASN F 7 90.81 -22.44 -4.76
C ASN F 7 92.10 -23.06 -5.30
N ILE F 8 92.38 -24.32 -4.95
CA ILE F 8 93.62 -24.96 -5.38
C ILE F 8 93.70 -25.07 -6.90
N GLY F 9 92.61 -24.78 -7.57
CA GLY F 9 92.65 -24.74 -9.00
C GLY F 9 92.38 -23.35 -9.56
N LEU F 10 92.53 -22.29 -8.75
CA LEU F 10 92.49 -20.96 -9.34
C LEU F 10 93.82 -20.64 -9.99
N SER F 11 93.78 -19.80 -11.01
CA SER F 11 94.97 -19.32 -11.68
C SER F 11 94.80 -17.84 -11.97
N ILE F 12 95.86 -17.07 -11.75
CA ILE F 12 95.75 -15.65 -12.04
C ILE F 12 95.96 -15.35 -13.51
N PHE F 13 96.47 -16.31 -14.29
CA PHE F 13 96.81 -16.05 -15.70
C PHE F 13 95.71 -16.43 -16.70
N GLU F 14 94.55 -16.90 -16.21
CA GLU F 14 93.40 -17.21 -17.03
C GLU F 14 92.38 -16.08 -16.95
N PRO F 15 91.77 -15.73 -18.07
CA PRO F 15 90.65 -14.79 -18.05
C PRO F 15 89.46 -15.33 -17.25
N VAL F 16 88.63 -14.41 -16.75
CA VAL F 16 87.44 -14.77 -15.99
C VAL F 16 86.18 -14.72 -16.85
N ALA F 17 85.72 -13.49 -17.17
CA ALA F 17 84.53 -13.22 -17.98
C ALA F 17 83.17 -13.90 -17.92
N LYS F 18 82.59 -14.00 -16.72
CA LYS F 18 81.56 -14.97 -16.35
C LYS F 18 80.23 -14.31 -16.00
N HIS F 19 79.86 -13.28 -16.78
CA HIS F 19 78.55 -12.63 -16.68
C HIS F 19 78.01 -11.95 -15.42
N ARG F 20 78.60 -10.81 -15.06
CA ARG F 20 78.43 -10.18 -13.76
C ARG F 20 77.04 -10.31 -13.17
N ALA F 21 76.95 -10.88 -11.97
CA ALA F 21 75.66 -11.06 -11.34
C ALA F 21 75.42 -10.09 -10.21
N ASN F 22 76.48 -9.42 -9.75
CA ASN F 22 76.39 -8.40 -8.73
C ASN F 22 76.15 -7.05 -9.42
N ARG F 23 75.56 -6.12 -8.68
CA ARG F 23 75.09 -4.84 -9.24
C ARG F 23 75.75 -3.69 -8.50
N ILE F 24 76.06 -2.63 -9.22
CA ILE F 24 76.73 -1.47 -8.64
C ILE F 24 75.76 -0.31 -8.54
N ILE F 25 75.54 0.17 -7.31
CA ILE F 25 74.81 1.39 -7.03
C ILE F 25 75.83 2.50 -6.92
N CYS F 26 75.57 3.61 -7.57
CA CYS F 26 76.49 4.74 -7.49
C CYS F 26 75.75 5.95 -6.95
N THR F 27 76.40 6.69 -6.08
CA THR F 27 75.80 7.93 -5.62
C THR F 27 76.17 9.05 -6.56
N ILE F 28 75.15 9.83 -6.97
CA ILE F 28 75.22 10.85 -8.02
C ILE F 28 75.46 12.21 -7.36
N GLY F 29 76.44 12.94 -7.88
CA GLY F 29 76.70 14.25 -7.37
C GLY F 29 77.29 15.13 -8.42
N PRO F 30 77.90 16.22 -7.98
CA PRO F 30 78.51 17.19 -8.91
C PRO F 30 79.31 16.58 -10.04
N SER F 31 80.14 15.58 -9.74
CA SER F 31 81.01 15.02 -10.76
C SER F 31 80.31 14.08 -11.74
N THR F 32 79.02 13.77 -11.54
CA THR F 32 78.32 12.83 -12.41
C THR F 32 76.86 13.15 -12.71
N GLN F 33 76.37 14.37 -12.44
CA GLN F 33 74.96 14.65 -12.70
C GLN F 33 74.68 14.91 -14.18
N SER F 34 75.67 15.37 -14.93
CA SER F 34 75.45 15.69 -16.33
C SER F 34 74.96 14.45 -17.06
N VAL F 35 74.14 14.67 -18.09
CA VAL F 35 73.61 13.53 -18.82
C VAL F 35 74.76 12.74 -19.42
N GLU F 36 75.80 13.43 -19.90
CA GLU F 36 76.96 12.73 -20.46
C GLU F 36 77.65 11.89 -19.39
N ALA F 37 77.94 12.48 -18.23
CA ALA F 37 78.58 11.73 -17.15
C ALA F 37 77.67 10.63 -16.62
N LEU F 38 76.38 10.93 -16.45
CA LEU F 38 75.43 9.89 -16.08
C LEU F 38 75.43 8.78 -17.11
N LYS F 39 75.43 9.12 -18.41
CA LYS F 39 75.54 8.11 -19.46
C LYS F 39 76.82 7.27 -19.30
N GLY F 40 77.92 7.91 -18.89
CA GLY F 40 79.19 7.19 -18.73
C GLY F 40 79.19 6.21 -17.57
N LEU F 41 78.67 6.61 -16.41
CA LEU F 41 78.50 5.70 -15.27
C LEU F 41 77.77 4.42 -15.65
N MET F 42 76.63 4.60 -16.34
CA MET F 42 75.82 3.47 -16.79
C MET F 42 76.62 2.55 -17.69
N LYS F 43 77.33 3.13 -18.66
CA LYS F 43 78.11 2.29 -19.54
C LYS F 43 79.11 1.44 -18.78
N SER F 44 79.65 1.94 -17.67
CA SER F 44 80.68 1.21 -16.95
C SER F 44 80.10 0.24 -15.92
N GLY F 45 78.77 0.13 -15.83
CA GLY F 45 78.16 -0.89 -15.01
C GLY F 45 77.25 -0.44 -13.89
N MET F 46 76.94 0.86 -13.84
CA MET F 46 75.99 1.35 -12.84
C MET F 46 74.57 0.90 -13.20
N SER F 47 73.84 0.38 -12.20
CA SER F 47 72.49 -0.12 -12.37
C SER F 47 71.47 0.62 -11.53
N VAL F 48 71.91 1.34 -10.50
CA VAL F 48 71.04 2.17 -9.70
C VAL F 48 71.79 3.47 -9.42
N ALA F 49 71.03 4.55 -9.37
CA ALA F 49 71.51 5.87 -8.98
C ALA F 49 70.96 6.23 -7.60
N ARG F 50 71.83 6.72 -6.74
CA ARG F 50 71.44 7.09 -5.39
C ARG F 50 71.21 8.60 -5.39
N MET F 51 70.18 9.04 -4.69
CA MET F 51 70.00 10.47 -4.44
C MET F 51 70.15 10.64 -2.94
N ASN F 52 71.17 11.39 -2.51
CA ASN F 52 71.39 11.59 -1.07
C ASN F 52 70.65 12.85 -0.64
N PHE F 53 69.50 12.66 0.00
CA PHE F 53 68.64 13.75 0.39
C PHE F 53 69.08 14.41 1.69
N SER F 54 70.23 14.06 2.23
CA SER F 54 70.76 14.87 3.31
C SER F 54 71.24 16.22 2.80
N HIS F 55 71.54 16.31 1.49
CA HIS F 55 71.94 17.57 0.86
C HIS F 55 71.26 17.70 -0.49
N GLY F 56 70.89 18.92 -0.86
CA GLY F 56 70.40 19.10 -2.21
C GLY F 56 68.93 19.51 -2.22
N SER F 57 68.57 20.40 -3.14
CA SER F 57 67.20 20.87 -3.25
C SER F 57 66.35 19.87 -4.03
N TYR F 58 65.03 20.02 -3.92
CA TYR F 58 64.14 19.24 -4.78
C TYR F 58 64.42 19.54 -6.25
N GLU F 59 64.72 20.81 -6.55
CA GLU F 59 65.15 21.20 -7.90
C GLU F 59 66.44 20.50 -8.27
N TYR F 60 67.33 20.29 -7.30
CA TYR F 60 68.60 19.65 -7.59
C TYR F 60 68.41 18.18 -7.95
N HIS F 61 67.51 17.50 -7.25
CA HIS F 61 67.32 16.07 -7.46
C HIS F 61 66.46 15.82 -8.67
N GLN F 62 65.55 16.74 -8.99
CA GLN F 62 64.86 16.66 -10.26
C GLN F 62 65.85 16.62 -11.43
N THR F 63 66.87 17.48 -11.41
CA THR F 63 67.85 17.47 -12.49
C THR F 63 68.52 16.11 -12.61
N THR F 64 69.00 15.57 -11.49
CA THR F 64 69.56 14.23 -11.54
C THR F 64 68.49 13.20 -11.88
N ILE F 65 67.25 13.38 -11.38
CA ILE F 65 66.18 12.47 -11.79
C ILE F 65 66.01 12.52 -13.30
N ASN F 66 65.83 13.72 -13.86
CA ASN F 66 65.62 13.86 -15.31
C ASN F 66 66.80 13.36 -16.13
N ASN F 67 68.03 13.58 -15.65
CA ASN F 67 69.24 13.30 -16.44
C ASN F 67 69.51 11.80 -16.54
N VAL F 68 69.34 11.05 -15.44
CA VAL F 68 69.48 9.60 -15.54
C VAL F 68 68.38 9.05 -16.43
N ARG F 69 67.18 9.61 -16.35
CA ARG F 69 66.13 9.13 -17.23
C ARG F 69 66.50 9.41 -18.68
N ALA F 70 67.10 10.56 -18.93
CA ALA F 70 67.56 10.90 -20.27
C ALA F 70 68.70 9.98 -20.67
N ALA F 71 69.67 9.80 -19.76
CA ALA F 71 70.81 8.92 -20.03
C ALA F 71 70.38 7.45 -20.18
N ALA F 72 69.44 6.98 -19.35
CA ALA F 72 68.83 5.68 -19.57
C ALA F 72 68.08 5.67 -20.89
N ALA F 73 67.32 6.74 -21.17
CA ALA F 73 66.62 6.83 -22.46
C ALA F 73 67.62 6.82 -23.62
N GLU F 74 68.71 7.58 -23.49
CA GLU F 74 69.71 7.64 -24.54
C GLU F 74 70.25 6.27 -24.89
N LEU F 75 70.70 5.53 -23.87
CA LEU F 75 71.31 4.21 -24.03
C LEU F 75 70.30 3.08 -24.07
N GLY F 76 69.04 3.34 -23.75
CA GLY F 76 68.05 2.28 -23.83
C GLY F 76 68.12 1.25 -22.73
N LEU F 77 68.30 1.68 -21.46
CA LEU F 77 68.37 0.78 -20.31
C LEU F 77 67.27 1.11 -19.29
N HIS F 78 66.88 0.09 -18.50
CA HIS F 78 66.02 0.28 -17.32
C HIS F 78 66.93 0.43 -16.11
N ILE F 79 67.17 1.67 -15.70
CA ILE F 79 68.08 1.94 -14.60
C ILE F 79 67.26 2.47 -13.42
N GLY F 80 67.47 1.90 -12.24
CA GLY F 80 66.70 2.36 -11.10
C GLY F 80 67.15 3.71 -10.59
N ILE F 81 66.26 4.31 -9.82
CA ILE F 81 66.59 5.52 -9.09
C ILE F 81 66.19 5.28 -7.64
N ALA F 82 67.11 5.55 -6.72
CA ALA F 82 66.94 5.28 -5.29
C ALA F 82 67.02 6.60 -4.51
N LEU F 83 66.13 6.73 -3.52
CA LEU F 83 65.99 7.93 -2.72
C LEU F 83 66.51 7.70 -1.29
N ASP F 84 67.66 8.31 -0.96
CA ASP F 84 68.28 8.18 0.36
C ASP F 84 67.71 9.23 1.32
N THR F 85 67.07 8.77 2.39
CA THR F 85 66.45 9.61 3.40
C THR F 85 67.48 10.35 4.25
N LYS F 86 67.10 11.54 4.71
CA LYS F 86 67.96 12.26 5.64
C LYS F 86 67.89 11.66 7.04
N GLY F 87 66.69 11.29 7.46
CA GLY F 87 66.48 10.67 8.74
C GLY F 87 66.63 11.64 9.89
N PRO F 88 66.14 11.26 11.08
CA PRO F 88 66.36 12.12 12.26
C PRO F 88 67.87 11.97 12.23
N GLU F 89 68.56 13.06 11.90
CA GLU F 89 70.00 13.18 12.00
C GLU F 89 70.39 14.28 13.00
N ALA F 189 61.81 8.74 13.60
CA ALA F 189 62.36 8.13 12.39
C ALA F 189 61.91 8.89 11.14
N VAL F 190 60.65 9.29 11.14
CA VAL F 190 60.10 10.00 9.99
C VAL F 190 59.94 11.47 10.37
N SER F 191 60.98 12.25 10.11
CA SER F 191 60.98 13.67 10.41
C SER F 191 60.05 14.42 9.45
N GLU F 192 59.61 15.60 9.88
CA GLU F 192 58.78 16.42 9.01
C GLU F 192 59.42 16.55 7.64
N LYS F 193 60.74 16.78 7.60
CA LYS F 193 61.46 16.82 6.33
C LYS F 193 61.33 15.51 5.58
N ASP F 194 61.49 14.40 6.29
CA ASP F 194 61.35 13.09 5.64
C ASP F 194 60.00 12.94 4.94
N ARG F 195 58.88 13.24 5.61
CA ARG F 195 57.56 13.02 5.00
C ARG F 195 57.48 13.70 3.64
N LYS F 196 57.91 14.96 3.58
CA LYS F 196 57.92 15.68 2.31
C LYS F 196 58.97 15.14 1.35
N ASP F 197 60.12 14.69 1.85
CA ASP F 197 61.11 14.05 0.99
C ASP F 197 60.58 12.76 0.37
N LEU F 198 59.94 11.91 1.17
CA LEU F 198 59.31 10.72 0.61
C LEU F 198 58.10 11.08 -0.27
N GLN F 199 57.32 12.09 0.12
CA GLN F 199 56.23 12.54 -0.75
C GLN F 199 56.78 12.93 -2.12
N PHE F 200 57.94 13.58 -2.13
CA PHE F 200 58.62 13.93 -3.37
C PHE F 200 59.01 12.69 -4.16
N GLY F 201 59.48 11.65 -3.46
CA GLY F 201 59.96 10.44 -4.12
C GLY F 201 58.87 9.63 -4.77
N VAL F 202 57.74 9.46 -4.09
CA VAL F 202 56.61 8.85 -4.79
C VAL F 202 56.14 9.78 -5.89
N GLU F 203 56.21 11.09 -5.67
CA GLU F 203 55.74 12.03 -6.68
C GLU F 203 56.56 11.97 -7.95
N GLN F 204 57.88 11.80 -7.81
CA GLN F 204 58.75 11.74 -8.97
C GLN F 204 59.00 10.33 -9.43
N GLY F 205 58.48 9.33 -8.72
CA GLY F 205 58.53 7.97 -9.22
C GLY F 205 59.80 7.22 -8.93
N VAL F 206 60.44 7.48 -7.79
CA VAL F 206 61.65 6.73 -7.44
C VAL F 206 61.26 5.28 -7.22
N ASP F 207 62.23 4.41 -7.44
CA ASP F 207 62.03 2.98 -7.45
C ASP F 207 62.14 2.38 -6.07
N MET F 208 62.83 3.09 -5.16
CA MET F 208 63.10 2.59 -3.83
C MET F 208 63.57 3.72 -2.92
N ILE F 209 63.33 3.54 -1.62
CA ILE F 209 63.79 4.43 -0.58
C ILE F 209 64.91 3.68 0.12
N PHE F 210 65.95 4.39 0.53
CA PHE F 210 66.99 3.91 1.43
C PHE F 210 66.75 4.54 2.81
N ALA F 211 65.80 3.99 3.58
CA ALA F 211 65.39 4.61 4.84
C ALA F 211 66.53 4.58 5.87
N SER F 212 66.91 5.78 6.32
CA SER F 212 68.10 5.97 7.16
C SER F 212 67.77 5.77 8.65
N PHE F 213 68.77 5.33 9.41
CA PHE F 213 68.60 5.04 10.85
C PHE F 213 67.40 4.11 11.07
N ILE F 214 67.57 2.86 10.65
CA ILE F 214 66.54 1.87 10.88
C ILE F 214 66.88 1.13 12.17
N ARG F 215 65.98 1.22 13.15
CA ARG F 215 66.21 0.62 14.47
C ARG F 215 65.21 -0.46 14.83
N THR F 216 63.91 -0.24 14.61
CA THR F 216 62.90 -1.26 14.88
C THR F 216 62.02 -1.47 13.65
N ALA F 217 61.27 -2.58 13.68
CA ALA F 217 60.27 -2.84 12.67
C ALA F 217 59.07 -1.91 12.79
N ASP F 218 58.84 -1.28 13.95
CA ASP F 218 57.80 -0.25 13.97
C ASP F 218 58.13 0.84 12.98
N GLN F 219 59.42 1.20 12.87
CA GLN F 219 59.80 2.27 11.96
C GLN F 219 59.66 1.87 10.51
N VAL F 220 60.08 0.65 10.15
CA VAL F 220 59.91 0.28 8.75
C VAL F 220 58.44 0.27 8.41
N ARG F 221 57.59 -0.05 9.40
CA ARG F 221 56.16 0.05 9.21
C ARG F 221 55.70 1.51 9.16
N GLU F 222 56.39 2.42 9.87
CA GLU F 222 56.11 3.84 9.71
C GLU F 222 56.50 4.36 8.33
N VAL F 223 57.62 3.91 7.76
CA VAL F 223 57.99 4.36 6.41
C VAL F 223 56.98 3.90 5.38
N ARG F 224 56.59 2.62 5.47
CA ARG F 224 55.60 2.05 4.57
C ARG F 224 54.30 2.85 4.61
N ALA F 225 53.95 3.38 5.79
CA ALA F 225 52.80 4.27 5.93
C ALA F 225 53.00 5.60 5.21
N ALA F 226 54.19 6.18 5.29
CA ALA F 226 54.42 7.49 4.67
C ALA F 226 54.21 7.45 3.16
N LEU F 227 54.73 6.43 2.49
CA LEU F 227 54.49 6.20 1.06
C LEU F 227 53.03 5.78 0.85
N GLY F 228 52.19 6.73 0.43
CA GLY F 228 50.76 6.51 0.23
C GLY F 228 50.31 5.44 -0.74
N GLU F 229 49.00 5.14 -0.78
CA GLU F 229 48.54 4.01 -1.57
C GLU F 229 49.06 4.10 -2.99
N LYS F 230 49.53 5.28 -3.40
CA LYS F 230 50.26 5.43 -4.65
C LYS F 230 51.71 4.96 -4.55
N GLY F 231 52.25 4.85 -3.35
CA GLY F 231 53.61 4.36 -3.19
C GLY F 231 53.63 3.02 -2.48
N LYS F 232 52.62 2.18 -2.73
CA LYS F 232 52.48 0.94 -1.98
C LYS F 232 53.69 0.04 -2.17
N ASP F 233 54.15 -0.12 -3.41
CA ASP F 233 55.35 -0.91 -3.67
C ASP F 233 56.34 -0.11 -4.50
N THR F 234 57.06 0.78 -3.82
CA THR F 234 58.49 1.01 -4.05
C THR F 234 59.21 0.21 -2.98
N LEU F 235 60.37 -0.37 -3.33
CA LEU F 235 61.15 -1.16 -2.37
C LEU F 235 61.62 -0.27 -1.23
N ILE F 236 61.28 -0.63 0.00
CA ILE F 236 61.84 0.09 1.13
C ILE F 236 63.07 -0.70 1.61
N ILE F 237 64.26 -0.16 1.36
CA ILE F 237 65.51 -0.80 1.78
C ILE F 237 65.94 -0.13 3.08
N SER F 238 66.10 -0.92 4.14
CA SER F 238 66.42 -0.39 5.45
C SER F 238 67.92 -0.25 5.64
N LYS F 239 68.35 0.96 6.01
CA LYS F 239 69.73 1.27 6.34
C LYS F 239 70.00 0.88 7.79
N ILE F 240 70.81 -0.17 7.99
CA ILE F 240 71.23 -0.61 9.32
C ILE F 240 72.54 0.09 9.65
N GLU F 241 72.53 1.00 10.64
CA GLU F 241 73.72 1.79 10.92
C GLU F 241 74.01 1.99 12.41
N ASN F 242 73.45 1.17 13.31
CA ASN F 242 73.69 1.40 14.74
C ASN F 242 73.48 0.09 15.49
N HIS F 243 73.56 0.18 16.83
CA HIS F 243 73.55 -1.04 17.63
C HIS F 243 72.13 -1.60 17.77
N GLN F 244 71.11 -0.76 17.90
CA GLN F 244 69.73 -1.26 17.91
C GLN F 244 69.37 -1.90 16.57
N GLY F 245 69.87 -1.32 15.47
CA GLY F 245 69.52 -1.82 14.14
C GLY F 245 69.97 -3.24 13.91
N VAL F 246 71.19 -3.58 14.36
CA VAL F 246 71.70 -4.96 14.28
C VAL F 246 71.00 -5.84 15.30
N GLN F 247 70.82 -5.33 16.53
CA GLN F 247 70.18 -6.10 17.59
C GLN F 247 68.78 -6.58 17.20
N ASN F 248 68.01 -5.75 16.50
CA ASN F 248 66.66 -6.10 16.10
C ASN F 248 66.59 -6.53 14.64
N ILE F 249 67.69 -7.05 14.08
CA ILE F 249 67.75 -7.27 12.63
C ILE F 249 66.63 -8.18 12.17
N ASP F 250 66.13 -9.08 13.03
CA ASP F 250 65.16 -10.07 12.56
C ASP F 250 63.78 -9.47 12.29
N ALA F 251 63.28 -8.62 13.19
CA ALA F 251 62.04 -7.88 12.91
C ALA F 251 62.24 -6.94 11.74
N ILE F 252 63.40 -6.28 11.68
CA ILE F 252 63.73 -5.39 10.58
C ILE F 252 63.79 -6.13 9.26
N ILE F 253 64.37 -7.33 9.27
CA ILE F 253 64.66 -8.03 8.02
C ILE F 253 63.39 -8.56 7.36
N GLU F 254 62.46 -9.10 8.16
CA GLU F 254 61.19 -9.57 7.60
C GLU F 254 60.31 -8.43 7.12
N ALA F 255 60.23 -7.34 7.90
CA ALA F 255 59.34 -6.23 7.64
C ALA F 255 59.88 -5.26 6.61
N SER F 256 61.15 -5.37 6.25
CA SER F 256 61.73 -4.56 5.19
C SER F 256 61.62 -5.30 3.86
N ASP F 257 62.01 -4.61 2.79
CA ASP F 257 62.17 -5.21 1.46
C ASP F 257 63.62 -5.58 1.18
N GLY F 258 64.57 -4.78 1.64
CA GLY F 258 65.98 -5.09 1.51
C GLY F 258 66.74 -4.41 2.63
N ILE F 259 68.01 -4.73 2.75
CA ILE F 259 68.81 -4.27 3.89
C ILE F 259 70.13 -3.72 3.37
N MET F 260 70.54 -2.59 3.92
CA MET F 260 71.81 -1.99 3.54
C MET F 260 72.71 -1.99 4.76
N VAL F 261 73.90 -2.54 4.60
CA VAL F 261 74.87 -2.59 5.67
C VAL F 261 75.71 -1.33 5.51
N ALA F 262 75.37 -0.29 6.27
CA ALA F 262 76.12 0.96 6.26
C ALA F 262 77.20 0.90 7.33
N ARG F 263 78.33 0.27 6.98
CA ARG F 263 79.27 -0.17 8.00
C ARG F 263 80.02 0.99 8.63
N GLY F 264 80.27 2.07 7.88
CA GLY F 264 80.96 3.18 8.50
C GLY F 264 80.19 3.75 9.68
N ASP F 265 78.95 4.19 9.45
CA ASP F 265 78.12 4.70 10.55
C ASP F 265 77.92 3.60 11.59
N LEU F 266 78.00 2.34 11.16
CA LEU F 266 77.89 1.24 12.07
C LEU F 266 79.10 1.19 12.99
N GLY F 267 80.29 1.39 12.42
CA GLY F 267 81.57 1.24 13.11
C GLY F 267 81.89 2.26 14.19
N VAL F 268 81.09 3.31 14.35
CA VAL F 268 81.36 4.29 15.39
C VAL F 268 80.73 3.85 16.72
N GLU F 269 79.74 2.96 16.69
CA GLU F 269 79.20 2.40 17.91
C GLU F 269 79.77 1.04 18.27
N ILE F 270 80.25 0.28 17.29
CA ILE F 270 80.67 -1.11 17.50
C ILE F 270 82.11 -1.30 17.01
N PRO F 271 82.91 -2.14 17.69
CA PRO F 271 84.33 -2.29 17.33
C PRO F 271 84.51 -2.84 15.93
N ALA F 272 85.49 -2.30 15.19
CA ALA F 272 85.72 -2.69 13.81
C ALA F 272 85.80 -4.21 13.65
N GLU F 273 86.46 -4.89 14.59
CA GLU F 273 86.43 -6.35 14.59
C GLU F 273 84.98 -6.85 14.54
N LYS F 274 84.12 -6.29 15.40
CA LYS F 274 82.74 -6.75 15.48
C LYS F 274 81.90 -6.36 14.25
N VAL F 275 82.23 -5.26 13.57
CA VAL F 275 81.50 -4.90 12.34
C VAL F 275 81.73 -5.93 11.26
N VAL F 276 83.00 -6.36 11.12
CA VAL F 276 83.39 -7.35 10.12
C VAL F 276 82.43 -8.53 10.14
N VAL F 277 82.18 -9.08 11.34
CA VAL F 277 81.29 -10.23 11.45
C VAL F 277 79.83 -9.82 11.34
N ALA F 278 79.42 -8.69 11.94
CA ALA F 278 78.02 -8.27 11.85
C ALA F 278 77.62 -8.18 10.40
N GLN F 279 78.48 -7.57 9.59
CA GLN F 279 78.25 -7.48 8.15
C GLN F 279 78.06 -8.86 7.56
N MET F 280 79.01 -9.74 7.83
CA MET F 280 78.91 -11.12 7.39
C MET F 280 77.63 -11.79 7.90
N CYS F 281 77.29 -11.56 9.18
CA CYS F 281 76.09 -12.14 9.81
C CYS F 281 74.85 -11.77 9.01
N ILE F 282 74.69 -10.48 8.74
CA ILE F 282 73.45 -9.91 8.24
C ILE F 282 73.30 -10.16 6.75
N ILE F 283 74.36 -9.90 5.97
CA ILE F 283 74.39 -10.22 4.55
C ILE F 283 73.84 -11.63 4.39
N SER F 284 74.37 -12.56 5.18
CA SER F 284 73.89 -13.93 5.10
C SER F 284 72.43 -14.03 5.56
N LYS F 285 72.07 -13.28 6.61
CA LYS F 285 70.68 -13.27 7.08
C LYS F 285 69.72 -12.90 5.96
N CYS F 286 70.07 -11.90 5.16
CA CYS F 286 69.25 -11.53 4.02
C CYS F 286 69.35 -12.58 2.91
N ASN F 287 70.54 -13.17 2.76
CA ASN F 287 70.74 -14.23 1.79
C ASN F 287 69.69 -15.33 1.94
N VAL F 288 69.39 -15.70 3.19
CA VAL F 288 68.36 -16.70 3.45
C VAL F 288 66.98 -16.12 3.21
N ALA F 289 66.75 -14.87 3.66
CA ALA F 289 65.44 -14.25 3.48
C ALA F 289 65.05 -14.06 2.02
N GLY F 290 65.95 -14.37 1.09
CA GLY F 290 65.72 -14.11 -0.31
C GLY F 290 65.60 -12.66 -0.65
N LYS F 291 66.08 -11.78 0.21
CA LYS F 291 65.97 -10.35 0.03
C LYS F 291 67.33 -9.72 -0.24
N PRO F 292 67.37 -8.71 -1.10
CA PRO F 292 68.65 -8.12 -1.48
C PRO F 292 69.31 -7.45 -0.30
N VAL F 293 70.63 -7.48 -0.31
CA VAL F 293 71.44 -6.83 0.70
C VAL F 293 72.49 -6.00 -0.02
N ILE F 294 72.76 -4.79 0.47
CA ILE F 294 73.67 -3.85 -0.20
C ILE F 294 74.79 -3.49 0.77
N CYS F 295 76.04 -3.56 0.30
CA CYS F 295 77.18 -3.06 1.06
C CYS F 295 77.42 -1.61 0.67
N ALA F 296 77.67 -0.76 1.68
CA ALA F 296 77.32 0.65 1.58
C ALA F 296 78.52 1.60 1.65
N THR F 297 79.23 1.64 2.76
CA THR F 297 80.14 2.75 2.98
C THR F 297 81.59 2.29 2.78
N GLN F 298 82.47 3.28 2.77
CA GLN F 298 83.92 3.10 2.68
C GLN F 298 84.31 2.03 1.66
N MET F 299 83.97 2.22 0.39
CA MET F 299 84.33 1.13 -0.51
C MET F 299 85.65 1.33 -1.26
N LEU F 300 85.68 2.12 -2.31
CA LEU F 300 86.99 2.36 -2.91
C LEU F 300 87.28 3.83 -2.65
N GLU F 301 87.06 4.23 -1.40
CA GLU F 301 87.09 5.63 -1.01
C GLU F 301 88.42 6.30 -1.34
N SER F 302 89.54 5.56 -1.33
CA SER F 302 90.80 6.17 -1.74
C SER F 302 90.77 6.57 -3.22
N MET F 303 89.95 5.88 -4.03
CA MET F 303 89.73 6.30 -5.41
C MET F 303 88.86 7.56 -5.54
N THR F 304 88.32 8.09 -4.44
CA THR F 304 87.69 9.42 -4.51
C THR F 304 88.72 10.46 -4.94
N THR F 305 89.98 10.25 -4.59
CA THR F 305 91.04 11.21 -4.85
C THR F 305 92.26 10.64 -5.60
N ASN F 306 92.48 9.32 -5.59
CA ASN F 306 93.60 8.74 -6.32
C ASN F 306 93.12 7.86 -7.47
N PRO F 307 93.94 7.70 -8.52
CA PRO F 307 93.50 6.86 -9.66
C PRO F 307 93.49 5.37 -9.38
N ARG F 308 94.03 4.94 -8.25
CA ARG F 308 94.16 3.54 -7.96
C ARG F 308 93.80 3.38 -6.49
N PRO F 309 93.02 2.36 -6.16
CA PRO F 309 92.70 2.12 -4.75
C PRO F 309 93.84 1.37 -4.07
N THR F 310 93.74 1.27 -2.74
CA THR F 310 94.67 0.46 -1.96
C THR F 310 94.18 -0.98 -1.93
N ARG F 311 95.12 -1.93 -1.81
CA ARG F 311 94.74 -3.34 -1.86
C ARG F 311 93.82 -3.71 -0.71
N ALA F 312 93.97 -3.05 0.45
CA ALA F 312 93.07 -3.31 1.56
C ALA F 312 91.61 -3.00 1.20
N GLU F 313 91.35 -1.88 0.51
CA GLU F 313 89.99 -1.56 0.06
C GLU F 313 89.44 -2.59 -0.93
N VAL F 314 90.29 -3.06 -1.86
CA VAL F 314 89.86 -3.98 -2.93
C VAL F 314 89.38 -5.31 -2.35
N THR F 315 90.15 -5.90 -1.42
CA THR F 315 89.72 -7.11 -0.74
C THR F 315 88.45 -6.87 0.09
N ASP F 316 88.31 -5.67 0.67
CA ASP F 316 87.11 -5.33 1.42
C ASP F 316 85.85 -5.48 0.57
N VAL F 317 85.89 -4.96 -0.68
CA VAL F 317 84.79 -5.11 -1.62
C VAL F 317 84.60 -6.58 -1.97
N ALA F 318 85.72 -7.27 -2.23
CA ALA F 318 85.68 -8.70 -2.51
C ALA F 318 85.08 -9.48 -1.33
N ASN F 319 85.47 -9.12 -0.10
CA ASN F 319 84.89 -9.78 1.07
C ASN F 319 83.43 -9.38 1.23
N ALA F 320 83.00 -8.25 0.67
CA ALA F 320 81.59 -7.92 0.64
C ALA F 320 80.80 -8.84 -0.30
N VAL F 321 81.33 -9.07 -1.51
CA VAL F 321 80.71 -10.02 -2.44
C VAL F 321 80.74 -11.43 -1.86
N PHE F 322 81.91 -11.85 -1.36
CA PHE F 322 82.08 -13.20 -0.82
C PHE F 322 81.12 -13.48 0.33
N ASN F 323 80.86 -12.48 1.18
CA ASN F 323 79.91 -12.66 2.28
C ASN F 323 78.51 -12.91 1.78
N GLY F 324 78.22 -12.60 0.51
CA GLY F 324 76.94 -12.91 -0.10
C GLY F 324 76.20 -11.68 -0.58
N ALA F 325 76.85 -10.53 -0.62
CA ALA F 325 76.15 -9.27 -0.86
C ALA F 325 75.62 -9.21 -2.29
N ASP F 326 74.43 -8.62 -2.43
CA ASP F 326 73.78 -8.44 -3.71
C ASP F 326 74.40 -7.29 -4.53
N CYS F 327 74.53 -6.11 -3.91
CA CYS F 327 75.09 -4.92 -4.56
C CYS F 327 76.18 -4.30 -3.68
N VAL F 328 77.18 -3.69 -4.34
CA VAL F 328 78.15 -2.83 -3.70
C VAL F 328 77.84 -1.39 -4.10
N MET F 329 78.09 -0.45 -3.20
CA MET F 329 77.64 0.92 -3.41
C MET F 329 78.77 1.91 -3.20
N LEU F 330 78.96 2.80 -4.16
CA LEU F 330 79.88 3.92 -4.00
C LEU F 330 79.12 5.13 -3.47
N SER F 331 79.83 6.00 -2.77
CA SER F 331 79.18 7.15 -2.15
C SER F 331 79.80 8.44 -2.65
N GLY F 332 80.83 8.94 -1.98
CA GLY F 332 81.53 10.05 -2.59
C GLY F 332 82.30 9.67 -3.83
N GLU F 333 82.57 8.38 -4.02
CA GLU F 333 83.50 7.95 -5.07
C GLU F 333 83.11 8.46 -6.45
N THR F 334 81.80 8.46 -6.76
CA THR F 334 81.30 8.92 -8.06
C THR F 334 80.62 10.28 -8.00
N ALA F 335 80.12 10.67 -6.82
CA ALA F 335 79.47 11.96 -6.66
C ALA F 335 80.50 13.06 -6.50
N LYS F 336 81.44 12.86 -5.59
CA LYS F 336 82.52 13.82 -5.36
C LYS F 336 83.84 13.38 -5.98
N GLY F 337 83.93 12.16 -6.51
CA GLY F 337 85.21 11.56 -6.80
C GLY F 337 85.84 12.11 -8.07
N LYS F 338 87.13 11.85 -8.21
CA LYS F 338 87.85 12.38 -9.36
C LYS F 338 87.90 11.43 -10.54
N TYR F 339 87.50 10.16 -10.37
CA TYR F 339 87.57 9.15 -11.43
C TYR F 339 86.29 8.33 -11.42
N PRO F 340 85.14 8.96 -11.62
CA PRO F 340 83.89 8.23 -11.37
C PRO F 340 83.75 7.04 -12.27
N ASN F 341 84.14 7.18 -13.53
CA ASN F 341 83.98 6.07 -14.48
C ASN F 341 84.93 4.92 -14.17
N GLU F 342 86.16 5.22 -13.78
CA GLU F 342 87.13 4.16 -13.57
C GLU F 342 86.88 3.43 -12.25
N VAL F 343 86.27 4.09 -11.27
CA VAL F 343 86.04 3.43 -9.98
C VAL F 343 84.87 2.45 -10.08
N VAL F 344 83.85 2.79 -10.87
CA VAL F 344 82.78 1.82 -11.13
C VAL F 344 83.27 0.68 -12.03
N GLN F 345 84.10 1.00 -13.03
CA GLN F 345 84.74 -0.06 -13.82
C GLN F 345 85.59 -0.98 -12.94
N TYR F 346 86.34 -0.42 -12.01
CA TYR F 346 87.12 -1.23 -11.09
C TYR F 346 86.22 -2.16 -10.29
N MET F 347 85.12 -1.64 -9.78
CA MET F 347 84.16 -2.47 -9.06
C MET F 347 83.67 -3.62 -9.93
N VAL F 348 83.49 -3.35 -11.22
CA VAL F 348 83.04 -4.39 -12.15
C VAL F 348 84.08 -5.52 -12.19
N ARG F 349 85.36 -5.16 -12.35
CA ARG F 349 86.42 -6.17 -12.37
C ARG F 349 86.46 -6.93 -11.06
N ILE F 350 86.29 -6.24 -9.95
CA ILE F 350 86.34 -6.88 -8.64
C ILE F 350 85.19 -7.88 -8.51
N CYS F 351 83.97 -7.43 -8.83
CA CYS F 351 82.77 -8.25 -8.70
C CYS F 351 82.89 -9.52 -9.53
N ILE F 352 83.45 -9.41 -10.73
CA ILE F 352 83.59 -10.56 -11.62
C ILE F 352 84.58 -11.56 -11.03
N GLU F 353 85.70 -11.05 -10.51
CA GLU F 353 86.70 -11.93 -9.94
C GLU F 353 86.16 -12.60 -8.70
N ALA F 354 85.52 -11.82 -7.84
CA ALA F 354 84.88 -12.39 -6.65
C ALA F 354 83.85 -13.44 -7.02
N GLN F 355 82.97 -13.16 -7.98
CA GLN F 355 81.99 -14.18 -8.34
C GLN F 355 82.68 -15.40 -8.94
N SER F 356 83.73 -15.19 -9.74
CA SER F 356 84.34 -16.33 -10.39
C SER F 356 85.01 -17.27 -9.42
N ALA F 357 85.41 -16.78 -8.23
CA ALA F 357 86.08 -17.59 -7.22
C ALA F 357 85.13 -18.35 -6.28
N THR F 358 83.89 -17.91 -6.15
CA THR F 358 82.90 -18.64 -5.34
C THR F 358 82.45 -19.91 -6.08
N HIS F 359 82.04 -20.92 -5.32
CA HIS F 359 82.00 -22.26 -5.86
C HIS F 359 80.95 -22.55 -6.94
N ASP F 360 79.95 -21.70 -7.16
CA ASP F 360 78.76 -21.89 -8.02
C ASP F 360 77.61 -22.73 -7.49
N SER F 361 77.81 -23.46 -6.40
CA SER F 361 76.74 -24.27 -5.84
C SER F 361 76.71 -24.30 -4.32
N VAL F 362 77.71 -23.75 -3.65
CA VAL F 362 77.74 -23.79 -2.19
C VAL F 362 76.55 -23.00 -1.63
N MET F 363 76.33 -21.81 -2.15
CA MET F 363 75.21 -21.00 -1.68
C MET F 363 73.88 -21.69 -1.90
N PHE F 364 73.65 -22.17 -3.11
CA PHE F 364 72.44 -22.91 -3.44
C PHE F 364 72.22 -24.07 -2.48
N ASN F 365 73.20 -24.98 -2.42
CA ASN F 365 73.14 -26.15 -1.58
C ASN F 365 72.96 -25.79 -0.12
N SER F 366 73.61 -24.73 0.34
CA SER F 366 73.40 -24.36 1.74
C SER F 366 71.93 -24.07 1.98
N ILE F 367 71.32 -23.22 1.16
CA ILE F 367 69.98 -22.76 1.47
C ILE F 367 68.98 -23.89 1.36
N LYS F 368 69.13 -24.74 0.35
CA LYS F 368 68.21 -25.87 0.23
C LYS F 368 68.15 -26.63 1.55
N ASN F 369 69.33 -27.03 2.08
CA ASN F 369 69.46 -27.74 3.36
C ASN F 369 69.03 -26.91 4.55
N LEU F 370 68.98 -25.60 4.39
CA LEU F 370 68.60 -24.69 5.44
C LEU F 370 67.10 -24.60 5.62
N GLN F 371 66.32 -25.32 4.80
CA GLN F 371 64.88 -25.13 4.70
C GLN F 371 64.11 -25.97 5.72
N LYS F 372 62.95 -25.46 6.14
CA LYS F 372 62.12 -26.05 7.19
C LYS F 372 61.04 -26.94 6.57
N ILE F 373 60.57 -27.95 7.30
CA ILE F 373 59.73 -28.94 6.61
C ILE F 373 58.54 -29.52 7.37
N PRO F 374 57.37 -28.87 7.40
CA PRO F 374 56.35 -29.18 6.39
C PRO F 374 56.52 -28.03 5.41
N MET F 375 56.98 -28.27 4.20
CA MET F 375 57.34 -27.13 3.36
C MET F 375 56.15 -26.46 2.67
N SER F 376 56.34 -25.18 2.39
CA SER F 376 55.40 -24.39 1.61
C SER F 376 55.60 -24.69 0.13
N PRO F 377 54.52 -24.57 -0.67
CA PRO F 377 54.61 -24.77 -2.13
C PRO F 377 55.34 -23.60 -2.76
N GLU F 378 55.42 -23.54 -4.10
CA GLU F 378 56.13 -22.43 -4.72
C GLU F 378 57.65 -22.52 -4.53
N GLU F 379 58.13 -22.43 -3.28
CA GLU F 379 59.58 -22.51 -3.02
C GLU F 379 60.19 -23.72 -3.69
N ALA F 380 59.41 -24.77 -3.92
CA ALA F 380 59.93 -25.94 -4.59
C ALA F 380 60.32 -25.62 -6.04
N VAL F 381 59.43 -24.97 -6.79
CA VAL F 381 59.73 -24.73 -8.21
C VAL F 381 60.94 -23.82 -8.36
N CYS F 382 61.08 -22.81 -7.51
CA CYS F 382 62.25 -21.95 -7.64
C CYS F 382 63.52 -22.75 -7.36
N SER F 383 63.57 -23.47 -6.25
CA SER F 383 64.76 -24.25 -5.95
C SER F 383 65.03 -25.24 -7.08
N SER F 384 63.97 -25.83 -7.62
CA SER F 384 64.16 -26.84 -8.65
C SER F 384 64.66 -26.24 -9.96
N ALA F 385 64.36 -24.98 -10.23
CA ALA F 385 64.91 -24.37 -11.42
C ALA F 385 66.41 -24.28 -11.32
N VAL F 386 66.89 -23.71 -10.21
CA VAL F 386 68.33 -23.52 -10.01
C VAL F 386 69.05 -24.86 -10.06
N SER F 387 68.47 -25.87 -9.42
CA SER F 387 68.94 -27.24 -9.57
C SER F 387 69.13 -27.60 -11.04
N SER F 388 68.04 -27.51 -11.81
CA SER F 388 68.02 -27.93 -13.21
C SER F 388 68.99 -27.14 -14.08
N ALA F 389 69.13 -25.84 -13.82
CA ALA F 389 70.15 -25.09 -14.55
C ALA F 389 71.51 -25.75 -14.40
N PHE F 390 71.84 -26.18 -13.18
CA PHE F 390 73.05 -26.97 -12.96
C PHE F 390 72.98 -28.32 -13.64
N GLU F 391 71.87 -29.07 -13.45
CA GLU F 391 71.87 -30.48 -13.86
C GLU F 391 72.15 -30.60 -15.35
N VAL F 392 71.59 -29.69 -16.13
CA VAL F 392 71.62 -29.77 -17.57
C VAL F 392 72.52 -28.70 -18.17
N GLN F 393 73.35 -28.06 -17.33
CA GLN F 393 74.33 -27.09 -17.81
C GLN F 393 73.63 -25.96 -18.55
N ALA F 394 72.47 -25.57 -18.02
CA ALA F 394 71.73 -24.45 -18.58
C ALA F 394 72.58 -23.19 -18.52
N LYS F 395 72.39 -22.31 -19.47
CA LYS F 395 73.25 -21.15 -19.58
C LYS F 395 72.53 -19.85 -19.19
N ALA F 396 71.24 -19.91 -18.83
CA ALA F 396 70.45 -18.79 -18.34
C ALA F 396 69.11 -19.33 -17.81
N ILE F 397 68.53 -18.67 -16.80
CA ILE F 397 67.17 -19.01 -16.35
C ILE F 397 66.26 -17.84 -16.67
N LEU F 398 65.25 -18.10 -17.51
CA LEU F 398 64.27 -17.09 -17.89
C LEU F 398 62.99 -17.27 -17.05
N VAL F 399 62.59 -16.21 -16.34
CA VAL F 399 61.41 -16.21 -15.49
C VAL F 399 60.44 -15.15 -16.00
N LEU F 400 59.16 -15.49 -16.03
CA LEU F 400 58.10 -14.57 -16.43
C LEU F 400 57.39 -14.11 -15.15
N SER F 401 58.02 -13.20 -14.44
CA SER F 401 57.42 -12.57 -13.26
C SER F 401 57.02 -11.14 -13.57
N ASN F 402 55.84 -10.72 -13.08
CA ASN F 402 55.39 -9.35 -13.23
C ASN F 402 55.72 -8.48 -12.02
N THR F 403 55.74 -9.07 -10.81
CA THR F 403 56.12 -8.40 -9.57
C THR F 403 57.59 -8.58 -9.17
N GLY F 404 58.34 -9.45 -9.84
CA GLY F 404 59.72 -9.70 -9.49
C GLY F 404 59.98 -10.61 -8.30
N ARG F 405 58.95 -10.93 -7.51
CA ARG F 405 59.08 -11.93 -6.45
C ARG F 405 59.83 -13.15 -6.94
N SER F 406 59.41 -13.69 -8.08
CA SER F 406 60.05 -14.90 -8.61
C SER F 406 61.53 -14.68 -8.87
N ALA F 407 61.90 -13.51 -9.40
CA ALA F 407 63.31 -13.22 -9.59
C ALA F 407 64.06 -13.24 -8.27
N ARG F 408 63.43 -12.71 -7.21
CA ARG F 408 64.00 -12.75 -5.86
C ARG F 408 64.05 -14.16 -5.28
N LEU F 409 63.05 -14.99 -5.52
CA LEU F 409 63.17 -16.39 -5.09
C LEU F 409 64.17 -17.16 -5.93
N ILE F 410 64.19 -16.95 -7.25
CA ILE F 410 65.23 -17.59 -8.04
C ILE F 410 66.61 -17.06 -7.66
N SER F 411 66.73 -15.74 -7.44
CA SER F 411 68.01 -15.14 -7.05
C SER F 411 68.51 -15.69 -5.72
N LYS F 412 67.62 -15.87 -4.74
CA LYS F 412 68.10 -16.31 -3.40
C LYS F 412 68.90 -17.59 -3.58
N TYR F 413 68.50 -18.45 -4.50
CA TYR F 413 69.13 -19.74 -4.73
C TYR F 413 70.43 -19.68 -5.53
N ARG F 414 70.96 -18.49 -5.81
CA ARG F 414 72.32 -18.28 -6.32
C ARG F 414 72.72 -19.25 -7.44
N PRO F 415 72.10 -19.14 -8.61
CA PRO F 415 72.42 -20.04 -9.73
C PRO F 415 73.69 -19.64 -10.45
N ASN F 416 74.10 -20.52 -11.36
CA ASN F 416 75.37 -20.36 -12.06
C ASN F 416 75.27 -19.48 -13.30
N CYS F 417 74.06 -19.18 -13.76
CA CYS F 417 73.85 -18.51 -15.03
C CYS F 417 72.96 -17.32 -14.80
N PRO F 418 72.89 -16.39 -15.74
CA PRO F 418 72.06 -15.19 -15.54
C PRO F 418 70.58 -15.56 -15.38
N ILE F 419 69.86 -14.69 -14.66
CA ILE F 419 68.42 -14.77 -14.55
C ILE F 419 67.84 -13.64 -15.41
N ILE F 420 67.10 -14.02 -16.45
CA ILE F 420 66.35 -13.08 -17.28
C ILE F 420 64.91 -13.07 -16.80
N CYS F 421 64.46 -11.94 -16.26
CA CYS F 421 63.05 -11.76 -15.89
C CYS F 421 62.39 -11.00 -17.02
N ALA F 422 61.46 -11.64 -17.73
CA ALA F 422 60.66 -10.98 -18.76
C ALA F 422 59.38 -10.46 -18.10
N THR F 423 59.27 -9.14 -17.93
CA THR F 423 58.15 -8.55 -17.20
C THR F 423 57.33 -7.61 -18.08
N THR F 424 56.10 -7.31 -17.63
CA THR F 424 55.27 -6.30 -18.26
C THR F 424 55.20 -5.02 -17.46
N ARG F 425 55.79 -4.99 -16.27
CA ARG F 425 55.80 -3.78 -15.46
C ARG F 425 57.15 -3.11 -15.57
N LEU F 426 57.13 -1.79 -15.79
CA LEU F 426 58.36 -1.02 -15.97
C LEU F 426 59.11 -0.82 -14.64
N LEU F 427 58.37 -0.59 -13.55
CA LEU F 427 58.98 -0.52 -12.22
C LEU F 427 59.61 -1.86 -11.82
N THR F 428 59.06 -2.96 -12.29
CA THR F 428 59.64 -4.27 -12.03
C THR F 428 61.02 -4.41 -12.67
N CYS F 429 61.20 -3.94 -13.91
CA CYS F 429 62.54 -3.97 -14.51
C CYS F 429 63.53 -3.18 -13.69
N ARG F 430 63.13 -1.99 -13.23
CA ARG F 430 64.07 -1.11 -12.54
C ARG F 430 64.40 -1.59 -11.13
N GLN F 431 63.40 -2.07 -10.38
CA GLN F 431 63.58 -2.50 -9.00
C GLN F 431 64.43 -3.77 -8.88
N LEU F 432 64.47 -4.60 -9.91
CA LEU F 432 65.21 -5.85 -9.89
C LEU F 432 66.70 -5.65 -10.08
N ASN F 433 67.10 -4.43 -10.42
CA ASN F 433 68.50 -4.12 -10.60
C ASN F 433 69.28 -4.23 -9.30
N VAL F 434 68.61 -4.51 -8.18
CA VAL F 434 69.27 -4.63 -6.88
C VAL F 434 69.19 -6.05 -6.34
N THR F 435 68.65 -6.99 -7.12
CA THR F 435 68.63 -8.39 -6.73
C THR F 435 69.61 -9.12 -7.64
N ARG F 436 70.29 -10.11 -7.08
CA ARG F 436 71.46 -10.69 -7.72
C ARG F 436 71.06 -11.48 -8.96
N SER F 437 71.90 -11.37 -10.00
CA SER F 437 71.90 -12.18 -11.22
C SER F 437 70.79 -11.85 -12.21
N VAL F 438 69.89 -10.92 -11.89
CA VAL F 438 68.70 -10.67 -12.68
C VAL F 438 68.96 -9.66 -13.78
N GLU F 439 68.27 -9.90 -14.88
CA GLU F 439 68.45 -9.17 -16.11
C GLU F 439 67.03 -8.99 -16.65
N SER F 440 66.56 -7.74 -16.75
CA SER F 440 65.16 -7.46 -17.01
C SER F 440 64.89 -7.16 -18.47
N VAL F 441 63.86 -7.80 -19.03
CA VAL F 441 63.39 -7.48 -20.37
C VAL F 441 61.99 -6.90 -20.18
N TYR F 442 61.68 -5.83 -20.91
CA TYR F 442 60.35 -5.22 -20.86
C TYR F 442 59.51 -5.71 -22.03
N TYR F 443 58.27 -6.12 -21.74
CA TYR F 443 57.30 -6.51 -22.77
C TYR F 443 56.13 -5.53 -22.78
N ASP F 444 56.02 -4.74 -23.84
CA ASP F 444 54.94 -3.77 -23.87
C ASP F 444 53.63 -4.50 -24.16
N VAL F 445 52.82 -4.69 -23.12
CA VAL F 445 51.57 -5.44 -23.29
C VAL F 445 50.52 -4.61 -23.99
N ASP F 446 50.66 -3.28 -23.93
CA ASP F 446 49.77 -2.37 -24.63
C ASP F 446 50.13 -2.28 -26.12
N ALA F 447 51.43 -2.20 -26.41
CA ALA F 447 51.91 -2.16 -27.79
C ALA F 447 51.91 -3.54 -28.46
N HIS F 448 51.84 -4.61 -27.67
CA HIS F 448 51.88 -5.96 -28.19
C HIS F 448 50.67 -6.72 -27.65
N GLY F 449 50.50 -7.96 -28.10
CA GLY F 449 49.29 -8.69 -27.80
C GLY F 449 49.05 -8.78 -26.30
N GLU F 450 47.77 -8.91 -25.93
CA GLU F 450 47.40 -9.08 -24.53
C GLU F 450 48.13 -10.24 -23.88
N ASP F 451 48.70 -11.13 -24.67
CA ASP F 451 49.49 -12.28 -24.22
C ASP F 451 48.84 -13.03 -23.07
N ASN F 452 47.64 -13.53 -23.33
CA ASN F 452 47.05 -14.56 -22.47
C ASN F 452 47.92 -15.80 -22.51
N ASP F 453 48.32 -16.18 -23.72
CA ASP F 453 49.25 -17.25 -24.05
C ASP F 453 50.47 -16.49 -23.52
N ARG F 454 51.00 -16.96 -22.40
CA ARG F 454 52.29 -16.52 -21.87
C ARG F 454 53.40 -17.17 -22.70
N GLU F 455 53.40 -17.02 -24.02
CA GLU F 455 54.46 -17.53 -24.90
C GLU F 455 55.21 -16.45 -25.67
N LYS F 456 54.64 -15.26 -25.85
CA LYS F 456 55.35 -14.19 -26.54
C LYS F 456 56.34 -13.48 -25.61
N ARG F 457 55.99 -13.35 -24.33
CA ARG F 457 56.96 -12.93 -23.35
C ARG F 457 58.18 -13.85 -23.41
N VAL F 458 57.92 -15.15 -23.56
CA VAL F 458 59.00 -16.15 -23.66
C VAL F 458 59.89 -15.91 -24.88
N GLN F 459 59.29 -15.86 -26.08
CA GLN F 459 60.08 -15.64 -27.30
C GLN F 459 60.89 -14.36 -27.19
N LEU F 460 60.29 -13.31 -26.61
CA LEU F 460 61.02 -12.10 -26.20
C LEU F 460 62.25 -12.40 -25.35
N GLY F 461 62.05 -13.12 -24.25
CA GLY F 461 63.17 -13.41 -23.35
C GLY F 461 64.29 -14.20 -24.02
N VAL F 462 63.92 -15.23 -24.77
CA VAL F 462 64.90 -16.05 -25.47
C VAL F 462 65.69 -15.24 -26.48
N ASP F 463 65.07 -14.23 -27.09
CA ASP F 463 65.83 -13.35 -27.98
C ASP F 463 66.92 -12.62 -27.20
N TRP F 464 66.63 -12.22 -25.96
CA TRP F 464 67.64 -11.60 -25.13
C TRP F 464 68.81 -12.55 -24.87
N ALA F 465 68.52 -13.73 -24.31
CA ALA F 465 69.59 -14.68 -23.99
C ALA F 465 70.48 -14.97 -25.20
N LYS F 466 69.88 -15.05 -26.38
CA LYS F 466 70.69 -15.29 -27.58
C LYS F 466 71.54 -14.08 -27.95
N THR F 467 70.90 -12.90 -28.04
CA THR F 467 71.64 -11.71 -28.49
C THR F 467 72.57 -11.15 -27.41
N LYS F 468 72.20 -11.22 -26.12
CA LYS F 468 73.13 -10.77 -25.07
C LYS F 468 74.45 -11.51 -25.06
N GLY F 469 74.54 -12.66 -25.74
CA GLY F 469 75.71 -13.50 -25.73
C GLY F 469 75.61 -14.69 -24.80
N TYR F 470 74.48 -14.84 -24.11
CA TYR F 470 74.33 -15.88 -23.09
C TYR F 470 74.12 -17.25 -23.73
N VAL F 471 73.28 -17.32 -24.75
CA VAL F 471 72.78 -18.59 -25.23
C VAL F 471 73.00 -18.71 -26.73
N SER F 472 73.51 -19.86 -27.17
CA SER F 472 73.83 -20.14 -28.56
C SER F 472 73.05 -21.36 -29.03
N ALA F 473 72.80 -21.44 -30.33
CA ALA F 473 71.99 -22.52 -30.89
C ALA F 473 72.50 -23.89 -30.41
N GLY F 474 71.60 -24.65 -29.78
CA GLY F 474 71.94 -25.92 -29.14
C GLY F 474 71.97 -25.86 -27.63
N ASP F 475 72.15 -24.67 -27.06
CA ASP F 475 72.19 -24.49 -25.62
C ASP F 475 70.79 -24.65 -25.02
N VAL F 476 70.76 -25.02 -23.74
CA VAL F 476 69.51 -25.16 -23.00
C VAL F 476 69.31 -23.93 -22.11
N MET F 477 68.05 -23.71 -21.71
CA MET F 477 67.70 -22.68 -20.75
C MET F 477 66.58 -23.25 -19.88
N VAL F 478 66.33 -22.63 -18.74
CA VAL F 478 65.24 -23.05 -17.86
C VAL F 478 64.24 -21.91 -17.68
N ILE F 479 62.96 -22.23 -17.90
CA ILE F 479 61.86 -21.26 -17.95
C ILE F 479 60.88 -21.51 -16.81
N VAL F 480 60.43 -20.43 -16.17
CA VAL F 480 59.48 -20.52 -15.06
C VAL F 480 58.46 -19.38 -15.05
N HIS F 481 57.25 -19.70 -15.49
CA HIS F 481 56.10 -18.81 -15.48
C HIS F 481 55.03 -19.52 -14.66
N ALA F 482 53.77 -19.19 -14.88
CA ALA F 482 52.71 -19.93 -14.22
C ALA F 482 51.81 -20.50 -15.30
N ASP F 483 51.14 -21.60 -14.97
CA ASP F 483 50.27 -22.23 -15.95
C ASP F 483 49.06 -21.34 -16.23
N HIS F 484 48.60 -21.39 -17.48
CA HIS F 484 47.46 -20.60 -17.95
C HIS F 484 46.15 -20.93 -17.24
N SER F 485 46.10 -21.94 -16.36
CA SER F 485 44.90 -22.20 -15.57
C SER F 485 44.90 -21.47 -14.22
N VAL F 486 46.05 -20.96 -13.76
CA VAL F 486 46.09 -20.23 -12.49
C VAL F 486 46.62 -18.83 -12.73
N LYS F 487 46.96 -18.13 -11.65
CA LYS F 487 47.77 -16.92 -11.69
C LYS F 487 48.48 -16.77 -10.34
N GLY F 488 49.01 -15.57 -10.10
CA GLY F 488 49.45 -15.11 -8.79
C GLY F 488 50.81 -15.58 -8.31
N TYR F 489 51.42 -16.56 -8.97
CA TYR F 489 52.81 -16.98 -8.71
C TYR F 489 53.13 -18.10 -9.70
N PRO F 490 54.41 -18.31 -10.04
CA PRO F 490 54.76 -19.31 -11.04
C PRO F 490 54.80 -20.73 -10.47
N ASN F 491 54.65 -21.69 -11.38
CA ASN F 491 54.71 -23.13 -11.10
C ASN F 491 55.42 -23.86 -12.22
N GLN F 492 55.13 -23.43 -13.46
CA GLN F 492 55.70 -24.06 -14.65
C GLN F 492 57.20 -24.19 -14.56
N THR F 493 57.72 -25.19 -15.26
CA THR F 493 59.14 -25.14 -15.59
C THR F 493 59.25 -25.77 -16.96
N ARG F 494 59.98 -25.13 -17.85
CA ARG F 494 60.13 -25.65 -19.19
C ARG F 494 61.60 -25.72 -19.52
N LEU F 495 62.04 -26.86 -20.02
CA LEU F 495 63.41 -26.99 -20.46
C LEU F 495 63.43 -27.09 -21.97
N VAL F 496 64.05 -26.10 -22.59
CA VAL F 496 64.06 -25.91 -24.02
C VAL F 496 65.48 -25.76 -24.49
N ARG F 497 65.87 -26.56 -25.48
CA ARG F 497 67.15 -26.36 -26.15
C ARG F 497 66.87 -25.36 -27.25
N VAL F 498 67.64 -24.28 -27.27
CA VAL F 498 67.24 -23.09 -28.00
C VAL F 498 67.32 -23.32 -29.50
N ARG F 499 66.33 -22.77 -30.22
CA ARG F 499 66.24 -22.95 -31.66
C ARG F 499 66.26 -21.61 -32.40
N GLN G 1 -1.21 20.39 30.25
CA GLN G 1 -1.08 18.95 30.38
C GLN G 1 0.27 18.71 31.03
N VAL G 2 1.32 18.92 30.25
CA VAL G 2 2.68 18.98 30.75
C VAL G 2 2.91 20.39 31.28
N GLN G 3 3.49 20.48 32.48
CA GLN G 3 3.86 21.75 33.06
C GLN G 3 5.37 21.84 33.17
N LEU G 4 5.88 23.04 32.95
CA LEU G 4 7.29 23.36 33.00
C LEU G 4 7.49 24.31 34.17
N GLN G 5 8.64 24.22 34.81
CA GLN G 5 8.90 24.97 36.02
C GLN G 5 10.26 25.61 35.88
N GLU G 6 10.29 26.93 35.87
CA GLU G 6 11.60 27.53 35.68
C GLU G 6 12.31 27.73 37.00
N SER G 7 13.60 28.00 36.86
CA SER G 7 14.47 28.27 37.98
C SER G 7 15.81 28.71 37.43
N GLY G 8 16.54 29.49 38.23
CA GLY G 8 17.90 29.86 37.93
C GLY G 8 18.16 31.31 37.56
N GLY G 9 17.19 32.17 37.64
CA GLY G 9 17.46 33.55 37.31
C GLY G 9 18.16 34.30 38.40
N GLY G 10 18.59 35.50 38.03
CA GLY G 10 19.09 36.45 39.00
C GLY G 10 19.95 37.50 38.33
N LEU G 11 20.77 38.13 39.13
CA LEU G 11 21.72 39.15 38.73
C LEU G 11 23.07 38.50 38.50
N VAL G 12 23.80 38.92 37.46
CA VAL G 12 25.14 38.37 37.19
C VAL G 12 26.08 39.45 36.67
N GLN G 13 27.39 39.18 36.77
CA GLN G 13 28.34 40.17 36.32
C GLN G 13 28.61 40.02 34.84
N SER G 14 28.81 41.15 34.20
CA SER G 14 29.19 41.19 32.81
C SER G 14 30.37 40.27 32.62
N GLY G 15 30.19 39.26 31.79
CA GLY G 15 31.16 38.20 31.59
C GLY G 15 30.91 36.99 32.44
N GLY G 16 29.97 37.04 33.39
CA GLY G 16 29.68 35.91 34.24
C GLY G 16 28.88 34.87 33.48
N SER G 17 28.22 33.99 34.24
CA SER G 17 27.49 32.90 33.62
C SER G 17 26.39 32.41 34.56
N LEU G 18 25.29 31.95 33.96
CA LEU G 18 24.24 31.26 34.68
C LEU G 18 23.84 30.02 33.94
N LYS G 19 23.15 29.14 34.66
CA LYS G 19 22.58 27.91 34.14
C LYS G 19 21.10 27.92 34.46
N LEU G 20 20.27 28.10 33.44
CA LEU G 20 18.84 28.10 33.61
C LEU G 20 18.39 26.65 33.61
N SER G 21 17.42 26.36 34.43
CA SER G 21 16.89 25.02 34.59
C SER G 21 15.39 25.05 34.40
N CYS G 22 14.86 24.02 33.74
CA CYS G 22 13.44 23.89 33.47
C CYS G 22 13.05 22.46 33.79
N ALA G 23 12.13 22.28 34.73
CA ALA G 23 11.72 20.96 35.19
C ALA G 23 10.29 20.71 34.77
N ALA G 24 9.99 19.48 34.35
CA ALA G 24 8.74 19.17 33.71
C ALA G 24 7.93 18.12 34.47
N SER G 25 6.61 18.31 34.52
CA SER G 25 5.71 17.33 35.11
C SER G 25 4.58 16.91 34.18
N GLY G 26 3.57 16.26 34.75
CA GLY G 26 2.41 15.73 34.06
C GLY G 26 2.46 14.88 32.80
N SER G 27 1.47 15.11 31.94
CA SER G 27 1.47 14.52 30.62
C SER G 27 0.27 15.01 29.84
N ASN G 28 0.35 14.86 28.52
CA ASN G 28 -0.80 15.06 27.67
C ASN G 28 -1.32 13.65 27.45
N PHE G 29 -2.09 13.19 28.42
CA PHE G 29 -2.54 11.82 28.31
C PHE G 29 -3.30 11.60 27.02
N SER G 30 -3.98 12.64 26.51
CA SER G 30 -4.73 12.55 25.25
C SER G 30 -3.84 12.13 24.08
N SER G 31 -2.61 12.61 24.06
CA SER G 31 -1.70 12.30 22.98
C SER G 31 -0.61 11.33 23.40
N GLY G 32 -0.57 10.92 24.68
CA GLY G 32 0.50 10.04 25.06
C GLY G 32 1.82 10.75 24.97
N ARG G 33 1.83 12.07 25.01
CA ARG G 33 3.06 12.83 24.92
C ARG G 33 3.49 13.25 26.31
N THR G 34 4.80 13.25 26.51
CA THR G 34 5.39 13.66 27.76
C THR G 34 6.54 14.60 27.46
N PHE G 35 7.18 15.07 28.52
CA PHE G 35 8.31 15.94 28.31
C PHE G 35 9.33 15.31 27.37
N SER G 36 9.57 14.02 27.54
CA SER G 36 10.62 13.33 26.78
C SER G 36 10.22 13.15 25.31
N THR G 37 8.92 13.23 24.98
CA THR G 37 8.50 13.10 23.58
C THR G 37 8.55 14.42 22.83
N ASP G 38 8.66 15.53 23.55
CA ASP G 38 8.45 16.88 23.03
C ASP G 38 9.74 17.64 22.92
N ALA G 39 9.87 18.40 21.83
CA ALA G 39 10.94 19.37 21.71
C ALA G 39 10.70 20.51 22.69
N ILE G 40 11.79 21.19 23.03
CA ILE G 40 11.79 22.28 24.00
C ILE G 40 12.42 23.50 23.35
N GLY G 41 11.85 24.66 23.56
CA GLY G 41 12.44 25.90 23.13
C GLY G 41 12.73 26.82 24.29
N TRP G 42 13.77 27.64 24.12
CA TRP G 42 14.05 28.73 25.06
C TRP G 42 13.80 30.05 24.36
N PHE G 43 12.97 30.88 24.96
CA PHE G 43 12.65 32.19 24.43
C PHE G 43 12.98 33.23 25.49
N ARG G 44 13.35 34.42 25.06
CA ARG G 44 13.57 35.53 25.99
C ARG G 44 12.76 36.73 25.53
N GLN G 45 12.32 37.51 26.51
CA GLN G 45 11.52 38.73 26.30
C GLN G 45 12.29 39.86 26.94
N ALA G 46 12.91 40.69 26.12
CA ALA G 46 13.63 41.83 26.65
C ALA G 46 12.64 42.89 27.10
N PRO G 47 13.07 43.83 27.91
CA PRO G 47 12.14 44.85 28.38
C PRO G 47 11.41 45.58 27.25
N GLY G 48 10.08 45.48 27.28
CA GLY G 48 9.17 46.19 26.39
C GLY G 48 9.02 45.59 25.00
N LYS G 49 9.53 44.39 24.78
CA LYS G 49 9.64 43.76 23.48
C LYS G 49 8.63 42.62 23.40
N GLU G 50 8.57 41.92 22.27
CA GLU G 50 7.99 40.61 22.47
C GLU G 50 9.08 39.57 22.69
N ARG G 51 8.65 38.36 22.62
CA ARG G 51 9.34 37.22 23.16
C ARG G 51 10.03 36.46 22.03
N GLU G 52 11.31 36.76 21.81
CA GLU G 52 12.08 36.16 20.74
C GLU G 52 12.75 34.83 21.13
N PHE G 53 13.05 34.06 20.10
CA PHE G 53 13.74 32.78 20.21
C PHE G 53 15.19 32.93 20.65
N VAL G 54 15.67 31.96 21.45
CA VAL G 54 17.08 31.84 21.79
C VAL G 54 17.67 30.55 21.22
N GLY G 55 17.05 29.43 21.52
CA GLY G 55 17.57 28.16 21.08
C GLY G 55 16.52 27.09 21.30
N GLY G 56 16.75 25.96 20.65
CA GLY G 56 15.78 24.90 20.71
C GLY G 56 16.50 23.58 20.68
N ILE G 57 15.79 22.55 21.10
CA ILE G 57 16.34 21.21 21.18
C ILE G 57 15.28 20.19 20.79
N SER G 58 15.68 19.20 19.99
CA SER G 58 14.74 18.15 19.57
C SER G 58 14.41 17.23 20.74
N TRP G 59 13.56 16.25 20.45
CA TRP G 59 12.95 15.45 21.51
C TRP G 59 14.00 14.70 22.30
N ASN G 60 14.92 14.06 21.61
CA ASN G 60 15.96 13.26 22.22
C ASN G 60 17.28 14.00 22.16
N GLY G 61 17.22 15.31 22.02
CA GLY G 61 18.41 16.10 21.98
C GLY G 61 19.22 16.00 20.70
N GLY G 62 18.78 15.22 19.70
CA GLY G 62 19.66 15.03 18.57
C GLY G 62 19.88 16.24 17.70
N ILE G 63 19.06 17.27 17.83
CA ILE G 63 19.19 18.47 17.00
C ILE G 63 19.00 19.69 17.87
N THR G 64 19.91 20.67 17.76
CA THR G 64 19.68 21.97 18.40
C THR G 64 19.99 23.11 17.45
N ASP G 65 19.37 24.26 17.70
CA ASP G 65 19.65 25.49 16.98
C ASP G 65 19.62 26.67 17.94
N TYR G 66 20.37 27.71 17.58
CA TYR G 66 20.57 28.87 18.44
C TYR G 66 20.46 30.14 17.61
N VAL G 67 20.00 31.22 18.25
CA VAL G 67 20.08 32.51 17.60
C VAL G 67 21.53 32.94 17.57
N ASP G 68 21.93 33.62 16.51
CA ASP G 68 23.35 33.91 16.34
C ASP G 68 23.89 34.71 17.51
N SER G 69 23.06 35.52 18.13
CA SER G 69 23.54 36.34 19.23
C SER G 69 24.08 35.51 20.41
N VAL G 70 23.65 34.28 20.58
CA VAL G 70 24.07 33.50 21.73
C VAL G 70 24.93 32.33 21.32
N LYS G 71 25.18 32.18 20.02
CA LYS G 71 26.00 31.08 19.52
C LYS G 71 27.41 31.18 20.10
N GLY G 72 27.93 30.03 20.49
CA GLY G 72 29.21 30.02 21.14
C GLY G 72 29.15 30.45 22.59
N ARG G 73 28.05 31.08 23.01
CA ARG G 73 27.85 31.52 24.39
C ARG G 73 26.79 30.72 25.14
N PHE G 74 25.75 30.27 24.47
CA PHE G 74 24.70 29.52 25.15
C PHE G 74 24.70 28.08 24.65
N THR G 75 24.20 27.18 25.50
CA THR G 75 24.10 25.75 25.16
C THR G 75 22.83 25.18 25.76
N ILE G 76 22.01 24.54 24.94
CA ILE G 76 20.82 23.86 25.42
C ILE G 76 21.11 22.37 25.45
N SER G 77 20.71 21.74 26.54
CA SER G 77 20.80 20.29 26.66
C SER G 77 19.63 19.83 27.50
N ARG G 78 19.46 18.53 27.58
CA ARG G 78 18.31 18.02 28.27
C ARG G 78 18.63 16.63 28.79
N ASP G 79 18.08 16.32 29.95
CA ASP G 79 18.21 15.01 30.55
C ASP G 79 16.81 14.45 30.67
N ASN G 80 16.43 13.60 29.72
CA ASN G 80 15.05 13.15 29.71
C ASN G 80 14.75 12.24 30.88
N ALA G 81 15.79 11.62 31.44
CA ALA G 81 15.60 10.76 32.60
C ALA G 81 15.28 11.55 33.85
N LYS G 82 15.76 12.79 33.95
CA LYS G 82 15.41 13.65 35.08
C LYS G 82 14.29 14.63 34.77
N ASN G 83 13.76 14.61 33.54
CA ASN G 83 12.73 15.53 33.08
C ASN G 83 13.17 16.98 33.20
N THR G 84 14.34 17.30 32.65
CA THR G 84 14.86 18.65 32.80
C THR G 84 15.55 19.14 31.52
N VAL G 85 15.38 20.43 31.23
CA VAL G 85 16.07 21.14 30.17
C VAL G 85 17.01 22.15 30.79
N TYR G 86 18.17 22.33 30.17
CA TYR G 86 19.16 23.27 30.69
C TYR G 86 19.50 24.29 29.62
N LEU G 87 19.71 25.52 30.05
CA LEU G 87 20.29 26.53 29.20
C LEU G 87 21.52 27.03 29.94
N GLN G 88 22.69 26.77 29.38
CA GLN G 88 23.94 27.24 29.94
C GLN G 88 24.35 28.50 29.20
N MET G 89 24.48 29.58 29.94
CA MET G 89 24.72 30.90 29.37
C MET G 89 26.08 31.36 29.88
N ASN G 90 27.04 31.46 29.00
CA ASN G 90 28.37 31.92 29.39
C ASN G 90 28.71 33.22 28.68
N SER G 91 29.69 33.92 29.23
CA SER G 91 30.05 35.25 28.78
C SER G 91 28.81 36.14 28.63
N LEU G 92 28.00 36.19 29.70
CA LEU G 92 26.76 36.96 29.65
C LEU G 92 27.10 38.44 29.49
N GLN G 93 26.25 39.12 28.76
CA GLN G 93 26.42 40.54 28.43
C GLN G 93 25.21 41.34 28.88
N PRO G 94 25.35 42.66 29.00
CA PRO G 94 24.17 43.48 29.33
C PRO G 94 23.01 43.28 28.36
N GLU G 95 23.29 42.92 27.12
CA GLU G 95 22.24 42.76 26.13
C GLU G 95 21.44 41.49 26.36
N ASP G 96 21.96 40.55 27.16
CA ASP G 96 21.17 39.36 27.44
C ASP G 96 20.20 39.59 28.57
N THR G 97 20.13 40.79 29.09
CA THR G 97 19.21 41.02 30.19
C THR G 97 17.82 40.91 29.63
N ALA G 98 17.06 39.95 30.14
CA ALA G 98 15.72 39.69 29.66
C ALA G 98 15.10 38.69 30.61
N VAL G 99 13.82 38.46 30.41
CA VAL G 99 13.16 37.32 31.04
C VAL G 99 13.18 36.15 30.08
N TYR G 100 13.46 34.97 30.60
CA TYR G 100 13.71 33.79 29.79
C TYR G 100 12.60 32.79 30.09
N TYR G 101 12.00 32.21 29.07
CA TYR G 101 11.00 31.17 29.29
C TYR G 101 11.42 29.91 28.58
N CYS G 102 11.09 28.76 29.14
CA CYS G 102 11.16 27.53 28.37
C CYS G 102 9.76 27.15 27.94
N ALA G 103 9.67 26.52 26.77
CA ALA G 103 8.38 26.16 26.25
C ALA G 103 8.47 24.82 25.56
N GLY G 104 7.43 24.02 25.75
CA GLY G 104 7.41 22.69 25.16
C GLY G 104 6.31 22.55 24.12
N ARG G 105 6.72 22.12 22.93
CA ARG G 105 5.87 21.92 21.77
C ARG G 105 5.44 20.46 21.74
N ASP G 106 4.22 20.20 21.25
CA ASP G 106 3.80 18.80 21.11
C ASP G 106 4.29 18.20 19.81
N SER G 107 5.56 18.39 19.51
CA SER G 107 6.18 17.83 18.31
C SER G 107 7.59 17.36 18.67
N TRP G 108 8.10 16.38 17.93
CA TRP G 108 9.48 15.96 18.15
C TRP G 108 10.49 17.02 17.75
N TYR G 109 10.11 17.93 16.87
CA TYR G 109 10.97 18.99 16.37
C TYR G 109 10.59 20.32 17.01
N PHE G 110 11.57 21.22 17.12
CA PHE G 110 11.34 22.53 17.72
C PHE G 110 11.00 23.58 16.67
N SER G 111 10.52 24.73 17.13
CA SER G 111 10.30 25.88 16.25
C SER G 111 10.91 27.14 16.88
N LYS G 112 11.01 28.19 16.06
CA LYS G 112 11.36 29.53 16.52
C LYS G 112 10.15 30.45 16.64
N VAL G 113 8.95 29.95 16.44
CA VAL G 113 7.74 30.77 16.50
C VAL G 113 7.09 30.55 17.86
N PRO G 114 6.98 31.58 18.69
CA PRO G 114 6.39 31.38 20.02
C PRO G 114 5.00 30.78 19.97
N ASP G 115 4.18 31.21 19.02
CA ASP G 115 2.79 30.74 18.95
C ASP G 115 2.70 29.24 18.65
N GLU G 116 3.80 28.60 18.20
CA GLU G 116 3.82 27.17 17.88
C GLU G 116 4.08 26.24 19.08
N TYR G 117 4.27 26.76 20.28
CA TYR G 117 4.49 25.92 21.43
C TYR G 117 3.21 25.79 22.22
N ARG G 118 3.09 24.69 22.98
CA ARG G 118 1.88 24.34 23.67
C ARG G 118 1.87 24.64 25.17
N TYR G 119 3.01 24.58 25.87
CA TYR G 119 3.07 24.86 27.29
C TYR G 119 4.35 25.58 27.64
N TRP G 120 4.25 26.47 28.62
CA TRP G 120 5.34 27.35 29.00
C TRP G 120 5.58 27.26 30.50
N GLY G 121 6.74 27.73 30.91
CA GLY G 121 6.98 28.04 32.30
C GLY G 121 6.62 29.47 32.60
N GLN G 122 6.70 29.84 33.87
CA GLN G 122 6.34 31.20 34.23
C GLN G 122 7.42 32.20 33.83
N GLY G 123 8.66 31.77 33.60
CA GLY G 123 9.69 32.72 33.20
C GLY G 123 10.57 33.21 34.36
N THR G 124 11.82 33.47 34.05
CA THR G 124 12.74 33.91 35.10
C THR G 124 13.59 35.10 34.66
N GLN G 125 13.80 36.07 35.57
CA GLN G 125 14.53 37.28 35.25
C GLN G 125 16.02 37.01 35.20
N VAL G 126 16.68 37.54 34.18
CA VAL G 126 18.14 37.53 34.09
C VAL G 126 18.61 38.94 33.84
N THR G 127 19.44 39.46 34.74
CA THR G 127 19.94 40.82 34.61
C THR G 127 21.46 40.79 34.68
N VAL G 128 22.13 41.30 33.66
CA VAL G 128 23.58 41.35 33.65
C VAL G 128 24.03 42.80 33.74
N SER G 129 24.59 43.16 34.89
CA SER G 129 25.21 44.47 35.08
C SER G 129 26.72 44.33 34.95
N SER G 130 27.36 45.39 34.44
CA SER G 130 28.80 45.42 34.30
C SER G 130 29.48 46.15 35.48
N GLN H 1 13.16 -27.52 -10.51
CA GLN H 1 13.51 -26.78 -9.28
C GLN H 1 13.88 -27.78 -8.19
N VAL H 2 13.01 -27.93 -7.20
CA VAL H 2 13.25 -28.88 -6.11
C VAL H 2 12.93 -30.27 -6.63
N GLN H 3 13.84 -31.22 -6.47
CA GLN H 3 13.64 -32.57 -6.96
C GLN H 3 13.60 -33.56 -5.81
N LEU H 4 12.73 -34.56 -5.92
CA LEU H 4 12.59 -35.58 -4.91
C LEU H 4 12.87 -36.97 -5.48
N GLN H 5 13.46 -37.82 -4.64
CA GLN H 5 13.75 -39.22 -5.06
C GLN H 5 13.46 -40.15 -3.89
N GLU H 6 12.43 -40.97 -4.02
CA GLU H 6 12.04 -41.88 -2.96
C GLU H 6 13.02 -43.03 -2.92
N SER H 7 12.88 -43.86 -1.89
CA SER H 7 13.68 -45.05 -1.75
C SER H 7 13.15 -45.87 -0.58
N GLY H 8 13.49 -47.16 -0.58
CA GLY H 8 13.24 -48.04 0.55
C GLY H 8 12.16 -49.10 0.35
N GLY H 9 11.60 -49.21 -0.84
CA GLY H 9 10.59 -50.21 -1.08
C GLY H 9 11.15 -51.59 -1.25
N GLY H 10 10.23 -52.55 -1.27
CA GLY H 10 10.62 -53.94 -1.46
C GLY H 10 9.51 -54.87 -1.01
N LEU H 11 9.91 -56.09 -0.67
CA LEU H 11 8.98 -57.13 -0.25
C LEU H 11 8.91 -57.17 1.27
N VAL H 12 7.68 -57.28 1.81
CA VAL H 12 7.50 -57.45 3.26
C VAL H 12 6.22 -58.27 3.49
N GLN H 13 6.14 -58.95 4.64
CA GLN H 13 4.96 -59.77 4.95
C GLN H 13 4.02 -59.09 5.93
N SER H 14 2.73 -59.45 5.83
CA SER H 14 1.67 -58.90 6.65
C SER H 14 2.06 -58.85 8.13
N GLY H 15 1.99 -57.65 8.70
CA GLY H 15 2.45 -57.39 10.05
C GLY H 15 3.84 -56.81 10.13
N GLY H 16 4.55 -56.75 9.00
CA GLY H 16 5.88 -56.19 8.94
C GLY H 16 5.88 -54.68 8.94
N SER H 17 7.00 -54.12 8.50
CA SER H 17 7.18 -52.67 8.53
C SER H 17 8.26 -52.26 7.52
N LEU H 18 8.13 -51.07 6.94
CA LEU H 18 9.22 -50.45 6.21
C LEU H 18 9.29 -48.96 6.52
N LYS H 19 10.44 -48.37 6.20
CA LYS H 19 10.66 -46.93 6.35
C LYS H 19 11.12 -46.40 5.00
N LEU H 20 10.23 -45.73 4.31
CA LEU H 20 10.61 -45.10 3.06
C LEU H 20 11.25 -43.78 3.35
N SER H 21 12.20 -43.42 2.50
CA SER H 21 12.87 -42.12 2.57
C SER H 21 12.78 -41.44 1.21
N CYS H 22 12.56 -40.12 1.28
CA CYS H 22 12.39 -39.29 0.07
C CYS H 22 13.37 -38.13 0.22
N ALA H 23 14.38 -38.05 -0.64
CA ALA H 23 15.45 -37.07 -0.50
C ALA H 23 15.40 -36.04 -1.62
N ALA H 24 15.65 -34.79 -1.24
CA ALA H 24 15.39 -33.63 -2.08
C ALA H 24 16.66 -32.82 -2.33
N SER H 25 16.78 -32.31 -3.56
CA SER H 25 17.84 -31.33 -3.84
C SER H 25 17.27 -30.07 -4.47
N GLY H 26 18.16 -29.27 -5.04
CA GLY H 26 17.87 -27.96 -5.63
C GLY H 26 17.12 -26.84 -4.98
N SER H 27 16.39 -26.07 -5.79
CA SER H 27 15.47 -25.08 -5.25
C SER H 27 14.71 -24.39 -6.38
N ASN H 28 13.70 -23.62 -5.98
CA ASN H 28 12.93 -22.76 -6.87
C ASN H 28 13.37 -21.31 -6.72
N PHE H 29 14.60 -21.02 -7.19
CA PHE H 29 15.20 -19.70 -7.05
C PHE H 29 14.25 -18.56 -7.41
N SER H 30 13.45 -18.76 -8.46
CA SER H 30 12.53 -17.71 -8.92
C SER H 30 11.58 -17.28 -7.82
N SER H 31 11.17 -18.23 -6.98
CA SER H 31 10.24 -17.96 -5.89
C SER H 31 10.89 -18.07 -4.51
N GLY H 32 12.18 -18.40 -4.43
CA GLY H 32 12.88 -18.53 -3.17
C GLY H 32 12.47 -19.71 -2.33
N ARG H 33 11.90 -20.74 -2.98
CA ARG H 33 11.38 -21.93 -2.32
C ARG H 33 12.46 -22.99 -2.38
N THR H 34 12.54 -23.77 -1.31
CA THR H 34 13.45 -24.89 -1.20
C THR H 34 12.68 -26.01 -0.53
N PHE H 35 13.35 -27.15 -0.30
CA PHE H 35 12.67 -28.26 0.36
C PHE H 35 12.16 -27.83 1.73
N SER H 36 12.95 -27.02 2.42
CA SER H 36 12.63 -26.64 3.78
C SER H 36 11.41 -25.71 3.86
N THR H 37 11.12 -24.99 2.79
CA THR H 37 9.95 -24.14 2.76
C THR H 37 8.67 -24.85 2.29
N ASP H 38 8.74 -26.07 1.79
CA ASP H 38 7.61 -26.68 1.11
C ASP H 38 7.04 -27.83 1.92
N ALA H 39 5.73 -27.93 1.98
CA ALA H 39 5.10 -29.11 2.53
C ALA H 39 5.35 -30.31 1.62
N ILE H 40 5.30 -31.50 2.21
CA ILE H 40 5.52 -32.74 1.46
C ILE H 40 4.33 -33.65 1.73
N GLY H 41 3.79 -34.25 0.68
CA GLY H 41 2.73 -35.23 0.84
C GLY H 41 3.17 -36.60 0.33
N TRP H 42 2.60 -37.65 0.93
CA TRP H 42 2.83 -39.02 0.48
C TRP H 42 1.54 -39.58 -0.13
N PHE H 43 1.66 -40.09 -1.36
CA PHE H 43 0.56 -40.69 -2.09
C PHE H 43 0.95 -42.08 -2.54
N ARG H 44 -0.04 -42.95 -2.68
CA ARG H 44 0.19 -44.27 -3.23
C ARG H 44 -0.79 -44.56 -4.36
N GLN H 45 -0.35 -45.37 -5.32
CA GLN H 45 -1.14 -45.79 -6.47
C GLN H 45 -1.08 -47.31 -6.54
N ALA H 46 -2.16 -47.96 -6.15
CA ALA H 46 -2.18 -49.41 -6.27
C ALA H 46 -2.42 -49.80 -7.73
N PRO H 47 -2.07 -51.02 -8.13
CA PRO H 47 -2.29 -51.43 -9.54
C PRO H 47 -3.73 -51.24 -9.99
N GLY H 48 -3.91 -50.55 -11.11
CA GLY H 48 -5.22 -50.31 -11.69
C GLY H 48 -5.94 -49.08 -11.16
N LYS H 49 -5.55 -48.58 -9.99
CA LYS H 49 -6.25 -47.52 -9.31
C LYS H 49 -5.51 -46.20 -9.53
N GLU H 50 -6.14 -45.10 -9.15
CA GLU H 50 -5.48 -43.82 -9.28
C GLU H 50 -4.69 -43.53 -8.00
N ARG H 51 -4.16 -42.31 -7.87
CA ARG H 51 -3.13 -42.00 -6.88
C ARG H 51 -3.72 -41.44 -5.59
N GLU H 52 -3.95 -42.30 -4.58
CA GLU H 52 -4.60 -41.79 -3.38
C GLU H 52 -3.58 -41.18 -2.41
N PHE H 53 -4.05 -40.18 -1.68
CA PHE H 53 -3.27 -39.55 -0.61
C PHE H 53 -3.13 -40.53 0.55
N VAL H 54 -1.96 -40.53 1.16
CA VAL H 54 -1.70 -41.35 2.33
C VAL H 54 -1.52 -40.48 3.56
N GLY H 55 -0.71 -39.46 3.44
CA GLY H 55 -0.46 -38.56 4.54
C GLY H 55 0.30 -37.36 4.04
N GLY H 56 0.31 -36.32 4.87
CA GLY H 56 1.01 -35.11 4.51
C GLY H 56 1.61 -34.49 5.75
N ILE H 57 2.63 -33.67 5.54
CA ILE H 57 3.38 -33.04 6.61
C ILE H 57 3.69 -31.61 6.22
N SER H 58 3.51 -30.68 7.17
CA SER H 58 3.76 -29.27 6.92
C SER H 58 5.26 -29.00 6.79
N TRP H 59 5.59 -27.73 6.56
CA TRP H 59 6.96 -27.36 6.18
C TRP H 59 7.96 -27.66 7.27
N ASN H 60 7.64 -27.34 8.50
CA ASN H 60 8.53 -27.54 9.63
C ASN H 60 8.04 -28.68 10.51
N GLY H 61 7.22 -29.56 9.96
CA GLY H 61 6.75 -30.69 10.70
C GLY H 61 5.68 -30.39 11.72
N GLY H 62 5.21 -29.15 11.82
CA GLY H 62 4.26 -28.90 12.88
C GLY H 62 2.88 -29.46 12.66
N ILE H 63 2.52 -29.83 11.43
CA ILE H 63 1.18 -30.35 11.17
C ILE H 63 1.31 -31.57 10.29
N THR H 64 0.64 -32.65 10.67
CA THR H 64 0.51 -33.84 9.85
C THR H 64 -0.93 -34.32 9.80
N ASP H 65 -1.27 -35.01 8.72
CA ASP H 65 -2.55 -35.67 8.59
C ASP H 65 -2.38 -37.00 7.87
N TYR H 66 -3.28 -37.95 8.17
CA TYR H 66 -3.17 -39.31 7.67
C TYR H 66 -4.54 -39.83 7.23
N VAL H 67 -4.55 -40.72 6.25
CA VAL H 67 -5.80 -41.38 5.90
C VAL H 67 -6.16 -42.40 6.96
N ASP H 68 -7.47 -42.58 7.15
CA ASP H 68 -7.94 -43.42 8.24
C ASP H 68 -7.45 -44.85 8.12
N SER H 69 -7.35 -45.33 6.88
CA SER H 69 -6.92 -46.71 6.64
C SER H 69 -5.50 -46.97 7.15
N VAL H 70 -4.70 -45.92 7.30
CA VAL H 70 -3.35 -46.05 7.82
C VAL H 70 -3.17 -45.27 9.11
N LYS H 71 -4.21 -44.58 9.58
CA LYS H 71 -4.10 -43.77 10.78
C LYS H 71 -3.73 -44.67 11.94
N GLY H 72 -2.78 -44.21 12.76
CA GLY H 72 -2.27 -45.05 13.81
C GLY H 72 -1.27 -46.10 13.37
N ARG H 73 -1.13 -46.36 12.07
CA ARG H 73 -0.14 -47.31 11.59
C ARG H 73 1.06 -46.67 10.90
N PHE H 74 0.87 -45.54 10.24
CA PHE H 74 1.95 -44.86 9.54
C PHE H 74 2.35 -43.56 10.24
N THR H 75 3.58 -43.12 9.99
CA THR H 75 4.13 -41.94 10.61
C THR H 75 4.95 -41.19 9.57
N ILE H 76 4.64 -39.93 9.36
CA ILE H 76 5.44 -39.08 8.50
C ILE H 76 6.27 -38.16 9.37
N SER H 77 7.55 -38.04 9.03
CA SER H 77 8.43 -37.11 9.69
C SER H 77 9.42 -36.56 8.67
N ARG H 78 10.13 -35.52 9.06
CA ARG H 78 11.00 -34.85 8.09
C ARG H 78 12.15 -34.16 8.82
N ASP H 79 13.31 -34.19 8.19
CA ASP H 79 14.51 -33.57 8.75
C ASP H 79 14.95 -32.53 7.74
N ASN H 80 14.63 -31.27 7.99
CA ASN H 80 14.98 -30.24 7.03
C ASN H 80 16.48 -30.05 6.94
N ALA H 81 17.20 -30.39 8.01
CA ALA H 81 18.65 -30.28 7.96
C ALA H 81 19.24 -31.35 7.06
N LYS H 82 18.56 -32.48 6.93
CA LYS H 82 18.97 -33.56 6.05
C LYS H 82 18.30 -33.50 4.70
N ASN H 83 17.35 -32.58 4.52
CA ASN H 83 16.49 -32.51 3.36
C ASN H 83 15.87 -33.87 3.09
N THR H 84 15.32 -34.48 4.13
CA THR H 84 14.70 -35.77 3.90
C THR H 84 13.39 -35.92 4.66
N VAL H 85 12.47 -36.56 3.97
CA VAL H 85 11.15 -36.87 4.49
C VAL H 85 11.04 -38.38 4.60
N TYR H 86 10.35 -38.81 5.63
CA TYR H 86 10.20 -40.22 5.91
C TYR H 86 8.74 -40.60 6.01
N LEU H 87 8.45 -41.80 5.57
CA LEU H 87 7.17 -42.43 5.79
C LEU H 87 7.51 -43.74 6.49
N GLN H 88 7.12 -43.84 7.75
CA GLN H 88 7.30 -45.07 8.52
C GLN H 88 6.00 -45.85 8.59
N MET H 89 6.03 -47.10 8.11
CA MET H 89 4.82 -47.93 8.02
C MET H 89 4.99 -49.21 8.82
N ASN H 90 4.11 -49.44 9.77
CA ASN H 90 4.12 -50.65 10.58
C ASN H 90 2.84 -51.45 10.38
N SER H 91 2.91 -52.73 10.74
CA SER H 91 1.84 -53.70 10.55
C SER H 91 1.21 -53.55 9.17
N LEU H 92 2.05 -53.59 8.14
CA LEU H 92 1.52 -53.50 6.80
C LEU H 92 0.72 -54.74 6.46
N GLN H 93 -0.32 -54.53 5.68
CA GLN H 93 -1.18 -55.61 5.24
C GLN H 93 -1.20 -55.60 3.73
N PRO H 94 -1.63 -56.70 3.10
CA PRO H 94 -1.61 -56.77 1.64
C PRO H 94 -2.27 -55.60 0.95
N GLU H 95 -3.21 -54.92 1.59
CA GLU H 95 -3.88 -53.79 0.96
C GLU H 95 -3.01 -52.53 0.89
N ASP H 96 -1.90 -52.48 1.61
CA ASP H 96 -1.00 -51.33 1.47
C ASP H 96 -0.07 -51.48 0.29
N THR H 97 -0.25 -52.53 -0.49
CA THR H 97 0.60 -52.75 -1.64
C THR H 97 0.29 -51.71 -2.72
N ALA H 98 1.30 -50.94 -3.07
CA ALA H 98 1.16 -49.84 -4.01
C ALA H 98 2.55 -49.34 -4.35
N VAL H 99 2.61 -48.43 -5.29
CA VAL H 99 3.82 -47.65 -5.49
C VAL H 99 3.63 -46.37 -4.71
N TYR H 100 4.66 -45.99 -3.97
CA TYR H 100 4.56 -44.91 -3.03
C TYR H 100 5.40 -43.76 -3.54
N TYR H 101 4.79 -42.60 -3.66
CA TYR H 101 5.48 -41.41 -4.16
C TYR H 101 5.43 -40.32 -3.10
N CYS H 102 6.49 -39.53 -3.01
CA CYS H 102 6.42 -38.28 -2.28
C CYS H 102 6.35 -37.11 -3.27
N ALA H 103 5.66 -36.04 -2.85
CA ALA H 103 5.43 -34.87 -3.69
C ALA H 103 5.58 -33.60 -2.88
N GLY H 104 6.06 -32.57 -3.53
CA GLY H 104 6.28 -31.30 -2.86
C GLY H 104 5.41 -30.20 -3.42
N ARG H 105 4.75 -29.47 -2.52
CA ARG H 105 3.85 -28.38 -2.94
C ARG H 105 4.56 -27.05 -2.73
N ASP H 106 4.34 -26.11 -3.65
CA ASP H 106 4.92 -24.76 -3.51
C ASP H 106 3.85 -24.21 -2.56
N SER H 107 3.80 -24.73 -1.33
CA SER H 107 3.14 -24.05 -0.20
C SER H 107 3.60 -24.59 1.15
N TRP H 108 3.48 -23.78 2.19
CA TRP H 108 3.83 -24.20 3.54
C TRP H 108 2.92 -25.31 4.03
N TYR H 109 1.70 -25.36 3.53
CA TYR H 109 0.74 -26.37 3.94
C TYR H 109 0.63 -27.45 2.87
N PHE H 110 0.25 -28.64 3.28
CA PHE H 110 0.12 -29.74 2.33
C PHE H 110 -1.32 -29.85 1.83
N SER H 111 -1.52 -30.67 0.80
CA SER H 111 -2.86 -31.00 0.31
C SER H 111 -3.07 -32.51 0.24
N LYS H 112 -4.34 -32.87 0.08
CA LYS H 112 -4.74 -34.24 -0.18
C LYS H 112 -4.98 -34.47 -1.67
N VAL H 113 -4.79 -33.44 -2.47
CA VAL H 113 -5.10 -33.47 -3.90
C VAL H 113 -3.79 -33.67 -4.66
N PRO H 114 -3.66 -34.72 -5.47
CA PRO H 114 -2.40 -34.93 -6.23
C PRO H 114 -2.09 -33.80 -7.19
N ASP H 115 -3.09 -33.31 -7.94
CA ASP H 115 -2.88 -32.25 -8.92
C ASP H 115 -2.48 -30.94 -8.27
N GLU H 116 -2.62 -30.84 -6.95
CA GLU H 116 -2.29 -29.63 -6.23
C GLU H 116 -0.82 -29.53 -5.88
N TYR H 117 -0.01 -30.51 -6.26
CA TYR H 117 1.42 -30.43 -6.02
C TYR H 117 2.17 -30.06 -7.28
N ARG H 118 3.33 -29.46 -7.09
CA ARG H 118 4.17 -28.91 -8.14
C ARG H 118 5.26 -29.89 -8.57
N TYR H 119 5.78 -30.71 -7.64
CA TYR H 119 6.84 -31.66 -7.97
C TYR H 119 6.68 -32.99 -7.22
N TRP H 120 7.07 -34.06 -7.91
CA TRP H 120 6.91 -35.44 -7.44
C TRP H 120 8.24 -36.20 -7.56
N GLY H 121 8.34 -37.28 -6.75
CA GLY H 121 9.44 -38.20 -6.92
C GLY H 121 9.09 -39.32 -7.87
N GLN H 122 10.10 -40.14 -8.18
CA GLN H 122 9.97 -41.23 -9.13
C GLN H 122 9.17 -42.41 -8.58
N GLY H 123 9.07 -42.56 -7.27
CA GLY H 123 8.25 -43.63 -6.73
C GLY H 123 9.02 -44.90 -6.42
N THR H 124 8.56 -45.58 -5.35
CA THR H 124 9.12 -46.82 -4.86
C THR H 124 8.01 -47.84 -4.60
N GLN H 125 8.20 -49.06 -5.09
CA GLN H 125 7.20 -50.12 -4.97
C GLN H 125 7.21 -50.71 -3.56
N VAL H 126 6.03 -50.89 -2.96
CA VAL H 126 5.90 -51.57 -1.68
C VAL H 126 4.95 -52.74 -1.85
N THR H 127 5.44 -53.94 -1.52
CA THR H 127 4.67 -55.16 -1.73
C THR H 127 4.52 -55.92 -0.43
N VAL H 128 3.28 -56.12 0.00
CA VAL H 128 2.98 -56.88 1.22
C VAL H 128 2.28 -58.17 0.79
N SER H 129 2.92 -59.31 1.03
CA SER H 129 2.33 -60.59 0.63
C SER H 129 1.56 -61.22 1.77
N SER H 130 0.54 -62.00 1.43
CA SER H 130 -0.29 -62.68 2.42
C SER H 130 0.23 -64.08 2.81
N GLN I 1 -18.00 30.32 -47.91
CA GLN I 1 -19.37 29.98 -47.54
C GLN I 1 -20.36 30.99 -48.13
N VAL I 2 -21.14 31.65 -47.29
CA VAL I 2 -22.03 32.72 -47.73
C VAL I 2 -21.21 33.96 -47.96
N GLN I 3 -21.46 34.62 -49.08
CA GLN I 3 -20.81 35.88 -49.41
C GLN I 3 -21.85 36.99 -49.42
N LEU I 4 -21.42 38.19 -49.07
CA LEU I 4 -22.30 39.33 -48.99
C LEU I 4 -21.95 40.38 -50.05
N GLN I 5 -22.98 41.03 -50.57
CA GLN I 5 -22.84 42.01 -51.63
C GLN I 5 -23.66 43.22 -51.24
N GLU I 6 -22.97 44.35 -51.15
CA GLU I 6 -23.40 45.67 -50.76
C GLU I 6 -24.01 46.44 -51.96
N SER I 7 -24.64 47.59 -51.67
CA SER I 7 -25.05 48.57 -52.68
C SER I 7 -25.65 49.82 -52.04
N GLY I 8 -25.52 50.99 -52.69
CA GLY I 8 -26.28 52.15 -52.30
C GLY I 8 -25.56 53.25 -51.56
N GLY I 9 -24.26 53.13 -51.30
CA GLY I 9 -23.59 54.20 -50.61
C GLY I 9 -23.38 55.39 -51.53
N GLY I 10 -22.99 56.51 -50.94
CA GLY I 10 -22.67 57.67 -51.76
C GLY I 10 -22.77 58.95 -50.94
N LEU I 11 -22.90 60.06 -51.66
CA LEU I 11 -22.98 61.37 -51.05
C LEU I 11 -24.43 61.79 -50.91
N VAL I 12 -24.76 62.36 -49.75
CA VAL I 12 -26.07 62.89 -49.47
C VAL I 12 -25.87 64.12 -48.59
N GLN I 13 -26.89 64.94 -48.48
CA GLN I 13 -26.81 66.16 -47.69
C GLN I 13 -27.25 65.91 -46.26
N SER I 14 -26.66 66.67 -45.34
CA SER I 14 -27.00 66.58 -43.93
C SER I 14 -28.50 66.65 -43.72
N GLY I 15 -29.05 65.61 -43.12
CA GLY I 15 -30.49 65.50 -42.97
C GLY I 15 -31.16 64.71 -44.07
N GLY I 16 -30.42 64.32 -45.10
CA GLY I 16 -30.94 63.58 -46.22
C GLY I 16 -31.25 62.13 -45.90
N SER I 17 -31.19 61.26 -46.90
CA SER I 17 -31.53 59.86 -46.72
C SER I 17 -30.82 59.00 -47.76
N LEU I 18 -30.47 57.79 -47.34
CA LEU I 18 -29.98 56.76 -48.23
C LEU I 18 -30.60 55.44 -47.81
N LYS I 19 -30.57 54.45 -48.70
CA LYS I 19 -30.97 53.09 -48.34
C LYS I 19 -29.83 52.17 -48.78
N LEU I 20 -29.03 51.70 -47.83
CA LEU I 20 -27.98 50.74 -48.16
C LEU I 20 -28.57 49.35 -48.25
N SER I 21 -28.07 48.57 -49.21
CA SER I 21 -28.56 47.23 -49.45
C SER I 21 -27.40 46.25 -49.42
N CYS I 22 -27.66 45.08 -48.83
CA CYS I 22 -26.66 44.03 -48.68
C CYS I 22 -27.31 42.73 -49.08
N ALA I 23 -26.77 42.07 -50.11
CA ALA I 23 -27.33 40.84 -50.66
C ALA I 23 -26.35 39.68 -50.49
N ALA I 24 -26.88 38.50 -50.19
CA ALA I 24 -26.06 37.34 -49.82
C ALA I 24 -26.28 36.20 -50.80
N SER I 25 -25.20 35.50 -51.16
CA SER I 25 -25.19 34.67 -52.36
C SER I 25 -25.07 33.18 -52.07
N GLY I 26 -24.08 32.75 -51.31
CA GLY I 26 -23.78 31.35 -51.10
C GLY I 26 -24.48 30.73 -49.92
N SER I 27 -23.86 29.67 -49.39
CA SER I 27 -24.31 28.89 -48.23
C SER I 27 -23.05 28.29 -47.61
N ASN I 28 -23.16 27.75 -46.40
CA ASN I 28 -21.97 27.18 -45.77
C ASN I 28 -21.86 25.67 -45.98
N PHE I 29 -22.97 24.92 -45.92
CA PHE I 29 -22.99 23.48 -46.17
C PHE I 29 -22.38 22.57 -45.13
N SER I 30 -21.07 22.74 -44.86
CA SER I 30 -20.47 21.91 -43.85
C SER I 30 -21.23 22.06 -42.54
N SER I 31 -21.70 23.27 -42.29
CA SER I 31 -22.45 23.61 -41.09
C SER I 31 -23.93 23.81 -41.37
N GLY I 32 -24.35 23.72 -42.64
CA GLY I 32 -25.76 23.86 -42.96
C GLY I 32 -26.32 25.24 -42.77
N ARG I 33 -25.47 26.26 -42.84
CA ARG I 33 -25.85 27.66 -42.63
C ARG I 33 -26.11 28.31 -43.98
N THR I 34 -27.13 29.18 -44.03
CA THR I 34 -27.41 30.06 -45.18
C THR I 34 -27.70 31.46 -44.64
N PHE I 35 -27.91 32.41 -45.55
CA PHE I 35 -28.24 33.77 -45.12
C PHE I 35 -29.44 33.80 -44.20
N SER I 36 -30.45 33.00 -44.52
CA SER I 36 -31.72 32.94 -43.78
C SER I 36 -31.60 32.31 -42.39
N THR I 37 -30.50 31.62 -42.11
CA THR I 37 -30.24 31.08 -40.78
C THR I 37 -29.35 31.96 -39.93
N ASP I 38 -28.69 32.96 -40.50
CA ASP I 38 -27.66 33.67 -39.79
C ASP I 38 -28.05 35.11 -39.50
N ALA I 39 -27.71 35.61 -38.31
CA ALA I 39 -27.90 37.02 -38.00
C ALA I 39 -26.95 37.88 -38.83
N ILE I 40 -27.34 39.14 -38.99
CA ILE I 40 -26.57 40.09 -39.77
C ILE I 40 -26.31 41.29 -38.87
N GLY I 41 -25.07 41.75 -38.84
CA GLY I 41 -24.72 42.97 -38.17
C GLY I 41 -24.20 43.98 -39.17
N TRP I 42 -24.41 45.25 -38.89
CA TRP I 42 -23.87 46.35 -39.68
C TRP I 42 -22.83 47.05 -38.83
N PHE I 43 -21.63 47.22 -39.38
CA PHE I 43 -20.56 47.91 -38.70
C PHE I 43 -20.07 49.05 -39.59
N ARG I 44 -19.56 50.10 -38.96
CA ARG I 44 -19.05 51.25 -39.70
C ARG I 44 -17.61 51.51 -39.31
N GLN I 45 -16.82 51.99 -40.27
CA GLN I 45 -15.43 52.32 -40.01
C GLN I 45 -15.15 53.73 -40.50
N ALA I 46 -15.03 54.65 -39.57
CA ALA I 46 -14.59 55.99 -39.88
C ALA I 46 -13.08 55.94 -40.05
N PRO I 47 -12.48 56.98 -40.63
CA PRO I 47 -11.02 56.96 -40.83
C PRO I 47 -10.28 56.56 -39.57
N GLY I 48 -9.34 55.64 -39.72
CA GLY I 48 -8.69 54.97 -38.62
C GLY I 48 -9.37 53.66 -38.28
N LYS I 49 -8.67 52.83 -37.50
CA LYS I 49 -9.06 51.42 -37.33
C LYS I 49 -9.89 51.25 -36.06
N GLU I 50 -11.13 51.75 -36.15
CA GLU I 50 -12.06 51.74 -35.04
C GLU I 50 -13.42 51.15 -35.43
N ARG I 51 -13.45 50.24 -36.41
CA ARG I 51 -14.70 49.74 -37.00
C ARG I 51 -15.51 49.58 -35.70
N GLU I 52 -16.64 50.29 -35.60
CA GLU I 52 -17.65 50.16 -34.55
C GLU I 52 -18.95 49.50 -35.05
N PHE I 53 -19.67 48.89 -34.11
CA PHE I 53 -20.99 48.34 -34.37
C PHE I 53 -21.99 49.47 -34.62
N VAL I 54 -22.93 49.22 -35.54
CA VAL I 54 -24.02 50.16 -35.84
C VAL I 54 -25.39 49.59 -35.48
N GLY I 55 -25.65 48.36 -35.91
CA GLY I 55 -26.92 47.70 -35.68
C GLY I 55 -26.84 46.25 -36.09
N GLY I 56 -27.82 45.48 -35.62
CA GLY I 56 -27.85 44.07 -35.92
C GLY I 56 -29.28 43.59 -36.04
N ILE I 57 -29.43 42.46 -36.69
CA ILE I 57 -30.75 41.85 -36.90
C ILE I 57 -30.60 40.33 -36.86
N SER I 58 -31.51 39.65 -36.17
CA SER I 58 -31.41 38.20 -36.09
C SER I 58 -31.77 37.56 -37.42
N TRP I 59 -31.75 36.22 -37.39
CA TRP I 59 -31.91 35.43 -38.60
C TRP I 59 -33.23 35.71 -39.29
N ASN I 60 -34.32 35.81 -38.52
CA ASN I 60 -35.64 36.01 -39.10
C ASN I 60 -36.13 37.42 -38.90
N GLY I 61 -35.23 38.34 -38.58
CA GLY I 61 -35.54 39.74 -38.44
C GLY I 61 -36.36 40.10 -37.23
N GLY I 62 -36.72 39.14 -36.40
CA GLY I 62 -37.61 39.45 -35.31
C GLY I 62 -36.98 40.26 -34.23
N ILE I 63 -35.67 40.46 -34.28
CA ILE I 63 -35.00 41.19 -33.21
C ILE I 63 -33.94 42.09 -33.84
N THR I 64 -33.91 43.35 -33.41
CA THR I 64 -32.88 44.30 -33.82
C THR I 64 -32.34 45.06 -32.60
N ASP I 65 -31.10 45.51 -32.73
CA ASP I 65 -30.54 46.42 -31.75
C ASP I 65 -29.57 47.35 -32.46
N TYR I 66 -29.38 48.55 -31.91
CA TYR I 66 -28.63 49.62 -32.54
C TYR I 66 -27.75 50.30 -31.50
N VAL I 67 -26.66 50.91 -31.96
CA VAL I 67 -25.95 51.79 -31.05
C VAL I 67 -26.81 53.01 -30.83
N ASP I 68 -26.74 53.55 -29.62
CA ASP I 68 -27.55 54.70 -29.28
C ASP I 68 -27.20 55.89 -30.18
N SER I 69 -25.96 55.97 -30.65
CA SER I 69 -25.56 57.07 -31.54
C SER I 69 -26.40 57.10 -32.82
N VAL I 70 -27.05 56.00 -33.17
CA VAL I 70 -27.89 55.94 -34.37
C VAL I 70 -29.34 55.59 -34.06
N LYS I 71 -29.67 55.25 -32.82
CA LYS I 71 -31.02 54.78 -32.51
C LYS I 71 -32.06 55.84 -32.81
N GLY I 72 -33.23 55.39 -33.29
CA GLY I 72 -34.30 56.27 -33.70
C GLY I 72 -34.16 56.90 -35.07
N ARG I 73 -32.97 56.90 -35.66
CA ARG I 73 -32.79 57.40 -37.01
C ARG I 73 -32.59 56.30 -38.02
N PHE I 74 -31.98 55.21 -37.58
CA PHE I 74 -31.60 54.10 -38.45
C PHE I 74 -32.53 52.93 -38.18
N THR I 75 -32.72 52.10 -39.19
CA THR I 75 -33.63 50.97 -39.14
C THR I 75 -32.98 49.82 -39.88
N ILE I 76 -32.90 48.66 -39.24
CA ILE I 76 -32.35 47.47 -39.88
C ILE I 76 -33.49 46.56 -40.26
N SER I 77 -33.44 46.05 -41.48
CA SER I 77 -34.43 45.10 -41.92
C SER I 77 -33.78 44.07 -42.84
N ARG I 78 -34.54 43.03 -43.14
CA ARG I 78 -34.03 41.89 -43.88
C ARG I 78 -35.17 41.25 -44.64
N ASP I 79 -34.87 40.81 -45.87
CA ASP I 79 -35.79 40.07 -46.73
C ASP I 79 -35.17 38.73 -47.07
N ASN I 80 -35.62 37.68 -46.38
CA ASN I 80 -35.03 36.37 -46.60
C ASN I 80 -35.43 35.79 -47.94
N ALA I 81 -36.59 36.18 -48.46
CA ALA I 81 -37.02 35.67 -49.77
C ALA I 81 -36.15 36.22 -50.88
N LYS I 82 -35.61 37.42 -50.71
CA LYS I 82 -34.66 37.97 -51.65
C LYS I 82 -33.21 37.80 -51.20
N ASN I 83 -33.00 37.26 -50.00
CA ASN I 83 -31.64 37.07 -49.48
C ASN I 83 -30.86 38.38 -49.49
N THR I 84 -31.47 39.41 -48.93
CA THR I 84 -30.82 40.69 -48.78
C THR I 84 -31.23 41.33 -47.47
N VAL I 85 -30.26 41.99 -46.84
CA VAL I 85 -30.46 42.76 -45.63
C VAL I 85 -30.26 44.23 -45.96
N TYR I 86 -31.06 45.09 -45.34
CA TYR I 86 -31.05 46.52 -45.62
C TYR I 86 -30.72 47.33 -44.37
N LEU I 87 -30.02 48.45 -44.57
CA LEU I 87 -29.85 49.48 -43.54
C LEU I 87 -30.38 50.79 -44.11
N GLN I 88 -31.47 51.28 -43.53
CA GLN I 88 -32.02 52.58 -43.90
C GLN I 88 -31.47 53.62 -42.96
N MET I 89 -30.80 54.62 -43.51
CA MET I 89 -30.25 55.71 -42.71
C MET I 89 -30.75 57.00 -43.36
N ASN I 90 -31.70 57.65 -42.71
CA ASN I 90 -32.20 58.94 -43.14
C ASN I 90 -31.90 59.95 -42.05
N SER I 91 -31.94 61.23 -42.44
CA SER I 91 -31.46 62.30 -41.59
C SER I 91 -30.03 62.03 -41.11
N LEU I 92 -29.17 61.72 -42.08
CA LEU I 92 -27.75 61.50 -41.82
C LEU I 92 -27.05 62.81 -41.47
N GLN I 93 -26.03 62.70 -40.63
CA GLN I 93 -25.20 63.80 -40.19
C GLN I 93 -23.73 63.54 -40.48
N PRO I 94 -22.90 64.59 -40.53
CA PRO I 94 -21.46 64.39 -40.81
C PRO I 94 -20.75 63.43 -39.88
N GLU I 95 -21.27 63.25 -38.67
CA GLU I 95 -20.61 62.31 -37.76
C GLU I 95 -20.82 60.86 -38.17
N ASP I 96 -21.76 60.59 -39.08
CA ASP I 96 -21.95 59.27 -39.65
C ASP I 96 -21.04 58.99 -40.84
N THR I 97 -20.07 59.86 -41.11
CA THR I 97 -19.17 59.71 -42.26
C THR I 97 -18.26 58.50 -42.04
N ALA I 98 -18.42 57.46 -42.87
CA ALA I 98 -17.66 56.22 -42.71
C ALA I 98 -17.93 55.30 -43.90
N VAL I 99 -17.18 54.21 -43.94
CA VAL I 99 -17.44 53.08 -44.82
C VAL I 99 -18.25 52.04 -44.06
N TYR I 100 -19.28 51.52 -44.70
CA TYR I 100 -20.28 50.70 -44.03
C TYR I 100 -20.19 49.28 -44.53
N TYR I 101 -20.10 48.32 -43.59
CA TYR I 101 -19.95 46.91 -43.88
C TYR I 101 -21.14 46.14 -43.31
N CYS I 102 -21.58 45.09 -44.00
CA CYS I 102 -22.42 44.08 -43.37
C CYS I 102 -21.60 42.82 -43.11
N ALA I 103 -22.00 42.06 -42.10
CA ALA I 103 -21.26 40.88 -41.69
C ALA I 103 -22.22 39.78 -41.27
N GLY I 104 -21.80 38.53 -41.45
CA GLY I 104 -22.64 37.43 -41.06
C GLY I 104 -22.06 36.55 -39.98
N ARG I 105 -22.94 36.21 -39.03
CA ARG I 105 -22.49 35.42 -37.87
C ARG I 105 -22.94 33.97 -37.98
N ASP I 106 -22.22 33.10 -37.28
CA ASP I 106 -22.52 31.68 -37.21
C ASP I 106 -23.82 31.43 -36.52
N SER I 107 -24.50 32.47 -36.05
CA SER I 107 -25.58 32.29 -35.09
C SER I 107 -26.83 33.03 -35.54
N TRP I 108 -27.94 32.56 -34.96
CA TRP I 108 -29.24 33.19 -35.15
C TRP I 108 -29.32 34.58 -34.52
N TYR I 109 -28.53 34.85 -33.50
CA TYR I 109 -28.51 36.14 -32.84
C TYR I 109 -27.22 36.86 -33.23
N PHE I 110 -27.27 38.19 -33.24
CA PHE I 110 -26.13 39.02 -33.65
C PHE I 110 -25.22 39.32 -32.47
N SER I 111 -24.07 39.90 -32.77
CA SER I 111 -23.17 40.41 -31.73
C SER I 111 -22.78 41.83 -32.04
N LYS I 112 -22.23 42.48 -31.02
CA LYS I 112 -21.64 43.79 -31.20
C LYS I 112 -20.14 43.67 -31.41
N VAL I 113 -19.60 42.47 -31.39
CA VAL I 113 -18.18 42.24 -31.49
C VAL I 113 -17.86 41.97 -32.96
N PRO I 114 -16.94 42.71 -33.57
CA PRO I 114 -16.66 42.46 -34.99
C PRO I 114 -16.11 41.07 -35.20
N ASP I 115 -15.19 40.65 -34.34
CA ASP I 115 -14.48 39.39 -34.52
C ASP I 115 -15.40 38.18 -34.40
N GLU I 116 -16.58 38.34 -33.84
CA GLU I 116 -17.51 37.24 -33.69
C GLU I 116 -18.31 36.94 -34.96
N TYR I 117 -18.08 37.69 -36.05
CA TYR I 117 -18.74 37.45 -37.33
C TYR I 117 -17.82 36.68 -38.27
N ARG I 118 -18.42 35.92 -39.18
CA ARG I 118 -17.68 35.00 -40.03
C ARG I 118 -17.45 35.49 -41.46
N TYR I 119 -18.41 36.22 -42.05
CA TYR I 119 -18.28 36.65 -43.44
C TYR I 119 -18.75 38.09 -43.57
N TRP I 120 -18.09 38.81 -44.48
CA TRP I 120 -18.17 40.26 -44.57
C TRP I 120 -18.42 40.73 -45.99
N GLY I 121 -18.93 41.95 -46.10
CA GLY I 121 -18.92 42.67 -47.35
C GLY I 121 -17.62 43.44 -47.43
N GLN I 122 -17.40 44.12 -48.57
CA GLN I 122 -16.13 44.88 -48.76
C GLN I 122 -16.23 46.23 -48.08
N GLY I 123 -17.44 46.66 -47.73
CA GLY I 123 -17.68 47.95 -47.11
C GLY I 123 -17.89 49.02 -48.18
N THR I 124 -18.83 49.94 -47.98
CA THR I 124 -19.17 50.95 -48.98
C THR I 124 -19.08 52.32 -48.34
N GLN I 125 -18.53 53.28 -49.08
CA GLN I 125 -18.28 54.60 -48.54
C GLN I 125 -19.58 55.41 -48.47
N VAL I 126 -19.80 56.05 -47.32
CA VAL I 126 -20.90 56.99 -47.11
C VAL I 126 -20.31 58.26 -46.52
N THR I 127 -20.54 59.39 -47.19
CA THR I 127 -20.10 60.69 -46.72
C THR I 127 -21.27 61.65 -46.68
N VAL I 128 -21.49 62.26 -45.51
CA VAL I 128 -22.57 63.20 -45.29
C VAL I 128 -21.94 64.58 -45.24
N SER I 129 -22.26 65.42 -46.24
CA SER I 129 -21.69 66.76 -46.34
C SER I 129 -22.60 67.78 -45.67
N SER I 130 -22.00 68.87 -45.21
CA SER I 130 -22.69 69.96 -44.52
C SER I 130 -23.28 71.00 -45.48
N GLN J 1 -61.82 1.22 -11.15
CA GLN J 1 -60.94 0.97 -12.30
C GLN J 1 -61.84 0.55 -13.49
N VAL J 2 -61.30 -0.23 -14.43
CA VAL J 2 -62.10 -0.76 -15.52
C VAL J 2 -62.92 -1.96 -15.04
N GLN J 3 -64.21 -1.97 -15.42
CA GLN J 3 -65.15 -3.05 -15.10
C GLN J 3 -65.58 -3.74 -16.39
N LEU J 4 -65.66 -5.07 -16.34
CA LEU J 4 -66.00 -5.88 -17.50
C LEU J 4 -67.26 -6.68 -17.20
N GLN J 5 -68.13 -6.77 -18.21
CA GLN J 5 -69.42 -7.42 -18.11
C GLN J 5 -69.60 -8.29 -19.32
N GLU J 6 -69.68 -9.60 -19.11
CA GLU J 6 -69.86 -10.57 -20.17
C GLU J 6 -71.34 -10.78 -20.46
N SER J 7 -71.62 -11.38 -21.60
CA SER J 7 -72.97 -11.77 -21.95
C SER J 7 -72.92 -12.55 -23.25
N GLY J 8 -73.92 -13.41 -23.42
CA GLY J 8 -74.15 -14.13 -24.66
C GLY J 8 -73.89 -15.62 -24.58
N GLY J 9 -73.47 -16.13 -23.40
CA GLY J 9 -73.28 -17.56 -23.24
C GLY J 9 -74.59 -18.28 -23.10
N GLY J 10 -74.54 -19.61 -23.19
CA GLY J 10 -75.76 -20.40 -23.06
C GLY J 10 -75.59 -21.78 -23.67
N LEU J 11 -76.73 -22.35 -24.10
CA LEU J 11 -76.76 -23.71 -24.66
C LEU J 11 -76.65 -23.67 -26.17
N VAL J 12 -75.82 -24.56 -26.72
CA VAL J 12 -75.65 -24.69 -28.15
C VAL J 12 -75.40 -26.15 -28.48
N GLN J 13 -75.76 -26.56 -29.70
CA GLN J 13 -75.60 -27.94 -30.15
C GLN J 13 -74.26 -28.12 -30.84
N SER J 14 -73.79 -29.35 -30.78
CA SER J 14 -72.51 -29.71 -31.40
C SER J 14 -72.44 -29.21 -32.82
N GLY J 15 -71.42 -28.42 -33.10
CA GLY J 15 -71.25 -27.81 -34.40
C GLY J 15 -71.80 -26.41 -34.53
N GLY J 16 -72.53 -25.92 -33.52
CA GLY J 16 -73.14 -24.62 -33.58
C GLY J 16 -72.18 -23.46 -33.42
N SER J 17 -72.70 -22.31 -33.00
CA SER J 17 -71.87 -21.13 -32.91
C SER J 17 -72.43 -20.19 -31.86
N LEU J 18 -71.52 -19.44 -31.22
CA LEU J 18 -71.91 -18.36 -30.34
C LEU J 18 -71.05 -17.12 -30.53
N LYS J 19 -71.61 -16.00 -30.05
CA LYS J 19 -70.92 -14.73 -29.95
C LYS J 19 -71.06 -14.30 -28.49
N LEU J 20 -69.95 -14.36 -27.76
CA LEU J 20 -69.86 -13.81 -26.43
C LEU J 20 -69.57 -12.33 -26.53
N SER J 21 -70.12 -11.55 -25.61
CA SER J 21 -69.80 -10.14 -25.60
C SER J 21 -69.30 -9.73 -24.22
N CYS J 22 -68.31 -8.85 -24.24
CA CYS J 22 -67.68 -8.33 -23.05
C CYS J 22 -67.63 -6.83 -23.20
N ALA J 23 -68.31 -6.13 -22.29
CA ALA J 23 -68.49 -4.69 -22.32
C ALA J 23 -67.79 -4.04 -21.13
N ALA J 24 -67.15 -2.89 -21.39
CA ALA J 24 -66.21 -2.29 -20.47
C ALA J 24 -66.68 -0.91 -20.03
N SER J 25 -66.57 -0.64 -18.73
CA SER J 25 -66.86 0.68 -18.18
C SER J 25 -65.75 1.13 -17.24
N GLY J 26 -65.56 2.43 -17.15
CA GLY J 26 -64.59 3.01 -16.25
C GLY J 26 -63.17 3.09 -16.76
N SER J 27 -62.27 3.40 -15.82
CA SER J 27 -60.87 3.67 -16.12
C SER J 27 -59.96 3.43 -14.93
N ASN J 28 -58.67 3.26 -15.24
CA ASN J 28 -57.61 3.24 -14.24
C ASN J 28 -57.04 4.65 -14.23
N PHE J 29 -57.72 5.53 -13.52
CA PHE J 29 -57.29 6.92 -13.48
C PHE J 29 -55.86 7.04 -12.99
N SER J 30 -55.44 6.18 -12.07
CA SER J 30 -54.09 6.28 -11.52
C SER J 30 -53.03 6.21 -12.60
N SER J 31 -53.23 5.36 -13.61
CA SER J 31 -52.26 5.16 -14.69
C SER J 31 -52.74 5.62 -16.07
N GLY J 32 -53.95 6.19 -16.19
CA GLY J 32 -54.47 6.68 -17.46
C GLY J 32 -54.96 5.65 -18.46
N ARG J 33 -55.39 4.48 -17.98
CA ARG J 33 -55.81 3.41 -18.87
C ARG J 33 -57.31 3.34 -18.96
N THR J 34 -57.79 3.05 -20.17
CA THR J 34 -59.20 2.75 -20.44
C THR J 34 -59.22 1.47 -21.27
N PHE J 35 -60.43 0.97 -21.55
CA PHE J 35 -60.56 -0.24 -22.34
C PHE J 35 -59.80 -0.10 -23.66
N SER J 36 -59.85 1.06 -24.24
CA SER J 36 -59.27 1.54 -25.49
C SER J 36 -57.75 1.71 -25.44
N THR J 37 -57.11 1.26 -24.36
CA THR J 37 -55.67 1.30 -24.20
C THR J 37 -55.09 -0.02 -23.75
N ASP J 38 -55.93 -0.96 -23.39
CA ASP J 38 -55.54 -2.19 -22.73
C ASP J 38 -55.76 -3.38 -23.65
N ALA J 39 -54.83 -4.32 -23.62
CA ALA J 39 -55.12 -5.56 -24.28
C ALA J 39 -56.24 -6.28 -23.52
N ILE J 40 -56.94 -7.17 -24.22
CA ILE J 40 -58.00 -7.97 -23.63
C ILE J 40 -57.71 -9.42 -23.94
N GLY J 41 -57.87 -10.30 -22.95
CA GLY J 41 -57.76 -11.72 -23.17
C GLY J 41 -59.07 -12.41 -22.83
N TRP J 42 -59.31 -13.55 -23.48
CA TRP J 42 -60.46 -14.40 -23.19
C TRP J 42 -59.99 -15.70 -22.57
N PHE J 43 -60.55 -16.05 -21.41
CA PHE J 43 -60.23 -17.29 -20.73
C PHE J 43 -61.50 -18.08 -20.47
N ARG J 44 -61.34 -19.40 -20.43
CA ARG J 44 -62.43 -20.30 -20.07
C ARG J 44 -61.95 -21.21 -18.96
N GLN J 45 -62.88 -21.61 -18.10
CA GLN J 45 -62.55 -22.51 -17.00
C GLN J 45 -63.55 -23.65 -17.02
N ALA J 46 -63.07 -24.85 -17.33
CA ALA J 46 -63.94 -26.00 -17.37
C ALA J 46 -64.27 -26.47 -15.95
N PRO J 47 -65.37 -27.22 -15.77
CA PRO J 47 -65.71 -27.69 -14.41
C PRO J 47 -64.58 -28.53 -13.83
N GLY J 48 -64.11 -28.15 -12.66
CA GLY J 48 -63.06 -28.88 -12.02
C GLY J 48 -61.68 -28.52 -12.50
N LYS J 49 -61.57 -27.83 -13.62
CA LYS J 49 -60.33 -27.54 -14.31
C LYS J 49 -59.96 -26.09 -14.02
N GLU J 50 -58.77 -25.68 -14.45
CA GLU J 50 -58.32 -24.31 -14.18
C GLU J 50 -58.47 -23.48 -15.46
N ARG J 51 -58.01 -22.23 -15.43
CA ARG J 51 -58.42 -21.11 -16.28
C ARG J 51 -57.70 -21.14 -17.62
N GLU J 52 -58.32 -21.77 -18.61
CA GLU J 52 -57.70 -21.90 -19.93
C GLU J 52 -57.50 -20.52 -20.52
N PHE J 53 -56.40 -20.30 -21.21
CA PHE J 53 -56.32 -19.19 -22.14
C PHE J 53 -57.08 -19.60 -23.38
N VAL J 54 -57.82 -18.68 -23.97
CA VAL J 54 -58.50 -18.93 -25.22
C VAL J 54 -57.94 -18.05 -26.33
N GLY J 55 -57.87 -16.75 -26.09
CA GLY J 55 -57.37 -15.83 -27.07
C GLY J 55 -57.22 -14.46 -26.47
N GLY J 56 -56.48 -13.63 -27.19
CA GLY J 56 -56.20 -12.29 -26.73
C GLY J 56 -56.19 -11.37 -27.93
N ILE J 57 -56.31 -10.09 -27.67
CA ILE J 57 -56.36 -9.11 -28.75
C ILE J 57 -55.60 -7.86 -28.32
N SER J 58 -54.83 -7.29 -29.24
CA SER J 58 -54.05 -6.13 -28.85
C SER J 58 -55.00 -4.99 -28.51
N TRP J 59 -54.41 -3.87 -28.16
CA TRP J 59 -55.25 -2.78 -27.67
C TRP J 59 -56.19 -2.28 -28.75
N ASN J 60 -55.70 -2.15 -29.98
CA ASN J 60 -56.49 -1.66 -31.08
C ASN J 60 -56.84 -2.74 -32.09
N GLY J 61 -56.94 -3.98 -31.63
CA GLY J 61 -57.37 -5.08 -32.46
C GLY J 61 -56.40 -5.51 -33.54
N GLY J 62 -55.26 -4.84 -33.68
CA GLY J 62 -54.32 -5.14 -34.74
C GLY J 62 -53.53 -6.41 -34.55
N ILE J 63 -53.59 -6.99 -33.36
CA ILE J 63 -52.89 -8.22 -33.06
C ILE J 63 -53.84 -9.11 -32.30
N THR J 64 -53.97 -10.37 -32.75
CA THR J 64 -54.67 -11.39 -31.98
C THR J 64 -53.87 -12.69 -32.02
N ASP J 65 -54.08 -13.52 -31.00
CA ASP J 65 -53.53 -14.88 -30.98
C ASP J 65 -54.48 -15.78 -30.22
N TYR J 66 -54.44 -17.09 -30.55
CA TYR J 66 -55.40 -18.07 -30.04
C TYR J 66 -54.71 -19.37 -29.65
N VAL J 67 -55.33 -20.08 -28.70
CA VAL J 67 -54.88 -21.43 -28.37
C VAL J 67 -55.19 -22.35 -29.53
N ASP J 68 -54.40 -23.40 -29.64
CA ASP J 68 -54.57 -24.32 -30.75
C ASP J 68 -55.95 -24.97 -30.74
N SER J 69 -56.52 -25.23 -29.56
CA SER J 69 -57.84 -25.88 -29.47
C SER J 69 -58.92 -25.11 -30.20
N VAL J 70 -58.73 -23.82 -30.43
CA VAL J 70 -59.76 -22.98 -31.03
C VAL J 70 -59.33 -22.31 -32.31
N LYS J 71 -58.08 -22.47 -32.76
CA LYS J 71 -57.66 -21.73 -33.94
C LYS J 71 -58.52 -22.11 -35.13
N GLY J 72 -58.90 -21.10 -35.92
CA GLY J 72 -59.77 -21.34 -37.07
C GLY J 72 -61.23 -21.55 -36.75
N ARG J 73 -61.58 -21.77 -35.50
CA ARG J 73 -62.96 -21.90 -35.10
C ARG J 73 -63.44 -20.66 -34.38
N PHE J 74 -62.54 -20.03 -33.62
CA PHE J 74 -62.84 -18.87 -32.82
C PHE J 74 -62.22 -17.63 -33.44
N THR J 75 -62.83 -16.50 -33.12
CA THR J 75 -62.35 -15.20 -33.57
C THR J 75 -62.61 -14.13 -32.51
N ILE J 76 -61.59 -13.37 -32.18
CA ILE J 76 -61.71 -12.21 -31.31
C ILE J 76 -61.65 -10.95 -32.16
N SER J 77 -62.53 -10.01 -31.87
CA SER J 77 -62.44 -8.67 -32.42
C SER J 77 -62.91 -7.71 -31.35
N ARG J 78 -62.60 -6.44 -31.57
CA ARG J 78 -62.94 -5.43 -30.55
C ARG J 78 -63.38 -4.13 -31.21
N ASP J 79 -64.40 -3.49 -30.65
CA ASP J 79 -64.88 -2.20 -31.12
C ASP J 79 -64.63 -1.20 -30.00
N ASN J 80 -63.53 -0.44 -30.12
CA ASN J 80 -63.20 0.48 -29.04
C ASN J 80 -64.20 1.60 -28.95
N ALA J 81 -64.81 1.96 -30.07
CA ALA J 81 -65.79 3.03 -30.03
C ALA J 81 -67.03 2.60 -29.26
N LYS J 82 -67.34 1.33 -29.24
CA LYS J 82 -68.44 0.83 -28.42
C LYS J 82 -67.97 0.26 -27.11
N ASN J 83 -66.67 0.22 -26.86
CA ASN J 83 -66.13 -0.36 -25.63
C ASN J 83 -66.69 -1.75 -25.38
N THR J 84 -66.61 -2.59 -26.41
CA THR J 84 -67.00 -3.99 -26.32
C THR J 84 -66.00 -4.82 -27.09
N VAL J 85 -65.60 -5.93 -26.49
CA VAL J 85 -64.73 -6.90 -27.15
C VAL J 85 -65.56 -8.15 -27.34
N TYR J 86 -65.43 -8.77 -28.52
CA TYR J 86 -66.25 -9.92 -28.87
C TYR J 86 -65.39 -11.13 -29.17
N LEU J 87 -65.91 -12.30 -28.79
CA LEU J 87 -65.33 -13.58 -29.18
C LEU J 87 -66.39 -14.39 -29.93
N GLN J 88 -66.05 -14.74 -31.16
CA GLN J 88 -66.89 -15.57 -32.04
C GLN J 88 -66.47 -17.04 -32.00
N MET J 89 -67.43 -17.93 -31.73
CA MET J 89 -67.21 -19.37 -31.58
C MET J 89 -67.98 -20.14 -32.65
N ASN J 90 -67.27 -20.80 -33.57
CA ASN J 90 -67.89 -21.63 -34.60
C ASN J 90 -67.45 -23.07 -34.42
N SER J 91 -68.20 -23.99 -35.02
CA SER J 91 -67.95 -25.43 -34.84
C SER J 91 -67.72 -25.76 -33.38
N LEU J 92 -68.60 -25.26 -32.53
CA LEU J 92 -68.44 -25.49 -31.12
C LEU J 92 -68.62 -26.98 -30.87
N GLN J 93 -67.80 -27.54 -30.00
CA GLN J 93 -67.85 -28.96 -29.71
C GLN J 93 -67.95 -29.15 -28.20
N PRO J 94 -68.43 -30.31 -27.75
CA PRO J 94 -68.65 -30.49 -26.30
C PRO J 94 -67.48 -30.17 -25.39
N GLU J 95 -66.23 -30.29 -25.84
CA GLU J 95 -65.14 -29.91 -24.93
C GLU J 95 -64.96 -28.40 -24.80
N ASP J 96 -65.63 -27.58 -25.58
CA ASP J 96 -65.53 -26.15 -25.31
C ASP J 96 -66.46 -25.70 -24.21
N THR J 97 -67.15 -26.62 -23.54
CA THR J 97 -68.07 -26.23 -22.48
C THR J 97 -67.28 -25.73 -21.28
N ALA J 98 -67.55 -24.50 -20.88
CA ALA J 98 -66.80 -23.88 -19.79
C ALA J 98 -67.50 -22.58 -19.42
N VAL J 99 -67.01 -21.95 -18.36
CA VAL J 99 -67.36 -20.57 -18.08
C VAL J 99 -66.28 -19.69 -18.68
N TYR J 100 -66.69 -18.63 -19.38
CA TYR J 100 -65.79 -17.83 -20.19
C TYR J 100 -65.67 -16.47 -19.55
N TYR J 101 -64.42 -16.02 -19.37
CA TYR J 101 -64.09 -14.75 -18.76
C TYR J 101 -63.32 -13.92 -19.78
N CYS J 102 -63.56 -12.62 -19.80
CA CYS J 102 -62.66 -11.67 -20.44
C CYS J 102 -61.87 -10.94 -19.37
N ALA J 103 -60.66 -10.55 -19.70
CA ALA J 103 -59.80 -9.91 -18.72
C ALA J 103 -58.98 -8.85 -19.41
N GLY J 104 -58.69 -7.79 -18.68
CA GLY J 104 -57.93 -6.69 -19.23
C GLY J 104 -56.59 -6.50 -18.55
N ARG J 105 -55.56 -6.31 -19.37
CA ARG J 105 -54.18 -6.17 -18.83
C ARG J 105 -53.74 -4.74 -19.07
N ASP J 106 -53.11 -4.13 -18.08
CA ASP J 106 -52.66 -2.75 -18.21
C ASP J 106 -51.40 -2.79 -19.07
N SER J 107 -51.56 -3.24 -20.31
CA SER J 107 -50.55 -3.22 -21.35
C SER J 107 -51.28 -3.12 -22.68
N TRP J 108 -50.60 -2.61 -23.71
CA TRP J 108 -51.20 -2.73 -25.03
C TRP J 108 -51.20 -4.17 -25.51
N TYR J 109 -50.26 -4.99 -25.05
CA TYR J 109 -50.14 -6.36 -25.50
C TYR J 109 -50.67 -7.33 -24.45
N PHE J 110 -51.22 -8.42 -24.93
CA PHE J 110 -51.83 -9.39 -24.05
C PHE J 110 -50.83 -10.43 -23.59
N SER J 111 -51.22 -11.19 -22.59
CA SER J 111 -50.46 -12.33 -22.12
C SER J 111 -51.38 -13.52 -22.16
N LYS J 112 -50.82 -14.71 -22.06
CA LYS J 112 -51.67 -15.88 -21.93
C LYS J 112 -51.85 -16.32 -20.49
N VAL J 113 -51.26 -15.63 -19.54
CA VAL J 113 -51.24 -16.04 -18.14
C VAL J 113 -52.30 -15.27 -17.36
N PRO J 114 -53.22 -15.94 -16.66
CA PRO J 114 -54.27 -15.21 -15.94
C PRO J 114 -53.72 -14.20 -14.96
N ASP J 115 -52.68 -14.56 -14.23
CA ASP J 115 -52.16 -13.65 -13.22
C ASP J 115 -51.61 -12.37 -13.82
N GLU J 116 -51.32 -12.34 -15.13
CA GLU J 116 -50.86 -11.10 -15.74
C GLU J 116 -52.00 -10.18 -16.14
N TYR J 117 -53.23 -10.55 -15.87
CA TYR J 117 -54.33 -9.67 -16.17
C TYR J 117 -54.78 -9.00 -14.87
N ARG J 118 -55.28 -7.76 -15.00
CA ARG J 118 -55.56 -6.92 -13.85
C ARG J 118 -57.02 -6.90 -13.45
N TYR J 119 -57.93 -6.95 -14.42
CA TYR J 119 -59.37 -6.88 -14.17
C TYR J 119 -60.09 -7.93 -15.01
N TRP J 120 -61.16 -8.51 -14.42
CA TRP J 120 -61.90 -9.62 -15.00
C TRP J 120 -63.39 -9.32 -15.04
N GLY J 121 -64.07 -10.00 -15.96
CA GLY J 121 -65.52 -9.99 -15.99
C GLY J 121 -66.08 -11.07 -15.09
N GLN J 122 -67.40 -11.07 -14.97
CA GLN J 122 -68.04 -12.03 -14.11
C GLN J 122 -68.03 -13.44 -14.69
N GLY J 123 -67.90 -13.57 -16.01
CA GLY J 123 -67.91 -14.87 -16.64
C GLY J 123 -69.30 -15.29 -17.05
N THR J 124 -69.41 -15.96 -18.19
CA THR J 124 -70.71 -16.37 -18.73
C THR J 124 -70.66 -17.83 -19.15
N GLN J 125 -71.70 -18.59 -18.80
CA GLN J 125 -71.66 -20.02 -19.08
C GLN J 125 -71.97 -20.34 -20.53
N VAL J 126 -71.17 -21.26 -21.08
CA VAL J 126 -71.38 -21.83 -22.39
C VAL J 126 -71.40 -23.33 -22.22
N THR J 127 -72.48 -23.97 -22.63
CA THR J 127 -72.60 -25.42 -22.56
C THR J 127 -72.94 -25.96 -23.95
N VAL J 128 -72.08 -26.83 -24.46
CA VAL J 128 -72.19 -27.36 -25.82
C VAL J 128 -72.61 -28.82 -25.71
N SER J 129 -73.78 -29.13 -26.25
CA SER J 129 -74.39 -30.44 -26.22
C SER J 129 -73.96 -31.27 -27.40
N SER J 130 -74.17 -32.58 -27.29
CA SER J 130 -73.92 -33.47 -28.41
C SER J 130 -75.06 -33.32 -29.41
N ALA J 131 -74.75 -33.49 -30.70
CA ALA J 131 -75.65 -33.26 -31.86
C ALA J 131 -75.55 -31.85 -32.40
N GLN K 1 0.53 -31.41 53.38
CA GLN K 1 1.79 -31.21 54.09
C GLN K 1 2.93 -31.90 53.38
N VAL K 2 3.61 -32.79 54.08
CA VAL K 2 4.48 -33.74 53.41
C VAL K 2 3.59 -34.89 52.95
N GLN K 3 3.71 -35.29 51.68
CA GLN K 3 2.90 -36.37 51.11
C GLN K 3 3.79 -37.54 50.75
N LEU K 4 3.30 -38.76 51.01
CA LEU K 4 4.07 -39.98 50.83
C LEU K 4 3.42 -40.88 49.80
N GLN K 5 4.25 -41.50 48.95
CA GLN K 5 3.82 -42.43 47.92
C GLN K 5 4.82 -43.58 47.82
N GLU K 6 4.44 -44.77 48.33
CA GLU K 6 5.31 -45.93 48.25
C GLU K 6 5.07 -46.70 46.96
N SER K 7 5.97 -47.64 46.69
CA SER K 7 5.90 -48.42 45.47
C SER K 7 6.88 -49.58 45.56
N GLY K 8 6.64 -50.59 44.73
CA GLY K 8 7.55 -51.70 44.56
C GLY K 8 7.09 -53.00 45.15
N GLY K 9 5.90 -53.04 45.74
CA GLY K 9 5.34 -54.28 46.24
C GLY K 9 4.71 -55.13 45.14
N GLY K 10 4.38 -56.36 45.54
CA GLY K 10 3.74 -57.30 44.64
C GLY K 10 3.91 -58.71 45.19
N LEU K 11 3.81 -59.69 44.28
CA LEU K 11 3.92 -61.09 44.66
C LEU K 11 5.32 -61.64 44.35
N VAL K 12 5.86 -62.38 45.30
CA VAL K 12 7.09 -63.14 45.11
C VAL K 12 6.90 -64.37 45.98
N GLN K 13 7.64 -65.43 45.68
CA GLN K 13 7.45 -66.65 46.44
C GLN K 13 8.39 -66.66 47.63
N SER K 14 7.96 -67.37 48.69
CA SER K 14 8.66 -67.45 49.97
C SER K 14 10.16 -67.66 49.79
N GLY K 15 10.94 -66.76 50.40
CA GLY K 15 12.38 -66.74 50.27
C GLY K 15 12.93 -65.73 49.27
N GLY K 16 12.07 -65.08 48.48
CA GLY K 16 12.53 -64.09 47.52
C GLY K 16 12.86 -62.75 48.15
N SER K 17 12.89 -61.72 47.32
CA SER K 17 13.24 -60.40 47.81
C SER K 17 12.63 -59.36 46.90
N LEU K 18 12.18 -58.27 47.50
CA LEU K 18 11.77 -57.07 46.79
C LEU K 18 12.27 -55.88 47.58
N LYS K 19 12.20 -54.71 46.96
CA LYS K 19 12.60 -53.46 47.61
C LYS K 19 11.44 -52.49 47.56
N LEU K 20 10.83 -52.21 48.72
CA LEU K 20 9.79 -51.19 48.72
C LEU K 20 10.45 -49.82 48.80
N SER K 21 9.92 -48.88 48.00
CA SER K 21 10.39 -47.52 47.94
C SER K 21 9.20 -46.60 48.17
N CYS K 22 9.43 -45.59 49.00
CA CYS K 22 8.38 -44.60 49.30
C CYS K 22 8.97 -43.23 48.99
N ALA K 23 8.25 -42.40 48.24
CA ALA K 23 8.75 -41.08 47.85
C ALA K 23 7.88 -39.97 48.40
N ALA K 24 8.53 -38.89 48.86
CA ALA K 24 7.89 -37.81 49.59
C ALA K 24 8.10 -36.44 48.94
N SER K 25 7.04 -35.64 48.93
CA SER K 25 7.17 -34.26 48.47
C SER K 25 6.52 -33.32 49.47
N GLY K 26 6.35 -32.07 49.09
CA GLY K 26 5.72 -31.10 49.98
C GLY K 26 6.47 -30.72 51.25
N SER K 27 5.72 -30.09 52.15
CA SER K 27 6.30 -29.55 53.37
C SER K 27 5.19 -29.33 54.40
N ASN K 28 5.59 -29.05 55.63
CA ASN K 28 4.61 -28.71 56.65
C ASN K 28 4.43 -27.19 56.72
N PHE K 29 5.54 -26.44 56.68
CA PHE K 29 5.56 -24.98 56.67
C PHE K 29 5.23 -24.50 58.08
N SER K 30 4.10 -24.98 58.63
CA SER K 30 3.68 -24.53 59.93
C SER K 30 4.84 -24.63 60.91
N SER K 31 5.61 -25.72 60.81
CA SER K 31 6.74 -26.04 61.66
C SER K 31 8.06 -26.03 60.91
N GLY K 32 8.05 -25.75 59.62
CA GLY K 32 9.30 -25.82 58.88
C GLY K 32 9.80 -27.23 58.68
N ARG K 33 8.93 -28.21 58.75
CA ARG K 33 9.34 -29.59 58.61
C ARG K 33 9.13 -30.09 57.19
N THR K 34 10.09 -30.85 56.69
CA THR K 34 10.01 -31.50 55.40
C THR K 34 10.37 -32.96 55.62
N PHE K 35 10.37 -33.74 54.55
CA PHE K 35 10.74 -35.15 54.68
C PHE K 35 12.15 -35.31 55.28
N SER K 36 13.07 -34.43 54.90
CA SER K 36 14.44 -34.49 55.38
C SER K 36 14.53 -34.19 56.86
N THR K 37 13.73 -33.27 57.37
CA THR K 37 13.92 -32.97 58.78
C THR K 37 13.17 -33.96 59.68
N ASP K 38 12.25 -34.75 59.15
CA ASP K 38 11.45 -35.61 60.03
C ASP K 38 11.70 -37.08 59.74
N ALA K 39 11.68 -37.87 60.82
CA ALA K 39 11.82 -39.32 60.76
C ALA K 39 10.65 -39.99 60.05
N ILE K 40 10.92 -41.20 59.57
CA ILE K 40 9.99 -42.01 58.79
C ILE K 40 9.81 -43.35 59.48
N GLY K 41 8.59 -43.85 59.50
CA GLY K 41 8.29 -45.19 59.98
C GLY K 41 7.75 -46.07 58.88
N TRP K 42 8.04 -47.37 59.00
CA TRP K 42 7.49 -48.42 58.13
C TRP K 42 6.55 -49.28 58.95
N PHE K 43 5.30 -49.41 58.50
CA PHE K 43 4.27 -50.21 59.16
C PHE K 43 3.65 -51.17 58.16
N ARG K 44 3.21 -52.33 58.65
CA ARG K 44 2.50 -53.29 57.81
C ARG K 44 1.21 -53.71 58.52
N GLN K 45 0.18 -53.95 57.70
CA GLN K 45 -1.13 -54.37 58.19
C GLN K 45 -1.57 -55.60 57.40
N ALA K 46 -1.58 -56.77 58.04
CA ALA K 46 -2.01 -58.01 57.42
C ALA K 46 -3.54 -58.05 57.35
N PRO K 47 -4.09 -58.88 56.44
CA PRO K 47 -5.56 -58.92 56.28
C PRO K 47 -6.26 -59.26 57.59
N GLY K 48 -7.15 -58.36 58.02
CA GLY K 48 -7.94 -58.54 59.21
C GLY K 48 -7.21 -58.33 60.52
N LYS K 49 -5.99 -57.81 60.51
CA LYS K 49 -5.22 -57.70 61.73
C LYS K 49 -4.99 -56.20 62.03
N GLU K 50 -4.00 -55.91 62.88
CA GLU K 50 -3.77 -54.58 63.41
C GLU K 50 -2.59 -53.90 62.73
N ARG K 51 -2.28 -52.73 63.26
CA ARG K 51 -1.61 -51.55 62.74
C ARG K 51 -0.17 -51.55 63.27
N GLU K 52 0.54 -52.66 63.03
CA GLU K 52 1.81 -52.94 63.71
C GLU K 52 3.06 -52.34 63.08
N PHE K 53 3.98 -51.94 63.95
CA PHE K 53 5.27 -51.35 63.58
C PHE K 53 6.14 -52.41 62.92
N VAL K 54 6.88 -52.00 61.91
CA VAL K 54 7.87 -52.85 61.25
C VAL K 54 9.28 -52.31 61.44
N GLY K 55 9.48 -51.02 61.14
CA GLY K 55 10.79 -50.43 61.29
C GLY K 55 10.73 -48.94 61.08
N GLY K 56 11.78 -48.28 61.54
CA GLY K 56 11.82 -46.83 61.46
C GLY K 56 13.23 -46.34 61.26
N ILE K 57 13.34 -45.09 60.84
CA ILE K 57 14.65 -44.48 60.64
C ILE K 57 14.57 -43.02 61.06
N SER K 58 15.62 -42.53 61.71
CA SER K 58 15.67 -41.16 62.19
C SER K 58 15.78 -40.17 61.02
N TRP K 59 15.92 -38.89 61.37
CA TRP K 59 15.86 -37.81 60.39
C TRP K 59 16.97 -37.89 59.36
N ASN K 60 18.20 -38.13 59.82
CA ASN K 60 19.33 -38.20 58.92
C ASN K 60 19.77 -39.61 58.69
N GLY K 61 18.92 -40.58 59.00
CA GLY K 61 19.29 -41.95 58.80
C GLY K 61 20.31 -42.50 59.77
N GLY K 62 20.76 -41.71 60.74
CA GLY K 62 21.79 -42.16 61.64
C GLY K 62 21.34 -43.16 62.66
N ILE K 63 20.03 -43.36 62.80
CA ILE K 63 19.44 -44.25 63.80
C ILE K 63 18.36 -45.10 63.14
N THR K 64 18.42 -46.42 63.34
CA THR K 64 17.41 -47.35 62.85
C THR K 64 16.99 -48.33 63.94
N ASP K 65 15.75 -48.81 63.84
CA ASP K 65 15.28 -49.86 64.75
C ASP K 65 14.23 -50.71 64.03
N TYR K 66 14.09 -51.95 64.48
CA TYR K 66 13.18 -52.94 63.90
C TYR K 66 12.54 -53.79 64.98
N VAL K 67 11.36 -54.31 64.69
CA VAL K 67 10.76 -55.33 65.55
C VAL K 67 11.53 -56.64 65.38
N ASP K 68 11.54 -57.46 66.44
CA ASP K 68 12.34 -58.69 66.43
C ASP K 68 11.91 -59.63 65.31
N SER K 69 10.60 -59.65 64.99
CA SER K 69 10.06 -60.55 63.98
C SER K 69 10.74 -60.40 62.63
N VAL K 70 11.37 -59.26 62.38
CA VAL K 70 11.95 -58.97 61.08
C VAL K 70 13.45 -58.72 61.14
N LYS K 71 14.05 -58.63 62.33
CA LYS K 71 15.45 -58.23 62.43
C LYS K 71 16.36 -59.25 61.77
N GLY K 72 17.43 -58.73 61.18
CA GLY K 72 18.36 -59.52 60.39
C GLY K 72 17.89 -59.84 59.00
N ARG K 73 16.60 -59.65 58.71
CA ARG K 73 16.06 -59.89 57.38
C ARG K 73 15.68 -58.64 56.63
N PHE K 74 15.28 -57.59 57.34
CA PHE K 74 14.81 -56.35 56.73
C PHE K 74 15.84 -55.23 56.96
N THR K 75 15.82 -54.23 56.08
CA THR K 75 16.78 -53.12 56.14
C THR K 75 16.12 -51.81 55.75
N ILE K 76 16.19 -50.81 56.63
CA ILE K 76 15.74 -49.43 56.35
C ILE K 76 16.94 -48.50 56.20
N SER K 77 16.92 -47.71 55.13
CA SER K 77 17.85 -46.59 54.95
C SER K 77 17.08 -45.52 54.19
N ARG K 78 17.71 -44.36 54.01
CA ARG K 78 16.97 -43.23 53.47
C ARG K 78 17.92 -42.36 52.67
N ASP K 79 17.39 -41.76 51.62
CA ASP K 79 18.12 -40.85 50.76
C ASP K 79 17.44 -39.49 50.83
N ASN K 80 18.02 -38.59 51.60
CA ASN K 80 17.44 -37.27 51.77
C ASN K 80 17.58 -36.45 50.48
N ALA K 81 18.56 -36.77 49.64
CA ALA K 81 18.67 -36.11 48.33
C ALA K 81 17.59 -36.58 47.36
N LYS K 82 17.08 -37.79 47.54
CA LYS K 82 16.03 -38.33 46.67
C LYS K 82 14.63 -38.20 47.23
N ASN K 83 14.49 -37.67 48.44
CA ASN K 83 13.19 -37.56 49.11
C ASN K 83 12.45 -38.90 49.08
N THR K 84 13.17 -39.96 49.41
CA THR K 84 12.63 -41.31 49.39
C THR K 84 13.18 -42.18 50.53
N VAL K 85 12.30 -43.01 51.09
CA VAL K 85 12.64 -44.02 52.09
C VAL K 85 12.41 -45.40 51.48
N TYR K 86 13.30 -46.33 51.80
CA TYR K 86 13.29 -47.69 51.25
C TYR K 86 13.18 -48.70 52.37
N LEU K 87 12.50 -49.80 52.07
CA LEU K 87 12.45 -50.95 52.94
C LEU K 87 12.97 -52.14 52.15
N GLN K 88 14.06 -52.74 52.63
CA GLN K 88 14.64 -53.91 52.00
C GLN K 88 14.06 -55.18 52.62
N MET K 89 13.54 -56.06 51.76
CA MET K 89 12.82 -57.27 52.17
C MET K 89 13.59 -58.46 51.64
N ASN K 90 14.32 -59.16 52.51
CA ASN K 90 14.97 -60.40 52.13
C ASN K 90 14.43 -61.53 53.01
N SER K 91 14.52 -62.74 52.46
CA SER K 91 13.93 -63.94 53.05
C SER K 91 12.49 -63.68 53.51
N LEU K 92 11.67 -63.18 52.59
CA LEU K 92 10.27 -62.94 52.91
C LEU K 92 9.57 -64.25 53.19
N GLN K 93 8.64 -64.22 54.14
CA GLN K 93 7.92 -65.41 54.54
C GLN K 93 6.43 -65.16 54.37
N PRO K 94 5.62 -66.23 54.26
CA PRO K 94 4.16 -66.06 54.16
C PRO K 94 3.60 -65.22 55.29
N GLU K 95 4.33 -65.18 56.42
CA GLU K 95 3.91 -64.37 57.55
C GLU K 95 4.13 -62.88 57.32
N ASP K 96 4.93 -62.50 56.31
CA ASP K 96 5.12 -61.11 55.93
C ASP K 96 4.07 -60.62 54.94
N THR K 97 3.07 -61.43 54.62
CA THR K 97 2.04 -61.03 53.67
C THR K 97 1.14 -59.96 54.28
N ALA K 98 1.16 -58.76 53.70
CA ALA K 98 0.39 -57.64 54.24
C ALA K 98 0.48 -56.46 53.27
N VAL K 99 -0.31 -55.43 53.56
CA VAL K 99 -0.15 -54.10 52.96
C VAL K 99 0.63 -53.24 53.95
N TYR K 100 1.66 -52.56 53.45
CA TYR K 100 2.63 -51.85 54.28
C TYR K 100 2.56 -50.36 54.00
N TYR K 101 2.48 -49.55 55.07
CA TYR K 101 2.49 -48.10 54.92
C TYR K 101 3.75 -47.51 55.53
N CYS K 102 4.16 -46.40 54.90
CA CYS K 102 5.23 -45.57 55.49
C CYS K 102 4.50 -44.38 56.10
N ALA K 103 5.05 -43.73 57.11
CA ALA K 103 4.41 -42.64 57.83
C ALA K 103 5.46 -41.68 58.33
N GLY K 104 5.05 -40.43 58.53
CA GLY K 104 5.96 -39.43 59.03
C GLY K 104 5.61 -38.86 60.39
N ARG K 105 6.61 -38.84 61.26
CA ARG K 105 6.50 -38.24 62.57
C ARG K 105 7.05 -36.84 62.42
N ASP K 106 6.52 -35.89 63.16
CA ASP K 106 7.14 -34.57 63.11
C ASP K 106 8.24 -34.38 64.15
N SER K 107 9.12 -35.37 64.25
CA SER K 107 10.29 -35.37 65.13
C SER K 107 11.45 -36.03 64.41
N TRP K 108 12.67 -35.69 64.83
CA TRP K 108 13.83 -36.35 64.24
C TRP K 108 13.86 -37.83 64.55
N TYR K 109 13.16 -38.29 65.59
CA TYR K 109 13.15 -39.68 65.98
C TYR K 109 11.83 -40.30 65.55
N PHE K 110 11.86 -41.60 65.31
CA PHE K 110 10.67 -42.35 64.92
C PHE K 110 9.95 -42.87 66.15
N SER K 111 8.73 -43.35 65.97
CA SER K 111 8.03 -44.05 67.04
C SER K 111 7.48 -45.38 66.53
N LYS K 112 7.09 -46.23 67.48
CA LYS K 112 6.39 -47.47 67.19
C LYS K 112 4.87 -47.33 67.35
N VAL K 113 4.40 -46.16 67.75
CA VAL K 113 3.00 -45.92 68.06
C VAL K 113 2.34 -45.30 66.82
N PRO K 114 1.27 -45.90 66.27
CA PRO K 114 0.74 -45.41 64.99
C PRO K 114 0.26 -43.98 65.03
N ASP K 115 -0.55 -43.63 66.01
CA ASP K 115 -1.13 -42.29 66.04
C ASP K 115 -0.06 -41.22 66.20
N GLU K 116 1.16 -41.60 66.57
CA GLU K 116 2.22 -40.63 66.78
C GLU K 116 2.81 -40.14 65.48
N TYR K 117 2.31 -40.60 64.35
CA TYR K 117 2.76 -40.11 63.06
C TYR K 117 1.73 -39.14 62.51
N ARG K 118 2.19 -38.20 61.70
CA ARG K 118 1.33 -37.12 61.26
C ARG K 118 0.74 -37.37 59.88
N TYR K 119 1.46 -38.03 58.97
CA TYR K 119 0.99 -38.27 57.63
C TYR K 119 1.38 -39.67 57.19
N TRP K 120 0.55 -40.28 56.36
CA TRP K 120 0.72 -41.66 55.92
C TRP K 120 0.69 -41.73 54.41
N GLY K 121 1.27 -42.80 53.87
CA GLY K 121 1.11 -43.10 52.46
C GLY K 121 -0.07 -44.01 52.17
N GLN K 122 -0.31 -44.21 50.88
CA GLN K 122 -1.39 -45.09 50.45
C GLN K 122 -1.04 -46.56 50.66
N GLY K 123 0.24 -46.91 50.64
CA GLY K 123 0.56 -48.28 50.99
C GLY K 123 0.59 -49.23 49.81
N THR K 124 1.49 -50.19 49.88
CA THR K 124 1.68 -51.12 48.78
C THR K 124 1.56 -52.54 49.32
N GLN K 125 0.84 -53.37 48.60
CA GLN K 125 0.56 -54.72 49.05
C GLN K 125 1.78 -55.62 48.82
N VAL K 126 2.07 -56.46 49.80
CA VAL K 126 3.10 -57.50 49.69
C VAL K 126 2.44 -58.83 49.97
N THR K 127 2.55 -59.77 49.03
CA THR K 127 1.97 -61.10 49.15
C THR K 127 3.05 -62.16 48.94
N VAL K 128 3.27 -62.99 49.94
CA VAL K 128 4.24 -64.08 49.88
C VAL K 128 3.48 -65.40 49.98
N SER K 129 3.51 -66.19 48.91
CA SER K 129 2.84 -67.49 48.85
C SER K 129 3.83 -68.60 49.21
N SER K 130 3.30 -69.74 49.68
CA SER K 130 4.16 -70.85 50.12
C SER K 130 4.64 -71.71 48.96
N GLN L 1 84.93 -4.74 -27.14
CA GLN L 1 86.21 -4.59 -26.45
C GLN L 1 86.95 -3.32 -26.86
N VAL L 2 88.26 -3.35 -26.66
CA VAL L 2 89.17 -2.29 -27.07
C VAL L 2 89.47 -2.39 -28.56
N GLN L 3 89.58 -1.24 -29.22
CA GLN L 3 89.94 -1.16 -30.63
C GLN L 3 91.35 -0.59 -30.73
N LEU L 4 92.15 -1.17 -31.63
CA LEU L 4 93.57 -0.87 -31.79
C LEU L 4 93.86 -0.29 -33.16
N GLN L 5 94.82 0.63 -33.21
CA GLN L 5 95.19 1.33 -34.44
C GLN L 5 96.70 1.45 -34.55
N GLU L 6 97.25 0.94 -35.65
CA GLU L 6 98.69 0.91 -35.88
C GLU L 6 99.19 2.24 -36.41
N SER L 7 100.51 2.38 -36.40
CA SER L 7 101.25 3.50 -36.97
C SER L 7 102.72 3.15 -36.93
N GLY L 8 103.47 3.75 -37.85
CA GLY L 8 104.92 3.73 -37.80
C GLY L 8 105.62 2.80 -38.77
N GLY L 9 104.90 2.05 -39.60
CA GLY L 9 105.56 1.20 -40.56
C GLY L 9 106.07 1.95 -41.79
N GLY L 10 106.91 1.27 -42.56
CA GLY L 10 107.45 1.84 -43.79
C GLY L 10 108.72 1.12 -44.20
N LEU L 11 109.55 1.82 -44.97
CA LEU L 11 110.81 1.31 -45.47
C LEU L 11 111.92 1.70 -44.51
N VAL L 12 112.86 0.79 -44.27
CA VAL L 12 113.96 1.04 -43.36
C VAL L 12 115.23 0.41 -43.88
N GLN L 13 116.33 0.87 -43.31
CA GLN L 13 117.68 0.48 -43.71
C GLN L 13 118.16 -0.69 -42.90
N SER L 14 118.96 -1.55 -43.52
CA SER L 14 119.55 -2.68 -42.81
C SER L 14 120.32 -2.16 -41.59
N GLY L 15 119.84 -2.44 -40.38
CA GLY L 15 120.45 -1.88 -39.19
C GLY L 15 119.83 -0.61 -38.65
N GLY L 16 118.86 0.00 -39.36
CA GLY L 16 118.29 1.27 -38.93
C GLY L 16 117.34 1.18 -37.75
N SER L 17 116.48 2.18 -37.56
CA SER L 17 115.60 2.14 -36.39
C SER L 17 114.35 2.98 -36.59
N LEU L 18 113.24 2.48 -36.04
CA LEU L 18 111.95 3.15 -35.93
C LEU L 18 111.34 2.76 -34.59
N LYS L 19 110.27 3.46 -34.20
CA LYS L 19 109.52 3.15 -32.98
C LYS L 19 108.08 2.89 -33.37
N LEU L 20 107.63 1.64 -33.25
CA LEU L 20 106.25 1.31 -33.59
C LEU L 20 105.30 1.79 -32.50
N SER L 21 104.14 2.32 -32.90
CA SER L 21 103.16 2.82 -31.96
C SER L 21 101.80 2.21 -32.23
N CYS L 22 101.08 1.90 -31.14
CA CYS L 22 99.76 1.29 -31.15
C CYS L 22 98.93 1.99 -30.08
N ALA L 23 97.83 2.64 -30.49
CA ALA L 23 97.00 3.41 -29.60
C ALA L 23 95.64 2.74 -29.49
N ALA L 24 95.03 2.79 -28.30
CA ALA L 24 93.83 2.03 -28.00
C ALA L 24 92.66 2.94 -27.60
N SER L 25 91.47 2.59 -28.09
CA SER L 25 90.23 3.29 -27.78
C SER L 25 89.18 2.31 -27.28
N GLY L 26 88.23 2.85 -26.51
CA GLY L 26 87.11 2.18 -25.86
C GLY L 26 87.49 1.05 -24.90
N SER L 27 86.48 0.26 -24.55
CA SER L 27 86.65 -0.74 -23.52
C SER L 27 85.54 -1.78 -23.63
N ASN L 28 85.46 -2.66 -22.63
CA ASN L 28 84.43 -3.68 -22.53
C ASN L 28 83.21 -3.27 -21.72
N PHE L 29 83.40 -2.62 -20.57
CA PHE L 29 82.29 -2.24 -19.70
C PHE L 29 81.74 -3.55 -19.12
N SER L 30 81.36 -4.47 -20.01
CA SER L 30 80.84 -5.76 -19.55
C SER L 30 81.82 -6.43 -18.62
N SER L 31 83.13 -6.26 -18.89
CA SER L 31 84.18 -6.83 -18.06
C SER L 31 84.98 -5.77 -17.31
N GLY L 32 84.69 -4.49 -17.54
CA GLY L 32 85.35 -3.38 -16.86
C GLY L 32 86.80 -3.19 -17.24
N ARG L 33 87.20 -3.67 -18.40
CA ARG L 33 88.59 -3.63 -18.83
C ARG L 33 88.80 -2.48 -19.80
N THR L 34 89.95 -1.82 -19.70
CA THR L 34 90.31 -0.68 -20.53
C THR L 34 91.62 -1.06 -21.23
N PHE L 35 92.27 -0.09 -21.86
CA PHE L 35 93.58 -0.41 -22.42
C PHE L 35 94.48 -0.93 -21.32
N SER L 36 94.31 -0.34 -20.13
CA SER L 36 95.03 -0.85 -18.94
C SER L 36 94.26 -2.08 -18.47
N THR L 37 94.83 -2.87 -17.57
CA THR L 37 94.19 -4.15 -17.13
C THR L 37 94.07 -5.07 -18.31
N ASP L 38 94.70 -4.71 -19.44
CA ASP L 38 94.70 -5.60 -20.64
C ASP L 38 96.10 -5.62 -21.23
N ALA L 39 96.85 -6.69 -20.97
CA ALA L 39 98.20 -6.83 -21.49
C ALA L 39 98.21 -6.72 -23.01
N ILE L 40 99.38 -6.39 -23.54
CA ILE L 40 99.57 -6.23 -24.98
C ILE L 40 100.76 -7.08 -25.42
N GLY L 41 100.59 -7.79 -26.53
CA GLY L 41 101.67 -8.52 -27.16
C GLY L 41 101.94 -7.97 -28.54
N TRP L 42 103.19 -8.16 -29.00
CA TRP L 42 103.59 -7.79 -30.35
C TRP L 42 103.82 -9.05 -31.18
N PHE L 43 103.19 -9.11 -32.35
CA PHE L 43 103.28 -10.20 -33.31
C PHE L 43 103.77 -9.68 -34.64
N ARG L 44 104.49 -10.53 -35.36
CA ARG L 44 104.91 -10.22 -36.72
C ARG L 44 104.49 -11.37 -37.62
N GLN L 45 104.11 -11.03 -38.85
CA GLN L 45 103.72 -12.03 -39.86
C GLN L 45 104.56 -11.76 -41.10
N ALA L 46 105.53 -12.63 -41.37
CA ALA L 46 106.34 -12.54 -42.57
C ALA L 46 105.57 -13.06 -43.78
N PRO L 47 105.95 -12.65 -44.99
CA PRO L 47 105.19 -13.04 -46.19
C PRO L 47 104.98 -14.55 -46.35
N GLY L 48 103.72 -14.95 -46.51
CA GLY L 48 103.33 -16.33 -46.71
C GLY L 48 103.15 -17.12 -45.44
N LYS L 49 103.65 -16.62 -44.32
CA LYS L 49 103.80 -17.33 -43.05
C LYS L 49 102.73 -16.95 -42.03
N GLU L 50 102.70 -17.74 -40.96
CA GLU L 50 101.84 -17.61 -39.80
C GLU L 50 102.20 -16.36 -38.99
N ARG L 51 101.37 -16.05 -37.98
CA ARG L 51 101.51 -14.83 -37.17
C ARG L 51 102.42 -15.12 -35.98
N GLU L 52 103.69 -14.70 -36.08
CA GLU L 52 104.73 -15.05 -35.12
C GLU L 52 104.67 -14.14 -33.89
N PHE L 53 104.94 -14.71 -32.71
CA PHE L 53 105.11 -13.93 -31.49
C PHE L 53 106.47 -13.24 -31.50
N VAL L 54 106.49 -11.99 -31.06
CA VAL L 54 107.73 -11.20 -30.94
C VAL L 54 107.99 -10.79 -29.50
N GLY L 55 106.99 -10.21 -28.83
CA GLY L 55 107.17 -9.74 -27.47
C GLY L 55 105.86 -9.33 -26.86
N GLY L 56 105.89 -9.16 -25.53
CA GLY L 56 104.69 -8.82 -24.78
C GLY L 56 105.00 -7.91 -23.62
N ILE L 57 103.94 -7.27 -23.11
CA ILE L 57 104.04 -6.33 -22.00
C ILE L 57 102.85 -6.55 -21.06
N SER L 58 103.11 -6.57 -19.76
CA SER L 58 102.06 -6.77 -18.78
C SER L 58 101.17 -5.54 -18.67
N TRP L 59 100.15 -5.66 -17.82
CA TRP L 59 99.13 -4.62 -17.74
C TRP L 59 99.72 -3.33 -17.20
N ASN L 60 100.64 -3.44 -16.22
CA ASN L 60 101.20 -2.29 -15.54
C ASN L 60 102.62 -1.99 -15.99
N GLY L 61 103.05 -2.56 -17.12
CA GLY L 61 104.40 -2.34 -17.59
C GLY L 61 105.50 -3.04 -16.79
N GLY L 62 105.17 -3.79 -15.74
CA GLY L 62 106.19 -4.32 -14.86
C GLY L 62 106.96 -5.52 -15.39
N ILE L 63 106.43 -6.20 -16.39
CA ILE L 63 107.11 -7.35 -16.97
C ILE L 63 106.95 -7.33 -18.49
N THR L 64 108.07 -7.56 -19.19
CA THR L 64 108.10 -7.72 -20.64
C THR L 64 108.83 -9.01 -20.98
N ASP L 65 108.50 -9.54 -22.15
CA ASP L 65 109.13 -10.73 -22.70
C ASP L 65 109.23 -10.59 -24.22
N TYR L 66 110.20 -11.31 -24.80
CA TYR L 66 110.45 -11.25 -26.23
C TYR L 66 110.84 -12.65 -26.70
N VAL L 67 110.58 -12.94 -27.98
CA VAL L 67 111.12 -14.16 -28.58
C VAL L 67 112.62 -14.02 -28.76
N ASP L 68 113.34 -15.14 -28.78
CA ASP L 68 114.79 -15.11 -28.85
C ASP L 68 115.31 -14.39 -30.09
N SER L 69 114.61 -14.50 -31.23
CA SER L 69 115.08 -13.86 -32.44
C SER L 69 115.24 -12.34 -32.30
N VAL L 70 114.57 -11.73 -31.32
CA VAL L 70 114.55 -10.28 -31.16
C VAL L 70 115.14 -9.81 -29.85
N LYS L 71 115.55 -10.74 -28.96
CA LYS L 71 116.00 -10.38 -27.62
C LYS L 71 117.22 -9.49 -27.65
N GLY L 72 117.25 -8.51 -26.75
CA GLY L 72 118.36 -7.56 -26.69
C GLY L 72 118.34 -6.52 -27.79
N ARG L 73 117.51 -6.70 -28.82
CA ARG L 73 117.43 -5.80 -29.95
C ARG L 73 116.19 -4.93 -29.94
N PHE L 74 115.07 -5.44 -29.45
CA PHE L 74 113.86 -4.66 -29.39
C PHE L 74 113.48 -4.39 -27.95
N THR L 75 112.65 -3.36 -27.77
CA THR L 75 112.20 -2.94 -26.46
C THR L 75 110.72 -2.60 -26.60
N ILE L 76 109.90 -3.22 -25.78
CA ILE L 76 108.49 -2.91 -25.68
C ILE L 76 108.31 -2.08 -24.43
N SER L 77 107.58 -0.98 -24.57
CA SER L 77 107.22 -0.15 -23.43
C SER L 77 105.81 0.33 -23.67
N ARG L 78 105.22 0.95 -22.66
CA ARG L 78 103.80 1.24 -22.72
C ARG L 78 103.46 2.40 -21.78
N ASP L 79 102.55 3.26 -22.21
CA ASP L 79 102.10 4.39 -21.40
C ASP L 79 100.57 4.35 -21.25
N ASN L 80 100.10 3.91 -20.08
CA ASN L 80 98.66 3.74 -19.88
C ASN L 80 97.91 5.08 -19.75
N ALA L 81 98.57 6.15 -19.31
CA ALA L 81 97.90 7.45 -19.31
C ALA L 81 97.65 7.93 -20.72
N LYS L 82 98.49 7.50 -21.67
CA LYS L 82 98.36 7.81 -23.08
C LYS L 82 97.66 6.72 -23.90
N ASN L 83 97.26 5.64 -23.21
CA ASN L 83 96.60 4.51 -23.90
C ASN L 83 97.38 4.16 -25.16
N THR L 84 98.69 3.95 -25.02
CA THR L 84 99.51 3.60 -26.17
C THR L 84 100.67 2.68 -25.80
N VAL L 85 100.92 1.69 -26.66
CA VAL L 85 102.04 0.77 -26.53
C VAL L 85 103.00 0.98 -27.70
N TYR L 86 104.28 0.92 -27.42
CA TYR L 86 105.31 1.14 -28.42
C TYR L 86 106.23 -0.08 -28.47
N LEU L 87 106.75 -0.36 -29.67
CA LEU L 87 107.82 -1.34 -29.86
C LEU L 87 109.02 -0.63 -30.49
N GLN L 88 110.13 -0.59 -29.76
CA GLN L 88 111.34 0.06 -30.25
C GLN L 88 112.15 -0.97 -31.03
N MET L 89 112.50 -0.59 -32.25
CA MET L 89 113.02 -1.50 -33.26
C MET L 89 114.42 -0.99 -33.61
N ASN L 90 115.45 -1.66 -33.12
CA ASN L 90 116.80 -1.26 -33.45
C ASN L 90 117.61 -2.44 -33.99
N SER L 91 118.70 -2.10 -34.66
CA SER L 91 119.55 -3.05 -35.38
C SER L 91 118.70 -4.01 -36.21
N LEU L 92 117.89 -3.39 -37.08
CA LEU L 92 116.95 -4.10 -37.93
C LEU L 92 117.67 -5.06 -38.87
N GLN L 93 116.97 -6.14 -39.20
CA GLN L 93 117.47 -7.18 -40.07
C GLN L 93 116.54 -7.31 -41.28
N PRO L 94 117.05 -7.79 -42.41
CA PRO L 94 116.15 -8.25 -43.47
C PRO L 94 115.21 -9.32 -42.96
N GLU L 95 115.58 -10.00 -41.87
CA GLU L 95 114.77 -11.01 -41.22
C GLU L 95 113.61 -10.45 -40.41
N ASP L 96 113.60 -9.14 -40.14
CA ASP L 96 112.51 -8.48 -39.43
C ASP L 96 111.38 -8.08 -40.36
N THR L 97 111.42 -8.51 -41.61
CA THR L 97 110.39 -8.16 -42.57
C THR L 97 109.07 -8.88 -42.23
N ALA L 98 108.03 -8.07 -41.96
CA ALA L 98 106.71 -8.58 -41.60
C ALA L 98 105.74 -7.41 -41.57
N VAL L 99 104.46 -7.73 -41.49
CA VAL L 99 103.45 -6.78 -41.08
C VAL L 99 103.22 -7.05 -39.60
N TYR L 100 103.22 -5.99 -38.80
CA TYR L 100 103.31 -6.11 -37.35
C TYR L 100 101.99 -5.70 -36.71
N TYR L 101 101.50 -6.56 -35.81
CA TYR L 101 100.24 -6.37 -35.12
C TYR L 101 100.47 -6.22 -33.63
N CYS L 102 99.65 -5.39 -32.98
CA CYS L 102 99.53 -5.42 -31.53
C CYS L 102 98.23 -6.15 -31.18
N ALA L 103 98.21 -6.72 -29.99
CA ALA L 103 97.09 -7.52 -29.55
C ALA L 103 96.84 -7.29 -28.07
N GLY L 104 95.56 -7.37 -27.68
CA GLY L 104 95.18 -7.18 -26.30
C GLY L 104 94.57 -8.44 -25.73
N ARG L 105 95.06 -8.87 -24.58
CA ARG L 105 94.55 -10.07 -23.94
C ARG L 105 93.53 -9.66 -22.88
N ASP L 106 92.53 -10.49 -22.68
CA ASP L 106 91.64 -10.24 -21.56
C ASP L 106 92.22 -10.78 -20.25
N SER L 107 93.52 -10.58 -20.06
CA SER L 107 94.25 -10.95 -18.86
C SER L 107 95.27 -9.84 -18.59
N TRP L 108 95.61 -9.63 -17.32
CA TRP L 108 96.65 -8.68 -17.01
C TRP L 108 97.97 -9.11 -17.59
N TYR L 109 98.13 -10.41 -17.84
CA TYR L 109 99.35 -11.02 -18.32
C TYR L 109 99.21 -11.33 -19.81
N PHE L 110 100.33 -11.32 -20.51
CA PHE L 110 100.36 -11.54 -21.95
C PHE L 110 100.47 -13.02 -22.26
N SER L 111 100.26 -13.35 -23.53
CA SER L 111 100.47 -14.70 -24.02
C SER L 111 101.37 -14.65 -25.24
N LYS L 112 101.90 -15.81 -25.62
CA LYS L 112 102.62 -15.97 -26.88
C LYS L 112 101.79 -16.68 -27.95
N VAL L 113 100.60 -17.13 -27.64
CA VAL L 113 99.73 -17.85 -28.59
C VAL L 113 98.70 -16.86 -29.14
N PRO L 114 98.57 -16.71 -30.47
CA PRO L 114 97.65 -15.68 -31.01
C PRO L 114 96.18 -15.86 -30.62
N ASP L 115 95.63 -17.07 -30.71
CA ASP L 115 94.23 -17.28 -30.41
C ASP L 115 93.89 -16.96 -28.97
N GLU L 116 94.90 -16.83 -28.12
CA GLU L 116 94.73 -16.56 -26.70
C GLU L 116 94.47 -15.07 -26.47
N TYR L 117 94.45 -14.29 -27.54
CA TYR L 117 94.14 -12.87 -27.51
C TYR L 117 92.71 -12.61 -27.98
N ARG L 118 92.16 -11.49 -27.51
CA ARG L 118 90.77 -11.15 -27.74
C ARG L 118 90.54 -10.09 -28.82
N TYR L 119 91.40 -9.07 -28.98
CA TYR L 119 91.20 -8.02 -29.98
C TYR L 119 92.52 -7.54 -30.60
N TRP L 120 92.56 -7.33 -31.90
CA TRP L 120 93.78 -6.88 -32.59
C TRP L 120 93.51 -5.72 -33.54
N GLY L 121 94.60 -5.03 -33.89
CA GLY L 121 94.57 -4.04 -34.96
C GLY L 121 94.86 -4.65 -36.32
N GLN L 122 94.76 -3.81 -37.36
CA GLN L 122 94.99 -4.29 -38.72
C GLN L 122 96.46 -4.54 -39.00
N GLY L 123 97.37 -3.89 -38.29
CA GLY L 123 98.78 -4.21 -38.54
C GLY L 123 99.43 -3.27 -39.54
N THR L 124 100.72 -3.04 -39.33
CA THR L 124 101.50 -2.12 -40.15
C THR L 124 102.73 -2.86 -40.68
N GLN L 125 103.02 -2.64 -41.96
CA GLN L 125 104.10 -3.34 -42.64
C GLN L 125 105.46 -2.78 -42.26
N VAL L 126 106.42 -3.69 -42.02
CA VAL L 126 107.81 -3.33 -41.76
C VAL L 126 108.68 -4.08 -42.75
N THR L 127 109.45 -3.35 -43.57
CA THR L 127 110.36 -3.96 -44.54
C THR L 127 111.74 -3.32 -44.37
N VAL L 128 112.76 -4.15 -44.09
CA VAL L 128 114.13 -3.68 -43.94
C VAL L 128 114.91 -4.16 -45.16
N SER L 129 115.35 -3.22 -45.99
CA SER L 129 116.02 -3.54 -47.24
C SER L 129 117.52 -3.62 -47.05
N SER L 130 118.16 -4.39 -47.92
CA SER L 130 119.59 -4.56 -47.84
C SER L 130 120.28 -3.41 -48.54
#